data_8IGV
#
_entry.id   8IGV
#
_cell.length_a   119.667
_cell.length_b   126.736
_cell.length_c   123.649
_cell.angle_alpha   90.000
_cell.angle_beta   93.934
_cell.angle_gamma   90.000
#
_symmetry.space_group_name_H-M   'P 1 21 1'
#
loop_
_entity.id
_entity.type
_entity.pdbx_description
1 polymer 'V-type sodium ATPase catalytic subunit A'
2 polymer 'V-type sodium ATPase subunit B'
3 non-polymer "ADENOSINE-5'-DIPHOSPHATE"
4 non-polymer 'MAGNESIUM ION'
5 non-polymer 'PHOSPHATE ION'
6 water water
#
loop_
_entity_poly.entity_id
_entity_poly.type
_entity_poly.pdbx_seq_one_letter_code
_entity_poly.pdbx_strand_id
1 'polypeptide(L)'
;SSGMQIGKIIKVSGPLVMAENMSEASIQDMCLVGDLGVIGEIIEMRQDVASIQVYEETSGIGPGEPVRSTGEALSVELGP
GIISQMFDGIQRPLDTFMEVTQSNFLGRGVQLPALDHEKQWWFEATIEEGTEVSAGDIIGYVDETKIIQHKIMVPNGIKG
TVQKIESGSFTIDDPICVIETEQGLKELTMMQKWPVRRGRPIKQKLNPDVPMITGQRVIDTFFPVTKGGAAAVPGPFGAG
KTVVQHQIAKWSDVDLVVYVGCGERGNEMTDVVNEFPELIDPNTGESLMERTVLIANTSNMPVAAREASIYTGITIAEYF
RDMGYDVAIMADSTSRWAEALREMSGRLEEMPGDEGYPAYLGSRLAEYYERSGRVIALGSDQREGSITAISAVSPSGGDI
SEPVTQNTLRVVKVFWGLDSSLAQKRHFPSINWIQSYSLYSTEVGRYMDQILQQDWSDMVTEGMRILQEEEQLNEIVRLV
GIDSLSDNDRLTLEVAKSIREDYLQQNAFDDVDTFTSREKQFNMLKVILTFGKEARKALSLGAYFNEIMEGTVAVRERIS
RSKYIPEEELAKISSINEEIKETIQLIVSEGGMTDD
;
A,B,C
2 'polypeptide(L)'
;MIKEYRTIKEVVGPLMAVEKVSGVKYEELIEVRMQNGEIRRGQVLEVQEDKAMVQIFEGTSGINLKNSSVRFLGHPLQLG
VSEDMIGRVFDGLGRPKDNGPEILPEKYLDINGEVINPIARDYPDEFIQTGISAIDHLNTLVRGQKLPVFGPPGAGKSAL
AAQIARQATVLDSSDDFAVVFAAIGITFEEAEFFMEDFRQTGAIDRSVMFMNLANDPAIERIATPRMALTAAEYLAYEKG
MHVLVIMEDMTNYAEALREISAARREVPGRRGYPGYLYTNLATLFERAGRIRGLKGSVTQIPILTMPEDDKTHPIPDLTG
YITEGQIILTRELYKSGISPPIDVLPSLSRLKDKGTGAGKTREDHAATMNQLFAAYAQGKQAKELAVVLGESALSDIDKI
YAKFAERFENEYVNQGFYTNRTITETLDLGWELLAMLPRTELKRIKDDLLDKYLPEGK
;
D,E,F
#
loop_
_chem_comp.id
_chem_comp.type
_chem_comp.name
_chem_comp.formula
ADP non-polymer ADENOSINE-5'-DIPHOSPHATE 'C10 H15 N5 O10 P2'
MG non-polymer 'MAGNESIUM ION' 'Mg 2'
PO4 non-polymer 'PHOSPHATE ION' 'O4 P -3'
#
# COMPACT_ATOMS: atom_id res chain seq x y z
N MET A 4 -21.83 -37.76 -30.00
CA MET A 4 -20.92 -38.48 -30.90
C MET A 4 -19.59 -37.74 -30.72
N GLN A 5 -19.68 -36.47 -30.24
CA GLN A 5 -18.59 -35.51 -30.24
C GLN A 5 -17.77 -35.67 -28.98
N ILE A 6 -16.49 -35.98 -29.17
CA ILE A 6 -15.54 -36.15 -28.09
C ILE A 6 -14.42 -35.13 -28.29
N GLY A 7 -14.25 -34.24 -27.32
CA GLY A 7 -13.16 -33.29 -27.37
C GLY A 7 -11.83 -33.92 -27.04
N LYS A 8 -10.76 -33.30 -27.53
CA LYS A 8 -9.40 -33.80 -27.29
C LYS A 8 -8.61 -32.78 -26.49
N ILE A 9 -7.95 -33.25 -25.43
CA ILE A 9 -7.11 -32.36 -24.64
C ILE A 9 -5.89 -31.95 -25.47
N ILE A 10 -5.67 -30.65 -25.58
CA ILE A 10 -4.50 -30.11 -26.24
C ILE A 10 -3.56 -29.40 -25.27
N LYS A 11 -3.94 -29.24 -24.01
CA LYS A 11 -3.12 -28.53 -23.04
C LYS A 11 -3.64 -28.81 -21.64
N VAL A 12 -2.71 -29.01 -20.71
CA VAL A 12 -3.02 -29.11 -19.29
C VAL A 12 -2.04 -28.24 -18.53
N SER A 13 -2.56 -27.36 -17.67
CA SER A 13 -1.72 -26.50 -16.83
C SER A 13 -2.44 -26.35 -15.49
N GLY A 14 -2.04 -27.15 -14.51
CA GLY A 14 -2.69 -27.17 -13.23
C GLY A 14 -4.15 -27.54 -13.36
N PRO A 15 -5.04 -26.67 -12.85
CA PRO A 15 -6.48 -26.95 -12.95
C PRO A 15 -7.04 -26.64 -14.33
N LEU A 16 -6.26 -26.07 -15.23
CA LEU A 16 -6.75 -25.57 -16.51
C LEU A 16 -6.47 -26.62 -17.58
N VAL A 17 -7.53 -27.14 -18.19
CA VAL A 17 -7.45 -28.09 -19.29
C VAL A 17 -8.11 -27.44 -20.51
N MET A 18 -7.39 -27.43 -21.62
CA MET A 18 -7.95 -26.90 -22.86
C MET A 18 -8.18 -28.04 -23.83
N ALA A 19 -9.34 -28.05 -24.48
CA ALA A 19 -9.75 -29.16 -25.33
C ALA A 19 -10.35 -28.64 -26.63
N GLU A 20 -9.92 -29.23 -27.74
CA GLU A 20 -10.46 -28.90 -29.06
C GLU A 20 -11.60 -29.85 -29.42
N ASN A 21 -12.31 -29.49 -30.47
CA ASN A 21 -13.48 -30.23 -30.93
C ASN A 21 -14.57 -30.28 -29.87
N MET A 22 -14.66 -29.21 -29.10
CA MET A 22 -15.69 -29.00 -28.08
C MET A 22 -16.72 -27.96 -28.53
N SER A 23 -17.04 -27.97 -29.83
CA SER A 23 -17.91 -26.96 -30.44
C SER A 23 -19.40 -27.18 -30.21
N GLU A 24 -19.80 -28.31 -29.67
CA GLU A 24 -21.20 -28.56 -29.40
C GLU A 24 -21.53 -28.29 -27.95
N ALA A 25 -20.51 -27.94 -27.16
CA ALA A 25 -20.69 -27.58 -25.77
C ALA A 25 -20.99 -26.08 -25.64
N SER A 26 -21.42 -25.71 -24.43
CA SER A 26 -21.84 -24.35 -24.13
C SER A 26 -21.11 -23.89 -22.87
N ILE A 27 -21.12 -22.59 -22.65
CA ILE A 27 -20.41 -22.05 -21.50
C ILE A 27 -21.07 -22.49 -20.21
N GLN A 28 -20.22 -22.81 -19.22
CA GLN A 28 -20.56 -23.34 -17.91
C GLN A 28 -21.02 -24.79 -17.97
N ASP A 29 -20.88 -25.45 -19.12
CA ASP A 29 -21.23 -26.86 -19.21
C ASP A 29 -20.30 -27.72 -18.36
N MET A 30 -20.86 -28.73 -17.72
CA MET A 30 -20.04 -29.66 -16.95
C MET A 30 -19.41 -30.68 -17.89
N CYS A 31 -18.19 -31.09 -17.55
CA CYS A 31 -17.34 -31.92 -18.40
C CYS A 31 -16.83 -33.12 -17.60
N LEU A 32 -16.49 -34.18 -18.35
CA LEU A 32 -15.71 -35.33 -17.89
C LEU A 32 -14.40 -35.31 -18.66
N VAL A 33 -13.32 -34.99 -17.97
CA VAL A 33 -12.04 -34.69 -18.57
C VAL A 33 -11.13 -35.89 -18.42
N GLY A 34 -10.46 -36.25 -19.51
CA GLY A 34 -9.38 -37.22 -19.49
C GLY A 34 -9.90 -38.65 -19.46
N ASP A 35 -8.93 -39.57 -19.47
CA ASP A 35 -9.23 -40.98 -19.31
C ASP A 35 -9.89 -41.23 -17.96
N LEU A 36 -9.42 -40.52 -16.93
CA LEU A 36 -10.03 -40.61 -15.62
C LEU A 36 -11.50 -40.21 -15.65
N GLY A 37 -11.82 -39.14 -16.36
CA GLY A 37 -13.16 -38.61 -16.38
C GLY A 37 -13.44 -37.66 -15.22
N VAL A 38 -12.46 -36.84 -14.85
CA VAL A 38 -12.66 -35.96 -13.70
C VAL A 38 -13.59 -34.81 -14.05
N ILE A 39 -14.27 -34.29 -13.04
CA ILE A 39 -15.28 -33.29 -13.28
C ILE A 39 -14.64 -31.94 -13.58
N GLY A 40 -15.08 -31.32 -14.69
CA GLY A 40 -14.60 -30.01 -15.06
C GLY A 40 -15.75 -29.12 -15.48
N GLU A 41 -15.41 -27.90 -15.89
CA GLU A 41 -16.44 -26.92 -16.24
C GLU A 41 -15.90 -25.94 -17.25
N ILE A 42 -16.64 -25.78 -18.36
CA ILE A 42 -16.20 -24.94 -19.45
C ILE A 42 -16.38 -23.48 -19.07
N ILE A 43 -15.30 -22.74 -19.10
CA ILE A 43 -15.30 -21.34 -18.68
C ILE A 43 -15.03 -20.41 -19.84
N GLU A 44 -14.45 -20.89 -20.94
CA GLU A 44 -14.15 -20.05 -22.09
C GLU A 44 -14.26 -20.91 -23.35
N MET A 45 -14.46 -20.25 -24.49
CA MET A 45 -14.47 -20.93 -25.78
C MET A 45 -13.90 -20.01 -26.84
N ARG A 46 -12.94 -20.54 -27.61
CA ARG A 46 -12.42 -19.87 -28.81
C ARG A 46 -12.58 -20.86 -29.94
N GLN A 47 -13.52 -20.57 -30.85
CA GLN A 47 -14.00 -21.50 -31.88
C GLN A 47 -14.40 -22.80 -31.20
N ASP A 48 -13.71 -23.91 -31.47
CA ASP A 48 -14.05 -25.21 -30.92
C ASP A 48 -13.25 -25.54 -29.66
N VAL A 49 -12.36 -24.67 -29.24
CA VAL A 49 -11.47 -24.96 -28.13
C VAL A 49 -12.09 -24.42 -26.84
N ALA A 50 -12.32 -25.32 -25.89
CA ALA A 50 -12.88 -24.95 -24.60
C ALA A 50 -11.75 -24.85 -23.58
N SER A 51 -11.88 -23.85 -22.69
CA SER A 51 -11.08 -23.75 -21.46
C SER A 51 -11.93 -24.29 -20.31
N ILE A 52 -11.39 -25.32 -19.64
CA ILE A 52 -12.09 -26.09 -18.63
C ILE A 52 -11.34 -25.91 -17.31
N GLN A 53 -12.07 -25.50 -16.29
CA GLN A 53 -11.54 -25.46 -14.94
C GLN A 53 -11.95 -26.77 -14.29
N VAL A 54 -10.96 -27.59 -13.94
CA VAL A 54 -11.20 -28.94 -13.48
C VAL A 54 -11.38 -28.93 -11.98
N TYR A 55 -12.46 -29.57 -11.51
CA TYR A 55 -12.78 -29.56 -10.08
C TYR A 55 -11.82 -30.46 -9.32
N GLU A 56 -11.50 -31.62 -9.88
CA GLU A 56 -10.61 -32.57 -9.23
C GLU A 56 -9.16 -32.25 -9.55
N GLU A 57 -8.27 -33.18 -9.26
CA GLU A 57 -6.84 -33.01 -9.48
C GLU A 57 -6.48 -33.46 -10.90
N THR A 58 -5.79 -32.58 -11.62
CA THR A 58 -5.41 -32.85 -13.00
C THR A 58 -4.09 -33.59 -13.12
N SER A 59 -3.50 -34.00 -12.01
CA SER A 59 -2.25 -34.73 -12.08
C SER A 59 -2.47 -36.03 -12.84
N GLY A 60 -1.52 -36.33 -13.71
CA GLY A 60 -1.58 -37.48 -14.57
C GLY A 60 -2.47 -37.33 -15.79
N ILE A 61 -3.06 -36.17 -16.00
CA ILE A 61 -3.86 -35.89 -17.20
C ILE A 61 -2.98 -35.22 -18.26
N GLY A 62 -3.08 -35.68 -19.52
CA GLY A 62 -2.27 -35.16 -20.60
C GLY A 62 -3.00 -35.00 -21.92
N PRO A 63 -2.33 -34.36 -22.89
CA PRO A 63 -2.99 -34.12 -24.19
C PRO A 63 -3.30 -35.44 -24.90
N GLY A 64 -4.25 -35.39 -25.84
CA GLY A 64 -4.73 -36.55 -26.54
C GLY A 64 -5.87 -37.29 -25.84
N GLU A 65 -5.97 -37.12 -24.53
CA GLU A 65 -7.05 -37.69 -23.74
C GLU A 65 -8.37 -37.01 -24.07
N PRO A 66 -9.50 -37.71 -23.93
CA PRO A 66 -10.76 -37.12 -24.38
C PRO A 66 -11.52 -36.37 -23.27
N VAL A 67 -12.28 -35.37 -23.70
CA VAL A 67 -13.20 -34.61 -22.86
C VAL A 67 -14.61 -34.84 -23.40
N ARG A 68 -15.55 -35.09 -22.49
CA ARG A 68 -16.95 -35.33 -22.87
C ARG A 68 -17.81 -34.34 -22.09
N SER A 69 -18.56 -33.52 -22.81
CA SER A 69 -19.51 -32.63 -22.16
C SER A 69 -20.71 -33.44 -21.68
N THR A 70 -21.20 -33.08 -20.49
CA THR A 70 -22.43 -33.63 -19.96
C THR A 70 -23.68 -32.95 -20.52
N GLY A 71 -23.50 -31.95 -21.37
CA GLY A 71 -24.60 -31.25 -21.97
C GLY A 71 -25.31 -30.24 -21.09
N GLU A 72 -24.81 -30.03 -19.87
CA GLU A 72 -25.52 -29.08 -19.01
C GLU A 72 -24.61 -28.52 -17.94
N ALA A 73 -25.05 -27.44 -17.31
CA ALA A 73 -24.35 -26.69 -16.26
C ALA A 73 -24.53 -27.39 -14.92
N LEU A 74 -23.77 -26.95 -13.92
CA LEU A 74 -23.84 -27.59 -12.59
C LEU A 74 -25.30 -27.59 -12.25
N SER A 75 -25.83 -28.78 -12.13
CA SER A 75 -27.24 -28.98 -11.84
C SER A 75 -27.32 -29.88 -10.61
N VAL A 76 -28.54 -30.02 -10.12
CA VAL A 76 -28.83 -30.84 -8.95
C VAL A 76 -29.98 -31.77 -9.31
N GLU A 77 -29.88 -33.04 -8.88
CA GLU A 77 -30.91 -34.04 -9.08
C GLU A 77 -31.95 -33.90 -7.99
N LEU A 78 -33.23 -33.97 -8.37
CA LEU A 78 -34.33 -33.62 -7.49
C LEU A 78 -35.44 -34.64 -7.68
N GLY A 79 -35.62 -35.51 -6.68
CA GLY A 79 -36.60 -36.56 -6.73
C GLY A 79 -36.52 -37.40 -5.48
N PRO A 80 -37.38 -38.41 -5.41
CA PRO A 80 -37.40 -39.29 -4.23
C PRO A 80 -36.05 -39.94 -4.03
N GLY A 81 -35.68 -40.12 -2.76
CA GLY A 81 -34.36 -40.57 -2.39
C GLY A 81 -33.36 -39.46 -2.11
N ILE A 82 -33.80 -38.21 -2.05
CA ILE A 82 -32.87 -37.10 -1.80
C ILE A 82 -32.77 -36.77 -0.32
N ILE A 83 -33.89 -36.77 0.41
CA ILE A 83 -33.83 -36.34 1.82
C ILE A 83 -33.20 -37.45 2.65
N SER A 84 -32.44 -37.06 3.66
CA SER A 84 -31.67 -37.94 4.53
C SER A 84 -30.39 -38.47 3.85
N GLN A 85 -29.96 -37.83 2.77
CA GLN A 85 -28.72 -38.20 2.12
C GLN A 85 -27.63 -37.21 2.53
N MET A 86 -26.37 -37.62 2.34
CA MET A 86 -25.21 -36.80 2.62
C MET A 86 -24.45 -36.53 1.34
N PHE A 87 -24.36 -35.25 0.96
CA PHE A 87 -23.76 -34.87 -0.32
C PHE A 87 -22.55 -33.98 -0.06
N ASP A 88 -21.81 -33.72 -1.13
CA ASP A 88 -20.83 -32.65 -1.22
C ASP A 88 -21.36 -31.57 -2.16
N GLY A 89 -20.55 -30.51 -2.28
CA GLY A 89 -21.00 -29.27 -2.89
C GLY A 89 -21.53 -29.45 -4.29
N ILE A 90 -20.98 -30.41 -5.03
CA ILE A 90 -21.45 -30.75 -6.37
C ILE A 90 -22.39 -31.96 -6.34
N GLN A 91 -22.87 -32.32 -5.15
CA GLN A 91 -23.91 -33.35 -4.96
C GLN A 91 -23.41 -34.74 -5.36
N ARG A 92 -22.20 -35.05 -4.96
CA ARG A 92 -21.75 -36.42 -5.10
C ARG A 92 -22.19 -37.18 -3.86
N PRO A 93 -22.91 -38.30 -4.02
CA PRO A 93 -23.45 -39.00 -2.86
C PRO A 93 -22.34 -39.74 -2.09
N LEU A 94 -22.13 -39.28 -0.84
CA LEU A 94 -20.96 -39.79 -0.10
C LEU A 94 -21.17 -41.24 0.35
N ASP A 95 -22.38 -41.57 0.83
CA ASP A 95 -22.69 -42.94 1.22
C ASP A 95 -22.59 -43.91 0.04
N THR A 96 -23.13 -43.50 -1.13
CA THR A 96 -23.03 -44.33 -2.32
C THR A 96 -21.58 -44.55 -2.71
N PHE A 97 -20.74 -43.52 -2.52
CA PHE A 97 -19.31 -43.69 -2.68
C PHE A 97 -18.80 -44.81 -1.80
N MET A 98 -19.03 -44.66 -0.49
CA MET A 98 -18.55 -45.62 0.49
C MET A 98 -18.93 -47.05 0.09
N GLU A 99 -20.20 -47.28 -0.26
CA GLU A 99 -20.63 -48.65 -0.54
C GLU A 99 -20.10 -49.15 -1.88
N VAL A 100 -20.35 -48.38 -2.95
CA VAL A 100 -20.03 -48.82 -4.31
C VAL A 100 -18.53 -49.05 -4.47
N THR A 101 -17.70 -48.11 -3.99
CA THR A 101 -16.27 -48.15 -4.29
C THR A 101 -15.46 -48.91 -3.23
N GLN A 102 -16.05 -49.18 -2.08
CA GLN A 102 -15.40 -49.91 -0.99
C GLN A 102 -14.06 -49.28 -0.59
N SER A 103 -14.06 -47.95 -0.49
CA SER A 103 -12.89 -47.22 -0.02
C SER A 103 -13.35 -45.98 0.75
N ASN A 104 -12.50 -45.57 1.68
CA ASN A 104 -12.75 -44.39 2.50
C ASN A 104 -12.40 -43.09 1.79
N PHE A 105 -11.94 -43.17 0.54
CA PHE A 105 -11.46 -42.01 -0.16
C PHE A 105 -12.29 -41.76 -1.41
N LEU A 106 -12.49 -40.49 -1.72
CA LEU A 106 -13.21 -40.09 -2.91
C LEU A 106 -12.25 -40.08 -4.09
N GLY A 107 -12.30 -41.15 -4.89
CA GLY A 107 -11.46 -41.25 -6.05
C GLY A 107 -11.74 -40.16 -7.06
N ARG A 108 -10.71 -39.86 -7.85
CA ARG A 108 -10.89 -38.99 -9.00
C ARG A 108 -11.64 -39.73 -10.09
N GLY A 109 -12.56 -39.01 -10.71
CA GLY A 109 -13.25 -39.47 -11.91
C GLY A 109 -14.17 -40.65 -11.72
N VAL A 110 -14.47 -41.03 -10.47
CA VAL A 110 -15.57 -41.95 -10.17
C VAL A 110 -16.88 -41.18 -10.13
N GLN A 111 -17.76 -41.47 -11.08
CA GLN A 111 -19.03 -40.78 -11.23
C GLN A 111 -20.15 -41.63 -10.65
N LEU A 112 -20.89 -41.06 -9.70
CA LEU A 112 -22.04 -41.71 -9.12
C LEU A 112 -23.26 -40.81 -9.28
N PRO A 113 -24.42 -41.40 -9.52
CA PRO A 113 -25.66 -40.61 -9.56
C PRO A 113 -26.12 -40.24 -8.14
N ALA A 114 -26.53 -38.98 -8.00
CA ALA A 114 -26.87 -38.48 -6.67
C ALA A 114 -27.94 -39.35 -6.03
N LEU A 115 -29.07 -39.54 -6.71
CA LEU A 115 -30.19 -40.30 -6.20
C LEU A 115 -30.09 -41.76 -6.61
N ASP A 116 -30.73 -42.63 -5.83
CA ASP A 116 -30.79 -44.04 -6.18
C ASP A 116 -31.77 -44.19 -7.34
N HIS A 117 -31.24 -44.56 -8.51
CA HIS A 117 -32.03 -44.74 -9.73
C HIS A 117 -32.42 -46.19 -9.94
N GLU A 118 -32.29 -47.01 -8.90
CA GLU A 118 -32.82 -48.36 -8.90
C GLU A 118 -33.84 -48.59 -7.79
N LYS A 119 -33.89 -47.70 -6.81
CA LYS A 119 -34.85 -47.83 -5.72
C LYS A 119 -36.30 -47.73 -6.22
N GLN A 120 -37.16 -48.55 -5.62
CA GLN A 120 -38.56 -48.63 -5.98
C GLN A 120 -39.40 -47.80 -5.03
N TRP A 121 -40.18 -46.87 -5.58
CA TRP A 121 -41.01 -45.95 -4.81
C TRP A 121 -42.44 -46.08 -5.29
N TRP A 122 -43.41 -45.94 -4.39
CA TRP A 122 -44.79 -46.03 -4.84
C TRP A 122 -45.30 -44.63 -5.15
N PHE A 123 -45.65 -44.40 -6.42
CA PHE A 123 -46.13 -43.11 -6.88
C PHE A 123 -47.66 -43.16 -6.84
N GLU A 124 -48.25 -42.34 -5.99
CA GLU A 124 -49.71 -42.22 -5.86
C GLU A 124 -50.14 -40.99 -6.62
N ALA A 125 -50.76 -41.21 -7.78
CA ALA A 125 -51.19 -40.14 -8.65
C ALA A 125 -52.47 -39.51 -8.08
N THR A 126 -52.53 -38.18 -8.09
CA THR A 126 -53.64 -37.43 -7.48
C THR A 126 -54.38 -36.55 -8.48
N ILE A 127 -54.04 -36.64 -9.77
CA ILE A 127 -54.76 -35.87 -10.76
C ILE A 127 -55.50 -36.80 -11.71
N GLU A 128 -56.51 -36.24 -12.36
CA GLU A 128 -57.32 -36.98 -13.31
C GLU A 128 -56.79 -36.70 -14.72
N GLU A 129 -56.79 -37.75 -15.54
CA GLU A 129 -56.36 -37.61 -16.92
C GLU A 129 -57.16 -36.51 -17.63
N GLY A 130 -56.43 -35.63 -18.31
CA GLY A 130 -57.04 -34.56 -19.08
C GLY A 130 -57.15 -33.23 -18.38
N THR A 131 -56.52 -33.07 -17.22
CA THR A 131 -56.47 -31.77 -16.56
C THR A 131 -55.46 -30.88 -17.29
N GLU A 132 -55.62 -29.57 -17.11
CA GLU A 132 -54.68 -28.60 -17.67
C GLU A 132 -53.62 -28.32 -16.61
N VAL A 133 -52.37 -28.61 -16.92
CA VAL A 133 -51.29 -28.49 -15.95
C VAL A 133 -50.24 -27.51 -16.46
N SER A 134 -49.85 -26.57 -15.62
CA SER A 134 -48.72 -25.70 -15.84
C SER A 134 -47.54 -26.23 -15.03
N ALA A 135 -46.40 -25.57 -15.23
CA ALA A 135 -45.21 -25.90 -14.46
C ALA A 135 -45.48 -25.65 -12.98
N GLY A 136 -45.23 -26.67 -12.16
CA GLY A 136 -45.37 -26.60 -10.73
C GLY A 136 -46.58 -27.32 -10.17
N ASP A 137 -47.56 -27.61 -11.01
CA ASP A 137 -48.75 -28.33 -10.57
C ASP A 137 -48.39 -29.74 -10.10
N ILE A 138 -48.98 -30.15 -8.98
CA ILE A 138 -48.68 -31.46 -8.40
C ILE A 138 -49.50 -32.51 -9.13
N ILE A 139 -48.84 -33.60 -9.52
CA ILE A 139 -49.48 -34.71 -10.20
C ILE A 139 -49.56 -35.93 -9.32
N GLY A 140 -48.78 -35.99 -8.25
CA GLY A 140 -48.80 -37.14 -7.37
C GLY A 140 -47.76 -36.97 -6.28
N TYR A 141 -47.50 -38.05 -5.56
CA TYR A 141 -46.54 -37.93 -4.47
C TYR A 141 -45.99 -39.29 -4.10
N VAL A 142 -44.91 -39.25 -3.31
CA VAL A 142 -44.22 -40.43 -2.81
C VAL A 142 -44.07 -40.26 -1.31
N ASP A 143 -44.33 -41.33 -0.57
CA ASP A 143 -44.17 -41.32 0.89
C ASP A 143 -42.71 -41.56 1.22
N GLU A 144 -41.90 -40.50 1.07
CA GLU A 144 -40.46 -40.64 1.30
C GLU A 144 -40.15 -40.92 2.76
N THR A 145 -40.87 -40.27 3.65
CA THR A 145 -40.84 -40.60 5.07
C THR A 145 -42.26 -40.65 5.57
N LYS A 146 -42.44 -41.18 6.79
CA LYS A 146 -43.73 -41.10 7.44
C LYS A 146 -44.28 -39.68 7.38
N ILE A 147 -43.47 -38.72 7.78
CA ILE A 147 -43.93 -37.35 7.97
C ILE A 147 -44.00 -36.60 6.64
N ILE A 148 -43.03 -36.83 5.75
CA ILE A 148 -42.87 -36.00 4.55
C ILE A 148 -43.37 -36.75 3.32
N GLN A 149 -44.36 -36.16 2.65
CA GLN A 149 -44.79 -36.51 1.31
C GLN A 149 -43.89 -35.80 0.30
N HIS A 150 -43.36 -36.55 -0.67
CA HIS A 150 -42.53 -35.98 -1.72
C HIS A 150 -43.42 -35.78 -2.94
N LYS A 151 -43.84 -34.54 -3.15
CA LYS A 151 -44.86 -34.19 -4.14
C LYS A 151 -44.22 -34.05 -5.51
N ILE A 152 -44.60 -34.94 -6.43
CA ILE A 152 -44.11 -34.88 -7.80
C ILE A 152 -44.83 -33.76 -8.54
N MET A 153 -44.06 -32.87 -9.15
CA MET A 153 -44.56 -31.64 -9.74
C MET A 153 -44.18 -31.58 -11.21
N VAL A 154 -44.98 -30.83 -11.95
CA VAL A 154 -44.72 -30.62 -13.37
C VAL A 154 -43.49 -29.74 -13.54
N PRO A 155 -42.49 -30.19 -14.30
CA PRO A 155 -41.23 -29.43 -14.38
C PRO A 155 -41.48 -28.06 -14.98
N ASN A 156 -40.55 -27.15 -14.70
CA ASN A 156 -40.60 -25.82 -15.29
C ASN A 156 -40.23 -25.88 -16.76
N GLY A 157 -40.96 -25.14 -17.57
CA GLY A 157 -40.88 -25.20 -19.01
C GLY A 157 -41.80 -26.19 -19.68
N ILE A 158 -42.71 -26.80 -18.92
CA ILE A 158 -43.60 -27.83 -19.43
C ILE A 158 -45.03 -27.46 -19.06
N LYS A 159 -45.91 -27.42 -20.06
CA LYS A 159 -47.32 -27.18 -19.79
C LYS A 159 -48.18 -27.88 -20.84
N GLY A 160 -49.30 -28.46 -20.40
CA GLY A 160 -50.19 -29.14 -21.33
C GLY A 160 -51.36 -29.80 -20.61
N THR A 161 -51.79 -30.94 -21.15
CA THR A 161 -52.93 -31.69 -20.64
C THR A 161 -52.53 -33.13 -20.37
N VAL A 162 -52.91 -33.63 -19.20
CA VAL A 162 -52.48 -34.96 -18.78
C VAL A 162 -53.18 -36.01 -19.62
N GLN A 163 -52.40 -36.98 -20.09
CA GLN A 163 -52.85 -38.07 -20.95
C GLN A 163 -53.08 -39.36 -20.16
N LYS A 164 -51.99 -39.97 -19.70
CA LYS A 164 -51.99 -41.25 -19.00
C LYS A 164 -51.20 -41.09 -17.71
N ILE A 165 -51.80 -41.50 -16.59
CA ILE A 165 -51.14 -41.35 -15.30
C ILE A 165 -51.78 -42.47 -14.50
N GLU A 166 -50.93 -43.28 -13.86
CA GLU A 166 -51.36 -44.45 -13.11
C GLU A 166 -50.43 -44.57 -11.91
N SER A 167 -51.03 -44.85 -10.76
CA SER A 167 -50.27 -45.03 -9.52
C SER A 167 -49.58 -46.40 -9.56
N GLY A 168 -48.34 -46.42 -9.10
CA GLY A 168 -47.60 -47.65 -9.19
C GLY A 168 -46.22 -47.55 -8.58
N SER A 169 -45.63 -48.70 -8.36
CA SER A 169 -44.28 -48.77 -7.85
C SER A 169 -43.32 -48.57 -9.02
N PHE A 170 -42.59 -47.46 -9.00
CA PHE A 170 -41.74 -47.04 -10.09
C PHE A 170 -40.36 -46.72 -9.55
N THR A 171 -39.40 -46.73 -10.47
CA THR A 171 -38.11 -46.12 -10.25
C THR A 171 -38.19 -44.66 -10.69
N ILE A 172 -37.17 -43.87 -10.35
CA ILE A 172 -37.16 -42.44 -10.68
C ILE A 172 -36.52 -42.23 -12.05
N ASP A 173 -36.38 -43.31 -12.82
CA ASP A 173 -35.98 -43.21 -14.22
C ASP A 173 -37.14 -43.37 -15.18
N ASP A 174 -38.29 -43.85 -14.70
CA ASP A 174 -39.53 -44.35 -15.28
C ASP A 174 -40.50 -43.20 -15.59
N PRO A 175 -41.21 -43.28 -16.72
CA PRO A 175 -42.30 -42.35 -17.00
C PRO A 175 -43.55 -42.72 -16.19
N ILE A 176 -44.01 -41.76 -15.39
CA ILE A 176 -45.20 -41.91 -14.59
C ILE A 176 -46.37 -41.13 -15.15
N CYS A 177 -46.12 -40.32 -16.17
CA CYS A 177 -47.06 -39.37 -16.68
C CYS A 177 -46.70 -39.08 -18.13
N VAL A 178 -47.70 -38.65 -18.90
CA VAL A 178 -47.53 -38.21 -20.27
C VAL A 178 -48.36 -36.95 -20.42
N ILE A 179 -47.74 -35.89 -20.97
CA ILE A 179 -48.38 -34.59 -21.06
C ILE A 179 -48.44 -34.16 -22.52
N GLU A 180 -49.63 -33.79 -22.97
CA GLU A 180 -49.89 -33.31 -24.31
C GLU A 180 -49.63 -31.82 -24.36
N THR A 181 -48.60 -31.43 -25.10
CA THR A 181 -48.14 -30.07 -25.21
C THR A 181 -48.38 -29.56 -26.62
N GLU A 182 -48.17 -28.27 -26.78
CA GLU A 182 -48.06 -27.68 -28.10
C GLU A 182 -46.88 -28.28 -28.87
N GLN A 183 -45.81 -28.61 -28.15
CA GLN A 183 -44.55 -29.11 -28.70
C GLN A 183 -44.53 -30.62 -28.88
N GLY A 184 -45.59 -31.31 -28.45
CA GLY A 184 -45.77 -32.74 -28.61
C GLY A 184 -46.08 -33.39 -27.28
N LEU A 185 -45.79 -34.69 -27.21
CA LEU A 185 -46.08 -35.52 -26.03
C LEU A 185 -44.82 -35.63 -25.18
N LYS A 186 -44.94 -35.31 -23.90
CA LYS A 186 -43.78 -35.23 -23.02
C LYS A 186 -43.98 -36.18 -21.85
N GLU A 187 -43.20 -37.25 -21.82
CA GLU A 187 -43.20 -38.15 -20.68
C GLU A 187 -42.59 -37.46 -19.47
N LEU A 188 -43.14 -37.75 -18.29
CA LEU A 188 -42.64 -37.16 -17.06
C LEU A 188 -42.06 -38.21 -16.12
N THR A 189 -40.88 -37.90 -15.61
CA THR A 189 -40.17 -38.75 -14.68
C THR A 189 -40.55 -38.34 -13.25
N MET A 190 -40.23 -39.20 -12.29
CA MET A 190 -40.36 -38.85 -10.88
C MET A 190 -39.23 -37.95 -10.40
N MET A 191 -38.28 -37.65 -11.27
CA MET A 191 -37.14 -36.80 -10.97
C MET A 191 -37.02 -35.68 -12.00
N GLN A 192 -36.66 -34.49 -11.52
CA GLN A 192 -36.27 -33.40 -12.39
C GLN A 192 -34.88 -32.88 -12.01
N LYS A 193 -34.24 -32.24 -12.98
CA LYS A 193 -32.90 -31.69 -12.83
C LYS A 193 -32.99 -30.17 -12.77
N TRP A 194 -32.02 -29.54 -12.08
CA TRP A 194 -32.14 -28.08 -12.08
C TRP A 194 -30.81 -27.39 -11.80
N PRO A 195 -30.46 -26.38 -12.60
CA PRO A 195 -29.12 -25.79 -12.48
C PRO A 195 -29.00 -24.95 -11.22
N VAL A 196 -27.93 -25.23 -10.45
CA VAL A 196 -27.82 -24.71 -9.08
C VAL A 196 -27.73 -23.19 -9.03
N ARG A 197 -27.27 -22.54 -10.10
CA ARG A 197 -27.09 -21.09 -10.07
C ARG A 197 -28.30 -20.33 -10.56
N ARG A 198 -29.35 -21.02 -10.97
CA ARG A 198 -30.58 -20.40 -11.43
C ARG A 198 -31.66 -20.62 -10.37
N GLY A 199 -32.10 -19.53 -9.74
CA GLY A 199 -33.19 -19.66 -8.78
C GLY A 199 -34.45 -20.23 -9.43
N ARG A 200 -35.11 -21.15 -8.71
CA ARG A 200 -36.30 -21.80 -9.24
C ARG A 200 -37.46 -20.80 -9.27
N PRO A 201 -38.23 -20.76 -10.35
CA PRO A 201 -39.21 -19.68 -10.50
C PRO A 201 -40.31 -19.78 -9.46
N ILE A 202 -40.84 -18.62 -9.08
CA ILE A 202 -41.97 -18.54 -8.16
C ILE A 202 -43.00 -17.63 -8.79
N LYS A 203 -44.25 -17.84 -8.35
CA LYS A 203 -45.32 -16.93 -8.76
C LYS A 203 -45.13 -15.57 -8.11
N GLN A 204 -45.02 -15.52 -6.79
CA GLN A 204 -44.83 -14.22 -6.17
C GLN A 204 -44.12 -14.37 -4.84
N LYS A 205 -43.29 -13.39 -4.50
CA LYS A 205 -42.59 -13.42 -3.23
C LYS A 205 -43.36 -12.60 -2.20
N LEU A 206 -43.51 -13.16 -1.01
CA LEU A 206 -44.28 -12.54 0.06
C LEU A 206 -43.34 -12.10 1.18
N ASN A 207 -43.93 -11.49 2.21
CA ASN A 207 -43.13 -11.07 3.36
C ASN A 207 -43.17 -12.14 4.45
N PRO A 208 -42.03 -12.43 5.07
CA PRO A 208 -41.99 -13.45 6.14
C PRO A 208 -42.61 -12.91 7.42
N ASP A 209 -43.76 -13.46 7.80
CA ASP A 209 -44.49 -13.01 8.97
C ASP A 209 -44.42 -13.96 10.15
N VAL A 210 -44.32 -15.26 9.92
CA VAL A 210 -44.42 -16.23 11.01
C VAL A 210 -43.05 -16.37 11.68
N PRO A 211 -42.96 -16.19 12.99
CA PRO A 211 -41.68 -16.43 13.67
C PRO A 211 -41.30 -17.90 13.60
N MET A 212 -40.01 -18.15 13.45
CA MET A 212 -39.49 -19.51 13.56
C MET A 212 -39.19 -19.81 15.02
N ILE A 213 -39.67 -20.97 15.48
CA ILE A 213 -39.48 -21.36 16.87
C ILE A 213 -38.21 -22.20 16.92
N THR A 214 -37.11 -21.56 17.24
CA THR A 214 -35.84 -22.23 17.40
C THR A 214 -35.72 -22.96 18.73
N GLY A 215 -36.56 -22.62 19.70
CA GLY A 215 -36.37 -23.15 21.03
C GLY A 215 -35.18 -22.60 21.76
N GLN A 216 -34.43 -21.69 21.14
CA GLN A 216 -33.33 -21.00 21.78
C GLN A 216 -33.85 -19.65 22.27
N ARG A 217 -33.83 -19.47 23.59
CA ARG A 217 -34.58 -18.39 24.22
C ARG A 217 -34.15 -17.01 23.70
N VAL A 218 -32.85 -16.76 23.66
CA VAL A 218 -32.34 -15.45 23.23
C VAL A 218 -32.92 -15.09 21.87
N ILE A 219 -32.87 -16.03 20.93
CA ILE A 219 -33.32 -15.76 19.57
C ILE A 219 -34.82 -15.55 19.52
N ASP A 220 -35.59 -16.56 19.92
CA ASP A 220 -37.05 -16.50 19.79
C ASP A 220 -37.63 -15.30 20.54
N THR A 221 -36.99 -14.87 21.62
CA THR A 221 -37.53 -13.79 22.45
C THR A 221 -37.09 -12.41 21.96
N PHE A 222 -35.79 -12.22 21.74
CA PHE A 222 -35.25 -10.89 21.49
C PHE A 222 -34.86 -10.64 20.05
N PHE A 223 -34.40 -11.67 19.32
CA PHE A 223 -33.90 -11.50 17.95
C PHE A 223 -34.46 -12.61 17.06
N PRO A 224 -35.78 -12.69 16.92
CA PRO A 224 -36.35 -13.84 16.20
C PRO A 224 -36.19 -13.69 14.70
N VAL A 225 -35.98 -14.84 14.04
CA VAL A 225 -36.02 -14.91 12.59
C VAL A 225 -37.36 -15.49 12.18
N THR A 226 -37.94 -14.96 11.12
CA THR A 226 -39.21 -15.43 10.61
C THR A 226 -38.99 -16.51 9.56
N LYS A 227 -40.05 -17.28 9.30
CA LYS A 227 -40.01 -18.29 8.24
C LYS A 227 -40.00 -17.59 6.89
N GLY A 228 -38.84 -17.58 6.24
CA GLY A 228 -38.59 -16.77 5.07
C GLY A 228 -37.56 -15.68 5.29
N GLY A 229 -37.11 -15.48 6.53
CA GLY A 229 -36.13 -14.46 6.82
C GLY A 229 -34.71 -14.93 6.58
N ALA A 230 -33.78 -14.01 6.83
CA ALA A 230 -32.35 -14.31 6.77
C ALA A 230 -31.71 -13.84 8.06
N ALA A 231 -30.80 -14.66 8.59
CA ALA A 231 -30.12 -14.33 9.84
C ALA A 231 -28.65 -14.71 9.73
N ALA A 232 -27.77 -13.77 10.05
CA ALA A 232 -26.34 -13.99 10.10
C ALA A 232 -25.88 -14.05 11.56
N VAL A 233 -24.94 -14.97 11.83
CA VAL A 233 -24.39 -15.12 13.17
C VAL A 233 -22.89 -14.87 13.07
N PRO A 234 -22.44 -13.64 12.96
CA PRO A 234 -21.00 -13.42 12.84
C PRO A 234 -20.40 -13.42 14.23
N GLY A 235 -19.22 -14.01 14.34
CA GLY A 235 -18.58 -14.10 15.63
C GLY A 235 -17.13 -14.54 15.59
N PRO A 236 -16.47 -14.45 16.74
CA PRO A 236 -15.08 -14.91 16.86
C PRO A 236 -15.02 -16.41 17.06
N PHE A 237 -13.80 -16.94 17.07
CA PHE A 237 -13.63 -18.37 17.34
C PHE A 237 -13.83 -18.64 18.82
N GLY A 238 -14.36 -19.83 19.12
CA GLY A 238 -14.71 -20.20 20.47
C GLY A 238 -16.11 -19.78 20.89
N ALA A 239 -16.68 -18.79 20.22
CA ALA A 239 -18.07 -18.41 20.41
C ALA A 239 -18.94 -19.29 19.54
N GLY A 240 -20.08 -19.73 20.06
CA GLY A 240 -20.81 -20.81 19.43
C GLY A 240 -21.59 -20.52 18.17
N LYS A 241 -20.92 -20.21 17.06
CA LYS A 241 -21.61 -20.16 15.77
C LYS A 241 -22.10 -21.54 15.38
N THR A 242 -21.20 -22.53 15.40
CA THR A 242 -21.52 -23.86 14.92
C THR A 242 -22.58 -24.51 15.81
N VAL A 243 -22.50 -24.27 17.12
CA VAL A 243 -23.52 -24.82 18.02
C VAL A 243 -24.86 -24.14 17.78
N VAL A 244 -24.86 -22.84 17.44
CA VAL A 244 -26.10 -22.17 17.10
C VAL A 244 -26.72 -22.80 15.85
N GLN A 245 -25.89 -23.00 14.82
CA GLN A 245 -26.33 -23.71 13.61
C GLN A 245 -26.96 -25.04 13.97
N HIS A 246 -26.26 -25.84 14.76
CA HIS A 246 -26.78 -27.15 15.14
C HIS A 246 -28.12 -27.02 15.84
N GLN A 247 -28.20 -26.21 16.90
CA GLN A 247 -29.44 -26.10 17.66
C GLN A 247 -30.61 -25.71 16.76
N ILE A 248 -30.37 -24.80 15.82
CA ILE A 248 -31.46 -24.36 14.96
C ILE A 248 -31.89 -25.51 14.06
N ALA A 249 -30.91 -26.18 13.44
CA ALA A 249 -31.23 -27.28 12.55
C ALA A 249 -31.95 -28.39 13.29
N LYS A 250 -31.61 -28.62 14.56
CA LYS A 250 -32.19 -29.71 15.33
C LYS A 250 -33.58 -29.39 15.83
N TRP A 251 -33.85 -28.13 16.18
CA TRP A 251 -35.07 -27.81 16.90
C TRP A 251 -36.02 -26.87 16.16
N SER A 252 -35.62 -26.28 15.04
CA SER A 252 -36.50 -25.30 14.39
C SER A 252 -37.74 -25.96 13.82
N ASP A 253 -38.87 -25.26 13.94
CA ASP A 253 -40.18 -25.77 13.56
C ASP A 253 -40.40 -25.61 12.05
N VAL A 254 -39.58 -26.31 11.28
CA VAL A 254 -39.66 -26.29 9.82
C VAL A 254 -39.83 -27.70 9.30
N ASP A 255 -40.30 -27.79 8.04
CA ASP A 255 -40.60 -29.09 7.44
C ASP A 255 -39.34 -29.84 7.03
N LEU A 256 -38.35 -29.15 6.45
CA LEU A 256 -37.10 -29.77 6.06
C LEU A 256 -35.93 -28.85 6.41
N VAL A 257 -34.78 -29.47 6.66
CA VAL A 257 -33.55 -28.76 7.01
C VAL A 257 -32.49 -29.14 6.00
N VAL A 258 -31.92 -28.13 5.34
CA VAL A 258 -30.80 -28.34 4.43
C VAL A 258 -29.56 -27.77 5.10
N TYR A 259 -28.68 -28.66 5.57
CA TYR A 259 -27.45 -28.27 6.26
C TYR A 259 -26.29 -28.28 5.29
N VAL A 260 -25.61 -27.13 5.16
CA VAL A 260 -24.53 -26.95 4.20
C VAL A 260 -23.25 -26.62 4.95
N GLY A 261 -22.28 -27.54 4.91
CA GLY A 261 -20.96 -27.28 5.44
C GLY A 261 -20.03 -26.77 4.36
N CYS A 262 -19.62 -25.51 4.48
CA CYS A 262 -18.81 -24.87 3.45
C CYS A 262 -17.34 -25.19 3.73
N GLY A 263 -16.90 -26.36 3.27
CA GLY A 263 -15.51 -26.75 3.35
C GLY A 263 -14.85 -26.62 4.71
N GLU A 264 -15.40 -27.29 5.73
CA GLU A 264 -14.89 -27.16 7.07
C GLU A 264 -13.88 -28.24 7.49
N ARG A 265 -13.45 -28.10 8.73
CA ARG A 265 -12.53 -29.02 9.36
C ARG A 265 -13.13 -30.41 9.31
N GLY A 266 -12.31 -31.40 8.96
CA GLY A 266 -12.82 -32.76 8.85
C GLY A 266 -13.55 -33.22 10.09
N ASN A 267 -12.93 -33.01 11.26
CA ASN A 267 -13.48 -33.52 12.51
C ASN A 267 -14.78 -32.81 12.88
N GLU A 268 -14.82 -31.49 12.70
CA GLU A 268 -16.05 -30.74 12.94
C GLU A 268 -17.16 -31.17 12.00
N MET A 269 -16.81 -31.65 10.79
CA MET A 269 -17.84 -32.15 9.89
C MET A 269 -18.33 -33.52 10.34
N THR A 270 -17.42 -34.35 10.87
CA THR A 270 -17.85 -35.64 11.40
C THR A 270 -18.82 -35.48 12.55
N ASP A 271 -18.66 -34.40 13.34
CA ASP A 271 -19.68 -34.09 14.34
C ASP A 271 -21.08 -34.26 13.75
N VAL A 272 -21.41 -33.48 12.72
CA VAL A 272 -22.75 -33.54 12.14
C VAL A 272 -23.00 -34.90 11.51
N VAL A 273 -22.03 -35.39 10.72
CA VAL A 273 -22.22 -36.63 9.96
C VAL A 273 -22.67 -37.76 10.87
N ASN A 274 -22.10 -37.85 12.07
CA ASN A 274 -22.49 -38.92 12.97
C ASN A 274 -23.64 -38.55 13.91
N GLU A 275 -23.66 -37.31 14.43
CA GLU A 275 -24.63 -36.99 15.46
C GLU A 275 -26.03 -36.75 14.89
N PHE A 276 -26.13 -36.36 13.61
CA PHE A 276 -27.45 -36.10 13.05
C PHE A 276 -28.28 -37.38 12.92
N PRO A 277 -27.76 -38.50 12.42
CA PRO A 277 -28.59 -39.72 12.35
C PRO A 277 -29.04 -40.26 13.70
N GLU A 278 -28.41 -39.85 14.80
CA GLU A 278 -28.69 -40.45 16.11
C GLU A 278 -29.60 -39.60 16.98
N LEU A 279 -30.24 -38.57 16.43
CA LEU A 279 -30.99 -37.61 17.23
C LEU A 279 -32.48 -37.80 16.93
N ILE A 280 -33.11 -38.67 17.70
CA ILE A 280 -34.50 -39.06 17.45
C ILE A 280 -35.42 -37.92 17.88
N ASP A 281 -36.09 -37.31 16.92
CA ASP A 281 -37.05 -36.25 17.21
C ASP A 281 -38.30 -36.84 17.83
N PRO A 282 -38.71 -36.41 19.02
CA PRO A 282 -39.86 -37.05 19.70
C PRO A 282 -41.17 -36.92 18.94
N ASN A 283 -41.30 -35.96 18.04
CA ASN A 283 -42.55 -35.78 17.30
C ASN A 283 -42.72 -36.84 16.23
N THR A 284 -41.63 -37.37 15.70
CA THR A 284 -41.69 -38.34 14.60
C THR A 284 -41.41 -39.76 15.07
N GLY A 285 -40.68 -39.93 16.17
CA GLY A 285 -40.09 -41.21 16.49
C GLY A 285 -38.94 -41.59 15.58
N GLU A 286 -38.57 -40.71 14.65
CA GLU A 286 -37.49 -40.90 13.70
C GLU A 286 -36.33 -39.98 14.07
N SER A 287 -35.25 -40.11 13.32
CA SER A 287 -34.07 -39.29 13.54
C SER A 287 -34.18 -37.97 12.76
N LEU A 288 -33.30 -37.04 13.13
CA LEU A 288 -33.24 -35.73 12.46
C LEU A 288 -32.96 -35.87 10.98
N MET A 289 -32.08 -36.79 10.58
CA MET A 289 -31.69 -36.87 9.18
C MET A 289 -32.88 -37.11 8.26
N GLU A 290 -33.94 -37.74 8.75
CA GLU A 290 -35.10 -38.07 7.94
C GLU A 290 -35.97 -36.84 7.68
N ARG A 291 -35.42 -35.67 8.03
CA ARG A 291 -35.93 -34.36 7.65
C ARG A 291 -34.83 -33.51 7.00
N THR A 292 -33.62 -34.06 6.88
CA THR A 292 -32.42 -33.29 6.58
C THR A 292 -31.79 -33.71 5.26
N VAL A 293 -31.43 -32.74 4.44
CA VAL A 293 -30.51 -32.94 3.32
C VAL A 293 -29.19 -32.27 3.71
N LEU A 294 -28.11 -33.04 3.71
CA LEU A 294 -26.85 -32.57 4.25
C LEU A 294 -25.78 -32.54 3.16
N ILE A 295 -25.37 -31.33 2.79
CA ILE A 295 -24.16 -31.14 2.00
C ILE A 295 -23.02 -30.97 2.99
N ALA A 296 -22.10 -31.93 3.01
CA ALA A 296 -20.92 -31.86 3.85
C ALA A 296 -19.69 -31.72 2.98
N ASN A 297 -18.95 -30.64 3.18
CA ASN A 297 -17.68 -30.41 2.51
C ASN A 297 -16.58 -30.26 3.55
N THR A 298 -15.46 -30.94 3.33
CA THR A 298 -14.29 -30.63 4.12
C THR A 298 -13.41 -29.66 3.34
N SER A 299 -12.48 -29.03 4.06
CA SER A 299 -11.54 -28.13 3.40
C SER A 299 -10.72 -28.85 2.34
N ASN A 300 -10.63 -30.18 2.43
CA ASN A 300 -9.79 -31.01 1.57
C ASN A 300 -10.34 -31.18 0.16
N MET A 301 -11.55 -30.74 -0.10
CA MET A 301 -12.31 -31.07 -1.30
C MET A 301 -12.15 -30.05 -2.40
N PRO A 302 -12.59 -30.38 -3.62
CA PRO A 302 -12.49 -29.44 -4.74
C PRO A 302 -13.00 -28.05 -4.38
N VAL A 303 -12.25 -27.05 -4.83
CA VAL A 303 -12.58 -25.66 -4.52
C VAL A 303 -13.95 -25.31 -5.05
N ALA A 304 -14.28 -25.79 -6.25
CA ALA A 304 -15.57 -25.48 -6.84
C ALA A 304 -16.71 -26.14 -6.09
N ALA A 305 -16.48 -27.33 -5.51
CA ALA A 305 -17.50 -27.93 -4.66
C ALA A 305 -17.82 -27.04 -3.47
N ARG A 306 -16.77 -26.48 -2.84
CA ARG A 306 -17.00 -25.62 -1.69
C ARG A 306 -17.63 -24.29 -2.09
N GLU A 307 -17.30 -23.76 -3.27
CA GLU A 307 -17.97 -22.54 -3.72
C GLU A 307 -19.41 -22.80 -4.12
N ALA A 308 -19.70 -23.98 -4.67
CA ALA A 308 -21.04 -24.28 -5.15
C ALA A 308 -21.96 -24.83 -4.06
N SER A 309 -21.39 -25.26 -2.94
CA SER A 309 -22.14 -25.87 -1.84
C SER A 309 -23.44 -25.13 -1.50
N ILE A 310 -23.35 -23.82 -1.30
CA ILE A 310 -24.53 -23.09 -0.87
C ILE A 310 -25.57 -23.02 -1.99
N TYR A 311 -25.13 -23.02 -3.26
CA TYR A 311 -26.10 -22.98 -4.35
C TYR A 311 -26.77 -24.34 -4.52
N THR A 312 -26.01 -25.43 -4.39
CA THR A 312 -26.61 -26.75 -4.38
C THR A 312 -27.67 -26.85 -3.27
N GLY A 313 -27.29 -26.42 -2.06
CA GLY A 313 -28.21 -26.52 -0.93
C GLY A 313 -29.45 -25.67 -1.09
N ILE A 314 -29.28 -24.42 -1.52
CA ILE A 314 -30.44 -23.54 -1.62
C ILE A 314 -31.30 -23.95 -2.80
N THR A 315 -30.72 -24.57 -3.83
CA THR A 315 -31.54 -25.11 -4.91
C THR A 315 -32.41 -26.25 -4.40
N ILE A 316 -31.83 -27.14 -3.59
CA ILE A 316 -32.63 -28.18 -2.96
C ILE A 316 -33.73 -27.57 -2.10
N ALA A 317 -33.38 -26.54 -1.32
CA ALA A 317 -34.36 -25.89 -0.46
C ALA A 317 -35.50 -25.29 -1.28
N GLU A 318 -35.17 -24.65 -2.39
CA GLU A 318 -36.20 -24.12 -3.28
C GLU A 318 -37.08 -25.24 -3.81
N TYR A 319 -36.46 -26.35 -4.21
CA TYR A 319 -37.22 -27.50 -4.69
C TYR A 319 -38.25 -27.95 -3.67
N PHE A 320 -37.92 -27.90 -2.39
CA PHE A 320 -38.89 -28.39 -1.42
C PHE A 320 -39.92 -27.33 -1.02
N ARG A 321 -39.54 -26.05 -0.99
CA ARG A 321 -40.56 -25.03 -0.72
C ARG A 321 -41.57 -24.99 -1.87
N ASP A 322 -41.14 -25.35 -3.09
CA ASP A 322 -42.05 -25.34 -4.22
C ASP A 322 -43.19 -26.33 -4.01
N MET A 323 -42.98 -27.32 -3.15
CA MET A 323 -44.04 -28.24 -2.74
C MET A 323 -44.93 -27.64 -1.66
N GLY A 324 -44.56 -26.48 -1.11
CA GLY A 324 -45.32 -25.86 -0.05
C GLY A 324 -44.74 -26.03 1.34
N TYR A 325 -43.54 -26.59 1.47
CA TYR A 325 -42.93 -26.83 2.77
C TYR A 325 -42.15 -25.60 3.25
N ASP A 326 -41.94 -25.54 4.56
CA ASP A 326 -40.98 -24.61 5.15
C ASP A 326 -39.62 -25.30 5.23
N VAL A 327 -38.61 -24.66 4.64
CA VAL A 327 -37.26 -25.21 4.59
C VAL A 327 -36.34 -24.24 5.29
N ALA A 328 -35.43 -24.77 6.11
CA ALA A 328 -34.38 -23.98 6.74
C ALA A 328 -33.04 -24.45 6.18
N ILE A 329 -32.29 -23.50 5.59
CA ILE A 329 -30.98 -23.81 5.04
C ILE A 329 -29.91 -23.24 5.96
N MET A 330 -29.05 -24.12 6.45
CA MET A 330 -28.01 -23.81 7.41
C MET A 330 -26.67 -23.79 6.70
N ALA A 331 -25.93 -22.69 6.84
CA ALA A 331 -24.63 -22.56 6.19
C ALA A 331 -23.58 -22.24 7.24
N ASP A 332 -22.64 -23.16 7.43
CA ASP A 332 -21.49 -22.97 8.30
C ASP A 332 -20.27 -23.47 7.54
N SER A 333 -19.28 -22.61 7.31
CA SER A 333 -19.35 -21.17 7.58
C SER A 333 -19.19 -20.43 6.27
N THR A 334 -20.04 -19.42 6.04
CA THR A 334 -20.00 -18.69 4.77
C THR A 334 -18.69 -17.94 4.58
N SER A 335 -17.92 -17.72 5.64
CA SER A 335 -16.58 -17.18 5.47
C SER A 335 -15.71 -18.12 4.66
N ARG A 336 -15.78 -19.41 4.95
CA ARG A 336 -15.02 -20.40 4.19
C ARG A 336 -15.54 -20.54 2.76
N TRP A 337 -16.85 -20.39 2.56
CA TRP A 337 -17.36 -20.34 1.19
C TRP A 337 -16.79 -19.15 0.44
N ALA A 338 -16.69 -17.99 1.11
CA ALA A 338 -16.07 -16.82 0.48
C ALA A 338 -14.60 -17.08 0.19
N GLU A 339 -13.93 -17.84 1.04
CA GLU A 339 -12.55 -18.25 0.76
C GLU A 339 -12.47 -19.03 -0.55
N ALA A 340 -13.38 -19.99 -0.72
CA ALA A 340 -13.43 -20.74 -1.97
C ALA A 340 -13.69 -19.81 -3.15
N LEU A 341 -14.61 -18.87 -2.98
CA LEU A 341 -14.93 -17.92 -4.04
C LEU A 341 -13.71 -17.12 -4.46
N ARG A 342 -12.97 -16.58 -3.48
CA ARG A 342 -11.79 -15.78 -3.79
C ARG A 342 -10.73 -16.63 -4.48
N GLU A 343 -10.56 -17.89 -4.04
CA GLU A 343 -9.53 -18.71 -4.65
C GLU A 343 -9.86 -19.00 -6.11
N MET A 344 -11.12 -19.27 -6.42
CA MET A 344 -11.44 -19.55 -7.81
C MET A 344 -11.41 -18.29 -8.66
N SER A 345 -11.70 -17.12 -8.09
CA SER A 345 -11.45 -15.90 -8.83
C SER A 345 -9.97 -15.78 -9.17
N GLY A 346 -9.10 -16.15 -8.23
CA GLY A 346 -7.68 -16.17 -8.51
C GLY A 346 -7.31 -17.16 -9.61
N ARG A 347 -7.90 -18.36 -9.57
CA ARG A 347 -7.62 -19.33 -10.62
C ARG A 347 -8.12 -18.86 -11.98
N LEU A 348 -9.22 -18.09 -12.00
CA LEU A 348 -9.66 -17.44 -13.22
C LEU A 348 -8.88 -16.16 -13.51
N GLU A 349 -7.94 -15.78 -12.65
CA GLU A 349 -7.04 -14.65 -12.88
C GLU A 349 -7.85 -13.37 -13.13
N GLU A 350 -8.69 -13.03 -12.16
CA GLU A 350 -9.55 -11.87 -12.25
C GLU A 350 -9.00 -10.73 -11.40
N MET A 351 -9.50 -9.53 -11.67
CA MET A 351 -9.09 -8.36 -10.90
C MET A 351 -9.70 -8.44 -9.50
N PRO A 352 -8.90 -8.30 -8.45
CA PRO A 352 -9.44 -8.36 -7.09
C PRO A 352 -10.25 -7.11 -6.76
N GLY A 353 -11.00 -7.21 -5.67
CA GLY A 353 -11.72 -6.08 -5.12
C GLY A 353 -11.23 -5.74 -3.73
N ASP A 354 -12.11 -5.76 -2.75
CA ASP A 354 -11.75 -5.41 -1.38
C ASP A 354 -11.04 -6.59 -0.72
N GLU A 355 -9.90 -6.31 -0.08
CA GLU A 355 -9.16 -7.28 0.74
C GLU A 355 -8.89 -8.57 -0.02
N GLY A 356 -8.62 -8.45 -1.32
CA GLY A 356 -8.35 -9.60 -2.15
C GLY A 356 -9.57 -10.38 -2.58
N TYR A 357 -10.76 -10.01 -2.13
CA TYR A 357 -11.98 -10.64 -2.58
C TYR A 357 -12.33 -10.18 -3.98
N PRO A 358 -13.11 -10.98 -4.72
CA PRO A 358 -13.56 -10.52 -6.03
C PRO A 358 -14.47 -9.31 -5.89
N ALA A 359 -14.67 -8.61 -7.01
CA ALA A 359 -15.58 -7.47 -6.98
C ALA A 359 -17.02 -7.90 -6.78
N TYR A 360 -17.37 -9.12 -7.19
CA TYR A 360 -18.74 -9.58 -7.14
C TYR A 360 -19.13 -10.21 -5.80
N LEU A 361 -18.19 -10.28 -4.85
CA LEU A 361 -18.50 -10.80 -3.52
C LEU A 361 -19.81 -10.24 -2.98
N GLY A 362 -19.99 -8.93 -3.12
CA GLY A 362 -21.27 -8.33 -2.77
C GLY A 362 -22.41 -8.99 -3.52
N SER A 363 -22.44 -8.78 -4.85
CA SER A 363 -23.57 -9.23 -5.65
C SER A 363 -23.93 -10.67 -5.34
N ARG A 364 -22.96 -11.58 -5.43
CA ARG A 364 -23.25 -12.99 -5.27
C ARG A 364 -23.87 -13.27 -3.91
N LEU A 365 -23.31 -12.71 -2.84
CA LEU A 365 -23.94 -12.89 -1.53
C LEU A 365 -25.40 -12.47 -1.61
N ALA A 366 -25.63 -11.24 -2.08
CA ALA A 366 -26.98 -10.75 -2.32
C ALA A 366 -27.79 -11.80 -3.08
N GLU A 367 -27.27 -12.22 -4.23
CA GLU A 367 -27.98 -13.19 -5.05
C GLU A 367 -28.41 -14.39 -4.22
N TYR A 368 -27.47 -15.00 -3.49
CA TYR A 368 -27.82 -16.17 -2.70
C TYR A 368 -28.93 -15.85 -1.72
N TYR A 369 -28.75 -14.79 -0.92
CA TYR A 369 -29.75 -14.50 0.09
C TYR A 369 -31.05 -14.02 -0.49
N GLU A 370 -31.07 -13.55 -1.75
CA GLU A 370 -32.35 -13.16 -2.29
C GLU A 370 -33.19 -14.36 -2.67
N ARG A 371 -32.61 -15.56 -2.68
CA ARG A 371 -33.38 -16.75 -2.99
C ARG A 371 -34.12 -17.31 -1.79
N SER A 372 -33.84 -16.82 -0.58
CA SER A 372 -34.66 -17.17 0.56
C SER A 372 -35.93 -16.34 0.54
N GLY A 373 -36.80 -16.58 1.52
CA GLY A 373 -38.05 -15.84 1.58
C GLY A 373 -39.28 -16.71 1.65
N ARG A 374 -40.39 -16.13 2.07
CA ARG A 374 -41.69 -16.78 1.99
C ARG A 374 -42.28 -16.45 0.62
N VAL A 375 -42.80 -17.46 -0.06
CA VAL A 375 -43.18 -17.35 -1.46
C VAL A 375 -44.50 -18.07 -1.73
N ILE A 376 -45.23 -17.55 -2.72
CA ILE A 376 -46.27 -18.29 -3.44
C ILE A 376 -45.58 -18.98 -4.60
N ALA A 377 -45.50 -20.32 -4.51
CA ALA A 377 -44.88 -21.12 -5.54
C ALA A 377 -45.77 -21.18 -6.78
N LEU A 378 -45.18 -21.66 -7.87
CA LEU A 378 -45.94 -21.83 -9.10
C LEU A 378 -47.00 -22.91 -8.92
N GLY A 379 -47.96 -22.92 -9.84
CA GLY A 379 -49.02 -23.91 -9.78
C GLY A 379 -50.40 -23.32 -9.58
N SER A 380 -51.41 -24.12 -9.91
CA SER A 380 -52.79 -23.69 -9.70
C SER A 380 -53.07 -23.44 -8.23
N ASP A 381 -52.53 -24.31 -7.36
CA ASP A 381 -52.80 -24.21 -5.93
C ASP A 381 -52.39 -22.88 -5.34
N GLN A 382 -51.46 -22.18 -5.96
CA GLN A 382 -50.86 -20.95 -5.40
C GLN A 382 -50.43 -21.19 -3.96
N ARG A 383 -49.78 -22.35 -3.75
CA ARG A 383 -49.38 -22.77 -2.43
C ARG A 383 -48.25 -21.89 -1.91
N GLU A 384 -48.07 -21.91 -0.60
CA GLU A 384 -47.06 -21.10 0.06
C GLU A 384 -45.96 -22.00 0.62
N GLY A 385 -44.72 -21.63 0.35
CA GLY A 385 -43.58 -22.24 0.99
C GLY A 385 -42.63 -21.15 1.46
N SER A 386 -41.59 -21.56 2.20
CA SER A 386 -40.63 -20.58 2.68
C SER A 386 -39.25 -21.21 2.78
N ILE A 387 -38.23 -20.40 2.56
CA ILE A 387 -36.84 -20.74 2.88
C ILE A 387 -36.31 -19.73 3.87
N THR A 388 -35.80 -20.22 4.99
CA THR A 388 -35.17 -19.40 6.02
C THR A 388 -33.68 -19.68 5.96
N ALA A 389 -32.90 -18.67 5.58
CA ALA A 389 -31.46 -18.81 5.48
C ALA A 389 -30.81 -18.39 6.78
N ILE A 390 -29.96 -19.27 7.33
CA ILE A 390 -29.22 -18.95 8.54
C ILE A 390 -27.77 -19.33 8.32
N SER A 391 -26.88 -18.34 8.37
CA SER A 391 -25.48 -18.50 8.00
C SER A 391 -24.58 -18.01 9.13
N ALA A 392 -23.64 -18.86 9.52
CA ALA A 392 -22.54 -18.44 10.36
C ALA A 392 -21.47 -17.77 9.52
N VAL A 393 -20.99 -16.62 9.98
CA VAL A 393 -19.87 -15.94 9.34
C VAL A 393 -18.71 -15.94 10.33
N SER A 394 -17.52 -16.25 9.84
CA SER A 394 -16.35 -16.43 10.69
C SER A 394 -15.31 -15.35 10.41
N PRO A 395 -15.60 -14.09 10.71
CA PRO A 395 -14.67 -13.02 10.35
C PRO A 395 -13.39 -13.13 11.17
N SER A 396 -12.29 -12.73 10.54
CA SER A 396 -10.99 -12.78 11.20
C SER A 396 -11.00 -11.95 12.49
N GLY A 397 -10.70 -12.59 13.60
CA GLY A 397 -10.63 -11.88 14.88
C GLY A 397 -11.94 -11.29 15.35
N GLY A 398 -13.07 -11.84 14.90
CA GLY A 398 -14.35 -11.32 15.31
C GLY A 398 -14.64 -9.93 14.79
N ASP A 399 -13.91 -9.49 13.77
CA ASP A 399 -14.07 -8.16 13.19
C ASP A 399 -15.22 -8.20 12.19
N ILE A 400 -16.38 -7.68 12.58
CA ILE A 400 -17.56 -7.71 11.72
C ILE A 400 -17.43 -6.69 10.60
N SER A 401 -16.32 -5.95 10.59
CA SER A 401 -16.10 -4.96 9.53
C SER A 401 -15.64 -5.56 8.22
N GLU A 402 -15.15 -6.81 8.24
CA GLU A 402 -14.59 -7.42 7.04
C GLU A 402 -15.67 -7.59 5.97
N PRO A 403 -15.25 -7.67 4.70
CA PRO A 403 -16.24 -7.68 3.60
C PRO A 403 -17.34 -8.73 3.70
N VAL A 404 -17.00 -9.96 4.10
CA VAL A 404 -18.00 -11.03 4.08
C VAL A 404 -19.16 -10.70 5.00
N THR A 405 -18.85 -10.38 6.27
CA THR A 405 -19.88 -10.04 7.24
C THR A 405 -20.73 -8.87 6.75
N GLN A 406 -20.09 -7.78 6.32
CA GLN A 406 -20.84 -6.58 5.98
C GLN A 406 -21.72 -6.80 4.76
N ASN A 407 -21.18 -7.44 3.72
CA ASN A 407 -21.99 -7.71 2.54
C ASN A 407 -23.14 -8.65 2.85
N THR A 408 -22.97 -9.56 3.82
CA THR A 408 -24.11 -10.34 4.29
C THR A 408 -25.11 -9.44 5.00
N LEU A 409 -24.65 -8.72 6.02
CA LEU A 409 -25.50 -7.82 6.80
C LEU A 409 -26.17 -6.76 5.93
N ARG A 410 -25.60 -6.45 4.77
CA ARG A 410 -26.20 -5.48 3.87
C ARG A 410 -27.50 -5.99 3.27
N VAL A 411 -27.74 -7.30 3.31
CA VAL A 411 -28.92 -7.87 2.65
C VAL A 411 -29.59 -8.88 3.58
N VAL A 412 -29.19 -8.90 4.84
CA VAL A 412 -29.80 -9.75 5.85
C VAL A 412 -30.55 -8.85 6.84
N LYS A 413 -31.58 -9.41 7.49
CA LYS A 413 -32.42 -8.65 8.39
C LYS A 413 -32.34 -9.09 9.84
N VAL A 414 -31.52 -10.09 10.18
CA VAL A 414 -31.34 -10.52 11.57
C VAL A 414 -29.86 -10.75 11.81
N PHE A 415 -29.35 -10.24 12.93
CA PHE A 415 -27.92 -10.28 13.24
C PHE A 415 -27.73 -10.72 14.69
N TRP A 416 -27.29 -11.96 14.88
CA TRP A 416 -26.91 -12.45 16.21
C TRP A 416 -25.40 -12.31 16.30
N GLY A 417 -24.93 -11.24 16.93
CA GLY A 417 -23.51 -10.97 17.06
C GLY A 417 -22.86 -11.64 18.24
N LEU A 418 -21.86 -12.48 17.98
CA LEU A 418 -21.21 -13.22 19.06
C LEU A 418 -20.13 -12.37 19.71
N ASP A 419 -19.91 -12.62 21.00
CA ASP A 419 -19.07 -11.76 21.83
C ASP A 419 -17.99 -12.61 22.47
N SER A 420 -16.73 -12.22 22.28
CA SER A 420 -15.60 -12.95 22.85
C SER A 420 -15.70 -13.02 24.36
N SER A 421 -16.05 -11.90 24.99
CA SER A 421 -16.13 -11.82 26.44
C SER A 421 -17.14 -12.83 26.98
N LEU A 422 -18.37 -12.80 26.47
CA LEU A 422 -19.39 -13.73 26.92
C LEU A 422 -18.94 -15.18 26.76
N ALA A 423 -18.13 -15.46 25.73
CA ALA A 423 -17.61 -16.81 25.53
C ALA A 423 -16.63 -17.18 26.62
N GLN A 424 -15.72 -16.28 26.98
CA GLN A 424 -14.79 -16.59 28.06
C GLN A 424 -15.52 -16.79 29.38
N LYS A 425 -16.56 -16.00 29.62
CA LYS A 425 -17.38 -16.12 30.80
C LYS A 425 -18.28 -17.35 30.76
N ARG A 426 -18.24 -18.09 29.64
CA ARG A 426 -19.08 -19.26 29.39
C ARG A 426 -20.56 -18.86 29.40
N HIS A 427 -20.84 -17.66 28.92
CA HIS A 427 -22.21 -17.20 28.67
C HIS A 427 -22.60 -17.66 27.27
N PHE A 428 -23.27 -18.80 27.19
CA PHE A 428 -23.65 -19.39 25.92
C PHE A 428 -25.16 -19.54 25.85
N PRO A 429 -25.82 -19.16 24.74
CA PRO A 429 -25.24 -18.56 23.52
C PRO A 429 -24.67 -17.16 23.73
N SER A 430 -23.48 -16.92 23.15
CA SER A 430 -22.72 -15.70 23.40
C SER A 430 -23.17 -14.54 22.52
N ILE A 431 -24.47 -14.24 22.53
CA ILE A 431 -25.04 -13.17 21.72
C ILE A 431 -25.09 -11.89 22.54
N ASN A 432 -24.53 -10.80 21.99
CA ASN A 432 -24.58 -9.50 22.64
C ASN A 432 -25.97 -8.92 22.50
N TRP A 433 -26.69 -8.79 23.62
CA TRP A 433 -28.06 -8.30 23.55
C TRP A 433 -28.13 -6.83 23.19
N ILE A 434 -27.01 -6.12 23.29
CA ILE A 434 -26.97 -4.69 22.98
C ILE A 434 -26.75 -4.46 21.49
N GLN A 435 -25.88 -5.26 20.86
CA GLN A 435 -25.50 -5.04 19.48
C GLN A 435 -26.33 -5.85 18.48
N SER A 436 -26.93 -6.95 18.91
CA SER A 436 -27.72 -7.78 18.02
C SER A 436 -29.08 -7.14 17.75
N TYR A 437 -29.69 -7.54 16.64
CA TYR A 437 -30.97 -6.95 16.25
C TYR A 437 -31.72 -7.92 15.36
N SER A 438 -33.03 -7.72 15.30
CA SER A 438 -33.92 -8.46 14.40
C SER A 438 -34.99 -7.49 13.91
N LEU A 439 -34.91 -7.12 12.64
CA LEU A 439 -35.88 -6.18 12.08
C LEU A 439 -37.28 -6.78 11.99
N TYR A 440 -37.41 -8.09 12.15
CA TYR A 440 -38.70 -8.77 12.19
C TYR A 440 -39.35 -8.71 13.56
N SER A 441 -38.68 -8.12 14.55
CA SER A 441 -39.07 -8.34 15.95
C SER A 441 -40.44 -7.74 16.26
N THR A 442 -40.79 -6.62 15.64
CA THR A 442 -42.08 -5.98 15.93
C THR A 442 -43.25 -6.81 15.38
N GLU A 443 -43.16 -7.19 14.11
CA GLU A 443 -44.18 -8.05 13.52
C GLU A 443 -44.28 -9.38 14.26
N VAL A 444 -43.13 -9.92 14.66
CA VAL A 444 -43.10 -11.14 15.46
C VAL A 444 -43.83 -10.91 16.78
N GLY A 445 -43.65 -9.73 17.37
CA GLY A 445 -44.34 -9.45 18.62
C GLY A 445 -45.85 -9.50 18.47
N ARG A 446 -46.35 -8.90 17.38
CA ARG A 446 -47.80 -8.98 17.13
C ARG A 446 -48.26 -10.43 16.97
N TYR A 447 -47.55 -11.19 16.13
CA TYR A 447 -47.92 -12.58 15.92
C TYR A 447 -47.94 -13.35 17.24
N MET A 448 -46.89 -13.18 18.05
CA MET A 448 -46.78 -13.92 19.29
C MET A 448 -47.88 -13.54 20.27
N ASP A 449 -48.24 -12.26 20.32
CA ASP A 449 -49.33 -11.84 21.19
C ASP A 449 -50.64 -12.51 20.79
N GLN A 450 -50.99 -12.49 19.50
CA GLN A 450 -52.26 -13.15 19.16
C GLN A 450 -52.19 -14.66 19.35
N ILE A 451 -51.06 -15.29 19.04
CA ILE A 451 -51.04 -16.76 19.16
C ILE A 451 -50.99 -17.19 20.62
N LEU A 452 -50.54 -16.31 21.52
CA LEU A 452 -50.47 -16.64 22.93
C LEU A 452 -51.64 -16.10 23.75
N GLN A 453 -52.40 -15.15 23.21
CA GLN A 453 -53.40 -14.42 23.98
C GLN A 453 -52.78 -13.82 25.24
N GLN A 454 -51.54 -13.36 25.09
CA GLN A 454 -50.78 -12.75 26.16
C GLN A 454 -50.12 -11.48 25.64
N ASP A 455 -49.68 -10.64 26.56
CA ASP A 455 -48.93 -9.44 26.21
C ASP A 455 -47.43 -9.72 26.29
N TRP A 456 -47.01 -10.64 25.41
CA TRP A 456 -45.62 -11.11 25.37
C TRP A 456 -44.67 -10.02 24.88
N SER A 457 -45.11 -9.20 23.93
CA SER A 457 -44.24 -8.17 23.38
C SER A 457 -43.86 -7.13 24.42
N ASP A 458 -44.78 -6.81 25.34
CA ASP A 458 -44.42 -5.91 26.42
C ASP A 458 -43.45 -6.58 27.39
N MET A 459 -43.55 -7.91 27.54
CA MET A 459 -42.56 -8.63 28.35
C MET A 459 -41.19 -8.57 27.71
N VAL A 460 -41.10 -8.76 26.40
CA VAL A 460 -39.79 -8.74 25.75
C VAL A 460 -39.22 -7.32 25.80
N THR A 461 -40.06 -6.30 25.61
CA THR A 461 -39.58 -4.93 25.67
C THR A 461 -39.14 -4.55 27.08
N GLU A 462 -39.84 -5.06 28.10
CA GLU A 462 -39.45 -4.79 29.49
C GLU A 462 -38.12 -5.46 29.84
N GLY A 463 -37.98 -6.74 29.48
CA GLY A 463 -36.74 -7.44 29.76
C GLY A 463 -35.56 -6.84 29.02
N MET A 464 -35.74 -6.57 27.72
CA MET A 464 -34.69 -5.91 26.95
C MET A 464 -34.38 -4.53 27.52
N ARG A 465 -35.41 -3.83 28.00
CA ARG A 465 -35.21 -2.51 28.57
C ARG A 465 -34.32 -2.58 29.81
N ILE A 466 -34.57 -3.56 30.68
CA ILE A 466 -33.74 -3.59 31.88
C ILE A 466 -32.34 -4.09 31.54
N LEU A 467 -32.19 -4.93 30.51
CA LEU A 467 -30.84 -5.31 30.09
C LEU A 467 -30.06 -4.08 29.62
N GLN A 468 -30.74 -3.24 28.83
CA GLN A 468 -30.14 -1.98 28.37
C GLN A 468 -29.77 -1.10 29.56
N GLU A 469 -30.69 -0.97 30.52
CA GLU A 469 -30.42 -0.18 31.72
C GLU A 469 -29.24 -0.76 32.51
N GLU A 470 -29.14 -2.09 32.54
CA GLU A 470 -28.05 -2.74 33.25
C GLU A 470 -26.70 -2.34 32.66
N GLU A 471 -26.63 -2.19 31.35
CA GLU A 471 -25.36 -1.77 30.75
C GLU A 471 -24.87 -0.46 31.37
N GLN A 472 -25.75 0.55 31.41
CA GLN A 472 -25.38 1.85 31.98
C GLN A 472 -25.10 1.75 33.48
N LEU A 473 -25.89 0.96 34.20
CA LEU A 473 -25.64 0.82 35.64
C LEU A 473 -24.31 0.13 35.92
N ASN A 474 -23.93 -0.82 35.07
CA ASN A 474 -22.62 -1.47 35.20
C ASN A 474 -21.51 -0.46 34.97
N GLU A 475 -21.67 0.39 33.95
CA GLU A 475 -20.75 1.51 33.77
C GLU A 475 -20.63 2.35 35.02
N ILE A 476 -21.78 2.71 35.60
CA ILE A 476 -21.79 3.56 36.79
C ILE A 476 -21.02 2.90 37.93
N VAL A 477 -21.27 1.60 38.15
CA VAL A 477 -20.56 0.89 39.22
C VAL A 477 -19.06 0.90 38.99
N ARG A 478 -18.64 0.74 37.73
CA ARG A 478 -17.22 0.83 37.43
C ARG A 478 -16.66 2.19 37.88
N LEU A 479 -17.43 3.26 37.65
CA LEU A 479 -16.90 4.58 37.99
C LEU A 479 -16.97 4.89 39.49
N VAL A 480 -18.10 4.61 40.13
CA VAL A 480 -18.39 5.12 41.46
C VAL A 480 -18.64 4.01 42.48
N GLY A 481 -18.58 2.76 42.08
CA GLY A 481 -18.69 1.70 43.06
C GLY A 481 -20.08 1.10 43.13
N ILE A 482 -20.14 -0.16 43.57
CA ILE A 482 -21.40 -0.89 43.66
C ILE A 482 -22.32 -0.27 44.71
N ASP A 483 -21.74 0.35 45.74
CA ASP A 483 -22.49 0.85 46.88
C ASP A 483 -23.19 2.17 46.61
N SER A 484 -22.75 2.91 45.58
CA SER A 484 -23.31 4.21 45.29
C SER A 484 -24.81 4.15 44.98
N LEU A 485 -25.30 3.00 44.55
CA LEU A 485 -26.55 2.94 43.81
C LEU A 485 -27.76 2.69 44.69
N SER A 486 -28.92 3.09 44.16
CA SER A 486 -30.18 3.02 44.86
C SER A 486 -30.61 1.57 45.09
N ASP A 487 -31.66 1.42 45.90
CA ASP A 487 -32.30 0.12 46.06
C ASP A 487 -32.99 -0.30 44.76
N ASN A 488 -33.69 0.64 44.11
CA ASN A 488 -34.34 0.37 42.85
C ASN A 488 -33.35 -0.08 41.79
N ASP A 489 -32.25 0.66 41.64
CA ASP A 489 -31.30 0.37 40.57
C ASP A 489 -30.50 -0.90 40.85
N ARG A 490 -30.20 -1.18 42.12
CA ARG A 490 -29.60 -2.47 42.42
C ARG A 490 -30.58 -3.62 42.20
N LEU A 491 -31.87 -3.37 42.39
CA LEU A 491 -32.86 -4.39 42.03
C LEU A 491 -32.86 -4.63 40.53
N THR A 492 -32.74 -3.57 39.73
CA THR A 492 -32.60 -3.77 38.30
C THR A 492 -31.34 -4.58 37.98
N LEU A 493 -30.25 -4.32 38.71
CA LEU A 493 -29.03 -5.10 38.50
C LEU A 493 -29.27 -6.58 38.77
N GLU A 494 -29.93 -6.89 39.90
CA GLU A 494 -30.17 -8.29 40.25
C GLU A 494 -31.10 -8.97 39.25
N VAL A 495 -32.11 -8.25 38.76
CA VAL A 495 -33.04 -8.88 37.84
C VAL A 495 -32.42 -9.02 36.45
N ALA A 496 -31.53 -8.11 36.05
CA ALA A 496 -30.77 -8.32 34.84
C ALA A 496 -29.83 -9.51 34.98
N LYS A 497 -29.25 -9.70 36.17
CA LYS A 497 -28.48 -10.91 36.43
C LYS A 497 -29.36 -12.15 36.27
N SER A 498 -30.61 -12.06 36.72
CA SER A 498 -31.56 -13.16 36.51
C SER A 498 -31.81 -13.41 35.03
N ILE A 499 -32.05 -12.36 34.26
CA ILE A 499 -32.32 -12.55 32.83
C ILE A 499 -31.10 -13.15 32.13
N ARG A 500 -29.90 -12.71 32.51
CA ARG A 500 -28.70 -13.24 31.88
C ARG A 500 -28.49 -14.72 32.21
N GLU A 501 -28.60 -15.07 33.49
CA GLU A 501 -28.21 -16.40 33.95
C GLU A 501 -29.33 -17.44 33.81
N ASP A 502 -30.57 -17.04 34.08
CA ASP A 502 -31.71 -17.96 34.09
C ASP A 502 -32.44 -18.03 32.76
N TYR A 503 -32.26 -17.05 31.88
CA TYR A 503 -32.99 -17.02 30.61
C TYR A 503 -32.05 -16.99 29.41
N LEU A 504 -31.15 -16.01 29.32
CA LEU A 504 -30.29 -15.91 28.14
C LEU A 504 -29.34 -17.08 28.04
N GLN A 505 -28.72 -17.47 29.15
CA GLN A 505 -27.79 -18.59 29.14
C GLN A 505 -28.55 -19.89 28.94
N GLN A 506 -28.21 -20.62 27.87
CA GLN A 506 -28.95 -21.81 27.45
C GLN A 506 -27.94 -22.87 27.01
N ASN A 507 -27.72 -23.86 27.87
CA ASN A 507 -26.74 -24.91 27.60
C ASN A 507 -27.26 -25.86 26.53
N ALA A 508 -26.61 -25.87 25.36
CA ALA A 508 -27.07 -26.68 24.26
C ALA A 508 -26.89 -28.18 24.52
N PHE A 509 -26.05 -28.55 25.46
CA PHE A 509 -25.73 -29.95 25.70
C PHE A 509 -26.48 -30.54 26.88
N ASP A 510 -27.41 -29.79 27.46
CA ASP A 510 -28.27 -30.33 28.51
C ASP A 510 -29.54 -30.89 27.90
N ASP A 511 -30.01 -32.03 28.44
CA ASP A 511 -31.17 -32.70 27.86
C ASP A 511 -32.41 -31.82 27.87
N VAL A 512 -32.57 -31.00 28.90
CA VAL A 512 -33.77 -30.17 29.01
C VAL A 512 -33.47 -28.76 28.50
N ASP A 513 -32.25 -28.29 28.71
CA ASP A 513 -31.91 -26.92 28.37
C ASP A 513 -31.63 -26.70 26.89
N THR A 514 -31.43 -27.76 26.12
CA THR A 514 -31.15 -27.58 24.70
C THR A 514 -32.33 -26.96 23.96
N PHE A 515 -33.55 -27.20 24.45
CA PHE A 515 -34.76 -26.71 23.81
C PHE A 515 -35.76 -26.25 24.86
N THR A 516 -36.35 -25.08 24.64
CA THR A 516 -37.44 -24.58 25.47
C THR A 516 -38.54 -24.06 24.56
N SER A 517 -39.73 -24.64 24.68
CA SER A 517 -40.83 -24.33 23.80
C SER A 517 -41.28 -22.88 23.97
N ARG A 518 -42.15 -22.45 23.05
CA ARG A 518 -42.70 -21.10 23.11
C ARG A 518 -43.46 -20.88 24.41
N GLU A 519 -44.29 -21.85 24.80
CA GLU A 519 -45.02 -21.75 26.08
C GLU A 519 -44.05 -21.72 27.25
N LYS A 520 -43.02 -22.56 27.23
CA LYS A 520 -42.05 -22.57 28.33
C LYS A 520 -41.28 -21.26 28.37
N GLN A 521 -40.93 -20.72 27.21
CA GLN A 521 -40.27 -19.42 27.15
C GLN A 521 -41.14 -18.36 27.82
N PHE A 522 -42.42 -18.30 27.46
CA PHE A 522 -43.32 -17.32 28.05
C PHE A 522 -43.40 -17.49 29.55
N ASN A 523 -43.60 -18.72 30.02
CA ASN A 523 -43.83 -18.94 31.44
C ASN A 523 -42.60 -18.57 32.27
N MET A 524 -41.40 -18.92 31.80
CA MET A 524 -40.23 -18.62 32.62
C MET A 524 -39.81 -17.15 32.51
N LEU A 525 -39.98 -16.51 31.35
CA LEU A 525 -39.75 -15.07 31.32
C LEU A 525 -40.76 -14.34 32.20
N LYS A 526 -42.01 -14.83 32.23
CA LYS A 526 -43.02 -14.24 33.10
C LYS A 526 -42.63 -14.37 34.56
N VAL A 527 -42.08 -15.52 34.95
CA VAL A 527 -41.66 -15.70 36.34
C VAL A 527 -40.57 -14.71 36.72
N ILE A 528 -39.54 -14.58 35.85
CA ILE A 528 -38.48 -13.62 36.12
C ILE A 528 -39.03 -12.22 36.30
N LEU A 529 -39.94 -11.82 35.38
CA LEU A 529 -40.43 -10.45 35.41
C LEU A 529 -41.38 -10.21 36.58
N THR A 530 -42.14 -11.21 37.00
CA THR A 530 -43.00 -11.00 38.16
C THR A 530 -42.18 -10.88 39.43
N PHE A 531 -41.06 -11.61 39.55
CA PHE A 531 -40.18 -11.33 40.68
C PHE A 531 -39.70 -9.88 40.65
N GLY A 532 -39.22 -9.44 39.49
CA GLY A 532 -38.77 -8.06 39.38
C GLY A 532 -39.84 -7.06 39.81
N LYS A 533 -41.04 -7.18 39.23
CA LYS A 533 -42.13 -6.25 39.52
C LYS A 533 -42.53 -6.29 40.99
N GLU A 534 -42.66 -7.50 41.55
CA GLU A 534 -43.15 -7.65 42.91
C GLU A 534 -42.16 -7.06 43.90
N ALA A 535 -40.86 -7.35 43.72
CA ALA A 535 -39.87 -6.77 44.61
C ALA A 535 -39.77 -5.26 44.46
N ARG A 536 -39.99 -4.74 43.24
CA ARG A 536 -39.93 -3.30 43.04
C ARG A 536 -41.02 -2.58 43.83
N LYS A 537 -42.27 -2.97 43.63
CA LYS A 537 -43.33 -2.35 44.43
C LYS A 537 -43.20 -2.68 45.91
N ALA A 538 -42.55 -3.79 46.27
CA ALA A 538 -42.32 -4.07 47.68
C ALA A 538 -41.39 -3.03 48.30
N LEU A 539 -40.22 -2.82 47.69
CA LEU A 539 -39.29 -1.86 48.28
C LEU A 539 -39.84 -0.45 48.23
N SER A 540 -40.63 -0.11 47.20
CA SER A 540 -41.32 1.17 47.21
C SER A 540 -42.44 1.20 48.25
N LEU A 541 -42.84 0.02 48.74
CA LEU A 541 -43.90 -0.12 49.72
C LEU A 541 -43.37 -0.22 51.15
N GLY A 542 -42.10 0.09 51.37
CA GLY A 542 -41.55 0.10 52.72
C GLY A 542 -40.76 -1.13 53.09
N ALA A 543 -39.93 -1.63 52.17
CA ALA A 543 -39.15 -2.83 52.38
C ALA A 543 -37.69 -2.57 52.05
N TYR A 544 -36.83 -3.40 52.62
CA TYR A 544 -35.39 -3.30 52.44
C TYR A 544 -34.92 -4.26 51.36
N PHE A 545 -33.97 -3.81 50.54
CA PHE A 545 -33.44 -4.63 49.46
C PHE A 545 -32.76 -5.88 50.01
N ASN A 546 -31.94 -5.71 51.04
CA ASN A 546 -31.21 -6.83 51.63
C ASN A 546 -32.18 -7.86 52.22
N GLU A 547 -33.19 -7.38 52.97
CA GLU A 547 -34.20 -8.27 53.51
C GLU A 547 -34.91 -9.04 52.40
N ILE A 548 -35.24 -8.35 51.30
CA ILE A 548 -35.91 -9.00 50.18
C ILE A 548 -35.01 -10.09 49.59
N MET A 549 -33.73 -9.77 49.40
CA MET A 549 -32.80 -10.72 48.81
C MET A 549 -32.66 -11.98 49.66
N GLU A 550 -32.57 -11.80 50.99
CA GLU A 550 -32.45 -12.98 51.85
C GLU A 550 -33.75 -13.76 51.91
N GLY A 551 -34.89 -13.09 51.87
CA GLY A 551 -36.15 -13.79 51.87
C GLY A 551 -36.42 -14.53 50.57
N THR A 552 -35.80 -14.08 49.48
CA THR A 552 -36.04 -14.65 48.16
C THR A 552 -34.93 -15.58 47.70
N VAL A 553 -33.93 -15.86 48.54
CA VAL A 553 -32.88 -16.80 48.17
C VAL A 553 -33.49 -18.10 47.66
N ALA A 554 -34.44 -18.64 48.42
CA ALA A 554 -35.07 -19.91 48.04
C ALA A 554 -35.80 -19.78 46.71
N VAL A 555 -36.70 -18.81 46.60
CA VAL A 555 -37.53 -18.72 45.40
C VAL A 555 -36.70 -18.36 44.18
N ARG A 556 -35.60 -17.60 44.35
CA ARG A 556 -34.76 -17.33 43.20
C ARG A 556 -33.97 -18.56 42.77
N GLU A 557 -33.54 -19.37 43.74
CA GLU A 557 -32.99 -20.67 43.36
C GLU A 557 -34.00 -21.49 42.58
N ARG A 558 -35.28 -21.36 42.92
CA ARG A 558 -36.30 -22.12 42.18
C ARG A 558 -36.49 -21.55 40.78
N ILE A 559 -36.43 -20.23 40.61
CA ILE A 559 -36.54 -19.69 39.26
C ILE A 559 -35.29 -20.06 38.45
N SER A 560 -34.16 -20.29 39.13
CA SER A 560 -32.93 -20.60 38.43
C SER A 560 -33.00 -21.99 37.77
N ARG A 561 -33.72 -22.92 38.38
CA ARG A 561 -33.89 -24.25 37.83
C ARG A 561 -35.13 -24.38 36.97
N SER A 562 -35.78 -23.26 36.65
CA SER A 562 -36.94 -23.30 35.75
C SER A 562 -36.56 -23.87 34.39
N LYS A 563 -35.35 -23.56 33.92
CA LYS A 563 -34.92 -23.98 32.59
C LYS A 563 -34.90 -25.49 32.44
N TYR A 564 -34.66 -26.22 33.53
CA TYR A 564 -34.54 -27.68 33.49
C TYR A 564 -35.87 -28.39 33.73
N ILE A 565 -36.95 -27.65 33.91
CA ILE A 565 -38.24 -28.28 34.19
C ILE A 565 -38.80 -28.90 32.92
N PRO A 566 -39.28 -30.14 32.95
CA PRO A 566 -39.79 -30.77 31.73
C PRO A 566 -41.00 -30.02 31.17
N GLU A 567 -41.13 -30.07 29.85
CA GLU A 567 -42.23 -29.39 29.17
C GLU A 567 -43.59 -29.91 29.61
N GLU A 568 -43.64 -31.14 30.12
CA GLU A 568 -44.90 -31.68 30.63
C GLU A 568 -45.28 -31.24 32.04
N GLU A 569 -44.29 -30.80 32.82
CA GLU A 569 -44.49 -30.32 34.18
C GLU A 569 -44.38 -28.80 34.13
N LEU A 570 -44.89 -28.22 33.04
CA LEU A 570 -44.63 -26.81 32.77
C LEU A 570 -45.35 -25.92 33.79
N ALA A 571 -46.40 -26.44 34.41
CA ALA A 571 -47.10 -25.67 35.44
C ALA A 571 -46.20 -25.41 36.64
N LYS A 572 -45.25 -26.32 36.91
CA LYS A 572 -44.29 -26.09 37.97
C LYS A 572 -43.47 -24.82 37.74
N ILE A 573 -43.41 -24.35 36.49
CA ILE A 573 -42.86 -23.03 36.22
C ILE A 573 -43.82 -21.96 36.70
N SER A 574 -45.07 -22.03 36.21
CA SER A 574 -46.06 -21.00 36.51
C SER A 574 -46.32 -20.90 38.02
N SER A 575 -46.31 -22.04 38.71
CA SER A 575 -46.54 -22.03 40.16
C SER A 575 -45.57 -21.09 40.86
N ILE A 576 -44.34 -20.97 40.33
CA ILE A 576 -43.34 -20.11 40.96
C ILE A 576 -43.91 -18.72 41.18
N ASN A 577 -44.64 -18.19 40.18
CA ASN A 577 -45.25 -16.88 40.27
C ASN A 577 -45.88 -16.67 41.64
N GLU A 578 -46.79 -17.57 42.02
CA GLU A 578 -47.48 -17.42 43.29
C GLU A 578 -46.50 -17.44 44.45
N GLU A 579 -45.60 -18.44 44.47
CA GLU A 579 -44.61 -18.51 45.52
C GLU A 579 -43.84 -17.20 45.67
N ILE A 580 -43.59 -16.51 44.55
CA ILE A 580 -42.90 -15.22 44.65
C ILE A 580 -43.78 -14.22 45.42
N LYS A 581 -45.01 -14.00 44.92
CA LYS A 581 -45.82 -12.92 45.47
C LYS A 581 -46.08 -13.14 46.96
N GLU A 582 -46.24 -14.41 47.37
CA GLU A 582 -46.42 -14.70 48.78
C GLU A 582 -45.18 -14.30 49.58
N THR A 583 -44.02 -14.82 49.18
CA THR A 583 -42.81 -14.63 49.98
C THR A 583 -42.55 -13.15 50.23
N ILE A 584 -42.43 -12.39 49.14
CA ILE A 584 -42.16 -10.96 49.25
C ILE A 584 -43.24 -10.27 50.06
N GLN A 585 -44.50 -10.69 49.90
CA GLN A 585 -45.57 -10.09 50.68
C GLN A 585 -45.34 -10.33 52.17
N LEU A 586 -44.99 -11.56 52.55
CA LEU A 586 -44.65 -11.78 53.95
C LEU A 586 -43.43 -10.95 54.35
N ILE A 587 -42.51 -10.71 53.41
CA ILE A 587 -41.36 -9.87 53.71
C ILE A 587 -41.80 -8.49 54.17
N VAL A 588 -42.88 -7.97 53.59
CA VAL A 588 -43.26 -6.61 53.97
C VAL A 588 -43.98 -6.59 55.31
N SER A 589 -44.41 -7.75 55.82
CA SER A 589 -45.09 -7.76 57.11
C SER A 589 -44.11 -7.48 58.25
N GLU A 590 -42.93 -8.08 58.20
CA GLU A 590 -41.84 -7.73 59.10
C GLU A 590 -40.86 -6.79 58.40
N MET B 4 -6.19 16.90 -46.96
CA MET B 4 -6.50 16.30 -48.26
C MET B 4 -6.56 14.78 -48.17
N GLN B 5 -5.63 14.19 -47.43
CA GLN B 5 -5.65 12.76 -47.20
C GLN B 5 -6.77 12.41 -46.23
N ILE B 6 -7.63 11.48 -46.62
CA ILE B 6 -8.71 11.01 -45.76
C ILE B 6 -8.26 9.70 -45.14
N GLY B 7 -8.21 9.66 -43.81
CA GLY B 7 -7.96 8.40 -43.13
C GLY B 7 -9.25 7.64 -42.86
N LYS B 8 -9.10 6.35 -42.63
CA LYS B 8 -10.23 5.48 -42.33
C LYS B 8 -10.06 4.91 -40.93
N ILE B 9 -11.11 5.00 -40.13
CA ILE B 9 -11.06 4.39 -38.80
C ILE B 9 -10.93 2.89 -38.96
N ILE B 10 -9.96 2.31 -38.26
CA ILE B 10 -9.83 0.86 -38.19
C ILE B 10 -10.02 0.33 -36.77
N LYS B 11 -10.02 1.18 -35.76
CA LYS B 11 -10.30 0.70 -34.41
C LYS B 11 -10.87 1.83 -33.57
N VAL B 12 -11.88 1.50 -32.76
CA VAL B 12 -12.41 2.41 -31.76
C VAL B 12 -12.47 1.64 -30.44
N SER B 13 -11.77 2.13 -29.42
CA SER B 13 -11.85 1.54 -28.09
C SER B 13 -11.80 2.69 -27.09
N GLY B 14 -12.94 3.01 -26.50
CA GLY B 14 -13.03 4.12 -25.57
C GLY B 14 -12.46 5.39 -26.14
N PRO B 15 -11.48 5.96 -25.44
CA PRO B 15 -10.90 7.24 -25.87
C PRO B 15 -9.95 7.12 -27.06
N LEU B 16 -9.50 5.93 -27.42
CA LEU B 16 -8.42 5.78 -28.39
C LEU B 16 -8.97 5.22 -29.69
N VAL B 17 -8.80 5.98 -30.77
CA VAL B 17 -9.24 5.62 -32.11
C VAL B 17 -8.01 5.44 -32.99
N MET B 18 -7.97 4.36 -33.76
CA MET B 18 -6.87 4.14 -34.68
C MET B 18 -7.35 4.25 -36.11
N ALA B 19 -6.68 5.10 -36.88
CA ALA B 19 -7.07 5.43 -38.25
C ALA B 19 -5.91 5.13 -39.19
N GLU B 20 -6.19 4.42 -40.28
CA GLU B 20 -5.19 4.09 -41.28
C GLU B 20 -5.16 5.16 -42.37
N ASN B 21 -4.21 5.01 -43.28
CA ASN B 21 -4.04 5.91 -44.43
C ASN B 21 -3.89 7.37 -43.98
N MET B 22 -3.04 7.59 -42.99
CA MET B 22 -2.77 8.93 -42.50
C MET B 22 -1.28 9.19 -42.43
N SER B 23 -0.56 8.70 -43.44
CA SER B 23 0.90 8.86 -43.48
C SER B 23 1.30 10.32 -43.55
N GLU B 24 0.45 11.18 -44.10
CA GLU B 24 0.80 12.59 -44.30
C GLU B 24 0.61 13.43 -43.04
N ALA B 25 -0.09 12.92 -42.03
CA ALA B 25 -0.24 13.66 -40.80
C ALA B 25 1.05 13.61 -39.99
N SER B 26 1.13 14.46 -38.98
CA SER B 26 2.29 14.54 -38.10
C SER B 26 1.86 14.23 -36.66
N ILE B 27 2.84 13.87 -35.83
CA ILE B 27 2.54 13.62 -34.42
C ILE B 27 2.08 14.91 -33.78
N GLN B 28 1.10 14.80 -32.88
CA GLN B 28 0.39 15.91 -32.23
C GLN B 28 -0.52 16.67 -33.19
N ASP B 29 -0.69 16.20 -34.42
CA ASP B 29 -1.67 16.81 -35.30
C ASP B 29 -3.07 16.65 -34.71
N MET B 30 -3.89 17.68 -34.87
CA MET B 30 -5.30 17.56 -34.52
C MET B 30 -6.08 17.06 -35.72
N CYS B 31 -7.09 16.24 -35.43
CA CYS B 31 -7.92 15.63 -36.46
C CYS B 31 -9.38 15.78 -36.09
N LEU B 32 -10.23 15.78 -37.11
CA LEU B 32 -11.66 15.61 -36.96
C LEU B 32 -11.97 14.14 -37.26
N VAL B 33 -12.48 13.44 -36.27
CA VAL B 33 -12.57 11.99 -36.24
C VAL B 33 -14.00 11.58 -36.52
N GLY B 34 -14.17 10.56 -37.35
CA GLY B 34 -15.46 9.96 -37.58
C GLY B 34 -16.40 10.85 -38.36
N ASP B 35 -17.59 10.31 -38.62
CA ASP B 35 -18.64 11.06 -39.30
C ASP B 35 -18.96 12.35 -38.56
N LEU B 36 -19.01 12.29 -37.22
CA LEU B 36 -19.31 13.48 -36.44
C LEU B 36 -18.22 14.52 -36.55
N GLY B 37 -16.99 14.11 -36.82
CA GLY B 37 -15.87 15.03 -36.85
C GLY B 37 -15.48 15.53 -35.48
N VAL B 38 -15.42 14.65 -34.49
CA VAL B 38 -15.03 15.03 -33.13
C VAL B 38 -13.52 15.20 -33.09
N ILE B 39 -13.05 16.18 -32.32
CA ILE B 39 -11.63 16.53 -32.40
C ILE B 39 -10.81 15.52 -31.61
N GLY B 40 -9.61 15.23 -32.13
CA GLY B 40 -8.69 14.30 -31.51
C GLY B 40 -7.26 14.68 -31.84
N GLU B 41 -6.33 14.01 -31.18
CA GLU B 41 -4.91 14.35 -31.24
C GLU B 41 -4.09 13.11 -31.52
N ILE B 42 -3.22 13.17 -32.52
CA ILE B 42 -2.37 12.04 -32.88
C ILE B 42 -1.27 11.90 -31.82
N ILE B 43 -1.30 10.81 -31.07
CA ILE B 43 -0.25 10.55 -30.09
C ILE B 43 0.76 9.52 -30.58
N GLU B 44 0.39 8.67 -31.54
CA GLU B 44 1.29 7.66 -32.07
C GLU B 44 1.10 7.54 -33.57
N MET B 45 2.10 6.95 -34.23
CA MET B 45 2.00 6.61 -35.64
C MET B 45 2.82 5.35 -35.89
N ARG B 46 2.20 4.36 -36.51
CA ARG B 46 2.84 3.10 -36.85
C ARG B 46 2.58 2.84 -38.33
N GLN B 47 3.62 2.97 -39.14
CA GLN B 47 3.48 3.03 -40.59
C GLN B 47 2.49 4.15 -40.93
N ASP B 48 1.37 3.82 -41.56
CA ASP B 48 0.36 4.80 -41.90
C ASP B 48 -0.77 4.88 -40.89
N VAL B 49 -0.73 4.06 -39.83
CA VAL B 49 -1.82 3.98 -38.86
C VAL B 49 -1.50 4.88 -37.69
N ALA B 50 -2.34 5.89 -37.48
CA ALA B 50 -2.18 6.83 -36.38
C ALA B 50 -3.11 6.45 -35.23
N SER B 51 -2.56 6.50 -34.01
CA SER B 51 -3.36 6.39 -32.80
C SER B 51 -3.76 7.80 -32.36
N ILE B 52 -5.07 8.04 -32.31
CA ILE B 52 -5.65 9.33 -32.01
C ILE B 52 -6.34 9.23 -30.65
N GLN B 53 -6.01 10.14 -29.76
CA GLN B 53 -6.72 10.28 -28.50
C GLN B 53 -7.72 11.41 -28.67
N VAL B 54 -8.99 11.09 -28.61
CA VAL B 54 -10.02 12.05 -28.94
C VAL B 54 -10.39 12.85 -27.69
N TYR B 55 -10.85 14.07 -27.91
CA TYR B 55 -11.12 15.00 -26.82
C TYR B 55 -12.56 14.91 -26.32
N GLU B 56 -13.46 14.33 -27.11
CA GLU B 56 -14.87 14.21 -26.78
C GLU B 56 -15.21 12.72 -26.63
N GLU B 57 -16.50 12.43 -26.47
CA GLU B 57 -16.94 11.04 -26.35
C GLU B 57 -16.95 10.34 -27.70
N THR B 58 -16.46 9.10 -27.72
CA THR B 58 -16.45 8.27 -28.91
C THR B 58 -17.68 7.39 -29.05
N SER B 59 -18.68 7.53 -28.19
CA SER B 59 -19.87 6.70 -28.30
C SER B 59 -20.49 6.87 -29.68
N GLY B 60 -20.71 5.76 -30.37
CA GLY B 60 -21.31 5.79 -31.69
C GLY B 60 -20.37 5.95 -32.86
N ILE B 61 -19.05 5.83 -32.64
CA ILE B 61 -18.07 5.93 -33.70
C ILE B 61 -17.46 4.55 -33.92
N GLY B 62 -17.23 4.20 -35.19
CA GLY B 62 -16.78 2.87 -35.54
C GLY B 62 -15.93 2.79 -36.79
N PRO B 63 -15.36 1.60 -37.04
CA PRO B 63 -14.50 1.42 -38.22
C PRO B 63 -15.18 1.83 -39.52
N GLY B 64 -14.37 2.21 -40.49
CA GLY B 64 -14.84 2.67 -41.77
C GLY B 64 -15.07 4.15 -41.88
N GLU B 65 -15.28 4.84 -40.76
CA GLU B 65 -15.57 6.27 -40.79
C GLU B 65 -14.31 7.07 -41.12
N PRO B 66 -14.47 8.29 -41.62
CA PRO B 66 -13.31 9.09 -42.01
C PRO B 66 -12.68 9.88 -40.88
N VAL B 67 -11.39 10.15 -41.05
CA VAL B 67 -10.61 11.00 -40.16
C VAL B 67 -9.86 11.99 -41.03
N ARG B 68 -9.93 13.26 -40.68
CA ARG B 68 -9.28 14.31 -41.46
C ARG B 68 -8.39 15.14 -40.54
N SER B 69 -7.10 15.18 -40.85
CA SER B 69 -6.18 15.98 -40.05
C SER B 69 -6.33 17.46 -40.38
N THR B 70 -6.33 18.29 -39.35
CA THR B 70 -6.35 19.74 -39.54
C THR B 70 -4.98 20.29 -39.92
N GLY B 71 -4.00 19.42 -40.14
CA GLY B 71 -2.69 19.86 -40.60
C GLY B 71 -1.95 20.71 -39.60
N GLU B 72 -2.36 20.70 -38.33
CA GLU B 72 -1.74 21.53 -37.32
C GLU B 72 -1.94 20.86 -35.96
N ALA B 73 -1.13 21.28 -34.99
CA ALA B 73 -1.33 20.86 -33.61
C ALA B 73 -2.43 21.72 -32.99
N LEU B 74 -2.79 21.43 -31.75
CA LEU B 74 -3.70 22.31 -31.03
C LEU B 74 -3.17 23.74 -31.09
N SER B 75 -3.92 24.60 -31.79
CA SER B 75 -3.46 25.95 -32.08
C SER B 75 -4.52 26.95 -31.65
N VAL B 76 -4.09 28.20 -31.57
CA VAL B 76 -4.95 29.31 -31.18
C VAL B 76 -5.00 30.30 -32.35
N GLU B 77 -6.21 30.77 -32.65
CA GLU B 77 -6.41 31.85 -33.60
C GLU B 77 -6.19 33.18 -32.89
N LEU B 78 -5.33 34.02 -33.44
CA LEU B 78 -4.90 35.26 -32.80
C LEU B 78 -5.09 36.42 -33.77
N GLY B 79 -5.98 37.33 -33.43
CA GLY B 79 -6.31 38.44 -34.29
C GLY B 79 -7.50 39.20 -33.73
N PRO B 80 -7.91 40.26 -34.43
CA PRO B 80 -9.06 41.06 -33.96
C PRO B 80 -10.30 40.20 -33.75
N GLY B 81 -11.01 40.48 -32.66
CA GLY B 81 -12.16 39.70 -32.25
C GLY B 81 -11.89 38.76 -31.09
N ILE B 82 -10.70 38.81 -30.51
CA ILE B 82 -10.36 37.90 -29.42
C ILE B 82 -10.72 38.47 -28.05
N ILE B 83 -10.65 39.79 -27.88
CA ILE B 83 -10.86 40.41 -26.57
C ILE B 83 -12.35 40.39 -26.23
N SER B 84 -12.63 40.24 -24.93
CA SER B 84 -13.98 40.22 -24.38
C SER B 84 -14.78 39.01 -24.86
N GLN B 85 -14.10 37.97 -25.33
CA GLN B 85 -14.75 36.73 -25.71
C GLN B 85 -14.52 35.68 -24.64
N MET B 86 -15.39 34.68 -24.63
CA MET B 86 -15.35 33.61 -23.65
C MET B 86 -15.19 32.29 -24.37
N PHE B 87 -14.00 31.71 -24.30
CA PHE B 87 -13.67 30.45 -24.92
C PHE B 87 -13.69 29.33 -23.89
N ASP B 88 -13.59 28.10 -24.36
CA ASP B 88 -13.26 26.98 -23.49
C ASP B 88 -11.77 26.68 -23.62
N GLY B 89 -11.34 25.54 -23.08
CA GLY B 89 -9.92 25.23 -23.05
C GLY B 89 -9.28 25.10 -24.42
N ILE B 90 -10.07 24.79 -25.45
CA ILE B 90 -9.57 24.64 -26.80
C ILE B 90 -9.97 25.83 -27.68
N GLN B 91 -10.38 26.94 -27.06
CA GLN B 91 -10.71 28.19 -27.74
C GLN B 91 -11.93 28.05 -28.65
N ARG B 92 -12.99 27.46 -28.09
CA ARG B 92 -14.28 27.42 -28.78
C ARG B 92 -15.17 28.53 -28.26
N PRO B 93 -15.82 29.29 -29.13
CA PRO B 93 -16.61 30.46 -28.70
C PRO B 93 -17.92 30.04 -28.06
N LEU B 94 -18.03 30.26 -26.75
CA LEU B 94 -19.17 29.75 -26.00
C LEU B 94 -20.45 30.50 -26.38
N ASP B 95 -20.39 31.83 -26.46
CA ASP B 95 -21.53 32.61 -26.91
C ASP B 95 -21.90 32.27 -28.36
N THR B 96 -20.90 32.08 -29.21
CA THR B 96 -21.20 31.69 -30.58
C THR B 96 -21.76 30.27 -30.64
N PHE B 97 -21.41 29.42 -29.68
CA PHE B 97 -22.15 28.18 -29.50
C PHE B 97 -23.63 28.46 -29.29
N MET B 98 -23.94 29.27 -28.28
CA MET B 98 -25.32 29.71 -28.04
C MET B 98 -26.02 30.11 -29.33
N GLU B 99 -25.36 30.94 -30.13
CA GLU B 99 -25.99 31.50 -31.31
C GLU B 99 -26.13 30.47 -32.43
N VAL B 100 -25.02 29.88 -32.85
CA VAL B 100 -25.03 28.97 -34.01
C VAL B 100 -25.86 27.73 -33.72
N THR B 101 -25.50 26.99 -32.67
CA THR B 101 -26.17 25.72 -32.41
C THR B 101 -27.55 25.89 -31.81
N GLN B 102 -27.88 27.10 -31.32
CA GLN B 102 -29.20 27.41 -30.77
C GLN B 102 -29.58 26.43 -29.66
N SER B 103 -28.63 26.11 -28.80
CA SER B 103 -28.89 25.24 -27.66
C SER B 103 -27.94 25.63 -26.53
N ASN B 104 -28.29 25.19 -25.32
CA ASN B 104 -27.51 25.47 -24.12
C ASN B 104 -26.40 24.46 -23.88
N PHE B 105 -26.18 23.54 -24.82
CA PHE B 105 -25.27 22.43 -24.60
C PHE B 105 -24.15 22.46 -25.63
N LEU B 106 -23.03 21.84 -25.25
CA LEU B 106 -21.86 21.74 -26.12
C LEU B 106 -21.95 20.41 -26.87
N GLY B 107 -22.49 20.45 -28.08
CA GLY B 107 -22.62 19.25 -28.88
C GLY B 107 -21.27 18.65 -29.24
N ARG B 108 -21.33 17.44 -29.77
CA ARG B 108 -20.13 16.72 -30.17
C ARG B 108 -19.78 17.02 -31.62
N GLY B 109 -18.48 17.17 -31.88
CA GLY B 109 -17.96 17.28 -33.23
C GLY B 109 -18.35 18.53 -33.99
N VAL B 110 -18.89 19.54 -33.30
CA VAL B 110 -19.27 20.80 -33.93
C VAL B 110 -18.10 21.79 -33.82
N GLN B 111 -17.65 22.28 -34.98
CA GLN B 111 -16.49 23.15 -35.06
C GLN B 111 -16.94 24.58 -35.36
N LEU B 112 -16.54 25.52 -34.51
CA LEU B 112 -16.83 26.92 -34.69
C LEU B 112 -15.52 27.70 -34.61
N PRO B 113 -15.21 28.53 -35.61
CA PRO B 113 -13.97 29.30 -35.53
C PRO B 113 -13.99 30.26 -34.35
N ALA B 114 -12.83 30.40 -33.70
CA ALA B 114 -12.76 31.18 -32.47
C ALA B 114 -13.18 32.63 -32.70
N LEU B 115 -12.56 33.29 -33.68
CA LEU B 115 -12.80 34.70 -33.93
C LEU B 115 -13.91 34.86 -34.97
N ASP B 116 -14.43 36.09 -35.08
CA ASP B 116 -15.39 36.41 -36.12
C ASP B 116 -14.63 36.65 -37.41
N HIS B 117 -14.68 35.68 -38.31
CA HIS B 117 -14.03 35.81 -39.62
C HIS B 117 -14.89 36.58 -40.61
N GLU B 118 -16.07 37.04 -40.19
CA GLU B 118 -16.94 37.87 -41.01
C GLU B 118 -16.98 39.32 -40.57
N LYS B 119 -16.59 39.61 -39.33
CA LYS B 119 -16.70 40.95 -38.77
C LYS B 119 -15.80 41.93 -39.53
N GLN B 120 -16.28 43.17 -39.63
CA GLN B 120 -15.51 44.23 -40.26
C GLN B 120 -14.66 44.96 -39.23
N TRP B 121 -13.36 45.09 -39.52
CA TRP B 121 -12.45 45.82 -38.67
C TRP B 121 -11.69 46.83 -39.52
N TRP B 122 -11.46 48.02 -38.96
CA TRP B 122 -10.74 49.08 -39.65
C TRP B 122 -9.25 48.93 -39.34
N PHE B 123 -8.47 48.55 -40.36
CA PHE B 123 -7.02 48.46 -40.24
C PHE B 123 -6.38 49.78 -40.63
N GLU B 124 -5.53 50.30 -39.76
CA GLU B 124 -4.81 51.55 -39.98
C GLU B 124 -3.32 51.22 -40.09
N ALA B 125 -2.82 51.16 -41.33
CA ALA B 125 -1.45 50.76 -41.58
C ALA B 125 -0.47 51.82 -41.08
N THR B 126 0.69 51.36 -40.61
CA THR B 126 1.71 52.25 -40.05
C THR B 126 3.12 51.94 -40.58
N ILE B 127 3.24 51.09 -41.59
CA ILE B 127 4.52 50.78 -42.22
C ILE B 127 4.55 51.37 -43.62
N GLU B 128 5.67 51.99 -43.96
CA GLU B 128 5.88 52.52 -45.30
C GLU B 128 6.22 51.38 -46.26
N GLU B 129 5.76 51.51 -47.50
CA GLU B 129 6.04 50.48 -48.47
C GLU B 129 7.52 50.50 -48.82
N GLY B 130 8.13 49.31 -48.92
CA GLY B 130 9.57 49.22 -49.05
C GLY B 130 10.31 48.89 -47.77
N THR B 131 9.63 48.89 -46.63
CA THR B 131 10.31 48.62 -45.36
C THR B 131 10.68 47.15 -45.24
N GLU B 132 11.90 46.90 -44.75
CA GLU B 132 12.35 45.54 -44.49
C GLU B 132 11.84 45.08 -43.12
N VAL B 133 11.18 43.91 -43.10
CA VAL B 133 10.56 43.41 -41.88
C VAL B 133 11.06 42.02 -41.58
N SER B 134 11.14 41.71 -40.28
CA SER B 134 11.32 40.36 -39.78
C SER B 134 10.18 40.10 -38.79
N ALA B 135 10.09 38.85 -38.34
CA ALA B 135 9.02 38.46 -37.42
C ALA B 135 8.94 39.40 -36.23
N GLY B 136 7.72 39.81 -35.89
CA GLY B 136 7.46 40.65 -34.74
C GLY B 136 7.18 42.11 -35.05
N ASP B 137 7.46 42.56 -36.28
CA ASP B 137 7.30 43.97 -36.62
C ASP B 137 5.83 44.35 -36.76
N ILE B 138 5.45 45.45 -36.11
CA ILE B 138 4.08 45.97 -36.22
C ILE B 138 3.92 46.58 -37.60
N ILE B 139 2.93 46.11 -38.36
CA ILE B 139 2.65 46.68 -39.67
C ILE B 139 1.42 47.58 -39.66
N GLY B 140 0.76 47.71 -38.52
CA GLY B 140 -0.47 48.47 -38.43
C GLY B 140 -1.25 47.99 -37.24
N TYR B 141 -2.41 48.64 -37.03
CA TYR B 141 -3.18 48.34 -35.84
C TYR B 141 -4.66 48.49 -36.12
N VAL B 142 -5.46 47.89 -35.24
CA VAL B 142 -6.90 48.09 -35.19
C VAL B 142 -7.27 48.42 -33.75
N ASP B 143 -8.14 49.40 -33.57
CA ASP B 143 -8.61 49.76 -32.23
C ASP B 143 -9.71 48.77 -31.88
N GLU B 144 -9.28 47.61 -31.37
CA GLU B 144 -10.21 46.52 -31.10
C GLU B 144 -11.23 46.92 -30.05
N THR B 145 -10.79 47.58 -28.98
CA THR B 145 -11.68 48.20 -28.01
C THR B 145 -11.32 49.66 -27.86
N LYS B 146 -12.15 50.38 -27.10
CA LYS B 146 -11.82 51.76 -26.75
C LYS B 146 -10.50 51.84 -26.01
N ILE B 147 -10.17 50.78 -25.27
CA ILE B 147 -9.01 50.76 -24.38
C ILE B 147 -7.76 50.29 -25.12
N ILE B 148 -7.89 49.17 -25.82
CA ILE B 148 -6.74 48.36 -26.24
C ILE B 148 -6.56 48.47 -27.74
N GLN B 149 -5.32 48.69 -28.14
CA GLN B 149 -4.93 48.75 -29.55
C GLN B 149 -4.40 47.37 -29.94
N HIS B 150 -5.12 46.69 -30.83
CA HIS B 150 -4.67 45.40 -31.33
C HIS B 150 -3.65 45.62 -32.44
N LYS B 151 -2.40 45.27 -32.17
CA LYS B 151 -1.29 45.58 -33.07
C LYS B 151 -1.05 44.40 -34.00
N ILE B 152 -1.31 44.61 -35.29
CA ILE B 152 -1.11 43.56 -36.28
C ILE B 152 0.39 43.40 -36.52
N MET B 153 0.93 42.24 -36.16
CA MET B 153 2.34 41.95 -36.29
C MET B 153 2.58 40.96 -37.42
N VAL B 154 3.77 41.02 -38.00
CA VAL B 154 4.18 40.03 -39.00
C VAL B 154 4.46 38.69 -38.32
N PRO B 155 3.92 37.59 -38.84
CA PRO B 155 4.05 36.30 -38.15
C PRO B 155 5.49 35.81 -38.10
N ASN B 156 5.72 34.90 -37.16
CA ASN B 156 7.01 34.25 -37.06
C ASN B 156 7.28 33.42 -38.31
N GLY B 157 8.56 33.22 -38.60
CA GLY B 157 8.95 32.51 -39.79
C GLY B 157 8.79 33.28 -41.08
N ILE B 158 8.39 34.54 -41.02
CA ILE B 158 8.26 35.40 -42.20
C ILE B 158 9.24 36.56 -42.07
N LYS B 159 10.01 36.79 -43.14
CA LYS B 159 10.97 37.88 -43.25
C LYS B 159 10.85 38.44 -44.65
N GLY B 160 11.12 39.73 -44.81
CA GLY B 160 11.15 40.22 -46.18
C GLY B 160 10.89 41.71 -46.25
N THR B 161 10.39 42.13 -47.39
CA THR B 161 10.05 43.52 -47.66
C THR B 161 8.56 43.65 -47.91
N VAL B 162 7.96 44.67 -47.31
CA VAL B 162 6.56 44.97 -47.62
C VAL B 162 6.49 45.50 -49.04
N GLN B 163 5.72 44.82 -49.88
CA GLN B 163 5.59 45.24 -51.27
C GLN B 163 4.45 46.26 -51.42
N LYS B 164 3.27 45.92 -50.92
CA LYS B 164 2.14 46.83 -50.87
C LYS B 164 1.42 46.67 -49.53
N ILE B 165 1.01 47.80 -48.96
CA ILE B 165 0.17 47.81 -47.77
C ILE B 165 -0.56 49.14 -47.73
N GLU B 166 -1.85 49.08 -47.43
CA GLU B 166 -2.67 50.28 -47.39
C GLU B 166 -3.75 50.08 -46.34
N SER B 167 -4.08 51.16 -45.63
CA SER B 167 -5.16 51.12 -44.65
C SER B 167 -6.46 50.71 -45.35
N GLY B 168 -7.36 50.10 -44.59
CA GLY B 168 -8.59 49.63 -45.17
C GLY B 168 -9.48 48.86 -44.22
N SER B 169 -10.75 48.67 -44.57
CA SER B 169 -11.66 47.89 -43.75
C SER B 169 -11.67 46.46 -44.29
N PHE B 170 -11.39 45.50 -43.41
CA PHE B 170 -11.19 44.13 -43.83
C PHE B 170 -11.81 43.16 -42.83
N THR B 171 -11.76 41.89 -43.18
CA THR B 171 -11.96 40.79 -42.25
C THR B 171 -10.60 40.28 -41.79
N ILE B 172 -10.62 39.40 -40.78
CA ILE B 172 -9.39 38.74 -40.37
C ILE B 172 -8.97 37.66 -41.37
N ASP B 173 -9.82 37.36 -42.35
CA ASP B 173 -9.47 36.44 -43.43
C ASP B 173 -9.00 37.17 -44.67
N ASP B 174 -9.40 38.43 -44.84
CA ASP B 174 -8.97 39.18 -46.01
C ASP B 174 -7.50 39.59 -45.87
N PRO B 175 -6.76 39.63 -46.98
CA PRO B 175 -5.35 40.04 -46.91
C PRO B 175 -5.21 41.55 -46.79
N ILE B 176 -4.48 41.98 -45.76
CA ILE B 176 -4.28 43.41 -45.49
C ILE B 176 -2.89 43.89 -45.89
N CYS B 177 -1.97 42.97 -46.20
CA CYS B 177 -0.59 43.35 -46.49
C CYS B 177 0.03 42.26 -47.34
N VAL B 178 1.08 42.64 -48.08
CA VAL B 178 1.79 41.74 -48.98
C VAL B 178 3.27 41.82 -48.67
N ILE B 179 3.89 40.68 -48.40
CA ILE B 179 5.31 40.61 -48.07
C ILE B 179 6.01 39.77 -49.13
N GLU B 180 6.98 40.36 -49.83
CA GLU B 180 7.79 39.61 -50.78
C GLU B 180 8.98 39.01 -50.03
N THR B 181 8.82 37.77 -49.57
CA THR B 181 9.90 37.11 -48.88
C THR B 181 10.86 36.47 -49.88
N GLU B 182 11.99 35.97 -49.36
CA GLU B 182 13.01 35.33 -50.20
C GLU B 182 12.40 34.23 -51.06
N GLN B 183 11.39 33.53 -50.54
CA GLN B 183 10.77 32.44 -51.27
C GLN B 183 9.74 32.94 -52.28
N GLY B 184 9.13 34.09 -52.01
CA GLY B 184 8.12 34.64 -52.89
C GLY B 184 7.39 35.76 -52.20
N LEU B 185 6.25 36.15 -52.75
CA LEU B 185 5.37 37.10 -52.09
C LEU B 185 4.16 36.35 -51.55
N LYS B 186 3.82 36.59 -50.29
CA LYS B 186 2.66 35.97 -49.68
C LYS B 186 1.98 37.03 -48.83
N GLU B 187 0.67 37.19 -49.01
CA GLU B 187 -0.04 38.22 -48.28
C GLU B 187 -0.14 37.88 -46.80
N LEU B 188 -0.33 38.92 -45.99
CA LEU B 188 -0.57 38.79 -44.57
C LEU B 188 -2.03 39.07 -44.27
N THR B 189 -2.58 38.34 -43.31
CA THR B 189 -3.90 38.59 -42.78
C THR B 189 -3.78 39.18 -41.38
N MET B 190 -4.92 39.57 -40.82
CA MET B 190 -4.93 40.13 -39.48
C MET B 190 -4.81 39.07 -38.39
N MET B 191 -4.83 37.79 -38.76
CA MET B 191 -4.80 36.70 -37.80
C MET B 191 -3.63 35.77 -38.08
N GLN B 192 -2.97 35.35 -37.01
CA GLN B 192 -1.96 34.32 -37.04
C GLN B 192 -2.34 33.21 -36.07
N LYS B 193 -1.99 31.98 -36.42
CA LYS B 193 -2.22 30.85 -35.53
C LYS B 193 -0.94 30.48 -34.83
N TRP B 194 -1.08 29.91 -33.64
CA TRP B 194 0.12 29.44 -32.92
C TRP B 194 -0.16 28.17 -32.12
N PRO B 195 0.76 27.21 -32.15
CA PRO B 195 0.56 25.98 -31.36
C PRO B 195 0.56 26.24 -29.86
N VAL B 196 -0.39 25.60 -29.18
CA VAL B 196 -0.69 25.92 -27.79
C VAL B 196 0.45 25.49 -26.87
N ARG B 197 1.02 24.32 -27.13
CA ARG B 197 2.02 23.72 -26.26
C ARG B 197 3.44 24.22 -26.52
N ARG B 198 3.64 25.05 -27.54
CA ARG B 198 4.97 25.59 -27.84
C ARG B 198 4.98 27.09 -27.52
N GLY B 199 5.90 27.49 -26.65
CA GLY B 199 6.01 28.90 -26.29
C GLY B 199 6.41 29.74 -27.48
N ARG B 200 5.94 31.00 -27.48
CA ARG B 200 6.21 31.88 -28.60
C ARG B 200 7.63 32.45 -28.53
N PRO B 201 8.32 32.57 -29.66
CA PRO B 201 9.72 33.00 -29.63
C PRO B 201 9.87 34.44 -29.17
N ILE B 202 10.94 34.70 -28.41
CA ILE B 202 11.23 36.04 -27.90
C ILE B 202 12.66 36.40 -28.29
N LYS B 203 12.93 37.70 -28.31
CA LYS B 203 14.30 38.17 -28.46
C LYS B 203 15.14 37.77 -27.25
N GLN B 204 14.68 38.11 -26.05
CA GLN B 204 15.50 37.79 -24.89
C GLN B 204 14.63 37.76 -23.64
N LYS B 205 14.97 36.91 -22.68
CA LYS B 205 14.24 36.85 -21.43
C LYS B 205 14.99 37.65 -20.38
N LEU B 206 14.25 38.39 -19.56
CA LEU B 206 14.77 39.36 -18.63
C LEU B 206 14.36 39.00 -17.21
N ASN B 207 14.94 39.70 -16.25
CA ASN B 207 14.47 39.46 -14.89
C ASN B 207 13.30 40.38 -14.58
N PRO B 208 12.25 39.87 -13.95
CA PRO B 208 11.16 40.74 -13.52
C PRO B 208 11.52 41.47 -12.24
N ASP B 209 12.00 42.71 -12.38
CA ASP B 209 12.45 43.50 -11.24
C ASP B 209 11.53 44.68 -10.92
N VAL B 210 10.62 45.05 -11.81
CA VAL B 210 9.67 46.13 -11.54
C VAL B 210 8.46 45.53 -10.84
N PRO B 211 8.09 46.03 -9.66
CA PRO B 211 6.92 45.48 -8.97
C PRO B 211 5.62 45.93 -9.63
N MET B 212 4.67 45.01 -9.66
CA MET B 212 3.34 45.28 -10.16
C MET B 212 2.47 45.84 -9.05
N ILE B 213 1.65 46.84 -9.37
CA ILE B 213 0.84 47.54 -8.39
C ILE B 213 -0.49 46.78 -8.27
N THR B 214 -0.57 45.90 -7.27
CA THR B 214 -1.82 45.18 -7.05
C THR B 214 -2.87 46.06 -6.39
N GLY B 215 -2.45 47.04 -5.61
CA GLY B 215 -3.38 47.73 -4.75
C GLY B 215 -3.84 46.91 -3.58
N GLN B 216 -3.26 45.72 -3.39
CA GLN B 216 -3.53 44.87 -2.24
C GLN B 216 -2.38 45.05 -1.27
N ARG B 217 -2.69 45.61 -0.10
CA ARG B 217 -1.64 46.07 0.81
C ARG B 217 -0.74 44.93 1.26
N VAL B 218 -1.34 43.82 1.72
CA VAL B 218 -0.58 42.65 2.14
C VAL B 218 0.47 42.29 1.10
N ILE B 219 0.01 42.01 -0.13
CA ILE B 219 0.86 41.61 -1.24
C ILE B 219 1.93 42.67 -1.49
N ASP B 220 1.51 43.85 -1.96
CA ASP B 220 2.44 44.84 -2.48
C ASP B 220 3.49 45.25 -1.46
N THR B 221 3.24 45.11 -0.16
CA THR B 221 4.27 45.49 0.80
C THR B 221 5.09 44.32 1.31
N PHE B 222 4.47 43.17 1.60
CA PHE B 222 5.20 42.08 2.22
C PHE B 222 5.53 40.95 1.25
N PHE B 223 4.62 40.63 0.33
CA PHE B 223 4.80 39.49 -0.57
C PHE B 223 4.46 39.91 -2.00
N PRO B 224 5.14 40.92 -2.54
CA PRO B 224 4.74 41.47 -3.84
C PRO B 224 5.26 40.62 -4.99
N VAL B 225 4.52 40.66 -6.09
CA VAL B 225 4.87 39.94 -7.30
C VAL B 225 5.26 40.95 -8.38
N THR B 226 6.38 40.69 -9.04
CA THR B 226 6.89 41.58 -10.07
C THR B 226 6.21 41.33 -11.40
N LYS B 227 6.33 42.31 -12.30
CA LYS B 227 5.84 42.15 -13.67
C LYS B 227 6.72 41.16 -14.39
N GLY B 228 6.22 39.94 -14.54
CA GLY B 228 6.99 38.81 -15.04
C GLY B 228 7.18 37.71 -14.03
N GLY B 229 6.89 37.96 -12.76
CA GLY B 229 7.04 36.94 -11.73
C GLY B 229 5.88 35.95 -11.73
N ALA B 230 5.90 35.08 -10.73
CA ALA B 230 4.86 34.06 -10.62
C ALA B 230 4.48 33.90 -9.17
N ALA B 231 3.17 33.91 -8.90
CA ALA B 231 2.64 33.82 -7.53
C ALA B 231 1.66 32.66 -7.45
N ALA B 232 1.95 31.72 -6.55
CA ALA B 232 1.04 30.65 -6.20
C ALA B 232 0.13 31.12 -5.07
N VAL B 233 -1.16 30.80 -5.19
CA VAL B 233 -2.15 31.18 -4.18
C VAL B 233 -2.68 29.87 -3.60
N PRO B 234 -2.01 29.29 -2.60
CA PRO B 234 -2.48 28.03 -2.01
C PRO B 234 -3.31 28.24 -0.76
N GLY B 235 -4.54 27.74 -0.77
CA GLY B 235 -5.42 27.91 0.36
C GLY B 235 -6.61 26.98 0.36
N PRO B 236 -7.25 26.85 1.51
CA PRO B 236 -8.48 26.07 1.61
C PRO B 236 -9.66 26.85 1.03
N PHE B 237 -10.82 26.19 1.01
CA PHE B 237 -12.02 26.79 0.45
C PHE B 237 -12.48 27.99 1.27
N GLY B 238 -13.05 28.98 0.58
CA GLY B 238 -13.57 30.18 1.21
C GLY B 238 -12.55 31.17 1.70
N ALA B 239 -11.26 30.85 1.62
CA ALA B 239 -10.24 31.77 2.10
C ALA B 239 -10.06 32.96 1.16
N GLY B 240 -10.37 32.78 -0.11
CA GLY B 240 -10.12 33.76 -1.14
C GLY B 240 -9.76 33.04 -2.43
N LYS B 241 -8.73 33.54 -3.12
CA LYS B 241 -8.12 32.78 -4.21
C LYS B 241 -9.08 32.66 -5.39
N THR B 242 -10.33 33.09 -5.22
CA THR B 242 -11.19 33.52 -6.31
C THR B 242 -11.48 35.01 -6.24
N VAL B 243 -11.51 35.58 -5.04
CA VAL B 243 -11.53 37.02 -4.86
C VAL B 243 -10.15 37.62 -5.11
N VAL B 244 -9.07 36.90 -4.77
CA VAL B 244 -7.73 37.43 -5.02
C VAL B 244 -7.44 37.45 -6.52
N GLN B 245 -7.81 36.37 -7.23
CA GLN B 245 -7.78 36.37 -8.69
C GLN B 245 -8.51 37.59 -9.24
N HIS B 246 -9.76 37.76 -8.83
CA HIS B 246 -10.59 38.87 -9.28
C HIS B 246 -9.94 40.21 -8.98
N GLN B 247 -9.41 40.34 -7.76
CA GLN B 247 -8.90 41.60 -7.25
C GLN B 247 -7.70 42.05 -8.06
N ILE B 248 -6.79 41.10 -8.33
CA ILE B 248 -5.63 41.41 -9.16
C ILE B 248 -6.07 41.68 -10.60
N ALA B 249 -7.05 40.93 -11.10
CA ALA B 249 -7.55 41.19 -12.44
C ALA B 249 -8.16 42.59 -12.55
N LYS B 250 -8.75 43.09 -11.47
CA LYS B 250 -9.38 44.41 -11.52
C LYS B 250 -8.35 45.52 -11.45
N TRP B 251 -7.54 45.56 -10.38
CA TRP B 251 -6.78 46.76 -10.04
C TRP B 251 -5.32 46.72 -10.46
N SER B 252 -4.82 45.60 -11.01
CA SER B 252 -3.41 45.51 -11.34
C SER B 252 -3.06 46.45 -12.48
N ASP B 253 -1.87 47.06 -12.39
CA ASP B 253 -1.40 48.02 -13.39
C ASP B 253 -0.86 47.28 -14.63
N VAL B 254 -1.73 46.48 -15.23
CA VAL B 254 -1.37 45.61 -16.33
C VAL B 254 -2.38 45.83 -17.46
N ASP B 255 -1.89 45.83 -18.71
CA ASP B 255 -2.77 46.15 -19.83
C ASP B 255 -3.88 45.12 -19.99
N LEU B 256 -3.51 43.84 -20.08
CA LEU B 256 -4.47 42.81 -20.44
C LEU B 256 -4.50 41.73 -19.38
N VAL B 257 -5.66 41.07 -19.27
CA VAL B 257 -5.87 40.00 -18.31
C VAL B 257 -6.47 38.79 -19.02
N VAL B 258 -5.83 37.64 -18.87
CA VAL B 258 -6.33 36.37 -19.37
C VAL B 258 -6.77 35.55 -18.17
N TYR B 259 -8.07 35.38 -18.00
CA TYR B 259 -8.61 34.61 -16.90
C TYR B 259 -8.93 33.20 -17.37
N VAL B 260 -8.29 32.22 -16.75
CA VAL B 260 -8.40 30.82 -17.15
C VAL B 260 -9.11 30.05 -16.04
N GLY B 261 -10.28 29.50 -16.37
CA GLY B 261 -11.01 28.65 -15.47
C GLY B 261 -10.67 27.20 -15.73
N CYS B 262 -9.92 26.61 -14.82
CA CYS B 262 -9.41 25.25 -14.99
C CYS B 262 -10.47 24.31 -14.43
N GLY B 263 -11.26 23.71 -15.33
CA GLY B 263 -12.29 22.75 -14.97
C GLY B 263 -12.76 22.83 -13.53
N GLU B 264 -13.44 23.90 -13.18
CA GLU B 264 -13.92 24.09 -11.81
C GLU B 264 -15.37 23.62 -11.77
N ARG B 265 -15.98 23.69 -10.59
CA ARG B 265 -17.38 23.33 -10.46
C ARG B 265 -18.24 24.31 -11.23
N GLY B 266 -19.41 23.84 -11.68
CA GLY B 266 -20.24 24.65 -12.56
C GLY B 266 -20.56 26.01 -11.98
N ASN B 267 -20.94 26.05 -10.70
CA ASN B 267 -21.37 27.30 -10.08
C ASN B 267 -20.19 28.25 -9.84
N GLU B 268 -19.01 27.70 -9.51
CA GLU B 268 -17.83 28.54 -9.40
C GLU B 268 -17.52 29.25 -10.72
N MET B 269 -17.87 28.63 -11.85
CA MET B 269 -17.73 29.30 -13.13
C MET B 269 -18.89 30.27 -13.41
N THR B 270 -20.10 29.92 -13.00
CA THR B 270 -21.23 30.82 -13.20
C THR B 270 -20.98 32.17 -12.53
N ASP B 271 -20.43 32.14 -11.31
CA ASP B 271 -20.04 33.37 -10.65
C ASP B 271 -19.20 34.25 -11.56
N VAL B 272 -18.01 33.78 -11.93
CA VAL B 272 -17.09 34.61 -12.71
C VAL B 272 -17.74 35.04 -14.02
N VAL B 273 -18.47 34.12 -14.67
CA VAL B 273 -19.12 34.41 -15.95
C VAL B 273 -20.00 35.64 -15.83
N ASN B 274 -20.75 35.76 -14.74
CA ASN B 274 -21.57 36.96 -14.58
C ASN B 274 -20.83 38.13 -13.93
N GLU B 275 -19.88 37.88 -13.04
CA GLU B 275 -19.34 38.95 -12.21
C GLU B 275 -18.28 39.78 -12.91
N PHE B 276 -17.52 39.20 -13.84
CA PHE B 276 -16.50 40.01 -14.52
C PHE B 276 -17.05 41.21 -15.30
N PRO B 277 -18.14 41.10 -16.09
CA PRO B 277 -18.58 42.27 -16.87
C PRO B 277 -18.92 43.50 -16.03
N GLU B 278 -19.44 43.32 -14.81
CA GLU B 278 -19.77 44.47 -13.97
C GLU B 278 -18.61 44.87 -13.04
N LEU B 279 -17.39 44.42 -13.33
CA LEU B 279 -16.22 44.85 -12.59
C LEU B 279 -15.46 45.93 -13.36
N ILE B 280 -16.18 47.00 -13.68
CA ILE B 280 -15.62 48.13 -14.41
C ILE B 280 -14.75 48.94 -13.45
N ASP B 281 -13.43 48.82 -13.58
CA ASP B 281 -12.68 49.69 -12.69
C ASP B 281 -12.59 51.10 -13.29
N PRO B 282 -12.58 52.13 -12.43
CA PRO B 282 -12.59 53.51 -12.93
C PRO B 282 -11.23 54.08 -13.26
N ASN B 283 -10.17 53.26 -13.33
CA ASN B 283 -8.88 53.81 -13.76
C ASN B 283 -8.95 54.27 -15.21
N THR B 284 -9.60 53.47 -16.07
CA THR B 284 -9.91 53.89 -17.44
C THR B 284 -11.39 54.19 -17.64
N GLY B 285 -12.27 53.63 -16.80
CA GLY B 285 -13.69 53.88 -16.92
C GLY B 285 -14.44 52.95 -17.86
N GLU B 286 -13.79 51.93 -18.40
CA GLU B 286 -14.45 50.93 -19.21
C GLU B 286 -14.37 49.57 -18.52
N SER B 287 -15.24 48.66 -18.98
CA SER B 287 -15.47 47.39 -18.28
C SER B 287 -14.21 46.53 -18.26
N LEU B 288 -14.16 45.62 -17.28
CA LEU B 288 -13.04 44.69 -17.19
C LEU B 288 -13.03 43.73 -18.36
N MET B 289 -14.21 43.27 -18.80
CA MET B 289 -14.29 42.40 -19.95
C MET B 289 -13.68 43.05 -21.20
N GLU B 290 -13.68 44.39 -21.24
CA GLU B 290 -13.09 45.13 -22.35
C GLU B 290 -11.59 44.90 -22.49
N ARG B 291 -10.94 44.33 -21.45
CA ARG B 291 -9.51 44.06 -21.47
C ARG B 291 -9.20 42.61 -21.08
N THR B 292 -10.17 41.72 -21.22
CA THR B 292 -10.05 40.36 -20.72
C THR B 292 -10.26 39.36 -21.85
N VAL B 293 -9.48 38.29 -21.83
CA VAL B 293 -9.81 37.06 -22.56
C VAL B 293 -10.10 35.99 -21.53
N LEU B 294 -11.27 35.36 -21.64
CA LEU B 294 -11.74 34.42 -20.63
C LEU B 294 -11.85 33.03 -21.24
N ILE B 295 -11.13 32.08 -20.64
CA ILE B 295 -11.27 30.67 -20.98
C ILE B 295 -12.09 30.03 -19.87
N ALA B 296 -13.22 29.42 -20.22
CA ALA B 296 -14.14 28.85 -19.24
C ALA B 296 -14.24 27.34 -19.43
N ASN B 297 -13.98 26.60 -18.36
CA ASN B 297 -14.14 25.15 -18.35
C ASN B 297 -14.80 24.73 -17.05
N THR B 298 -15.78 23.85 -17.14
CA THR B 298 -16.48 23.33 -15.97
C THR B 298 -16.00 21.92 -15.66
N SER B 299 -16.47 21.41 -14.52
CA SER B 299 -16.00 20.11 -14.02
C SER B 299 -16.37 18.98 -14.98
N ASN B 300 -17.53 19.08 -15.63
CA ASN B 300 -18.02 18.02 -16.50
C ASN B 300 -17.57 18.16 -17.95
N MET B 301 -16.83 19.22 -18.28
CA MET B 301 -16.45 19.46 -19.66
C MET B 301 -15.33 18.52 -20.08
N PRO B 302 -15.07 18.40 -21.39
CA PRO B 302 -14.05 17.46 -21.86
C PRO B 302 -12.72 17.61 -21.13
N VAL B 303 -12.13 16.45 -20.80
CA VAL B 303 -10.92 16.44 -19.97
C VAL B 303 -9.76 17.10 -20.70
N ALA B 304 -9.64 16.84 -22.00
CA ALA B 304 -8.54 17.43 -22.76
C ALA B 304 -8.65 18.95 -22.80
N ALA B 305 -9.88 19.47 -22.85
CA ALA B 305 -10.06 20.91 -22.81
C ALA B 305 -9.60 21.49 -21.48
N ARG B 306 -9.97 20.85 -20.38
CA ARG B 306 -9.54 21.32 -19.06
C ARG B 306 -8.01 21.27 -18.95
N GLU B 307 -7.39 20.22 -19.48
CA GLU B 307 -5.94 20.11 -19.40
C GLU B 307 -5.27 21.18 -20.26
N ALA B 308 -5.81 21.47 -21.44
CA ALA B 308 -5.18 22.42 -22.34
C ALA B 308 -5.46 23.87 -21.95
N SER B 309 -6.48 24.10 -21.12
CA SER B 309 -6.93 25.44 -20.77
C SER B 309 -5.80 26.44 -20.46
N ILE B 310 -4.93 26.10 -19.51
CA ILE B 310 -3.90 27.05 -19.12
C ILE B 310 -2.91 27.29 -20.25
N TYR B 311 -2.65 26.27 -21.08
CA TYR B 311 -1.71 26.46 -22.18
C TYR B 311 -2.32 27.36 -23.26
N THR B 312 -3.59 27.16 -23.57
CA THR B 312 -4.29 28.07 -24.48
C THR B 312 -4.23 29.50 -23.95
N GLY B 313 -4.51 29.66 -22.66
CA GLY B 313 -4.49 30.98 -22.06
C GLY B 313 -3.12 31.64 -22.13
N ILE B 314 -2.07 30.89 -21.79
CA ILE B 314 -0.74 31.49 -21.80
C ILE B 314 -0.27 31.76 -23.21
N THR B 315 -0.76 30.99 -24.20
CA THR B 315 -0.47 31.34 -25.58
C THR B 315 -1.05 32.70 -25.92
N ILE B 316 -2.30 32.95 -25.52
CA ILE B 316 -2.90 34.27 -25.76
C ILE B 316 -2.11 35.36 -25.02
N ALA B 317 -1.72 35.09 -23.78
CA ALA B 317 -0.93 36.06 -23.02
C ALA B 317 0.38 36.39 -23.72
N GLU B 318 1.04 35.37 -24.26
CA GLU B 318 2.27 35.58 -25.03
C GLU B 318 2.00 36.42 -26.27
N TYR B 319 0.92 36.11 -26.98
CA TYR B 319 0.57 36.86 -28.18
C TYR B 319 0.37 38.33 -27.87
N PHE B 320 -0.17 38.65 -26.69
CA PHE B 320 -0.38 40.06 -26.38
C PHE B 320 0.88 40.74 -25.84
N ARG B 321 1.69 40.04 -25.06
CA ARG B 321 2.95 40.67 -24.64
C ARG B 321 3.95 40.77 -25.79
N ASP B 322 3.72 40.07 -26.91
CA ASP B 322 4.55 40.23 -28.09
C ASP B 322 4.38 41.59 -28.74
N MET B 323 3.30 42.29 -28.43
CA MET B 323 3.08 43.66 -28.89
C MET B 323 3.65 44.71 -27.95
N GLY B 324 4.36 44.28 -26.90
CA GLY B 324 4.86 45.18 -25.89
C GLY B 324 3.94 45.39 -24.72
N TYR B 325 2.80 44.69 -24.67
CA TYR B 325 1.86 44.86 -23.59
C TYR B 325 2.31 44.09 -22.34
N ASP B 326 1.81 44.53 -21.20
CA ASP B 326 1.91 43.77 -19.96
C ASP B 326 0.65 42.94 -19.82
N VAL B 327 0.80 41.66 -19.49
CA VAL B 327 -0.31 40.74 -19.40
C VAL B 327 -0.26 40.04 -18.05
N ALA B 328 -1.44 39.78 -17.49
CA ALA B 328 -1.58 39.02 -16.26
C ALA B 328 -2.51 37.84 -16.53
N ILE B 329 -2.03 36.64 -16.23
CA ILE B 329 -2.79 35.41 -16.48
C ILE B 329 -3.22 34.81 -15.14
N MET B 330 -4.51 34.49 -15.04
CA MET B 330 -5.13 34.01 -13.81
C MET B 330 -5.58 32.58 -13.98
N ALA B 331 -5.16 31.70 -13.08
CA ALA B 331 -5.53 30.30 -13.13
C ALA B 331 -6.29 29.93 -11.87
N ASP B 332 -7.56 29.56 -12.02
CA ASP B 332 -8.41 29.16 -10.91
C ASP B 332 -9.24 27.95 -11.36
N SER B 333 -8.78 26.75 -10.99
CA SER B 333 -7.57 26.57 -10.19
C SER B 333 -6.65 25.52 -10.81
N THR B 334 -5.33 25.70 -10.66
CA THR B 334 -4.38 24.78 -11.27
C THR B 334 -4.45 23.39 -10.69
N SER B 335 -5.07 23.21 -9.51
CA SER B 335 -5.27 21.86 -9.00
C SER B 335 -6.23 21.08 -9.90
N ARG B 336 -7.30 21.74 -10.37
CA ARG B 336 -8.19 21.08 -11.33
C ARG B 336 -7.46 20.76 -12.62
N TRP B 337 -6.57 21.65 -13.05
CA TRP B 337 -5.75 21.38 -14.23
C TRP B 337 -4.92 20.11 -14.04
N ALA B 338 -4.28 20.00 -12.88
CA ALA B 338 -3.46 18.82 -12.62
C ALA B 338 -4.30 17.57 -12.49
N GLU B 339 -5.54 17.69 -12.00
CA GLU B 339 -6.42 16.54 -11.95
C GLU B 339 -6.83 16.11 -13.35
N ALA B 340 -7.03 17.06 -14.26
CA ALA B 340 -7.26 16.71 -15.66
C ALA B 340 -6.04 16.00 -16.24
N LEU B 341 -4.85 16.53 -15.96
CA LEU B 341 -3.62 15.90 -16.41
C LEU B 341 -3.52 14.47 -15.90
N ARG B 342 -3.78 14.26 -14.62
CA ARG B 342 -3.72 12.93 -14.03
C ARG B 342 -4.75 12.01 -14.66
N GLU B 343 -5.94 12.53 -14.94
CA GLU B 343 -6.99 11.69 -15.53
C GLU B 343 -6.56 11.21 -16.92
N MET B 344 -6.05 12.11 -17.76
CA MET B 344 -5.61 11.68 -19.07
C MET B 344 -4.39 10.77 -19.01
N SER B 345 -3.52 10.97 -18.00
CA SER B 345 -2.38 10.07 -17.86
C SER B 345 -2.82 8.67 -17.48
N GLY B 346 -3.80 8.57 -16.59
CA GLY B 346 -4.32 7.26 -16.22
C GLY B 346 -5.05 6.57 -17.35
N ARG B 347 -5.87 7.33 -18.10
CA ARG B 347 -6.58 6.73 -19.23
C ARG B 347 -5.63 6.31 -20.33
N LEU B 348 -4.46 6.94 -20.44
CA LEU B 348 -3.40 6.49 -21.33
C LEU B 348 -2.64 5.30 -20.75
N GLU B 349 -3.02 4.83 -19.56
CA GLU B 349 -2.33 3.74 -18.87
C GLU B 349 -0.84 4.02 -18.73
N GLU B 350 -0.54 5.19 -18.18
CA GLU B 350 0.84 5.61 -17.95
C GLU B 350 1.30 5.22 -16.55
N MET B 351 2.60 5.33 -16.34
CA MET B 351 3.18 4.98 -15.04
C MET B 351 2.99 6.12 -14.06
N PRO B 352 2.37 5.87 -12.91
CA PRO B 352 2.12 6.96 -11.95
C PRO B 352 3.42 7.50 -11.36
N GLY B 353 3.32 8.73 -10.86
CA GLY B 353 4.43 9.34 -10.15
C GLY B 353 4.15 9.43 -8.66
N ASP B 354 3.62 10.57 -8.23
CA ASP B 354 3.19 10.77 -6.85
C ASP B 354 1.69 11.01 -6.85
N GLU B 355 0.99 10.38 -5.90
CA GLU B 355 -0.46 10.54 -5.77
C GLU B 355 -1.19 10.31 -7.08
N GLY B 356 -0.67 9.37 -7.89
CA GLY B 356 -1.23 9.10 -9.19
C GLY B 356 -0.97 10.15 -10.25
N TYR B 357 -0.41 11.29 -9.88
CA TYR B 357 -0.04 12.28 -10.87
C TYR B 357 1.05 11.73 -11.78
N PRO B 358 1.13 12.21 -13.03
CA PRO B 358 2.15 11.71 -13.94
C PRO B 358 3.54 12.05 -13.45
N ALA B 359 4.53 11.34 -14.00
CA ALA B 359 5.92 11.66 -13.69
C ALA B 359 6.34 13.01 -14.25
N TYR B 360 5.66 13.50 -15.29
CA TYR B 360 6.02 14.78 -15.89
C TYR B 360 5.28 15.96 -15.26
N LEU B 361 4.51 15.72 -14.20
CA LEU B 361 3.76 16.80 -13.56
C LEU B 361 4.66 17.99 -13.25
N GLY B 362 5.79 17.72 -12.60
CA GLY B 362 6.74 18.77 -12.27
C GLY B 362 7.25 19.50 -13.49
N SER B 363 7.73 18.74 -14.48
CA SER B 363 8.28 19.37 -15.68
C SER B 363 7.20 20.11 -16.46
N ARG B 364 5.97 19.59 -16.46
CA ARG B 364 4.87 20.29 -17.12
C ARG B 364 4.61 21.63 -16.46
N LEU B 365 4.61 21.64 -15.12
CA LEU B 365 4.41 22.88 -14.38
C LEU B 365 5.54 23.86 -14.65
N ALA B 366 6.78 23.36 -14.69
CA ALA B 366 7.91 24.23 -15.01
C ALA B 366 7.79 24.79 -16.41
N GLU B 367 7.39 23.96 -17.37
CA GLU B 367 7.19 24.43 -18.74
C GLU B 367 6.15 25.54 -18.79
N TYR B 368 5.08 25.42 -18.01
CA TYR B 368 4.07 26.48 -18.02
C TYR B 368 4.61 27.77 -17.40
N TYR B 369 5.16 27.68 -16.19
CA TYR B 369 5.55 28.90 -15.49
C TYR B 369 6.75 29.59 -16.11
N GLU B 370 7.62 28.85 -16.80
CA GLU B 370 8.77 29.48 -17.44
C GLU B 370 8.40 30.17 -18.75
N ARG B 371 7.18 29.94 -19.26
CA ARG B 371 6.70 30.70 -20.42
C ARG B 371 6.22 32.09 -20.05
N SER B 372 6.14 32.40 -18.75
CA SER B 372 5.85 33.74 -18.29
C SER B 372 7.16 34.51 -18.10
N GLY B 373 7.06 35.77 -17.69
CA GLY B 373 8.23 36.56 -17.38
C GLY B 373 8.31 37.83 -18.18
N ARG B 374 9.35 38.61 -17.86
CA ARG B 374 9.68 39.80 -18.62
C ARG B 374 10.49 39.40 -19.85
N VAL B 375 10.14 39.91 -21.01
CA VAL B 375 10.79 39.54 -22.26
C VAL B 375 10.99 40.78 -23.13
N ILE B 376 12.08 40.77 -23.87
CA ILE B 376 12.25 41.63 -25.04
C ILE B 376 11.65 40.88 -26.22
N ALA B 377 10.58 41.43 -26.78
CA ALA B 377 9.82 40.79 -27.83
C ALA B 377 10.57 40.87 -29.16
N LEU B 378 10.14 40.03 -30.10
CA LEU B 378 10.68 40.06 -31.44
C LEU B 378 10.27 41.35 -32.14
N GLY B 379 10.93 41.62 -33.26
CA GLY B 379 10.70 42.84 -33.99
C GLY B 379 11.91 43.77 -33.91
N SER B 380 11.94 44.72 -34.86
CA SER B 380 13.10 45.61 -34.96
C SER B 380 13.23 46.50 -33.73
N ASP B 381 12.15 47.14 -33.31
CA ASP B 381 12.23 48.07 -32.20
C ASP B 381 12.54 47.39 -30.88
N GLN B 382 12.40 46.06 -30.82
CA GLN B 382 12.68 45.28 -29.61
C GLN B 382 11.85 45.79 -28.43
N ARG B 383 10.54 45.65 -28.58
CA ARG B 383 9.58 46.02 -27.55
C ARG B 383 9.80 45.17 -26.30
N GLU B 384 9.25 45.64 -25.19
CA GLU B 384 9.34 44.92 -23.92
C GLU B 384 7.93 44.55 -23.46
N GLY B 385 7.73 43.26 -23.19
CA GLY B 385 6.47 42.78 -22.64
C GLY B 385 6.72 41.96 -21.39
N SER B 386 5.63 41.63 -20.71
CA SER B 386 5.73 40.81 -19.51
C SER B 386 4.46 39.99 -19.35
N ILE B 387 4.62 38.78 -18.83
CA ILE B 387 3.51 37.95 -18.38
C ILE B 387 3.69 37.69 -16.90
N THR B 388 2.68 38.05 -16.12
CA THR B 388 2.64 37.81 -14.68
C THR B 388 1.60 36.73 -14.41
N ALA B 389 2.03 35.61 -13.83
CA ALA B 389 1.17 34.46 -13.58
C ALA B 389 0.71 34.44 -12.14
N ILE B 390 -0.60 34.38 -11.94
CA ILE B 390 -1.22 34.24 -10.63
C ILE B 390 -2.05 32.97 -10.68
N SER B 391 -1.59 31.92 -10.02
CA SER B 391 -2.25 30.62 -10.11
C SER B 391 -2.80 30.21 -8.76
N ALA B 392 -4.11 30.00 -8.70
CA ALA B 392 -4.76 29.50 -7.51
C ALA B 392 -4.63 27.99 -7.45
N VAL B 393 -4.28 27.45 -6.29
CA VAL B 393 -4.28 26.00 -6.10
C VAL B 393 -5.22 25.67 -4.95
N SER B 394 -5.95 24.56 -5.09
CA SER B 394 -6.93 24.13 -4.11
C SER B 394 -6.53 22.75 -3.59
N PRO B 395 -5.50 22.67 -2.76
CA PRO B 395 -5.09 21.37 -2.21
C PRO B 395 -6.18 20.80 -1.33
N SER B 396 -6.63 19.59 -1.67
CA SER B 396 -7.71 18.96 -0.93
C SER B 396 -7.32 18.79 0.53
N GLY B 397 -8.03 19.52 1.41
CA GLY B 397 -7.70 19.50 2.82
C GLY B 397 -6.64 20.49 3.25
N GLY B 398 -6.27 21.44 2.38
CA GLY B 398 -5.31 22.46 2.74
C GLY B 398 -3.89 21.98 2.93
N ASP B 399 -3.55 20.78 2.48
CA ASP B 399 -2.22 20.22 2.69
C ASP B 399 -1.29 20.74 1.60
N ILE B 400 -0.41 21.69 1.94
CA ILE B 400 0.53 22.24 0.97
C ILE B 400 1.70 21.33 0.69
N SER B 401 1.77 20.15 1.32
CA SER B 401 2.80 19.17 1.00
C SER B 401 2.49 18.39 -0.28
N GLU B 402 1.24 18.47 -0.74
CA GLU B 402 0.66 17.81 -1.90
C GLU B 402 1.49 18.10 -3.15
N PRO B 403 1.56 17.17 -4.11
CA PRO B 403 2.49 17.36 -5.25
C PRO B 403 2.30 18.63 -6.04
N VAL B 404 1.06 19.06 -6.29
CA VAL B 404 0.84 20.21 -7.17
C VAL B 404 1.45 21.47 -6.56
N THR B 405 1.13 21.73 -5.30
CA THR B 405 1.64 22.94 -4.65
C THR B 405 3.14 22.89 -4.47
N GLN B 406 3.69 21.72 -4.11
CA GLN B 406 5.13 21.62 -3.92
C GLN B 406 5.88 21.81 -5.22
N ASN B 407 5.35 21.26 -6.32
CA ASN B 407 5.99 21.42 -7.61
C ASN B 407 5.86 22.86 -8.10
N THR B 408 4.73 23.50 -7.82
CA THR B 408 4.56 24.90 -8.19
C THR B 408 5.51 25.79 -7.40
N LEU B 409 5.52 25.63 -6.07
CA LEU B 409 6.41 26.38 -5.19
C LEU B 409 7.87 26.17 -5.56
N ARG B 410 8.17 25.15 -6.37
CA ARG B 410 9.54 24.91 -6.81
C ARG B 410 10.02 25.91 -7.84
N VAL B 411 9.13 26.68 -8.47
CA VAL B 411 9.53 27.44 -9.65
C VAL B 411 8.94 28.84 -9.73
N VAL B 412 8.18 29.28 -8.72
CA VAL B 412 7.34 30.47 -8.88
C VAL B 412 7.95 31.74 -8.28
N LYS B 413 8.55 31.67 -7.07
CA LYS B 413 9.14 32.82 -6.37
C LYS B 413 8.13 33.76 -5.69
N VAL B 414 6.81 33.50 -5.83
CA VAL B 414 5.88 34.18 -4.91
C VAL B 414 4.86 33.24 -4.28
N PHE B 415 4.69 33.31 -2.94
CA PHE B 415 3.77 32.38 -2.24
C PHE B 415 2.85 33.17 -1.30
N TRP B 416 1.58 33.30 -1.69
CA TRP B 416 0.56 33.90 -0.83
C TRP B 416 -0.30 32.77 -0.27
N GLY B 417 0.12 32.23 0.87
CA GLY B 417 -0.57 31.11 1.48
C GLY B 417 -1.82 31.50 2.25
N LEU B 418 -2.99 31.18 1.69
CA LEU B 418 -4.24 31.54 2.33
C LEU B 418 -4.52 30.65 3.53
N ASP B 419 -5.00 31.26 4.62
CA ASP B 419 -5.18 30.58 5.90
C ASP B 419 -6.64 30.64 6.29
N SER B 420 -7.28 29.47 6.39
CA SER B 420 -8.72 29.41 6.67
C SER B 420 -9.04 30.01 8.04
N SER B 421 -8.10 29.94 8.97
CA SER B 421 -8.30 30.51 10.30
C SER B 421 -8.51 32.03 10.23
N LEU B 422 -7.74 32.71 9.39
CA LEU B 422 -7.93 34.15 9.26
C LEU B 422 -9.26 34.46 8.59
N ALA B 423 -9.74 33.60 7.70
CA ALA B 423 -11.02 33.82 7.03
C ALA B 423 -12.18 33.67 8.01
N GLN B 424 -12.14 32.66 8.88
CA GLN B 424 -13.16 32.58 9.92
C GLN B 424 -13.08 33.78 10.86
N LYS B 425 -11.88 34.35 11.01
CA LYS B 425 -11.69 35.59 11.74
C LYS B 425 -12.09 36.80 10.91
N ARG B 426 -12.44 36.60 9.64
CA ARG B 426 -12.81 37.63 8.67
C ARG B 426 -11.66 38.55 8.32
N HIS B 427 -10.43 38.08 8.56
CA HIS B 427 -9.21 38.66 7.99
C HIS B 427 -9.06 38.12 6.57
N PHE B 428 -9.98 38.54 5.69
CA PHE B 428 -10.20 37.87 4.42
C PHE B 428 -9.12 38.04 3.36
N PRO B 429 -8.38 39.14 3.32
CA PRO B 429 -7.04 39.04 2.71
C PRO B 429 -6.23 38.07 3.55
N SER B 430 -6.75 36.84 3.67
CA SER B 430 -6.09 35.74 4.38
C SER B 430 -4.86 35.60 3.50
N ILE B 431 -3.72 36.07 3.99
CA ILE B 431 -2.44 35.74 3.39
C ILE B 431 -1.62 35.65 4.68
N ASN B 432 -1.22 34.43 5.06
CA ASN B 432 -0.58 34.28 6.38
C ASN B 432 0.78 34.97 6.34
N TRP B 433 0.92 36.04 7.11
CA TRP B 433 2.11 36.88 7.04
C TRP B 433 3.35 36.13 7.50
N ILE B 434 3.21 35.12 8.35
CA ILE B 434 4.38 34.40 8.83
C ILE B 434 4.85 33.37 7.81
N GLN B 435 3.93 32.63 7.21
CA GLN B 435 4.29 31.55 6.30
C GLN B 435 4.54 32.02 4.88
N SER B 436 3.80 33.02 4.41
CA SER B 436 3.94 33.49 3.04
C SER B 436 5.29 34.17 2.83
N TYR B 437 5.68 34.29 1.56
CA TYR B 437 6.97 34.88 1.24
C TYR B 437 6.97 35.35 -0.21
N SER B 438 7.99 36.17 -0.52
CA SER B 438 8.26 36.60 -1.88
C SER B 438 9.77 36.76 -2.02
N LEU B 439 10.37 36.02 -2.93
CA LEU B 439 11.80 36.17 -3.19
C LEU B 439 12.12 37.44 -3.95
N TYR B 440 11.11 38.17 -4.41
CA TYR B 440 11.31 39.47 -5.04
C TYR B 440 11.40 40.60 -4.01
N SER B 441 11.16 40.31 -2.73
CA SER B 441 10.91 41.37 -1.75
C SER B 441 12.09 42.33 -1.63
N THR B 442 13.32 41.81 -1.70
CA THR B 442 14.47 42.70 -1.56
C THR B 442 14.70 43.53 -2.82
N GLU B 443 14.55 42.93 -4.00
CA GLU B 443 14.72 43.69 -5.22
C GLU B 443 13.63 44.75 -5.36
N VAL B 444 12.37 44.40 -5.09
CA VAL B 444 11.32 45.39 -5.10
C VAL B 444 11.53 46.41 -3.98
N GLY B 445 12.19 46.02 -2.89
CA GLY B 445 12.51 46.99 -1.85
C GLY B 445 13.46 48.06 -2.36
N ARG B 446 14.51 47.65 -3.07
CA ARG B 446 15.40 48.63 -3.69
C ARG B 446 14.66 49.50 -4.71
N TYR B 447 13.82 48.87 -5.54
CA TYR B 447 13.03 49.61 -6.52
C TYR B 447 12.19 50.68 -5.84
N MET B 448 11.47 50.31 -4.79
CA MET B 448 10.56 51.23 -4.14
C MET B 448 11.31 52.28 -3.33
N ASP B 449 12.48 51.93 -2.79
CA ASP B 449 13.33 52.94 -2.17
C ASP B 449 13.71 54.02 -3.16
N GLN B 450 14.03 53.63 -4.41
CA GLN B 450 14.44 54.69 -5.34
C GLN B 450 13.25 55.47 -5.87
N ILE B 451 12.17 54.80 -6.31
CA ILE B 451 11.11 55.55 -6.96
C ILE B 451 10.17 56.23 -5.97
N LEU B 452 10.05 55.73 -4.74
CA LEU B 452 9.38 56.53 -3.71
C LEU B 452 10.33 57.53 -3.08
N GLN B 453 11.64 57.32 -3.21
CA GLN B 453 12.66 58.20 -2.65
C GLN B 453 12.47 58.32 -1.14
N GLN B 454 12.04 57.23 -0.51
CA GLN B 454 11.89 57.09 0.93
C GLN B 454 12.57 55.80 1.35
N ASP B 455 12.78 55.62 2.66
CA ASP B 455 13.33 54.36 3.17
C ASP B 455 12.17 53.40 3.48
N TRP B 456 11.58 52.91 2.38
CA TRP B 456 10.39 52.06 2.45
C TRP B 456 10.72 50.68 3.02
N SER B 457 11.80 50.07 2.53
CA SER B 457 12.10 48.69 2.90
C SER B 457 12.50 48.58 4.37
N ASP B 458 13.07 49.63 4.94
CA ASP B 458 13.28 49.66 6.38
C ASP B 458 11.97 49.48 7.12
N MET B 459 10.94 50.19 6.66
CA MET B 459 9.61 50.06 7.24
C MET B 459 9.05 48.65 7.06
N VAL B 460 9.29 48.04 5.89
CA VAL B 460 8.72 46.70 5.69
C VAL B 460 9.36 45.71 6.65
N THR B 461 10.68 45.82 6.86
CA THR B 461 11.34 44.93 7.81
C THR B 461 10.85 45.18 9.24
N GLU B 462 10.62 46.44 9.61
CA GLU B 462 10.11 46.73 10.96
C GLU B 462 8.71 46.15 11.18
N GLY B 463 7.83 46.31 10.19
CA GLY B 463 6.50 45.72 10.31
C GLY B 463 6.55 44.20 10.41
N MET B 464 7.34 43.56 9.55
CA MET B 464 7.49 42.12 9.65
C MET B 464 8.07 41.71 11.00
N ARG B 465 8.98 42.53 11.56
CA ARG B 465 9.58 42.21 12.84
C ARG B 465 8.54 42.25 13.96
N ILE B 466 7.66 43.25 13.96
CA ILE B 466 6.65 43.29 15.01
C ILE B 466 5.65 42.16 14.83
N LEU B 467 5.36 41.76 13.59
CA LEU B 467 4.45 40.62 13.38
C LEU B 467 5.06 39.32 13.87
N GLN B 468 6.35 39.11 13.59
CA GLN B 468 7.05 37.91 14.07
C GLN B 468 7.04 37.85 15.58
N GLU B 469 7.42 38.96 16.22
CA GLU B 469 7.40 39.02 17.68
C GLU B 469 5.99 38.86 18.22
N GLU B 470 4.99 39.34 17.50
CA GLU B 470 3.60 39.07 17.89
C GLU B 470 3.34 37.57 17.98
N GLU B 471 3.73 36.85 16.93
CA GLU B 471 3.55 35.40 16.94
C GLU B 471 4.18 34.77 18.17
N GLN B 472 5.40 35.20 18.50
CA GLN B 472 6.09 34.55 19.64
C GLN B 472 5.44 34.93 20.97
N LEU B 473 5.00 36.18 21.13
CA LEU B 473 4.44 36.63 22.40
C LEU B 473 3.01 36.14 22.63
N ASN B 474 2.29 35.79 21.57
CA ASN B 474 0.96 35.23 21.80
C ASN B 474 0.99 33.89 22.50
N GLU B 475 2.09 33.14 22.39
CA GLU B 475 2.21 31.86 23.09
C GLU B 475 2.36 32.07 24.60
N ILE B 476 3.22 33.00 25.02
CA ILE B 476 3.32 33.28 26.45
C ILE B 476 2.02 33.86 26.94
N VAL B 477 1.28 34.57 26.08
CA VAL B 477 -0.07 35.01 26.43
C VAL B 477 -0.99 33.83 26.70
N ARG B 478 -0.98 32.84 25.79
CA ARG B 478 -1.91 31.71 25.94
C ARG B 478 -1.60 30.90 27.20
N LEU B 479 -0.32 30.69 27.50
CA LEU B 479 -0.02 29.82 28.63
C LEU B 479 -0.02 30.55 29.98
N VAL B 480 0.56 31.75 30.07
CA VAL B 480 0.75 32.40 31.35
C VAL B 480 -0.02 33.71 31.47
N GLY B 481 -0.80 34.07 30.45
CA GLY B 481 -1.71 35.19 30.57
C GLY B 481 -1.13 36.49 30.04
N ILE B 482 -2.04 37.43 29.73
CA ILE B 482 -1.63 38.71 29.18
C ILE B 482 -0.89 39.55 30.23
N ASP B 483 -1.19 39.34 31.51
CA ASP B 483 -0.52 40.11 32.56
C ASP B 483 0.95 39.77 32.67
N SER B 484 1.37 38.61 32.14
CA SER B 484 2.76 38.22 32.22
C SER B 484 3.67 39.20 31.50
N LEU B 485 3.14 39.91 30.51
CA LEU B 485 3.97 40.57 29.51
C LEU B 485 4.52 41.90 30.02
N SER B 486 5.67 42.28 29.47
CA SER B 486 6.23 43.60 29.69
C SER B 486 5.24 44.66 29.25
N ASP B 487 5.49 45.89 29.71
CA ASP B 487 4.64 47.00 29.31
C ASP B 487 4.85 47.31 27.81
N ASN B 488 6.12 47.33 27.38
CA ASN B 488 6.43 47.44 25.96
C ASN B 488 6.09 46.19 25.18
N ASP B 489 6.04 45.02 25.83
CA ASP B 489 5.57 43.82 25.13
C ASP B 489 4.09 43.96 24.76
N ARG B 490 3.29 44.47 25.70
CA ARG B 490 1.89 44.75 25.39
C ARG B 490 1.77 45.83 24.32
N LEU B 491 2.67 46.83 24.35
CA LEU B 491 2.71 47.80 23.26
C LEU B 491 3.01 47.15 21.91
N THR B 492 4.00 46.25 21.89
CA THR B 492 4.35 45.56 20.65
C THR B 492 3.15 44.81 20.10
N LEU B 493 2.40 44.13 20.97
CA LEU B 493 1.20 43.44 20.48
C LEU B 493 0.17 44.43 19.95
N GLU B 494 -0.02 45.56 20.63
CA GLU B 494 -1.07 46.47 20.18
C GLU B 494 -0.72 47.13 18.86
N VAL B 495 0.57 47.41 18.62
CA VAL B 495 0.92 47.94 17.31
C VAL B 495 0.85 46.82 16.25
N ALA B 496 1.05 45.57 16.66
CA ALA B 496 0.82 44.47 15.73
C ALA B 496 -0.67 44.36 15.39
N LYS B 497 -1.54 44.55 16.37
CA LYS B 497 -2.98 44.54 16.09
C LYS B 497 -3.35 45.70 15.15
N SER B 498 -2.67 46.84 15.33
CA SER B 498 -2.83 47.95 14.40
C SER B 498 -2.48 47.54 12.97
N ILE B 499 -1.30 46.94 12.77
CA ILE B 499 -0.90 46.59 11.41
C ILE B 499 -1.83 45.53 10.81
N ARG B 500 -2.34 44.61 11.63
CA ARG B 500 -3.24 43.59 11.09
C ARG B 500 -4.59 44.17 10.70
N GLU B 501 -5.24 44.88 11.63
CA GLU B 501 -6.64 45.30 11.44
C GLU B 501 -6.76 46.58 10.62
N ASP B 502 -5.81 47.50 10.76
CA ASP B 502 -5.86 48.78 10.06
C ASP B 502 -5.19 48.73 8.70
N TYR B 503 -4.27 47.80 8.47
CA TYR B 503 -3.52 47.75 7.22
C TYR B 503 -3.61 46.42 6.49
N LEU B 504 -3.42 45.30 7.21
CA LEU B 504 -3.41 44.00 6.56
C LEU B 504 -4.79 43.62 6.04
N GLN B 505 -5.82 43.82 6.84
CA GLN B 505 -7.18 43.52 6.42
C GLN B 505 -7.65 44.55 5.40
N GLN B 506 -8.32 44.08 4.34
CA GLN B 506 -8.67 44.96 3.23
C GLN B 506 -9.89 44.39 2.51
N ASN B 507 -11.00 45.11 2.56
CA ASN B 507 -12.26 44.61 2.02
C ASN B 507 -12.29 44.73 0.50
N ALA B 508 -12.61 43.64 -0.17
CA ALA B 508 -12.66 43.60 -1.63
C ALA B 508 -13.84 44.37 -2.21
N PHE B 509 -14.87 44.63 -1.41
CA PHE B 509 -16.13 45.14 -1.91
C PHE B 509 -16.44 46.55 -1.43
N ASP B 510 -15.48 47.24 -0.83
CA ASP B 510 -15.63 48.66 -0.54
C ASP B 510 -14.81 49.45 -1.56
N ASP B 511 -15.41 50.54 -2.04
CA ASP B 511 -14.87 51.27 -3.19
C ASP B 511 -13.48 51.83 -2.92
N VAL B 512 -13.16 52.14 -1.66
CA VAL B 512 -11.90 52.80 -1.34
C VAL B 512 -10.90 51.79 -0.81
N ASP B 513 -11.38 50.78 -0.08
CA ASP B 513 -10.49 49.78 0.48
C ASP B 513 -10.06 48.74 -0.54
N THR B 514 -10.83 48.56 -1.62
CA THR B 514 -10.51 47.53 -2.61
C THR B 514 -9.19 47.80 -3.31
N PHE B 515 -8.75 49.05 -3.36
CA PHE B 515 -7.52 49.43 -4.04
C PHE B 515 -6.83 50.51 -3.23
N THR B 516 -5.55 50.28 -2.91
CA THR B 516 -4.76 51.24 -2.15
C THR B 516 -3.48 51.50 -2.94
N SER B 517 -3.34 52.71 -3.46
CA SER B 517 -2.22 53.04 -4.33
C SER B 517 -0.90 52.97 -3.56
N ARG B 518 0.20 53.00 -4.31
CA ARG B 518 1.54 52.98 -3.72
C ARG B 518 1.71 54.11 -2.71
N GLU B 519 1.38 55.34 -3.15
CA GLU B 519 1.45 56.51 -2.28
C GLU B 519 0.69 56.28 -0.98
N LYS B 520 -0.57 55.88 -1.11
CA LYS B 520 -1.41 55.64 0.05
C LYS B 520 -0.86 54.54 0.93
N GLN B 521 -0.37 53.46 0.32
CA GLN B 521 0.24 52.37 1.09
C GLN B 521 1.36 52.89 1.97
N PHE B 522 2.28 53.66 1.38
CA PHE B 522 3.40 54.20 2.14
C PHE B 522 2.92 55.01 3.32
N ASN B 523 1.98 55.93 3.09
CA ASN B 523 1.57 56.81 4.19
C ASN B 523 0.81 56.06 5.28
N MET B 524 -0.10 55.15 4.92
CA MET B 524 -0.82 54.39 5.93
C MET B 524 0.11 53.56 6.79
N LEU B 525 1.12 52.93 6.18
CA LEU B 525 2.08 52.20 7.00
C LEU B 525 2.89 53.15 7.89
N LYS B 526 3.27 54.30 7.33
CA LYS B 526 4.10 55.24 8.08
C LYS B 526 3.43 55.68 9.37
N VAL B 527 2.12 55.96 9.34
CA VAL B 527 1.50 56.47 10.56
C VAL B 527 1.47 55.40 11.66
N ILE B 528 1.22 54.14 11.28
CA ILE B 528 1.27 53.05 12.26
C ILE B 528 2.67 52.95 12.85
N LEU B 529 3.70 53.11 12.02
CA LEU B 529 5.06 52.96 12.52
C LEU B 529 5.47 54.14 13.39
N THR B 530 5.01 55.35 13.06
CA THR B 530 5.29 56.48 13.94
C THR B 530 4.62 56.32 15.29
N PHE B 531 3.42 55.74 15.32
CA PHE B 531 2.82 55.37 16.60
C PHE B 531 3.74 54.44 17.38
N GLY B 532 4.21 53.39 16.72
CA GLY B 532 5.14 52.46 17.35
C GLY B 532 6.37 53.16 17.90
N LYS B 533 6.89 54.14 17.16
CA LYS B 533 8.09 54.85 17.57
C LYS B 533 7.83 55.74 18.79
N GLU B 534 6.73 56.50 18.79
CA GLU B 534 6.52 57.49 19.84
C GLU B 534 6.19 56.83 21.17
N ALA B 535 5.38 55.76 21.15
CA ALA B 535 4.95 55.15 22.40
C ALA B 535 6.12 54.50 23.14
N ARG B 536 7.07 53.92 22.41
CA ARG B 536 8.22 53.33 23.06
C ARG B 536 9.04 54.39 23.79
N LYS B 537 9.16 55.57 23.20
CA LYS B 537 9.81 56.68 23.89
C LYS B 537 9.08 57.03 25.16
N ALA B 538 7.74 57.00 25.11
CA ALA B 538 6.96 57.20 26.33
C ALA B 538 7.37 56.21 27.42
N LEU B 539 7.46 54.92 27.08
CA LEU B 539 7.89 53.93 28.07
C LEU B 539 9.32 54.18 28.53
N SER B 540 10.19 54.64 27.63
CA SER B 540 11.56 54.96 28.02
C SER B 540 11.59 56.10 29.02
N LEU B 541 10.63 57.02 28.95
CA LEU B 541 10.55 58.10 29.91
C LEU B 541 9.88 57.66 31.22
N GLY B 542 8.95 56.71 31.14
CA GLY B 542 8.31 56.18 32.32
C GLY B 542 6.80 56.22 32.29
N ALA B 543 6.21 56.46 31.11
CA ALA B 543 4.77 56.41 30.97
C ALA B 543 4.32 54.97 30.76
N TYR B 544 3.08 54.69 31.16
CA TYR B 544 2.58 53.33 31.15
C TYR B 544 1.65 53.09 29.97
N PHE B 545 1.52 51.82 29.61
CA PHE B 545 0.83 51.44 28.38
C PHE B 545 -0.62 51.93 28.39
N ASN B 546 -1.35 51.64 29.47
CA ASN B 546 -2.71 52.15 29.61
C ASN B 546 -2.73 53.68 29.57
N GLU B 547 -1.79 54.34 30.24
CA GLU B 547 -1.67 55.79 30.15
C GLU B 547 -1.70 56.25 28.70
N ILE B 548 -1.04 55.49 27.82
CA ILE B 548 -0.99 55.82 26.40
C ILE B 548 -2.30 55.50 25.70
N MET B 549 -2.92 54.35 26.02
CA MET B 549 -4.06 53.90 25.25
C MET B 549 -5.30 54.76 25.51
N GLU B 550 -5.62 55.00 26.79
CA GLU B 550 -6.66 55.96 27.13
C GLU B 550 -6.52 57.27 26.36
N GLY B 551 -5.30 57.81 26.30
CA GLY B 551 -5.04 59.08 25.66
C GLY B 551 -4.85 59.05 24.15
N THR B 552 -4.77 57.87 23.56
CA THR B 552 -4.61 57.75 22.11
C THR B 552 -5.81 57.15 21.40
N VAL B 553 -6.89 56.86 22.13
CA VAL B 553 -8.14 56.40 21.51
C VAL B 553 -8.52 57.11 20.20
N ALA B 554 -8.47 58.46 20.19
CA ALA B 554 -8.98 59.23 19.05
C ALA B 554 -8.01 59.13 17.87
N VAL B 555 -6.73 59.38 18.11
CA VAL B 555 -5.75 59.34 17.05
C VAL B 555 -5.66 57.95 16.44
N ARG B 556 -5.88 56.92 17.27
CA ARG B 556 -5.81 55.55 16.80
C ARG B 556 -7.08 55.13 16.05
N GLU B 557 -8.22 55.75 16.35
CA GLU B 557 -9.35 55.60 15.45
C GLU B 557 -9.11 56.33 14.12
N ARG B 558 -8.31 57.40 14.13
CA ARG B 558 -7.96 58.02 12.85
C ARG B 558 -7.07 57.10 12.02
N ILE B 559 -6.14 56.38 12.67
CA ILE B 559 -5.36 55.42 11.88
C ILE B 559 -6.22 54.24 11.47
N SER B 560 -7.29 53.94 12.24
CA SER B 560 -8.18 52.85 11.85
C SER B 560 -8.89 53.14 10.54
N ARG B 561 -9.28 54.40 10.33
CA ARG B 561 -9.97 54.79 9.10
C ARG B 561 -9.03 55.22 8.00
N SER B 562 -7.73 54.96 8.14
CA SER B 562 -6.76 55.39 7.14
C SER B 562 -7.05 54.79 5.78
N LYS B 563 -7.50 53.52 5.75
CA LYS B 563 -7.76 52.84 4.49
C LYS B 563 -8.89 53.49 3.70
N TYR B 564 -9.74 54.28 4.34
CA TYR B 564 -10.94 54.78 3.70
C TYR B 564 -10.77 56.19 3.12
N ILE B 565 -9.62 56.82 3.33
CA ILE B 565 -9.41 58.16 2.77
C ILE B 565 -9.16 58.04 1.27
N PRO B 566 -9.87 58.79 0.44
CA PRO B 566 -9.76 58.61 -1.01
C PRO B 566 -8.41 59.07 -1.54
N GLU B 567 -8.16 58.68 -2.81
CA GLU B 567 -6.88 58.95 -3.46
C GLU B 567 -6.65 60.43 -3.75
N GLU B 568 -7.66 61.27 -3.60
CA GLU B 568 -7.44 62.70 -3.79
C GLU B 568 -6.93 63.38 -2.52
N GLU B 569 -7.21 62.81 -1.35
CA GLU B 569 -6.98 63.53 -0.10
C GLU B 569 -6.04 62.78 0.85
N LEU B 570 -4.87 62.35 0.35
CA LEU B 570 -3.91 61.68 1.21
C LEU B 570 -3.19 62.62 2.16
N ALA B 571 -3.45 63.93 2.06
CA ALA B 571 -2.90 64.86 3.04
C ALA B 571 -3.46 64.58 4.44
N LYS B 572 -4.63 63.96 4.51
CA LYS B 572 -5.20 63.60 5.81
C LYS B 572 -4.34 62.55 6.50
N ILE B 573 -3.92 61.52 5.75
CA ILE B 573 -3.07 60.49 6.34
C ILE B 573 -1.71 61.08 6.72
N SER B 574 -1.16 61.96 5.87
CA SER B 574 0.07 62.66 6.22
C SER B 574 -0.11 63.49 7.49
N SER B 575 -1.31 64.03 7.68
CA SER B 575 -1.59 64.81 8.89
C SER B 575 -1.60 63.93 10.13
N ILE B 576 -2.06 62.68 9.98
CA ILE B 576 -2.16 61.79 11.14
C ILE B 576 -0.85 61.74 11.92
N ASN B 577 0.23 61.23 11.30
CA ASN B 577 1.44 60.92 12.07
C ASN B 577 1.95 62.13 12.85
N GLU B 578 1.88 63.32 12.26
CA GLU B 578 2.28 64.53 13.00
C GLU B 578 1.33 64.80 14.17
N GLU B 579 0.02 64.65 13.94
CA GLU B 579 -0.94 64.80 15.04
C GLU B 579 -0.68 63.78 16.15
N ILE B 580 -0.32 62.55 15.74
CA ILE B 580 0.06 61.50 16.69
C ILE B 580 1.15 62.02 17.61
N LYS B 581 2.26 62.44 16.99
CA LYS B 581 3.43 62.91 17.73
C LYS B 581 3.04 64.01 18.71
N GLU B 582 2.23 64.98 18.28
CA GLU B 582 1.88 66.04 19.22
C GLU B 582 1.00 65.51 20.35
N THR B 583 0.17 64.50 20.08
CA THR B 583 -0.74 64.01 21.11
C THR B 583 0.02 63.33 22.25
N ILE B 584 0.95 62.42 21.92
CA ILE B 584 1.60 61.65 23.00
C ILE B 584 2.37 62.54 23.97
N GLN B 585 2.97 63.64 23.49
CA GLN B 585 3.80 64.46 24.37
C GLN B 585 3.01 65.04 25.54
N LEU B 586 1.70 65.21 25.38
CA LEU B 586 0.88 65.68 26.49
C LEU B 586 0.62 64.57 27.51
N ILE B 587 0.46 63.33 27.05
CA ILE B 587 0.25 62.22 27.98
C ILE B 587 1.50 61.97 28.82
N VAL B 588 2.67 61.97 28.17
CA VAL B 588 3.89 61.55 28.88
C VAL B 588 4.18 62.49 30.06
N SER B 589 3.72 63.74 29.99
CA SER B 589 3.90 64.72 31.06
C SER B 589 5.37 64.97 31.34
N MET C 4 35.03 -22.35 -30.64
CA MET C 4 34.88 -23.01 -31.94
C MET C 4 33.74 -22.37 -32.71
N GLN C 5 32.59 -22.29 -32.04
CA GLN C 5 31.41 -21.64 -32.60
C GLN C 5 31.48 -20.14 -32.34
N ILE C 6 31.13 -19.35 -33.34
CA ILE C 6 31.11 -17.89 -33.21
C ILE C 6 29.66 -17.43 -33.14
N GLY C 7 29.29 -16.81 -32.03
CA GLY C 7 27.95 -16.26 -31.90
C GLY C 7 27.82 -14.90 -32.54
N LYS C 8 26.58 -14.46 -32.71
CA LYS C 8 26.31 -13.17 -33.34
C LYS C 8 25.27 -12.41 -32.54
N ILE C 9 25.63 -11.20 -32.09
CA ILE C 9 24.68 -10.38 -31.35
C ILE C 9 23.53 -10.00 -32.26
N ILE C 10 22.31 -10.13 -31.77
CA ILE C 10 21.12 -9.72 -32.49
C ILE C 10 20.28 -8.71 -31.73
N LYS C 11 20.57 -8.46 -30.46
CA LYS C 11 19.82 -7.50 -29.67
C LYS C 11 20.66 -7.09 -28.47
N VAL C 12 20.72 -5.78 -28.22
CA VAL C 12 21.43 -5.23 -27.08
C VAL C 12 20.48 -4.28 -26.35
N SER C 13 20.18 -4.60 -25.11
CA SER C 13 19.24 -3.79 -24.30
C SER C 13 19.78 -3.76 -22.88
N GLY C 14 20.45 -2.67 -22.53
CA GLY C 14 21.09 -2.56 -21.24
C GLY C 14 22.09 -3.68 -21.03
N PRO C 15 22.03 -4.33 -19.87
CA PRO C 15 22.97 -5.42 -19.58
C PRO C 15 22.64 -6.73 -20.27
N LEU C 16 21.55 -6.79 -21.03
CA LEU C 16 21.11 -8.03 -21.66
C LEU C 16 21.53 -8.04 -23.12
N VAL C 17 22.25 -9.08 -23.54
CA VAL C 17 22.65 -9.27 -24.93
C VAL C 17 22.15 -10.64 -25.38
N MET C 18 21.46 -10.67 -26.52
CA MET C 18 20.99 -11.92 -27.10
C MET C 18 21.82 -12.22 -28.34
N ALA C 19 22.30 -13.46 -28.44
CA ALA C 19 23.22 -13.85 -29.50
C ALA C 19 22.77 -15.15 -30.13
N GLU C 20 22.67 -15.15 -31.46
CA GLU C 20 22.36 -16.36 -32.22
C GLU C 20 23.62 -17.17 -32.48
N ASN C 21 23.41 -18.39 -32.96
CA ASN C 21 24.51 -19.33 -33.26
C ASN C 21 25.34 -19.60 -32.00
N MET C 22 24.64 -19.84 -30.88
CA MET C 22 25.27 -20.16 -29.61
C MET C 22 24.93 -21.57 -29.14
N SER C 23 24.55 -22.45 -30.08
CA SER C 23 24.00 -23.75 -29.71
C SER C 23 25.00 -24.61 -28.94
N GLU C 24 26.29 -24.49 -29.25
CA GLU C 24 27.28 -25.33 -28.59
C GLU C 24 27.57 -24.88 -27.16
N ALA C 25 27.17 -23.67 -26.79
CA ALA C 25 27.42 -23.17 -25.45
C ALA C 25 26.52 -23.90 -24.44
N SER C 26 26.70 -23.57 -23.17
CA SER C 26 25.94 -24.17 -22.09
C SER C 26 25.39 -23.09 -21.17
N ILE C 27 24.34 -23.44 -20.42
CA ILE C 27 23.72 -22.48 -19.53
C ILE C 27 24.70 -22.10 -18.43
N GLN C 28 24.68 -20.82 -18.05
CA GLN C 28 25.53 -20.22 -17.03
C GLN C 28 27.00 -20.23 -17.41
N ASP C 29 27.33 -20.52 -18.65
CA ASP C 29 28.70 -20.40 -19.14
C ASP C 29 29.06 -18.93 -19.31
N MET C 30 30.32 -18.61 -19.09
CA MET C 30 30.78 -17.25 -19.30
C MET C 30 31.13 -17.05 -20.78
N CYS C 31 31.02 -15.79 -21.23
CA CYS C 31 31.15 -15.46 -22.63
C CYS C 31 31.93 -14.16 -22.81
N LEU C 32 32.51 -14.03 -24.00
CA LEU C 32 33.10 -12.78 -24.48
C LEU C 32 32.14 -12.22 -25.52
N VAL C 33 31.50 -11.11 -25.18
CA VAL C 33 30.46 -10.49 -25.98
C VAL C 33 31.02 -9.25 -26.67
N GLY C 34 30.72 -9.10 -27.95
CA GLY C 34 31.06 -7.90 -28.69
C GLY C 34 32.52 -7.85 -29.13
N ASP C 35 32.79 -6.84 -29.95
CA ASP C 35 34.16 -6.61 -30.42
C ASP C 35 35.10 -6.35 -29.25
N LEU C 36 34.63 -5.62 -28.24
CA LEU C 36 35.45 -5.33 -27.07
C LEU C 36 35.81 -6.61 -26.32
N GLY C 37 35.00 -7.65 -26.44
CA GLY C 37 35.24 -8.85 -25.66
C GLY C 37 34.81 -8.69 -24.21
N VAL C 38 33.73 -7.96 -23.98
CA VAL C 38 33.19 -7.81 -22.63
C VAL C 38 32.81 -9.18 -22.06
N ILE C 39 32.89 -9.34 -20.76
CA ILE C 39 32.57 -10.65 -20.19
C ILE C 39 31.09 -10.67 -19.82
N GLY C 40 30.46 -11.85 -19.97
CA GLY C 40 29.05 -12.00 -19.70
C GLY C 40 28.70 -13.41 -19.30
N GLU C 41 27.43 -13.59 -18.92
CA GLU C 41 26.92 -14.87 -18.43
C GLU C 41 25.66 -15.25 -19.17
N ILE C 42 25.63 -16.48 -19.69
CA ILE C 42 24.46 -17.00 -20.39
C ILE C 42 23.41 -17.38 -19.36
N ILE C 43 22.29 -16.65 -19.33
CA ILE C 43 21.22 -16.97 -18.40
C ILE C 43 20.07 -17.73 -19.06
N GLU C 44 19.91 -17.62 -20.39
CA GLU C 44 18.81 -18.31 -21.06
C GLU C 44 19.28 -18.84 -22.40
N MET C 45 18.52 -19.78 -22.95
CA MET C 45 18.76 -20.27 -24.30
C MET C 45 17.43 -20.68 -24.92
N ARG C 46 17.07 -20.05 -26.03
CA ARG C 46 15.87 -20.35 -26.79
C ARG C 46 16.33 -20.75 -28.19
N GLN C 47 16.14 -22.02 -28.54
CA GLN C 47 16.77 -22.61 -29.71
C GLN C 47 18.27 -22.35 -29.67
N ASP C 48 18.82 -21.71 -30.70
CA ASP C 48 20.25 -21.44 -30.73
C ASP C 48 20.60 -20.05 -30.21
N VAL C 49 19.62 -19.29 -29.72
CA VAL C 49 19.82 -17.91 -29.29
C VAL C 49 19.99 -17.88 -27.78
N ALA C 50 21.15 -17.42 -27.33
CA ALA C 50 21.42 -17.32 -25.90
C ALA C 50 21.12 -15.90 -25.42
N SER C 51 20.48 -15.83 -24.25
CA SER C 51 20.29 -14.58 -23.53
C SER C 51 21.39 -14.48 -22.48
N ILE C 52 22.17 -13.41 -22.54
CA ILE C 52 23.43 -13.24 -21.84
C ILE C 52 23.31 -12.04 -20.91
N GLN C 53 23.68 -12.25 -19.65
CA GLN C 53 23.80 -11.19 -18.67
C GLN C 53 25.24 -10.69 -18.67
N VAL C 54 25.43 -9.42 -19.02
CA VAL C 54 26.75 -8.87 -19.24
C VAL C 54 27.25 -8.21 -17.96
N TYR C 55 28.48 -8.53 -17.58
CA TYR C 55 29.08 -8.05 -16.33
C TYR C 55 29.80 -6.72 -16.46
N GLU C 56 29.80 -6.10 -17.63
CA GLU C 56 30.42 -4.80 -17.84
C GLU C 56 29.43 -3.92 -18.61
N GLU C 57 29.82 -2.67 -18.83
CA GLU C 57 28.94 -1.75 -19.54
C GLU C 57 28.79 -2.16 -21.01
N THR C 58 27.57 -2.06 -21.53
CA THR C 58 27.25 -2.53 -22.87
C THR C 58 27.16 -1.39 -23.89
N SER C 59 27.41 -0.16 -23.48
CA SER C 59 27.32 0.96 -24.41
C SER C 59 28.30 0.77 -25.56
N GLY C 60 27.83 1.09 -26.77
CA GLY C 60 28.66 0.93 -27.94
C GLY C 60 28.69 -0.46 -28.53
N ILE C 61 28.02 -1.42 -27.91
CA ILE C 61 27.91 -2.77 -28.45
C ILE C 61 26.62 -2.86 -29.25
N GLY C 62 26.70 -3.45 -30.44
CA GLY C 62 25.56 -3.52 -31.32
C GLY C 62 25.42 -4.88 -31.96
N PRO C 63 24.29 -5.10 -32.62
CA PRO C 63 24.08 -6.39 -33.29
C PRO C 63 25.08 -6.57 -34.42
N GLY C 64 25.46 -7.84 -34.64
CA GLY C 64 26.43 -8.20 -35.64
C GLY C 64 27.81 -8.48 -35.10
N GLU C 65 28.09 -8.08 -33.87
CA GLU C 65 29.39 -8.33 -33.25
C GLU C 65 29.45 -9.75 -32.69
N PRO C 66 30.66 -10.29 -32.50
CA PRO C 66 30.77 -11.70 -32.12
C PRO C 66 30.64 -11.94 -30.63
N VAL C 67 30.14 -13.12 -30.29
CA VAL C 67 30.13 -13.63 -28.92
C VAL C 67 30.74 -15.02 -28.94
N ARG C 68 31.56 -15.31 -27.94
CA ARG C 68 32.25 -16.60 -27.84
C ARG C 68 32.16 -17.13 -26.42
N SER C 69 31.70 -18.37 -26.27
CA SER C 69 31.63 -18.99 -24.96
C SER C 69 33.00 -19.50 -24.55
N THR C 70 33.35 -19.26 -23.29
CA THR C 70 34.61 -19.74 -22.73
C THR C 70 34.53 -21.16 -22.21
N GLY C 71 33.36 -21.80 -22.31
CA GLY C 71 33.20 -23.19 -21.95
C GLY C 71 33.17 -23.49 -20.46
N GLU C 72 33.08 -22.48 -19.61
CA GLU C 72 33.09 -22.69 -18.17
C GLU C 72 32.14 -21.72 -17.50
N ALA C 73 31.63 -22.12 -16.34
CA ALA C 73 30.84 -21.23 -15.52
C ALA C 73 31.74 -20.24 -14.79
N LEU C 74 31.12 -19.23 -14.18
CA LEU C 74 31.87 -18.24 -13.42
C LEU C 74 32.68 -18.93 -12.33
N SER C 75 33.99 -19.00 -12.53
CA SER C 75 34.87 -19.78 -11.68
C SER C 75 35.87 -18.87 -10.97
N VAL C 76 36.66 -19.47 -10.10
CA VAL C 76 37.69 -18.78 -9.32
C VAL C 76 38.94 -19.65 -9.34
N GLU C 77 40.10 -18.99 -9.42
CA GLU C 77 41.39 -19.66 -9.39
C GLU C 77 41.86 -19.78 -7.95
N LEU C 78 42.18 -20.99 -7.53
CA LEU C 78 42.63 -21.27 -6.17
C LEU C 78 44.01 -21.90 -6.23
N GLY C 79 44.97 -21.31 -5.54
CA GLY C 79 46.33 -21.80 -5.57
C GLY C 79 47.26 -20.78 -4.97
N PRO C 80 48.55 -21.10 -4.88
CA PRO C 80 49.51 -20.14 -4.35
C PRO C 80 49.47 -18.84 -5.14
N GLY C 81 49.54 -17.73 -4.42
CA GLY C 81 49.39 -16.42 -5.01
C GLY C 81 48.06 -15.76 -4.76
N ILE C 82 47.18 -16.39 -3.99
CA ILE C 82 45.86 -15.84 -3.70
C ILE C 82 45.92 -14.85 -2.53
N ILE C 83 46.82 -15.08 -1.57
CA ILE C 83 46.82 -14.33 -0.33
C ILE C 83 47.39 -12.94 -0.58
N SER C 84 46.88 -11.97 0.18
CA SER C 84 47.31 -10.57 0.20
C SER C 84 47.00 -9.84 -1.11
N GLN C 85 46.10 -10.35 -1.92
CA GLN C 85 45.72 -9.72 -3.17
C GLN C 85 44.41 -8.96 -3.02
N MET C 86 44.12 -8.13 -4.01
CA MET C 86 42.86 -7.42 -4.11
C MET C 86 42.27 -7.70 -5.49
N PHE C 87 41.13 -8.37 -5.51
CA PHE C 87 40.43 -8.70 -6.75
C PHE C 87 39.15 -7.89 -6.86
N ASP C 88 38.56 -7.93 -8.05
CA ASP C 88 37.20 -7.43 -8.23
C ASP C 88 36.25 -8.61 -8.14
N GLY C 89 34.96 -8.36 -8.41
CA GLY C 89 33.95 -9.38 -8.18
C GLY C 89 34.18 -10.65 -8.96
N ILE C 90 34.93 -10.58 -10.06
CA ILE C 90 35.19 -11.75 -10.88
C ILE C 90 36.65 -12.20 -10.74
N GLN C 91 37.32 -11.76 -9.68
CA GLN C 91 38.69 -12.16 -9.32
C GLN C 91 39.71 -11.70 -10.37
N ARG C 92 39.67 -10.42 -10.69
CA ARG C 92 40.80 -9.97 -11.49
C ARG C 92 41.76 -9.18 -10.62
N PRO C 93 43.06 -9.45 -10.71
CA PRO C 93 44.03 -8.75 -9.84
C PRO C 93 44.13 -7.28 -10.21
N LEU C 94 43.72 -6.40 -9.30
CA LEU C 94 43.59 -5.00 -9.65
C LEU C 94 44.96 -4.35 -9.91
N ASP C 95 45.99 -4.78 -9.16
CA ASP C 95 47.33 -4.24 -9.40
C ASP C 95 47.88 -4.71 -10.75
N THR C 96 47.75 -6.02 -11.03
CA THR C 96 48.10 -6.51 -12.36
C THR C 96 47.26 -5.83 -13.42
N PHE C 97 46.02 -5.47 -13.08
CA PHE C 97 45.18 -4.71 -14.01
C PHE C 97 45.84 -3.39 -14.38
N MET C 98 46.25 -2.60 -13.36
CA MET C 98 47.00 -1.37 -13.65
C MET C 98 48.18 -1.63 -14.57
N GLU C 99 48.99 -2.65 -14.24
CA GLU C 99 50.18 -2.92 -15.04
C GLU C 99 49.83 -3.19 -16.50
N VAL C 100 48.95 -4.16 -16.73
CA VAL C 100 48.70 -4.62 -18.11
C VAL C 100 47.99 -3.54 -18.92
N THR C 101 46.95 -2.92 -18.34
CA THR C 101 46.22 -1.92 -19.11
C THR C 101 46.93 -0.58 -19.18
N GLN C 102 47.95 -0.35 -18.34
CA GLN C 102 48.65 0.92 -18.29
C GLN C 102 47.67 2.07 -18.05
N SER C 103 46.81 1.90 -17.05
CA SER C 103 45.79 2.89 -16.76
C SER C 103 45.45 2.85 -15.28
N ASN C 104 44.97 3.99 -14.78
CA ASN C 104 44.41 4.08 -13.45
C ASN C 104 42.94 3.70 -13.39
N PHE C 105 42.36 3.29 -14.52
CA PHE C 105 40.94 3.06 -14.64
C PHE C 105 40.68 1.64 -15.12
N LEU C 106 39.43 1.21 -14.97
CA LEU C 106 39.04 -0.16 -15.28
C LEU C 106 38.46 -0.17 -16.69
N GLY C 107 39.30 -0.50 -17.67
CA GLY C 107 38.83 -0.61 -19.02
C GLY C 107 37.85 -1.76 -19.18
N ARG C 108 37.11 -1.73 -20.29
CA ARG C 108 36.18 -2.80 -20.59
C ARG C 108 36.89 -3.90 -21.39
N GLY C 109 36.38 -5.11 -21.27
CA GLY C 109 36.88 -6.23 -22.02
C GLY C 109 38.28 -6.70 -21.65
N VAL C 110 38.88 -6.14 -20.59
CA VAL C 110 40.21 -6.58 -20.19
C VAL C 110 40.10 -7.93 -19.51
N GLN C 111 40.72 -8.94 -20.09
CA GLN C 111 40.70 -10.30 -19.55
C GLN C 111 42.09 -10.63 -19.03
N LEU C 112 42.15 -11.02 -17.76
CA LEU C 112 43.40 -11.13 -17.02
C LEU C 112 43.35 -12.30 -16.05
N PRO C 113 44.33 -13.20 -16.06
CA PRO C 113 44.33 -14.31 -15.09
C PRO C 113 44.38 -13.80 -13.66
N ALA C 114 43.84 -14.62 -12.74
CA ALA C 114 43.66 -14.20 -11.37
C ALA C 114 44.95 -14.30 -10.55
N LEU C 115 45.73 -15.35 -10.75
CA LEU C 115 46.94 -15.57 -9.97
C LEU C 115 48.16 -15.32 -10.84
N ASP C 116 49.29 -15.08 -10.18
CA ASP C 116 50.57 -14.97 -10.87
C ASP C 116 50.95 -16.35 -11.39
N HIS C 117 50.77 -16.56 -12.69
CA HIS C 117 51.06 -17.87 -13.26
C HIS C 117 52.54 -18.05 -13.61
N GLU C 118 53.39 -17.04 -13.42
CA GLU C 118 54.83 -17.20 -13.62
C GLU C 118 55.66 -17.14 -12.35
N LYS C 119 55.11 -16.72 -11.22
CA LYS C 119 55.91 -16.64 -10.00
C LYS C 119 56.33 -18.03 -9.55
N GLN C 120 57.62 -18.18 -9.23
CA GLN C 120 58.14 -19.44 -8.74
C GLN C 120 57.80 -19.61 -7.25
N TRP C 121 57.24 -20.76 -6.89
CA TRP C 121 57.04 -21.15 -5.51
C TRP C 121 57.73 -22.48 -5.25
N TRP C 122 58.11 -22.71 -3.99
CA TRP C 122 58.72 -23.96 -3.57
C TRP C 122 57.64 -24.93 -3.12
N PHE C 123 57.35 -25.92 -3.96
CA PHE C 123 56.46 -27.01 -3.57
C PHE C 123 57.21 -28.02 -2.71
N GLU C 124 56.65 -28.33 -1.55
CA GLU C 124 57.24 -29.26 -0.59
C GLU C 124 56.33 -30.49 -0.53
N ALA C 125 56.68 -31.52 -1.28
CA ALA C 125 55.85 -32.72 -1.33
C ALA C 125 55.86 -33.43 0.02
N THR C 126 54.67 -33.90 0.43
CA THR C 126 54.52 -34.54 1.72
C THR C 126 53.88 -35.93 1.63
N ILE C 127 53.53 -36.39 0.44
CA ILE C 127 52.88 -37.68 0.27
C ILE C 127 53.83 -38.62 -0.46
N GLU C 128 53.74 -39.90 -0.12
CA GLU C 128 54.66 -40.92 -0.61
C GLU C 128 54.07 -41.59 -1.85
N GLU C 129 54.92 -41.81 -2.87
CA GLU C 129 54.44 -42.37 -4.12
C GLU C 129 53.79 -43.73 -3.91
N GLY C 130 52.74 -43.99 -4.67
CA GLY C 130 51.97 -45.22 -4.53
C GLY C 130 50.78 -45.13 -3.61
N THR C 131 50.60 -44.01 -2.92
CA THR C 131 49.45 -43.85 -2.04
C THR C 131 48.16 -43.72 -2.84
N GLU C 132 47.10 -44.37 -2.35
CA GLU C 132 45.77 -44.13 -2.89
C GLU C 132 45.28 -42.78 -2.38
N VAL C 133 44.83 -41.93 -3.29
CA VAL C 133 44.53 -40.55 -2.94
C VAL C 133 43.13 -40.21 -3.42
N SER C 134 42.43 -39.38 -2.65
CA SER C 134 41.07 -38.98 -2.93
C SER C 134 40.98 -37.46 -2.92
N ALA C 135 39.80 -36.94 -3.26
CA ALA C 135 39.59 -35.50 -3.30
C ALA C 135 39.75 -34.90 -1.90
N GLY C 136 40.49 -33.80 -1.83
CA GLY C 136 40.77 -33.14 -0.57
C GLY C 136 42.03 -33.60 0.13
N ASP C 137 42.63 -34.70 -0.34
CA ASP C 137 43.85 -35.20 0.30
C ASP C 137 45.03 -34.31 -0.05
N ILE C 138 45.79 -33.93 0.96
CA ILE C 138 46.92 -33.03 0.78
C ILE C 138 48.11 -33.81 0.21
N ILE C 139 48.70 -33.29 -0.87
CA ILE C 139 49.89 -33.91 -1.47
C ILE C 139 51.15 -33.13 -1.18
N GLY C 140 51.05 -31.98 -0.54
CA GLY C 140 52.20 -31.15 -0.28
C GLY C 140 51.76 -29.76 0.13
N TYR C 141 52.75 -28.91 0.36
CA TYR C 141 52.46 -27.56 0.82
C TYR C 141 53.46 -26.58 0.26
N VAL C 142 53.05 -25.30 0.26
CA VAL C 142 53.91 -24.17 -0.09
C VAL C 142 53.70 -23.10 0.97
N ASP C 143 54.80 -22.55 1.48
CA ASP C 143 54.72 -21.53 2.53
C ASP C 143 54.44 -20.19 1.87
N GLU C 144 53.15 -19.90 1.65
CA GLU C 144 52.79 -18.65 0.99
C GLU C 144 53.17 -17.46 1.85
N THR C 145 52.96 -17.54 3.16
CA THR C 145 53.46 -16.57 4.12
C THR C 145 54.14 -17.33 5.27
N LYS C 146 54.68 -16.56 6.22
CA LYS C 146 55.30 -17.21 7.38
C LYS C 146 54.28 -17.95 8.24
N ILE C 147 53.04 -17.48 8.27
CA ILE C 147 52.01 -18.10 9.09
C ILE C 147 51.16 -19.07 8.29
N ILE C 148 50.81 -18.74 7.05
CA ILE C 148 49.84 -19.52 6.28
C ILE C 148 50.62 -20.49 5.39
N GLN C 149 50.45 -21.79 5.63
CA GLN C 149 50.91 -22.80 4.69
C GLN C 149 49.79 -23.11 3.71
N HIS C 150 50.01 -22.76 2.45
CA HIS C 150 49.09 -23.16 1.39
C HIS C 150 49.21 -24.66 1.13
N LYS C 151 48.15 -25.40 1.38
CA LYS C 151 48.14 -26.85 1.21
C LYS C 151 47.56 -27.20 -0.16
N ILE C 152 48.36 -27.88 -0.97
CA ILE C 152 47.91 -28.33 -2.29
C ILE C 152 47.13 -29.63 -2.10
N MET C 153 45.83 -29.57 -2.36
CA MET C 153 44.92 -30.69 -2.18
C MET C 153 44.58 -31.29 -3.53
N VAL C 154 44.24 -32.57 -3.52
CA VAL C 154 43.73 -33.22 -4.73
C VAL C 154 42.41 -32.57 -5.08
N PRO C 155 42.26 -32.03 -6.30
CA PRO C 155 41.01 -31.39 -6.67
C PRO C 155 39.84 -32.38 -6.61
N ASN C 156 38.65 -31.84 -6.37
CA ASN C 156 37.46 -32.67 -6.37
C ASN C 156 37.32 -33.37 -7.71
N GLY C 157 36.82 -34.60 -7.67
CA GLY C 157 36.66 -35.38 -8.88
C GLY C 157 37.89 -36.14 -9.32
N ILE C 158 38.97 -36.11 -8.55
CA ILE C 158 40.18 -36.88 -8.84
C ILE C 158 40.32 -37.96 -7.77
N LYS C 159 40.45 -39.20 -8.22
CA LYS C 159 40.68 -40.33 -7.34
C LYS C 159 41.63 -41.30 -8.03
N GLY C 160 42.60 -41.81 -7.28
CA GLY C 160 43.53 -42.75 -7.87
C GLY C 160 44.76 -42.95 -7.00
N THR C 161 45.88 -43.22 -7.66
CA THR C 161 47.15 -43.50 -7.01
C THR C 161 48.19 -42.48 -7.44
N VAL C 162 48.91 -41.92 -6.47
CA VAL C 162 50.03 -41.03 -6.78
C VAL C 162 51.12 -41.84 -7.46
N GLN C 163 51.43 -41.50 -8.71
CA GLN C 163 52.47 -42.20 -9.44
C GLN C 163 53.82 -41.51 -9.33
N LYS C 164 53.84 -40.18 -9.21
CA LYS C 164 55.08 -39.42 -9.22
C LYS C 164 54.84 -38.06 -8.58
N ILE C 165 55.74 -37.70 -7.66
CA ILE C 165 55.68 -36.41 -6.97
C ILE C 165 57.08 -36.10 -6.46
N GLU C 166 57.43 -34.81 -6.44
CA GLU C 166 58.76 -34.40 -6.03
C GLU C 166 58.75 -32.93 -5.63
N SER C 167 59.49 -32.60 -4.59
CA SER C 167 59.65 -31.21 -4.17
C SER C 167 60.45 -30.44 -5.22
N GLY C 168 60.31 -29.12 -5.18
CA GLY C 168 61.08 -28.30 -6.12
C GLY C 168 60.49 -26.91 -6.23
N SER C 169 60.87 -26.23 -7.31
CA SER C 169 60.36 -24.90 -7.63
C SER C 169 59.51 -25.00 -8.89
N PHE C 170 58.32 -24.41 -8.86
CA PHE C 170 57.41 -24.49 -10.00
C PHE C 170 56.58 -23.22 -10.09
N THR C 171 55.88 -23.09 -11.20
CA THR C 171 54.74 -22.20 -11.34
C THR C 171 53.46 -22.99 -11.07
N ILE C 172 52.35 -22.27 -10.95
CA ILE C 172 51.08 -22.93 -10.67
C ILE C 172 50.58 -23.62 -11.92
N ASP C 173 51.34 -23.54 -13.01
CA ASP C 173 51.03 -24.25 -14.23
C ASP C 173 51.88 -25.51 -14.43
N ASP C 174 53.02 -25.61 -13.74
CA ASP C 174 53.86 -26.80 -13.88
C ASP C 174 53.17 -28.01 -13.24
N PRO C 175 53.29 -29.19 -13.85
CA PRO C 175 52.78 -30.41 -13.19
C PRO C 175 53.69 -30.77 -12.02
N ILE C 176 53.12 -30.73 -10.81
CA ILE C 176 53.87 -31.12 -9.62
C ILE C 176 53.58 -32.54 -9.19
N CYS C 177 52.55 -33.17 -9.74
CA CYS C 177 52.22 -34.54 -9.36
C CYS C 177 51.50 -35.20 -10.53
N VAL C 178 51.56 -36.53 -10.58
CA VAL C 178 50.75 -37.26 -11.55
C VAL C 178 49.98 -38.35 -10.84
N ILE C 179 48.68 -38.43 -11.10
CA ILE C 179 47.79 -39.39 -10.48
C ILE C 179 47.35 -40.40 -11.52
N GLU C 180 47.47 -41.68 -11.20
CA GLU C 180 46.95 -42.75 -12.03
C GLU C 180 45.49 -42.97 -11.64
N THR C 181 44.57 -42.62 -12.53
CA THR C 181 43.14 -42.70 -12.30
C THR C 181 42.53 -43.70 -13.26
N GLU C 182 41.29 -44.11 -12.95
CA GLU C 182 40.57 -45.06 -13.79
C GLU C 182 40.45 -44.61 -15.23
N GLN C 183 40.59 -43.30 -15.48
CA GLN C 183 40.43 -42.74 -16.82
C GLN C 183 41.78 -42.34 -17.44
N GLY C 184 42.89 -42.86 -16.90
CA GLY C 184 44.20 -42.51 -17.44
C GLY C 184 45.06 -41.78 -16.44
N LEU C 185 46.15 -41.17 -16.90
CA LEU C 185 47.04 -40.42 -16.02
C LEU C 185 46.71 -38.93 -16.10
N LYS C 186 46.45 -38.32 -14.95
CA LYS C 186 46.10 -36.91 -14.87
C LYS C 186 47.18 -36.16 -14.12
N GLU C 187 47.65 -35.06 -14.69
CA GLU C 187 48.65 -34.24 -14.04
C GLU C 187 47.99 -33.23 -13.10
N LEU C 188 48.62 -33.01 -11.96
CA LEU C 188 48.18 -32.04 -10.97
C LEU C 188 49.22 -30.94 -10.86
N THR C 189 48.76 -29.70 -11.00
CA THR C 189 49.54 -28.50 -10.75
C THR C 189 49.17 -27.96 -9.37
N MET C 190 49.77 -26.83 -9.01
CA MET C 190 49.43 -26.23 -7.72
C MET C 190 48.14 -25.42 -7.77
N MET C 191 47.49 -25.30 -8.92
CA MET C 191 46.29 -24.49 -9.03
C MET C 191 45.08 -25.36 -9.35
N GLN C 192 44.00 -25.08 -8.63
CA GLN C 192 42.69 -25.68 -8.74
C GLN C 192 41.74 -24.60 -9.26
N LYS C 193 40.68 -25.01 -9.94
CA LYS C 193 39.66 -24.09 -10.41
C LYS C 193 38.31 -24.54 -9.90
N TRP C 194 37.49 -23.60 -9.44
CA TRP C 194 36.19 -24.02 -8.90
C TRP C 194 35.08 -23.05 -9.26
N PRO C 195 33.91 -23.57 -9.66
CA PRO C 195 32.76 -22.70 -9.97
C PRO C 195 32.22 -22.05 -8.70
N VAL C 196 32.06 -20.72 -8.75
CA VAL C 196 31.81 -19.97 -7.53
C VAL C 196 30.40 -20.17 -6.98
N ARG C 197 29.47 -20.66 -7.79
CA ARG C 197 28.10 -20.86 -7.33
C ARG C 197 27.83 -22.27 -6.83
N ARG C 198 28.79 -23.18 -6.98
CA ARG C 198 28.72 -24.51 -6.39
C ARG C 198 29.53 -24.48 -5.10
N GLY C 199 28.88 -24.74 -3.97
CA GLY C 199 29.61 -24.84 -2.71
C GLY C 199 30.64 -25.95 -2.76
N ARG C 200 31.80 -25.72 -2.14
CA ARG C 200 32.82 -26.76 -2.24
C ARG C 200 32.45 -27.96 -1.37
N PRO C 201 32.61 -29.18 -1.90
CA PRO C 201 32.11 -30.36 -1.19
C PRO C 201 32.87 -30.61 0.11
N ILE C 202 32.15 -31.06 1.12
CA ILE C 202 32.70 -31.36 2.43
C ILE C 202 32.33 -32.79 2.80
N LYS C 203 32.93 -33.27 3.90
CA LYS C 203 32.44 -34.49 4.51
C LYS C 203 31.16 -34.23 5.30
N GLN C 204 31.23 -33.32 6.27
CA GLN C 204 29.97 -33.02 6.96
C GLN C 204 30.10 -31.73 7.74
N LYS C 205 28.97 -31.06 7.93
CA LYS C 205 28.93 -29.86 8.75
C LYS C 205 28.82 -30.25 10.23
N LEU C 206 29.43 -29.43 11.08
CA LEU C 206 29.40 -29.64 12.51
C LEU C 206 28.78 -28.42 13.18
N ASN C 207 28.47 -28.56 14.47
CA ASN C 207 27.97 -27.40 15.17
C ASN C 207 29.12 -26.45 15.52
N PRO C 208 28.93 -25.16 15.36
CA PRO C 208 29.94 -24.21 15.82
C PRO C 208 29.92 -24.06 17.33
N ASP C 209 30.87 -24.73 18.00
CA ASP C 209 30.96 -24.71 19.45
C ASP C 209 31.75 -23.52 19.98
N VAL C 210 32.86 -23.20 19.32
CA VAL C 210 33.94 -22.42 19.92
C VAL C 210 33.73 -20.95 19.63
N PRO C 211 33.79 -20.08 20.64
CA PRO C 211 33.61 -18.64 20.41
C PRO C 211 34.75 -18.03 19.64
N MET C 212 34.42 -17.05 18.80
CA MET C 212 35.39 -16.25 18.09
C MET C 212 35.73 -15.02 18.93
N ILE C 213 36.99 -14.62 18.92
CA ILE C 213 37.45 -13.49 19.71
C ILE C 213 37.45 -12.27 18.79
N THR C 214 36.35 -11.51 18.83
CA THR C 214 36.32 -10.26 18.10
C THR C 214 37.13 -9.18 18.79
N GLY C 215 37.35 -9.29 20.10
CA GLY C 215 38.00 -8.21 20.81
C GLY C 215 37.12 -7.03 21.10
N GLN C 216 35.84 -7.09 20.70
CA GLN C 216 34.87 -6.06 21.02
C GLN C 216 34.04 -6.56 22.19
N ARG C 217 34.13 -5.84 23.32
CA ARG C 217 33.55 -6.31 24.58
C ARG C 217 32.09 -6.71 24.41
N VAL C 218 31.30 -5.84 23.80
CA VAL C 218 29.85 -6.09 23.68
C VAL C 218 29.59 -7.39 22.93
N ILE C 219 30.30 -7.61 21.83
CA ILE C 219 30.05 -8.80 21.01
C ILE C 219 30.48 -10.05 21.76
N ASP C 220 31.74 -10.10 22.19
CA ASP C 220 32.26 -11.31 22.83
C ASP C 220 31.51 -11.64 24.11
N THR C 221 30.96 -10.63 24.78
CA THR C 221 30.33 -10.87 26.07
C THR C 221 28.84 -11.20 25.95
N PHE C 222 28.09 -10.38 25.22
CA PHE C 222 26.64 -10.51 25.21
C PHE C 222 26.08 -11.13 23.95
N PHE C 223 26.71 -10.94 22.81
CA PHE C 223 26.21 -11.44 21.52
C PHE C 223 27.32 -12.16 20.77
N PRO C 224 27.86 -13.24 21.35
CA PRO C 224 29.05 -13.87 20.76
C PRO C 224 28.70 -14.69 19.54
N VAL C 225 29.60 -14.67 18.56
CA VAL C 225 29.51 -15.54 17.39
C VAL C 225 30.58 -16.60 17.50
N THR C 226 30.22 -17.84 17.18
CA THR C 226 31.15 -18.94 17.19
C THR C 226 31.85 -19.07 15.84
N LYS C 227 32.94 -19.86 15.83
CA LYS C 227 33.68 -20.13 14.60
C LYS C 227 32.87 -21.10 13.76
N GLY C 228 32.35 -20.61 12.64
CA GLY C 228 31.37 -21.35 11.85
C GLY C 228 29.98 -20.79 11.97
N GLY C 229 29.74 -19.88 12.90
CA GLY C 229 28.46 -19.21 12.99
C GLY C 229 28.33 -18.16 11.92
N ALA C 230 27.26 -17.37 12.03
CA ALA C 230 27.01 -16.29 11.10
C ALA C 230 26.38 -15.13 11.84
N ALA C 231 26.93 -13.94 11.65
CA ALA C 231 26.43 -12.74 12.30
C ALA C 231 26.05 -11.72 11.23
N ALA C 232 24.83 -11.21 11.33
CA ALA C 232 24.38 -10.10 10.51
C ALA C 232 24.42 -8.83 11.36
N VAL C 233 24.94 -7.76 10.77
CA VAL C 233 24.97 -6.48 11.47
C VAL C 233 24.08 -5.49 10.71
N PRO C 234 22.78 -5.48 10.99
CA PRO C 234 21.89 -4.52 10.30
C PRO C 234 21.83 -3.18 11.02
N GLY C 235 21.94 -2.11 10.24
CA GLY C 235 21.87 -0.77 10.78
C GLY C 235 21.73 0.27 9.69
N PRO C 236 21.24 1.45 10.06
CA PRO C 236 21.16 2.56 9.08
C PRO C 236 22.54 3.11 8.75
N PHE C 237 22.62 4.16 7.96
CA PHE C 237 23.91 4.77 7.69
C PHE C 237 24.42 5.47 8.95
N GLY C 238 25.74 5.60 9.02
CA GLY C 238 26.38 6.28 10.12
C GLY C 238 26.71 5.40 11.31
N ALA C 239 26.06 4.26 11.45
CA ALA C 239 26.41 3.30 12.48
C ALA C 239 27.64 2.51 12.05
N GLY C 240 28.26 1.82 13.01
CA GLY C 240 29.54 1.20 12.76
C GLY C 240 29.55 -0.14 12.04
N LYS C 241 28.77 -0.29 10.97
CA LYS C 241 28.75 -1.56 10.25
C LYS C 241 30.12 -1.86 9.64
N THR C 242 30.64 -0.92 8.84
CA THR C 242 31.96 -1.13 8.28
C THR C 242 33.03 -1.13 9.36
N VAL C 243 32.79 -0.41 10.46
CA VAL C 243 33.76 -0.43 11.55
C VAL C 243 33.76 -1.78 12.27
N VAL C 244 32.60 -2.38 12.48
CA VAL C 244 32.61 -3.68 13.14
C VAL C 244 33.19 -4.73 12.22
N GLN C 245 32.90 -4.64 10.92
CA GLN C 245 33.53 -5.57 9.99
C GLN C 245 35.05 -5.37 9.94
N HIS C 246 35.50 -4.12 10.04
CA HIS C 246 36.94 -3.83 10.08
C HIS C 246 37.58 -4.38 11.35
N GLN C 247 36.99 -4.11 12.52
CA GLN C 247 37.56 -4.58 13.76
C GLN C 247 37.62 -6.10 13.81
N ILE C 248 36.55 -6.76 13.34
CA ILE C 248 36.55 -8.21 13.28
C ILE C 248 37.60 -8.70 12.32
N ALA C 249 37.80 -7.99 11.20
CA ALA C 249 38.88 -8.35 10.29
C ALA C 249 40.24 -8.22 10.96
N LYS C 250 40.41 -7.17 11.78
CA LYS C 250 41.71 -6.85 12.34
C LYS C 250 42.12 -7.77 13.48
N TRP C 251 41.18 -8.12 14.36
CA TRP C 251 41.53 -8.72 15.65
C TRP C 251 41.13 -10.17 15.81
N SER C 252 40.56 -10.80 14.78
CA SER C 252 39.92 -12.10 14.98
C SER C 252 40.94 -13.21 15.12
N ASP C 253 40.64 -14.16 16.02
CA ASP C 253 41.50 -15.33 16.19
C ASP C 253 41.24 -16.35 15.09
N VAL C 254 41.19 -15.90 13.84
CA VAL C 254 41.01 -16.77 12.69
C VAL C 254 42.27 -16.75 11.86
N ASP C 255 42.39 -17.73 10.97
CA ASP C 255 43.60 -17.86 10.17
C ASP C 255 43.61 -16.90 8.98
N LEU C 256 42.47 -16.73 8.32
CA LEU C 256 42.36 -15.86 7.16
C LEU C 256 41.10 -15.02 7.24
N VAL C 257 41.15 -13.88 6.55
CA VAL C 257 40.02 -12.97 6.41
C VAL C 257 39.79 -12.75 4.92
N VAL C 258 38.60 -13.09 4.44
CA VAL C 258 38.16 -12.72 3.10
C VAL C 258 37.20 -11.57 3.26
N TYR C 259 37.64 -10.36 2.91
CA TYR C 259 36.82 -9.16 3.02
C TYR C 259 36.24 -8.85 1.65
N VAL C 260 34.92 -8.78 1.56
CA VAL C 260 34.23 -8.54 0.29
C VAL C 260 33.46 -7.22 0.43
N GLY C 261 33.98 -6.17 -0.18
CA GLY C 261 33.25 -4.92 -0.28
C GLY C 261 32.28 -5.00 -1.44
N CYS C 262 31.00 -5.15 -1.13
CA CYS C 262 29.95 -5.39 -2.13
C CYS C 262 29.21 -4.09 -2.38
N GLY C 263 29.44 -3.51 -3.56
CA GLY C 263 28.73 -2.30 -3.98
C GLY C 263 28.81 -1.12 -3.03
N GLU C 264 29.96 -0.90 -2.41
CA GLU C 264 30.15 0.18 -1.45
C GLU C 264 31.22 1.15 -1.94
N ARG C 265 31.40 2.22 -1.15
CA ARG C 265 32.40 3.24 -1.43
C ARG C 265 33.74 2.63 -1.81
N GLY C 266 34.40 3.22 -2.80
CA GLY C 266 35.77 2.85 -3.11
C GLY C 266 36.76 3.40 -2.11
N ASN C 267 36.46 4.57 -1.54
CA ASN C 267 37.31 5.16 -0.51
C ASN C 267 37.48 4.21 0.67
N GLU C 268 36.41 3.54 1.06
CA GLU C 268 36.50 2.57 2.16
C GLU C 268 37.41 1.41 1.79
N MET C 269 37.31 0.92 0.56
CA MET C 269 38.17 -0.16 0.11
C MET C 269 39.63 0.28 0.15
N THR C 270 39.88 1.54 -0.20
CA THR C 270 41.25 2.05 -0.11
C THR C 270 41.69 2.21 1.34
N ASP C 271 40.76 2.51 2.25
CA ASP C 271 41.11 2.41 3.67
C ASP C 271 41.64 1.03 4.00
N VAL C 272 40.95 -0.01 3.54
CA VAL C 272 41.46 -1.36 3.79
C VAL C 272 42.85 -1.52 3.20
N VAL C 273 43.05 -1.11 1.93
CA VAL C 273 44.33 -1.37 1.27
C VAL C 273 45.46 -0.55 1.88
N ASN C 274 45.13 0.60 2.49
CA ASN C 274 46.15 1.47 3.07
C ASN C 274 46.51 1.05 4.49
N GLU C 275 45.53 0.60 5.27
CA GLU C 275 45.76 0.32 6.68
C GLU C 275 46.20 -1.12 6.92
N PHE C 276 45.51 -2.10 6.33
CA PHE C 276 45.78 -3.50 6.63
C PHE C 276 47.24 -3.92 6.43
N PRO C 277 47.99 -3.36 5.46
CA PRO C 277 49.41 -3.73 5.35
C PRO C 277 50.25 -3.30 6.55
N GLU C 278 49.88 -2.23 7.24
CA GLU C 278 50.68 -1.69 8.34
C GLU C 278 50.17 -2.09 9.72
N LEU C 279 49.13 -2.90 9.80
CA LEU C 279 48.49 -3.22 11.08
C LEU C 279 48.93 -4.62 11.46
N ILE C 280 49.92 -4.70 12.37
CA ILE C 280 50.65 -5.93 12.67
C ILE C 280 49.90 -6.71 13.74
N ASP C 281 49.92 -8.04 13.62
CA ASP C 281 49.58 -8.87 14.77
C ASP C 281 50.82 -9.05 15.64
N PRO C 282 50.73 -8.75 16.94
CA PRO C 282 51.96 -8.69 17.76
C PRO C 282 52.62 -10.03 17.98
N ASN C 283 51.85 -11.12 18.11
CA ASN C 283 52.45 -12.43 18.36
C ASN C 283 53.15 -12.93 17.09
N THR C 284 52.50 -12.80 15.93
CA THR C 284 53.04 -13.32 14.69
C THR C 284 53.97 -12.37 13.98
N GLY C 285 53.91 -11.07 14.29
CA GLY C 285 54.75 -10.10 13.60
C GLY C 285 54.28 -9.89 12.17
N GLU C 286 53.18 -10.54 11.80
CA GLU C 286 52.62 -10.43 10.47
C GLU C 286 51.55 -9.35 10.44
N SER C 287 51.37 -8.76 9.26
CA SER C 287 50.35 -7.75 9.07
C SER C 287 49.01 -8.41 8.73
N LEU C 288 47.94 -7.62 8.82
CA LEU C 288 46.64 -8.11 8.43
C LEU C 288 46.60 -8.47 6.96
N MET C 289 47.24 -7.67 6.11
CA MET C 289 47.24 -7.98 4.68
C MET C 289 47.97 -9.27 4.37
N GLU C 290 48.86 -9.73 5.25
CA GLU C 290 49.50 -11.01 5.06
C GLU C 290 48.58 -12.19 5.35
N ARG C 291 47.36 -11.93 5.81
CA ARG C 291 46.36 -12.97 6.02
C ARG C 291 44.99 -12.58 5.45
N THR C 292 44.94 -11.62 4.53
CA THR C 292 43.68 -11.11 4.01
C THR C 292 43.62 -11.29 2.50
N VAL C 293 42.49 -11.80 2.02
CA VAL C 293 42.12 -11.77 0.61
C VAL C 293 40.99 -10.76 0.47
N LEU C 294 41.10 -9.86 -0.50
CA LEU C 294 40.26 -8.68 -0.57
C LEU C 294 39.52 -8.66 -1.90
N ILE C 295 38.20 -8.75 -1.85
CA ILE C 295 37.33 -8.69 -3.01
C ILE C 295 36.67 -7.32 -3.02
N ALA C 296 36.89 -6.55 -4.08
CA ALA C 296 36.39 -5.19 -4.16
C ALA C 296 35.47 -5.03 -5.37
N ASN C 297 34.20 -4.77 -5.11
CA ASN C 297 33.28 -4.25 -6.10
C ASN C 297 32.68 -2.96 -5.55
N THR C 298 32.84 -1.87 -6.27
CA THR C 298 32.35 -0.58 -5.80
C THR C 298 30.97 -0.29 -6.37
N SER C 299 30.34 0.75 -5.83
CA SER C 299 28.93 1.02 -6.13
C SER C 299 28.72 1.40 -7.58
N ASN C 300 29.72 2.00 -8.22
CA ASN C 300 29.61 2.34 -9.64
C ASN C 300 30.21 1.27 -10.55
N MET C 301 30.80 0.23 -9.98
CA MET C 301 31.14 -0.94 -10.76
C MET C 301 29.85 -1.66 -11.15
N PRO C 302 29.89 -2.53 -12.17
CA PRO C 302 28.64 -3.09 -12.70
C PRO C 302 27.90 -3.95 -11.69
N VAL C 303 26.57 -3.89 -11.76
CA VAL C 303 25.73 -4.57 -10.77
C VAL C 303 25.77 -6.08 -10.96
N ALA C 304 26.02 -6.55 -12.19
CA ALA C 304 26.10 -7.99 -12.40
C ALA C 304 27.31 -8.58 -11.67
N ALA C 305 28.43 -7.86 -11.64
CA ALA C 305 29.60 -8.32 -10.90
C ALA C 305 29.36 -8.27 -9.40
N ARG C 306 28.36 -7.51 -8.95
CA ARG C 306 28.11 -7.36 -7.53
C ARG C 306 27.68 -8.68 -6.91
N GLU C 307 26.84 -9.44 -7.62
CA GLU C 307 26.44 -10.76 -7.15
C GLU C 307 27.64 -11.71 -7.13
N ALA C 308 28.53 -11.59 -8.12
CA ALA C 308 29.69 -12.46 -8.20
C ALA C 308 30.71 -12.20 -7.11
N SER C 309 30.75 -10.96 -6.59
CA SER C 309 31.75 -10.62 -5.58
C SER C 309 31.68 -11.56 -4.39
N ILE C 310 30.51 -11.69 -3.77
CA ILE C 310 30.42 -12.47 -2.54
C ILE C 310 30.57 -13.96 -2.83
N TYR C 311 30.12 -14.42 -4.00
CA TYR C 311 30.30 -15.82 -4.33
C TYR C 311 31.78 -16.15 -4.50
N THR C 312 32.52 -15.27 -5.19
CA THR C 312 33.97 -15.41 -5.28
C THR C 312 34.61 -15.46 -3.90
N GLY C 313 34.26 -14.50 -3.05
CA GLY C 313 34.81 -14.45 -1.71
C GLY C 313 34.58 -15.71 -0.91
N ILE C 314 33.33 -16.17 -0.85
CA ILE C 314 33.06 -17.33 -0.02
C ILE C 314 33.60 -18.60 -0.64
N THR C 315 33.75 -18.64 -1.97
CA THR C 315 34.41 -19.80 -2.57
C THR C 315 35.87 -19.87 -2.13
N ILE C 316 36.54 -18.71 -2.08
CA ILE C 316 37.90 -18.68 -1.57
C ILE C 316 37.93 -19.11 -0.11
N ALA C 317 36.97 -18.63 0.69
CA ALA C 317 36.88 -19.02 2.08
C ALA C 317 36.70 -20.52 2.24
N GLU C 318 35.87 -21.12 1.38
CA GLU C 318 35.71 -22.57 1.37
C GLU C 318 37.03 -23.26 1.02
N TYR C 319 37.74 -22.72 0.02
CA TYR C 319 39.00 -23.30 -0.40
C TYR C 319 40.00 -23.36 0.75
N PHE C 320 39.99 -22.36 1.62
CA PHE C 320 40.92 -22.39 2.75
C PHE C 320 40.39 -23.12 3.97
N ARG C 321 39.07 -23.15 4.17
CA ARG C 321 38.53 -24.00 5.23
C ARG C 321 38.75 -25.47 4.91
N ASP C 322 38.86 -25.80 3.61
CA ASP C 322 39.16 -27.16 3.19
C ASP C 322 40.55 -27.58 3.65
N MET C 323 41.48 -26.63 3.75
CA MET C 323 42.84 -26.91 4.20
C MET C 323 42.95 -27.12 5.69
N GLY C 324 41.87 -26.91 6.44
CA GLY C 324 41.88 -26.99 7.89
C GLY C 324 41.88 -25.64 8.58
N TYR C 325 41.83 -24.54 7.84
CA TYR C 325 41.88 -23.22 8.43
C TYR C 325 40.50 -22.75 8.87
N ASP C 326 40.51 -21.80 9.82
CA ASP C 326 39.33 -21.04 10.18
C ASP C 326 39.42 -19.68 9.48
N VAL C 327 38.39 -19.36 8.70
CA VAL C 327 38.33 -18.15 7.91
C VAL C 327 37.13 -17.34 8.36
N ALA C 328 37.27 -16.02 8.30
CA ALA C 328 36.16 -15.09 8.49
C ALA C 328 35.91 -14.36 7.18
N ILE C 329 34.66 -14.38 6.72
CA ILE C 329 34.27 -13.67 5.50
C ILE C 329 33.35 -12.53 5.88
N MET C 330 33.72 -11.32 5.47
CA MET C 330 32.95 -10.12 5.74
C MET C 330 32.36 -9.59 4.44
N ALA C 331 31.05 -9.36 4.44
CA ALA C 331 30.34 -8.83 3.28
C ALA C 331 29.82 -7.44 3.64
N ASP C 332 30.11 -6.46 2.77
CA ASP C 332 29.73 -5.07 3.02
C ASP C 332 29.25 -4.45 1.71
N SER C 333 27.93 -4.45 1.49
CA SER C 333 26.99 -5.10 2.38
C SER C 333 26.09 -6.03 1.56
N THR C 334 25.47 -7.00 2.23
CA THR C 334 24.60 -7.95 1.51
C THR C 334 23.42 -7.24 0.86
N SER C 335 23.03 -6.09 1.40
CA SER C 335 21.93 -5.33 0.83
C SER C 335 22.21 -4.96 -0.62
N ARG C 336 23.44 -4.57 -0.93
CA ARG C 336 23.80 -4.21 -2.30
C ARG C 336 23.64 -5.41 -3.22
N TRP C 337 24.02 -6.59 -2.73
CA TRP C 337 23.83 -7.83 -3.49
C TRP C 337 22.35 -8.05 -3.81
N ALA C 338 21.49 -7.95 -2.79
CA ALA C 338 20.07 -8.14 -3.02
C ALA C 338 19.49 -7.08 -3.95
N GLU C 339 20.02 -5.86 -3.88
CA GLU C 339 19.52 -4.80 -4.75
C GLU C 339 19.93 -5.05 -6.20
N ALA C 340 21.13 -5.59 -6.42
CA ALA C 340 21.51 -6.01 -7.77
C ALA C 340 20.58 -7.12 -8.26
N LEU C 341 20.33 -8.12 -7.41
CA LEU C 341 19.35 -9.15 -7.72
C LEU C 341 18.02 -8.53 -8.14
N ARG C 342 17.61 -7.48 -7.45
CA ARG C 342 16.28 -6.91 -7.68
C ARG C 342 16.23 -6.15 -9.01
N GLU C 343 17.24 -5.30 -9.27
CA GLU C 343 17.28 -4.64 -10.58
C GLU C 343 17.26 -5.67 -11.70
N MET C 344 18.13 -6.67 -11.62
CA MET C 344 18.24 -7.63 -12.71
C MET C 344 16.98 -8.49 -12.82
N SER C 345 16.27 -8.69 -11.71
CA SER C 345 14.99 -9.39 -11.77
C SER C 345 13.94 -8.51 -12.43
N GLY C 346 13.98 -7.21 -12.18
CA GLY C 346 13.08 -6.30 -12.86
C GLY C 346 13.30 -6.28 -14.36
N ARG C 347 14.57 -6.32 -14.78
CA ARG C 347 14.86 -6.32 -16.21
C ARG C 347 14.47 -7.65 -16.86
N LEU C 348 14.58 -8.76 -16.14
CA LEU C 348 14.19 -10.06 -16.68
C LEU C 348 12.68 -10.29 -16.66
N GLU C 349 11.90 -9.27 -16.31
CA GLU C 349 10.44 -9.36 -16.22
C GLU C 349 10.00 -10.58 -15.41
N GLU C 350 10.62 -10.75 -14.25
CA GLU C 350 10.29 -11.84 -13.35
C GLU C 350 9.15 -11.46 -12.42
N MET C 351 8.44 -12.48 -11.94
CA MET C 351 7.40 -12.27 -10.95
C MET C 351 8.02 -11.76 -9.66
N PRO C 352 7.66 -10.58 -9.18
CA PRO C 352 8.37 -10.00 -8.03
C PRO C 352 8.04 -10.74 -6.75
N GLY C 353 8.86 -10.48 -5.73
CA GLY C 353 8.57 -10.85 -4.37
C GLY C 353 8.21 -9.66 -3.52
N ASP C 354 8.40 -9.81 -2.21
CA ASP C 354 8.20 -8.70 -1.29
C ASP C 354 9.08 -7.53 -1.70
N GLU C 355 8.45 -6.37 -1.92
CA GLU C 355 9.17 -5.12 -2.10
C GLU C 355 10.04 -5.15 -3.35
N GLY C 356 9.60 -5.89 -4.38
CA GLY C 356 10.29 -5.95 -5.64
C GLY C 356 11.43 -6.95 -5.72
N TYR C 357 11.96 -7.38 -4.57
CA TYR C 357 13.06 -8.33 -4.58
C TYR C 357 12.60 -9.62 -5.27
N PRO C 358 13.52 -10.40 -5.85
CA PRO C 358 13.11 -11.65 -6.48
C PRO C 358 12.43 -12.57 -5.48
N ALA C 359 11.59 -13.48 -6.01
CA ALA C 359 10.97 -14.47 -5.16
C ALA C 359 12.02 -15.40 -4.55
N TYR C 360 13.08 -15.69 -5.30
CA TYR C 360 14.11 -16.62 -4.85
C TYR C 360 15.15 -15.98 -3.94
N LEU C 361 15.05 -14.67 -3.69
CA LEU C 361 15.97 -13.97 -2.79
C LEU C 361 16.25 -14.80 -1.55
N GLY C 362 15.19 -15.15 -0.81
CA GLY C 362 15.29 -15.98 0.36
C GLY C 362 16.21 -17.15 0.13
N SER C 363 15.83 -18.04 -0.79
CA SER C 363 16.65 -19.22 -1.05
C SER C 363 18.11 -18.84 -1.23
N ARG C 364 18.38 -17.84 -2.08
CA ARG C 364 19.76 -17.45 -2.34
C ARG C 364 20.50 -17.14 -1.05
N LEU C 365 19.89 -16.34 -0.17
CA LEU C 365 20.53 -16.04 1.11
C LEU C 365 20.85 -17.32 1.87
N ALA C 366 19.86 -18.22 1.98
CA ALA C 366 20.13 -19.53 2.59
C ALA C 366 21.35 -20.17 1.94
N GLU C 367 21.33 -20.29 0.60
CA GLU C 367 22.41 -20.93 -0.14
C GLU C 367 23.76 -20.37 0.30
N TYR C 368 23.81 -19.06 0.53
CA TYR C 368 25.09 -18.46 0.88
C TYR C 368 25.49 -18.82 2.30
N TYR C 369 24.59 -18.59 3.26
CA TYR C 369 25.00 -18.71 4.66
C TYR C 369 25.18 -20.16 5.07
N GLU C 370 24.43 -21.08 4.45
CA GLU C 370 24.67 -22.49 4.71
C GLU C 370 26.01 -22.95 4.12
N ARG C 371 26.58 -22.18 3.20
CA ARG C 371 27.91 -22.50 2.70
C ARG C 371 29.00 -22.15 3.70
N SER C 372 28.72 -21.25 4.64
CA SER C 372 29.61 -21.05 5.77
C SER C 372 29.42 -22.19 6.76
N GLY C 373 30.18 -22.16 7.85
CA GLY C 373 30.00 -23.11 8.93
C GLY C 373 31.28 -23.87 9.23
N ARG C 374 31.20 -24.65 10.31
CA ARG C 374 32.26 -25.55 10.75
C ARG C 374 32.06 -26.92 10.10
N VAL C 375 33.12 -27.47 9.51
CA VAL C 375 33.01 -28.69 8.72
C VAL C 375 34.17 -29.62 9.00
N ILE C 376 33.88 -30.91 8.88
CA ILE C 376 34.88 -31.92 8.52
C ILE C 376 35.01 -31.86 7.00
N ALA C 377 36.19 -31.43 6.54
CA ALA C 377 36.46 -31.30 5.11
C ALA C 377 36.72 -32.67 4.49
N LEU C 378 36.76 -32.69 3.17
CA LEU C 378 37.08 -33.92 2.47
C LEU C 378 38.54 -34.27 2.66
N GLY C 379 38.86 -35.55 2.47
CA GLY C 379 40.21 -36.03 2.70
C GLY C 379 40.26 -37.08 3.79
N SER C 380 41.25 -37.98 3.70
CA SER C 380 41.32 -39.11 4.62
C SER C 380 41.52 -38.64 6.06
N ASP C 381 42.36 -37.63 6.27
CA ASP C 381 42.68 -37.18 7.62
C ASP C 381 41.51 -36.50 8.34
N GLN C 382 40.41 -36.23 7.64
CA GLN C 382 39.20 -35.67 8.25
C GLN C 382 39.50 -34.42 9.06
N ARG C 383 40.28 -33.52 8.47
CA ARG C 383 40.64 -32.28 9.13
C ARG C 383 39.41 -31.38 9.28
N GLU C 384 39.52 -30.38 10.15
CA GLU C 384 38.40 -29.51 10.49
C GLU C 384 38.70 -28.08 10.06
N GLY C 385 37.72 -27.45 9.42
CA GLY C 385 37.80 -26.05 9.09
C GLY C 385 36.51 -25.34 9.47
N SER C 386 36.51 -24.03 9.31
CA SER C 386 35.30 -23.26 9.55
C SER C 386 35.34 -21.99 8.72
N ILE C 387 34.19 -21.60 8.20
CA ILE C 387 33.96 -20.25 7.68
C ILE C 387 32.97 -19.57 8.60
N THR C 388 33.31 -18.36 9.06
CA THR C 388 32.42 -17.55 9.87
C THR C 388 32.00 -16.36 9.05
N ALA C 389 30.71 -16.29 8.73
CA ALA C 389 30.17 -15.24 7.88
C ALA C 389 29.72 -14.06 8.74
N ILE C 390 30.12 -12.87 8.35
CA ILE C 390 29.72 -11.64 9.01
C ILE C 390 29.28 -10.67 7.92
N SER C 391 27.97 -10.41 7.88
CA SER C 391 27.35 -9.68 6.79
C SER C 391 26.76 -8.39 7.31
N ALA C 392 27.11 -7.28 6.68
CA ALA C 392 26.42 -6.03 6.93
C ALA C 392 25.13 -6.03 6.12
N VAL C 393 24.03 -5.70 6.78
CA VAL C 393 22.76 -5.47 6.12
C VAL C 393 22.44 -3.98 6.29
N SER C 394 22.11 -3.33 5.18
CA SER C 394 21.79 -1.90 5.15
C SER C 394 20.29 -1.76 4.92
N PRO C 395 19.48 -1.79 5.99
CA PRO C 395 18.03 -1.64 5.81
C PRO C 395 17.71 -0.36 5.05
N SER C 396 16.88 -0.51 4.01
CA SER C 396 16.67 0.54 3.02
C SER C 396 16.19 1.86 3.63
N GLY C 397 15.78 1.86 4.90
CA GLY C 397 15.49 3.10 5.59
C GLY C 397 15.84 2.98 7.05
N GLY C 398 16.75 2.05 7.35
CA GLY C 398 17.04 1.69 8.72
C GLY C 398 16.00 0.78 9.36
N ASP C 399 14.99 0.35 8.61
CA ASP C 399 13.93 -0.48 9.14
C ASP C 399 14.31 -1.95 9.02
N ILE C 400 14.41 -2.62 10.17
CA ILE C 400 14.75 -4.04 10.22
C ILE C 400 13.69 -4.89 9.54
N SER C 401 12.47 -4.35 9.36
CA SER C 401 11.36 -5.13 8.82
C SER C 401 11.49 -5.40 7.33
N GLU C 402 12.50 -4.87 6.66
CA GLU C 402 12.64 -5.05 5.22
C GLU C 402 13.02 -6.50 4.90
N PRO C 403 12.77 -6.94 3.66
CA PRO C 403 12.94 -8.37 3.35
C PRO C 403 14.36 -8.90 3.48
N VAL C 404 15.37 -8.08 3.21
CA VAL C 404 16.75 -8.60 3.24
C VAL C 404 17.14 -8.97 4.67
N THR C 405 16.88 -8.07 5.62
CA THR C 405 17.17 -8.36 7.02
C THR C 405 16.37 -9.57 7.51
N GLN C 406 15.07 -9.61 7.18
CA GLN C 406 14.24 -10.72 7.61
C GLN C 406 14.75 -12.05 7.09
N ASN C 407 15.09 -12.11 5.80
CA ASN C 407 15.55 -13.36 5.22
C ASN C 407 16.93 -13.75 5.74
N THR C 408 17.78 -12.78 6.05
CA THR C 408 19.06 -13.12 6.65
C THR C 408 18.88 -13.66 8.07
N LEU C 409 18.03 -13.01 8.88
CA LEU C 409 17.83 -13.41 10.27
C LEU C 409 17.13 -14.75 10.42
N ARG C 410 16.52 -15.28 9.35
CA ARG C 410 15.92 -16.61 9.44
C ARG C 410 16.98 -17.71 9.49
N VAL C 411 18.19 -17.45 8.99
CA VAL C 411 19.20 -18.49 8.85
C VAL C 411 20.54 -18.12 9.49
N VAL C 412 20.65 -16.96 10.14
CA VAL C 412 21.82 -16.62 10.92
C VAL C 412 21.38 -16.47 12.38
N LYS C 413 22.22 -16.95 13.30
CA LYS C 413 21.86 -17.01 14.71
C LYS C 413 22.35 -15.81 15.52
N VAL C 414 23.12 -14.90 14.92
CA VAL C 414 23.64 -13.73 15.61
C VAL C 414 23.13 -12.49 14.90
N PHE C 415 22.57 -11.56 15.68
CA PHE C 415 21.99 -10.32 15.15
C PHE C 415 22.57 -9.16 15.97
N TRP C 416 23.49 -8.41 15.37
CA TRP C 416 24.02 -7.19 15.98
C TRP C 416 23.26 -6.03 15.37
N GLY C 417 22.14 -5.65 16.01
CA GLY C 417 21.31 -4.59 15.50
C GLY C 417 21.81 -3.22 15.91
N LEU C 418 22.25 -2.43 14.94
CA LEU C 418 22.80 -1.12 15.23
C LEU C 418 21.68 -0.09 15.36
N ASP C 419 21.82 0.79 16.36
CA ASP C 419 20.81 1.78 16.69
C ASP C 419 21.38 3.17 16.41
N SER C 420 20.72 3.91 15.51
CA SER C 420 21.22 5.22 15.14
C SER C 420 21.17 6.19 16.30
N SER C 421 20.28 5.99 17.26
CA SER C 421 20.28 6.81 18.47
C SER C 421 21.58 6.64 19.24
N LEU C 422 21.99 5.38 19.43
CA LEU C 422 23.28 5.11 20.08
C LEU C 422 24.43 5.71 19.27
N ALA C 423 24.32 5.70 17.94
CA ALA C 423 25.38 6.25 17.11
C ALA C 423 25.48 7.76 17.26
N GLN C 424 24.33 8.45 17.30
CA GLN C 424 24.33 9.90 17.48
C GLN C 424 24.73 10.30 18.89
N LYS C 425 24.52 9.41 19.86
CA LYS C 425 24.89 9.64 21.25
C LYS C 425 26.36 9.34 21.52
N ARG C 426 27.11 8.88 20.50
CA ARG C 426 28.50 8.44 20.62
C ARG C 426 28.62 7.12 21.36
N HIS C 427 27.54 6.35 21.47
CA HIS C 427 27.63 5.01 22.02
C HIS C 427 28.09 4.09 20.90
N PHE C 428 29.37 3.71 20.93
CA PHE C 428 29.92 2.82 19.94
C PHE C 428 30.65 1.67 20.64
N PRO C 429 30.45 0.42 20.19
CA PRO C 429 29.62 0.02 19.05
C PRO C 429 28.12 0.22 19.31
N SER C 430 27.42 0.74 18.31
CA SER C 430 26.03 1.13 18.47
C SER C 430 25.13 -0.08 18.43
N ILE C 431 25.37 -1.07 19.28
CA ILE C 431 24.62 -2.32 19.28
C ILE C 431 23.55 -2.20 20.37
N ASN C 432 22.29 -2.25 19.96
CA ASN C 432 21.19 -2.28 20.92
C ASN C 432 21.22 -3.58 21.72
N TRP C 433 21.58 -3.49 23.00
CA TRP C 433 21.64 -4.70 23.82
C TRP C 433 20.26 -5.31 24.06
N ILE C 434 19.18 -4.56 23.84
CA ILE C 434 17.83 -5.07 24.06
C ILE C 434 17.32 -5.82 22.84
N GLN C 435 17.45 -5.24 21.64
CA GLN C 435 17.02 -5.94 20.43
C GLN C 435 18.02 -6.99 19.97
N SER C 436 19.32 -6.73 20.10
CA SER C 436 20.31 -7.66 19.60
C SER C 436 20.32 -8.94 20.44
N TYR C 437 20.62 -10.05 19.77
CA TYR C 437 20.62 -11.36 20.38
C TYR C 437 21.71 -12.21 19.74
N SER C 438 22.10 -13.27 20.46
CA SER C 438 22.97 -14.30 19.92
C SER C 438 22.52 -15.64 20.48
N LEU C 439 22.12 -16.53 19.59
CA LEU C 439 21.70 -17.86 20.02
C LEU C 439 22.87 -18.76 20.36
N TYR C 440 24.11 -18.26 20.23
CA TYR C 440 25.29 -18.96 20.70
C TYR C 440 25.64 -18.63 22.14
N SER C 441 24.88 -17.75 22.80
CA SER C 441 25.30 -17.21 24.09
C SER C 441 25.51 -18.29 25.15
N THR C 442 24.57 -19.23 25.26
CA THR C 442 24.65 -20.21 26.34
C THR C 442 25.76 -21.22 26.11
N GLU C 443 25.88 -21.73 24.89
CA GLU C 443 26.95 -22.68 24.60
C GLU C 443 28.31 -22.01 24.74
N VAL C 444 28.43 -20.78 24.24
CA VAL C 444 29.64 -19.98 24.48
C VAL C 444 29.87 -19.80 25.96
N GLY C 445 28.80 -19.64 26.74
CA GLY C 445 28.96 -19.45 28.17
C GLY C 445 29.56 -20.66 28.85
N ARG C 446 29.09 -21.85 28.47
CA ARG C 446 29.72 -23.08 28.98
C ARG C 446 31.20 -23.14 28.57
N TYR C 447 31.48 -22.87 27.29
CA TYR C 447 32.87 -22.90 26.83
C TYR C 447 33.73 -21.95 27.65
N MET C 448 33.24 -20.73 27.86
CA MET C 448 34.01 -19.71 28.55
C MET C 448 34.16 -20.05 30.03
N ASP C 449 33.14 -20.67 30.62
CA ASP C 449 33.29 -21.19 31.97
C ASP C 449 34.45 -22.17 32.03
N GLN C 450 34.53 -23.07 31.05
CA GLN C 450 35.57 -24.08 31.09
C GLN C 450 36.94 -23.52 30.72
N ILE C 451 37.02 -22.42 29.97
CA ILE C 451 38.29 -21.92 29.47
C ILE C 451 38.85 -20.83 30.39
N LEU C 452 37.98 -20.13 31.11
CA LEU C 452 38.42 -19.17 32.10
C LEU C 452 38.58 -19.79 33.47
N GLN C 453 38.15 -21.04 33.63
CA GLN C 453 37.99 -21.71 34.93
C GLN C 453 37.28 -20.79 35.92
N GLN C 454 36.45 -19.91 35.37
CA GLN C 454 35.64 -18.94 36.09
C GLN C 454 34.21 -19.10 35.60
N ASP C 455 33.23 -18.69 36.40
CA ASP C 455 31.84 -18.79 35.99
C ASP C 455 31.40 -17.45 35.41
N TRP C 456 31.81 -17.26 34.15
CA TRP C 456 31.54 -16.04 33.39
C TRP C 456 30.08 -15.94 32.93
N SER C 457 29.42 -17.10 32.78
CA SER C 457 28.07 -17.11 32.24
C SER C 457 27.09 -16.37 33.16
N ASP C 458 27.23 -16.56 34.47
CA ASP C 458 26.32 -15.88 35.39
C ASP C 458 26.58 -14.39 35.46
N MET C 459 27.85 -13.97 35.35
CA MET C 459 28.13 -12.54 35.30
C MET C 459 27.48 -11.91 34.08
N VAL C 460 27.61 -12.57 32.93
CA VAL C 460 26.98 -12.07 31.70
C VAL C 460 25.48 -11.97 31.89
N THR C 461 24.89 -13.04 32.44
CA THR C 461 23.44 -13.07 32.64
C THR C 461 22.99 -11.89 33.50
N GLU C 462 23.65 -11.68 34.64
CA GLU C 462 23.19 -10.61 35.53
C GLU C 462 23.46 -9.23 34.94
N GLY C 463 24.58 -9.05 34.24
CA GLY C 463 24.81 -7.77 33.59
C GLY C 463 23.70 -7.42 32.60
N MET C 464 23.34 -8.39 31.76
CA MET C 464 22.26 -8.16 30.81
C MET C 464 20.93 -7.90 31.51
N ARG C 465 20.63 -8.64 32.57
CA ARG C 465 19.35 -8.43 33.25
C ARG C 465 19.34 -7.09 33.98
N ILE C 466 20.50 -6.61 34.43
CA ILE C 466 20.61 -5.25 34.96
C ILE C 466 20.27 -4.24 33.88
N LEU C 467 20.77 -4.45 32.67
CA LEU C 467 20.45 -3.53 31.57
C LEU C 467 18.96 -3.55 31.23
N GLN C 468 18.35 -4.73 31.27
CA GLN C 468 16.92 -4.84 30.99
C GLN C 468 16.10 -4.11 32.06
N GLU C 469 16.47 -4.32 33.32
CA GLU C 469 15.86 -3.55 34.39
C GLU C 469 16.07 -2.05 34.19
N GLU C 470 17.20 -1.66 33.60
CA GLU C 470 17.39 -0.25 33.26
C GLU C 470 16.31 0.24 32.30
N GLU C 471 15.99 -0.55 31.27
CA GLU C 471 14.91 -0.12 30.38
C GLU C 471 13.59 0.07 31.15
N GLN C 472 13.26 -0.91 32.00
CA GLN C 472 12.05 -0.78 32.81
C GLN C 472 12.08 0.49 33.67
N LEU C 473 13.22 0.74 34.31
CA LEU C 473 13.32 1.87 35.22
C LEU C 473 13.37 3.20 34.48
N ASN C 474 13.83 3.20 33.23
CA ASN C 474 13.81 4.43 32.43
C ASN C 474 12.38 4.76 32.02
N GLU C 475 11.59 3.75 31.65
CA GLU C 475 10.18 4.01 31.42
C GLU C 475 9.53 4.58 32.67
N ILE C 476 9.85 3.99 33.82
CA ILE C 476 9.34 4.53 35.09
C ILE C 476 9.79 5.97 35.30
N VAL C 477 11.05 6.28 34.99
CA VAL C 477 11.59 7.61 35.34
C VAL C 477 10.98 8.67 34.43
N ARG C 478 10.56 8.30 33.22
CA ARG C 478 9.82 9.30 32.45
C ARG C 478 8.39 9.43 32.95
N LEU C 479 7.77 8.31 33.36
CA LEU C 479 6.38 8.40 33.83
C LEU C 479 6.29 9.11 35.17
N VAL C 480 7.20 8.81 36.10
CA VAL C 480 7.27 9.49 37.39
C VAL C 480 8.72 9.85 37.66
N GLY C 481 8.94 10.92 38.41
CA GLY C 481 10.29 11.44 38.62
C GLY C 481 11.22 10.42 39.24
N ILE C 482 12.52 10.68 39.09
CA ILE C 482 13.53 9.76 39.62
C ILE C 482 13.51 9.70 41.13
N ASP C 483 13.00 10.74 41.80
CA ASP C 483 12.81 10.69 43.24
C ASP C 483 11.90 9.54 43.66
N SER C 484 11.01 9.13 42.76
CA SER C 484 10.10 8.02 43.06
C SER C 484 10.84 6.70 43.19
N LEU C 485 11.96 6.55 42.50
CA LEU C 485 12.62 5.25 42.44
C LEU C 485 13.12 4.83 43.82
N SER C 486 13.05 3.53 44.09
CA SER C 486 13.54 2.96 45.33
C SER C 486 15.00 3.34 45.56
N ASP C 487 15.43 3.38 46.81
CA ASP C 487 16.82 3.71 47.08
C ASP C 487 17.75 2.65 46.53
N ASN C 488 17.30 1.39 46.51
CA ASN C 488 18.04 0.32 45.86
C ASN C 488 18.04 0.50 44.35
N ASP C 489 16.91 0.95 43.80
CA ASP C 489 16.75 0.98 42.34
C ASP C 489 17.60 2.06 41.69
N ARG C 490 17.88 3.17 42.39
CA ARG C 490 18.77 4.16 41.80
C ARG C 490 20.21 3.66 41.75
N LEU C 491 20.62 2.84 42.72
CA LEU C 491 21.89 2.14 42.60
C LEU C 491 21.88 1.20 41.40
N THR C 492 20.77 0.46 41.23
CA THR C 492 20.66 -0.41 40.05
C THR C 492 20.85 0.40 38.76
N LEU C 493 20.23 1.57 38.68
CA LEU C 493 20.45 2.42 37.52
C LEU C 493 21.92 2.75 37.35
N GLU C 494 22.56 3.27 38.39
CA GLU C 494 23.93 3.76 38.20
C GLU C 494 24.89 2.63 37.84
N VAL C 495 24.62 1.41 38.31
CA VAL C 495 25.47 0.30 37.86
C VAL C 495 25.15 -0.07 36.41
N ALA C 496 23.90 0.13 35.97
CA ALA C 496 23.61 -0.05 34.55
C ALA C 496 24.33 0.99 33.70
N LYS C 497 24.38 2.23 34.17
CA LYS C 497 25.16 3.26 33.48
C LYS C 497 26.63 2.86 33.43
N SER C 498 27.11 2.23 34.49
CA SER C 498 28.46 1.70 34.48
C SER C 498 28.64 0.66 33.38
N ILE C 499 27.69 -0.28 33.29
CA ILE C 499 27.80 -1.30 32.24
C ILE C 499 27.82 -0.67 30.86
N ARG C 500 27.02 0.38 30.66
CA ARG C 500 27.02 1.05 29.36
C ARG C 500 28.38 1.69 29.07
N GLU C 501 28.77 2.68 29.88
CA GLU C 501 29.93 3.50 29.54
C GLU C 501 31.24 2.77 29.79
N ASP C 502 31.34 2.02 30.88
CA ASP C 502 32.59 1.37 31.27
C ASP C 502 32.85 0.07 30.50
N TYR C 503 31.80 -0.60 30.02
CA TYR C 503 31.99 -1.89 29.36
C TYR C 503 31.54 -1.88 27.91
N LEU C 504 30.28 -1.57 27.63
CA LEU C 504 29.78 -1.74 26.27
C LEU C 504 30.43 -0.75 25.30
N GLN C 505 30.70 0.47 25.76
CA GLN C 505 31.35 1.45 24.91
C GLN C 505 32.83 1.09 24.74
N GLN C 506 33.30 1.18 23.50
CA GLN C 506 34.40 0.34 23.00
C GLN C 506 34.90 1.02 21.73
N ASN C 507 35.74 2.05 21.90
CA ASN C 507 36.15 2.87 20.78
C ASN C 507 37.11 2.08 19.90
N ALA C 508 36.77 1.98 18.61
CA ALA C 508 37.56 1.24 17.65
C ALA C 508 38.79 1.99 17.17
N PHE C 509 38.95 3.26 17.56
CA PHE C 509 40.03 4.09 17.05
C PHE C 509 41.13 4.37 18.08
N ASP C 510 40.96 3.94 19.33
CA ASP C 510 41.95 4.17 20.37
C ASP C 510 42.83 2.93 20.53
N ASP C 511 44.14 3.14 20.64
CA ASP C 511 45.10 2.03 20.49
C ASP C 511 44.92 0.94 21.55
N VAL C 512 44.53 1.29 22.76
CA VAL C 512 44.30 0.31 23.81
C VAL C 512 42.85 -0.16 23.85
N ASP C 513 41.90 0.73 23.57
CA ASP C 513 40.49 0.35 23.57
C ASP C 513 40.03 -0.22 22.24
N THR C 514 40.90 -0.33 21.23
CA THR C 514 40.48 -0.96 19.99
C THR C 514 40.37 -2.47 20.13
N PHE C 515 40.99 -3.05 21.17
CA PHE C 515 40.94 -4.48 21.43
C PHE C 515 40.90 -4.72 22.93
N THR C 516 40.08 -5.68 23.35
CA THR C 516 40.00 -6.10 24.74
C THR C 516 40.13 -7.61 24.79
N SER C 517 41.12 -8.11 25.50
CA SER C 517 41.33 -9.55 25.59
C SER C 517 40.22 -10.20 26.42
N ARG C 518 40.17 -11.52 26.34
CA ARG C 518 39.17 -12.27 27.10
C ARG C 518 39.37 -12.06 28.60
N GLU C 519 40.61 -12.13 29.06
CA GLU C 519 40.89 -11.98 30.48
C GLU C 519 40.59 -10.56 30.96
N LYS C 520 41.00 -9.56 30.17
CA LYS C 520 40.69 -8.18 30.53
C LYS C 520 39.18 -7.95 30.55
N GLN C 521 38.48 -8.46 29.53
CA GLN C 521 37.02 -8.39 29.51
C GLN C 521 36.43 -8.97 30.79
N PHE C 522 36.90 -10.15 31.18
CA PHE C 522 36.46 -10.78 32.41
C PHE C 522 36.66 -9.86 33.60
N ASN C 523 37.87 -9.30 33.73
CA ASN C 523 38.18 -8.48 34.90
C ASN C 523 37.33 -7.21 34.92
N MET C 524 37.09 -6.61 33.75
CA MET C 524 36.26 -5.41 33.71
C MET C 524 34.81 -5.70 34.08
N LEU C 525 34.24 -6.77 33.55
CA LEU C 525 32.86 -7.11 33.93
C LEU C 525 32.79 -7.46 35.42
N LYS C 526 33.83 -8.11 35.94
CA LYS C 526 33.88 -8.44 37.36
C LYS C 526 33.87 -7.17 38.21
N VAL C 527 34.72 -6.20 37.86
CA VAL C 527 34.81 -4.99 38.68
C VAL C 527 33.56 -4.13 38.51
N ILE C 528 32.88 -4.22 37.37
CA ILE C 528 31.65 -3.46 37.21
C ILE C 528 30.52 -4.07 38.04
N LEU C 529 30.41 -5.40 38.04
CA LEU C 529 29.27 -6.06 38.68
C LEU C 529 29.48 -6.29 40.19
N THR C 530 30.73 -6.35 40.64
CA THR C 530 31.00 -6.47 42.07
C THR C 530 30.42 -5.28 42.82
N PHE C 531 30.52 -4.08 42.23
CA PHE C 531 29.97 -2.90 42.85
C PHE C 531 28.46 -3.00 42.95
N GLY C 532 27.81 -3.48 41.89
CA GLY C 532 26.40 -3.77 41.91
C GLY C 532 26.03 -4.54 43.16
N LYS C 533 26.56 -5.76 43.28
CA LYS C 533 26.10 -6.61 44.39
C LYS C 533 26.47 -6.02 45.75
N GLU C 534 27.71 -5.54 45.88
CA GLU C 534 28.17 -5.16 47.21
C GLU C 534 27.59 -3.84 47.68
N ALA C 535 27.48 -2.84 46.80
CA ALA C 535 26.78 -1.62 47.18
C ALA C 535 25.33 -1.91 47.50
N ARG C 536 24.70 -2.84 46.75
CA ARG C 536 23.34 -3.25 47.06
C ARG C 536 23.24 -3.77 48.49
N LYS C 537 24.15 -4.66 48.87
CA LYS C 537 24.10 -5.19 50.23
C LYS C 537 24.60 -4.20 51.28
N ALA C 538 25.32 -3.16 50.87
CA ALA C 538 25.60 -2.06 51.78
C ALA C 538 24.30 -1.35 52.15
N LEU C 539 23.51 -0.97 51.13
CA LEU C 539 22.17 -0.43 51.41
C LEU C 539 21.31 -1.42 52.18
N SER C 540 21.56 -2.72 52.00
CA SER C 540 20.68 -3.74 52.59
C SER C 540 20.53 -3.58 54.10
N LEU C 541 21.53 -3.06 54.79
CA LEU C 541 21.48 -2.96 56.24
C LEU C 541 21.85 -1.55 56.72
N GLY C 542 21.28 -0.54 56.07
CA GLY C 542 21.29 0.80 56.63
C GLY C 542 22.38 1.73 56.16
N ALA C 543 22.91 1.52 54.95
CA ALA C 543 23.85 2.47 54.39
C ALA C 543 23.11 3.47 53.52
N TYR C 544 23.66 4.68 53.44
CA TYR C 544 23.04 5.76 52.70
C TYR C 544 23.53 5.72 51.26
N PHE C 545 22.60 5.66 50.31
CA PHE C 545 22.95 5.46 48.91
C PHE C 545 23.83 6.58 48.36
N ASN C 546 23.34 7.82 48.44
CA ASN C 546 24.10 8.94 47.88
C ASN C 546 25.41 9.13 48.63
N GLU C 547 25.43 8.80 49.93
CA GLU C 547 26.69 8.77 50.66
C GLU C 547 27.65 7.75 50.05
N ILE C 548 27.14 6.59 49.63
CA ILE C 548 27.98 5.61 48.97
C ILE C 548 28.59 6.20 47.70
N MET C 549 27.78 6.86 46.88
CA MET C 549 28.36 7.35 45.62
C MET C 549 29.31 8.51 45.84
N GLU C 550 29.03 9.40 46.80
CA GLU C 550 29.98 10.48 47.08
C GLU C 550 31.28 9.94 47.67
N GLY C 551 31.22 8.81 48.37
CA GLY C 551 32.46 8.20 48.85
C GLY C 551 33.14 7.30 47.85
N THR C 552 32.44 6.86 46.81
CA THR C 552 32.97 5.91 45.84
C THR C 552 33.25 6.54 44.47
N VAL C 553 33.10 7.87 44.36
CA VAL C 553 33.55 8.55 43.14
C VAL C 553 34.99 8.14 42.79
N ALA C 554 35.84 8.01 43.80
CA ALA C 554 37.26 7.78 43.56
C ALA C 554 37.50 6.41 42.94
N VAL C 555 36.86 5.38 43.48
CA VAL C 555 37.01 4.01 42.96
C VAL C 555 36.33 3.86 41.60
N ARG C 556 35.16 4.48 41.43
CA ARG C 556 34.47 4.29 40.17
C ARG C 556 35.17 5.02 39.03
N GLU C 557 35.98 6.03 39.33
CA GLU C 557 36.80 6.63 38.28
C GLU C 557 37.74 5.60 37.66
N ARG C 558 38.35 4.74 38.49
CA ARG C 558 39.20 3.70 37.94
C ARG C 558 38.36 2.66 37.22
N ILE C 559 37.15 2.37 37.71
CA ILE C 559 36.29 1.50 36.90
C ILE C 559 36.07 2.10 35.51
N SER C 560 35.95 3.44 35.43
CA SER C 560 35.67 4.07 34.15
C SER C 560 36.89 4.03 33.23
N ARG C 561 38.09 4.19 33.78
CA ARG C 561 39.27 4.21 32.93
C ARG C 561 39.85 2.81 32.71
N SER C 562 39.29 1.79 33.37
CA SER C 562 39.84 0.44 33.32
C SER C 562 39.94 -0.11 31.90
N LYS C 563 39.05 0.31 30.99
CA LYS C 563 39.13 -0.15 29.61
C LYS C 563 40.43 0.27 28.95
N TYR C 564 41.10 1.29 29.46
CA TYR C 564 42.31 1.85 28.88
C TYR C 564 43.59 1.24 29.43
N ILE C 565 43.50 0.27 30.33
CA ILE C 565 44.67 -0.35 30.92
C ILE C 565 45.23 -1.38 29.94
N PRO C 566 46.54 -1.42 29.72
CA PRO C 566 47.11 -2.42 28.81
C PRO C 566 46.92 -3.84 29.33
N GLU C 567 47.01 -4.79 28.38
CA GLU C 567 46.70 -6.19 28.70
C GLU C 567 47.64 -6.75 29.75
N GLU C 568 48.86 -6.23 29.84
CA GLU C 568 49.86 -6.78 30.74
C GLU C 568 49.57 -6.48 32.21
N GLU C 569 48.82 -5.41 32.49
CA GLU C 569 48.69 -4.92 33.85
C GLU C 569 47.64 -5.70 34.63
N LEU C 570 47.97 -6.02 35.88
CA LEU C 570 47.08 -6.74 36.78
C LEU C 570 46.23 -5.81 37.65
N ALA C 571 46.02 -4.56 37.20
CA ALA C 571 45.46 -3.54 38.08
C ALA C 571 43.96 -3.74 38.32
N LYS C 572 43.23 -4.21 37.28
CA LYS C 572 41.80 -4.44 37.45
C LYS C 572 41.55 -5.37 38.62
N ILE C 573 42.42 -6.38 38.77
CA ILE C 573 42.28 -7.35 39.84
C ILE C 573 42.41 -6.69 41.21
N SER C 574 43.27 -5.67 41.32
CA SER C 574 43.41 -4.96 42.59
C SER C 574 42.18 -4.11 42.90
N SER C 575 41.59 -3.52 41.85
CA SER C 575 40.42 -2.67 42.02
C SER C 575 39.31 -3.35 42.81
N ILE C 576 39.20 -4.68 42.69
CA ILE C 576 38.06 -5.41 43.24
C ILE C 576 38.03 -5.28 44.77
N ASN C 577 39.14 -5.64 45.43
CA ASN C 577 39.20 -5.55 46.88
C ASN C 577 39.33 -4.12 47.35
N GLU C 578 39.91 -3.23 46.52
CA GLU C 578 39.94 -1.81 46.91
C GLU C 578 38.51 -1.27 47.09
N GLU C 579 37.65 -1.54 46.10
CA GLU C 579 36.24 -1.16 46.19
C GLU C 579 35.57 -1.79 47.41
N ILE C 580 35.82 -3.09 47.64
CA ILE C 580 35.25 -3.75 48.82
C ILE C 580 35.60 -2.99 50.09
N LYS C 581 36.89 -2.64 50.23
CA LYS C 581 37.33 -1.88 51.40
C LYS C 581 36.50 -0.63 51.59
N GLU C 582 36.40 0.20 50.54
CA GLU C 582 35.70 1.47 50.71
C GLU C 582 34.26 1.26 51.14
N THR C 583 33.55 0.28 50.58
CA THR C 583 32.14 0.18 50.92
C THR C 583 31.92 -0.40 52.33
N ILE C 584 32.64 -1.45 52.71
CA ILE C 584 32.44 -1.97 54.06
C ILE C 584 32.96 -1.01 55.11
N GLN C 585 33.79 -0.03 54.71
CA GLN C 585 34.30 1.00 55.59
C GLN C 585 33.23 1.98 56.09
N LEU C 586 32.00 1.90 55.58
CA LEU C 586 30.98 2.92 55.89
C LEU C 586 30.57 2.95 57.36
N ILE C 587 30.92 1.95 58.15
CA ILE C 587 30.46 1.82 59.54
C ILE C 587 28.93 1.71 59.56
N LYS D 3 13.78 -44.56 -24.45
CA LYS D 3 12.63 -43.70 -24.79
C LYS D 3 13.02 -42.26 -24.56
N GLU D 4 14.27 -41.90 -24.84
CA GLU D 4 14.75 -40.57 -24.51
C GLU D 4 14.57 -39.60 -25.68
N TYR D 5 14.27 -38.35 -25.34
CA TYR D 5 14.03 -37.28 -26.30
C TYR D 5 15.22 -36.32 -26.25
N ARG D 6 15.89 -36.13 -27.39
CA ARG D 6 16.91 -35.09 -27.47
C ARG D 6 16.34 -33.78 -27.95
N THR D 7 15.16 -33.39 -27.46
CA THR D 7 14.47 -32.25 -28.04
C THR D 7 14.23 -31.13 -27.03
N ILE D 8 15.29 -30.75 -26.31
CA ILE D 8 15.22 -29.57 -25.45
C ILE D 8 15.39 -28.33 -26.33
N LYS D 9 14.39 -27.45 -26.30
CA LYS D 9 14.41 -26.26 -27.13
C LYS D 9 14.66 -24.98 -26.35
N GLU D 10 14.36 -24.96 -25.06
CA GLU D 10 14.41 -23.73 -24.28
C GLU D 10 14.88 -24.02 -22.87
N VAL D 11 15.72 -23.14 -22.34
CA VAL D 11 16.08 -23.13 -20.93
C VAL D 11 16.00 -21.68 -20.47
N VAL D 12 15.04 -21.39 -19.60
CA VAL D 12 14.86 -20.05 -19.07
C VAL D 12 14.76 -20.20 -17.55
N GLY D 13 15.80 -19.78 -16.85
CA GLY D 13 15.87 -20.00 -15.42
C GLY D 13 15.85 -21.48 -15.13
N PRO D 14 15.02 -21.89 -14.16
CA PRO D 14 14.94 -23.31 -13.80
C PRO D 14 14.10 -24.14 -14.76
N LEU D 15 13.59 -23.53 -15.83
CA LEU D 15 12.55 -24.14 -16.65
C LEU D 15 13.11 -24.59 -17.99
N MET D 16 12.69 -25.78 -18.42
CA MET D 16 13.00 -26.29 -19.74
C MET D 16 11.73 -26.48 -20.55
N ALA D 17 11.86 -26.30 -21.86
CA ALA D 17 10.80 -26.62 -22.81
C ALA D 17 11.28 -27.77 -23.67
N VAL D 18 10.55 -28.88 -23.63
CA VAL D 18 10.86 -30.07 -24.42
C VAL D 18 9.83 -30.18 -25.53
N GLU D 19 10.30 -30.55 -26.72
CA GLU D 19 9.47 -30.56 -27.92
C GLU D 19 9.36 -31.97 -28.47
N LYS D 20 8.47 -32.13 -29.44
CA LYS D 20 8.18 -33.42 -30.09
C LYS D 20 7.97 -34.52 -29.05
N VAL D 21 6.92 -34.31 -28.25
CA VAL D 21 6.62 -35.13 -27.08
C VAL D 21 5.20 -35.66 -27.22
N SER D 22 4.95 -36.83 -26.64
CA SER D 22 3.61 -37.41 -26.63
C SER D 22 3.43 -38.26 -25.39
N GLY D 23 2.17 -38.38 -24.94
CA GLY D 23 1.84 -39.21 -23.79
C GLY D 23 2.38 -38.73 -22.46
N VAL D 24 2.95 -37.54 -22.41
CA VAL D 24 3.46 -37.00 -21.16
C VAL D 24 2.32 -36.27 -20.44
N LYS D 25 2.19 -36.53 -19.15
CA LYS D 25 1.05 -36.08 -18.36
C LYS D 25 1.48 -35.01 -17.37
N TYR D 26 0.52 -34.20 -16.93
CA TYR D 26 0.78 -33.15 -15.96
C TYR D 26 1.41 -33.74 -14.69
N GLU D 27 2.36 -33.00 -14.12
CA GLU D 27 3.10 -33.38 -12.92
C GLU D 27 3.96 -34.62 -13.10
N GLU D 28 4.11 -35.11 -14.33
CA GLU D 28 4.97 -36.27 -14.57
C GLU D 28 6.42 -35.96 -14.20
N LEU D 29 7.11 -37.00 -13.73
CA LEU D 29 8.49 -36.88 -13.28
C LEU D 29 9.42 -37.24 -14.45
N ILE D 30 10.56 -36.54 -14.52
CA ILE D 30 11.48 -36.68 -15.64
C ILE D 30 12.91 -36.79 -15.11
N GLU D 31 13.78 -37.31 -15.98
CA GLU D 31 15.22 -37.23 -15.79
C GLU D 31 15.86 -36.51 -16.96
N VAL D 32 16.80 -35.63 -16.64
CA VAL D 32 17.64 -34.95 -17.62
C VAL D 32 19.00 -35.60 -17.56
N ARG D 33 19.42 -36.18 -18.67
CA ARG D 33 20.76 -36.79 -18.81
C ARG D 33 21.56 -35.76 -19.57
N MET D 34 22.39 -35.02 -18.87
CA MET D 34 23.13 -33.89 -19.42
C MET D 34 24.28 -34.39 -20.29
N GLN D 35 24.86 -33.46 -21.05
CA GLN D 35 25.93 -33.78 -21.98
C GLN D 35 27.18 -34.32 -21.30
N ASN D 36 27.36 -34.04 -20.01
CA ASN D 36 28.48 -34.58 -19.25
C ASN D 36 28.11 -35.83 -18.47
N GLY D 37 26.90 -36.34 -18.65
CA GLY D 37 26.45 -37.53 -17.96
C GLY D 37 25.72 -37.27 -16.65
N GLU D 38 25.77 -36.05 -16.13
CA GLU D 38 25.08 -35.73 -14.89
C GLU D 38 23.58 -35.92 -15.06
N ILE D 39 22.93 -36.42 -14.00
CA ILE D 39 21.51 -36.70 -14.01
C ILE D 39 20.81 -35.71 -13.11
N ARG D 40 19.76 -35.07 -13.61
CA ARG D 40 18.96 -34.14 -12.81
C ARG D 40 17.49 -34.52 -12.90
N ARG D 41 16.82 -34.55 -11.76
CA ARG D 41 15.41 -34.93 -11.76
C ARG D 41 14.54 -33.69 -11.93
N GLY D 42 13.38 -33.88 -12.55
CA GLY D 42 12.50 -32.77 -12.82
C GLY D 42 11.04 -33.16 -12.80
N GLN D 43 10.19 -32.15 -12.93
CA GLN D 43 8.74 -32.28 -12.89
C GLN D 43 8.16 -31.46 -14.02
N VAL D 44 7.13 -31.97 -14.69
CA VAL D 44 6.45 -31.21 -15.73
C VAL D 44 5.37 -30.36 -15.09
N LEU D 45 5.40 -29.06 -15.37
CA LEU D 45 4.33 -28.18 -14.94
C LEU D 45 3.32 -27.89 -16.04
N GLU D 46 3.66 -28.17 -17.29
CA GLU D 46 2.72 -27.80 -18.33
C GLU D 46 2.95 -28.69 -19.54
N VAL D 47 1.88 -28.94 -20.30
CA VAL D 47 2.02 -29.78 -21.48
C VAL D 47 0.99 -29.42 -22.54
N GLN D 48 1.50 -29.01 -23.71
CA GLN D 48 0.72 -28.70 -24.88
C GLN D 48 0.74 -29.91 -25.82
N GLU D 49 0.40 -29.71 -27.09
CA GLU D 49 0.19 -30.85 -27.98
C GLU D 49 1.47 -31.64 -28.20
N ASP D 50 2.57 -30.96 -28.51
CA ASP D 50 3.86 -31.63 -28.62
C ASP D 50 4.93 -30.92 -27.80
N LYS D 51 4.52 -30.02 -26.91
CA LYS D 51 5.43 -29.23 -26.10
C LYS D 51 5.17 -29.53 -24.62
N ALA D 52 6.22 -29.44 -23.81
CA ALA D 52 6.11 -29.65 -22.38
C ALA D 52 7.04 -28.68 -21.66
N MET D 53 6.53 -28.05 -20.61
CA MET D 53 7.32 -27.22 -19.72
C MET D 53 7.61 -28.01 -18.45
N VAL D 54 8.89 -28.12 -18.10
CA VAL D 54 9.37 -28.86 -16.95
C VAL D 54 10.23 -27.94 -16.08
N GLN D 55 10.35 -28.30 -14.81
CA GLN D 55 11.24 -27.63 -13.88
C GLN D 55 12.24 -28.64 -13.32
N ILE D 56 13.50 -28.23 -13.24
CA ILE D 56 14.58 -29.10 -12.80
C ILE D 56 14.85 -28.82 -11.32
N PHE D 57 14.79 -29.86 -10.49
CA PHE D 57 14.97 -29.67 -9.06
C PHE D 57 16.33 -29.07 -8.75
N GLU D 58 17.38 -29.66 -9.30
CA GLU D 58 18.76 -29.24 -9.06
C GLU D 58 19.19 -28.07 -9.94
N GLY D 59 18.27 -27.45 -10.68
CA GLY D 59 18.57 -26.30 -11.50
C GLY D 59 18.94 -26.65 -12.92
N THR D 60 19.14 -25.61 -13.73
CA THR D 60 19.44 -25.76 -15.14
C THR D 60 20.87 -25.37 -15.50
N SER D 61 21.71 -25.12 -14.51
CA SER D 61 23.06 -24.63 -14.78
C SER D 61 23.91 -25.70 -15.43
N GLY D 62 24.76 -25.29 -16.38
CA GLY D 62 25.64 -26.21 -17.07
C GLY D 62 24.98 -27.05 -18.14
N ILE D 63 23.67 -26.93 -18.33
CA ILE D 63 22.98 -27.75 -19.32
C ILE D 63 23.23 -27.21 -20.71
N ASN D 64 23.64 -28.10 -21.62
CA ASN D 64 23.63 -27.80 -23.04
C ASN D 64 22.32 -28.33 -23.63
N LEU D 65 21.60 -27.46 -24.33
CA LEU D 65 20.28 -27.83 -24.84
C LEU D 65 20.40 -28.92 -25.91
N LYS D 66 21.32 -28.73 -26.86
CA LYS D 66 21.38 -29.64 -28.00
C LYS D 66 21.85 -31.03 -27.59
N ASN D 67 22.79 -31.11 -26.65
CA ASN D 67 23.49 -32.35 -26.36
C ASN D 67 23.00 -33.05 -25.09
N SER D 68 21.82 -32.68 -24.59
CA SER D 68 21.22 -33.33 -23.45
C SER D 68 19.92 -34.00 -23.88
N SER D 69 19.38 -34.83 -22.99
CA SER D 69 18.14 -35.53 -23.31
C SER D 69 17.26 -35.62 -22.06
N VAL D 70 15.96 -35.77 -22.28
CA VAL D 70 15.01 -35.94 -21.19
C VAL D 70 14.27 -37.26 -21.38
N ARG D 71 14.04 -37.96 -20.28
CA ARG D 71 13.28 -39.19 -20.26
C ARG D 71 12.12 -39.02 -19.29
N PHE D 72 10.91 -39.34 -19.76
CA PHE D 72 9.70 -39.15 -18.97
C PHE D 72 9.34 -40.48 -18.31
N LEU D 73 9.20 -40.46 -16.99
CA LEU D 73 9.09 -41.68 -16.20
C LEU D 73 7.67 -42.21 -16.10
N GLY D 74 6.66 -41.45 -16.48
CA GLY D 74 5.30 -41.97 -16.46
C GLY D 74 4.70 -42.12 -15.08
N HIS D 75 5.17 -41.35 -14.11
CA HIS D 75 4.62 -41.37 -12.76
C HIS D 75 5.00 -40.06 -12.08
N PRO D 76 4.26 -39.65 -11.05
CA PRO D 76 4.61 -38.42 -10.35
C PRO D 76 5.55 -38.66 -9.19
N LEU D 77 5.75 -37.64 -8.35
CA LEU D 77 6.56 -37.81 -7.15
C LEU D 77 5.96 -38.93 -6.29
N GLN D 78 6.78 -39.91 -5.97
CA GLN D 78 6.34 -41.09 -5.24
C GLN D 78 7.18 -41.26 -3.97
N LEU D 79 6.61 -41.97 -3.02
CA LEU D 79 7.35 -42.44 -1.85
C LEU D 79 7.33 -43.96 -1.84
N GLY D 80 8.51 -44.57 -1.81
CA GLY D 80 8.61 -46.00 -1.60
C GLY D 80 8.43 -46.29 -0.13
N VAL D 81 7.31 -46.89 0.24
CA VAL D 81 6.95 -47.03 1.65
C VAL D 81 7.17 -48.46 2.11
N SER D 82 7.55 -48.61 3.37
CA SER D 82 7.79 -49.89 4.02
C SER D 82 7.90 -49.64 5.51
N GLU D 83 7.68 -50.70 6.30
CA GLU D 83 7.76 -50.54 7.75
C GLU D 83 9.18 -50.33 8.24
N ASP D 84 10.19 -50.60 7.42
CA ASP D 84 11.55 -50.39 7.87
C ASP D 84 11.92 -48.91 7.94
N MET D 85 10.99 -48.02 7.60
CA MET D 85 11.27 -46.59 7.70
C MET D 85 11.43 -46.12 9.14
N ILE D 86 10.81 -46.82 10.09
CA ILE D 86 11.03 -46.49 11.50
C ILE D 86 12.51 -46.64 11.83
N GLY D 87 13.06 -45.64 12.51
CA GLY D 87 14.48 -45.61 12.82
C GLY D 87 15.35 -45.00 11.74
N ARG D 88 14.75 -44.39 10.72
CA ARG D 88 15.51 -43.89 9.58
C ARG D 88 15.28 -42.39 9.37
N VAL D 89 16.26 -41.79 8.70
CA VAL D 89 16.26 -40.37 8.35
C VAL D 89 16.41 -40.27 6.84
N PHE D 90 15.47 -39.57 6.21
CA PHE D 90 15.47 -39.32 4.77
C PHE D 90 15.54 -37.81 4.55
N ASP D 91 15.76 -37.43 3.30
CA ASP D 91 15.75 -36.01 2.95
C ASP D 91 14.34 -35.61 2.51
N GLY D 92 14.21 -34.39 1.96
CA GLY D 92 12.92 -33.87 1.58
C GLY D 92 12.22 -34.66 0.48
N LEU D 93 12.95 -35.46 -0.28
CA LEU D 93 12.37 -36.26 -1.36
C LEU D 93 12.32 -37.73 -1.00
N GLY D 94 12.44 -38.07 0.27
CA GLY D 94 12.41 -39.46 0.69
C GLY D 94 13.67 -40.24 0.42
N ARG D 95 14.74 -39.56 0.01
CA ARG D 95 16.02 -40.24 -0.23
C ARG D 95 16.83 -40.30 1.06
N PRO D 96 17.55 -41.40 1.28
CA PRO D 96 18.16 -41.64 2.59
C PRO D 96 19.25 -40.63 2.94
N LYS D 97 19.27 -40.23 4.21
CA LYS D 97 20.31 -39.38 4.76
C LYS D 97 21.02 -40.08 5.92
N ASP D 98 20.94 -41.41 5.98
CA ASP D 98 21.56 -42.21 7.02
C ASP D 98 22.90 -42.79 6.61
N ASN D 99 23.15 -42.92 5.31
CA ASN D 99 24.11 -43.88 4.78
C ASN D 99 23.91 -45.22 5.47
N GLY D 100 22.65 -45.59 5.67
CA GLY D 100 22.28 -46.92 6.09
C GLY D 100 21.66 -47.66 4.93
N PRO D 101 21.17 -48.87 5.18
CA PRO D 101 20.64 -49.69 4.08
C PRO D 101 19.44 -49.03 3.43
N GLU D 102 19.39 -49.05 2.11
CA GLU D 102 18.20 -48.58 1.42
C GLU D 102 17.04 -49.54 1.66
N ILE D 103 15.85 -48.99 1.59
CA ILE D 103 14.63 -49.71 1.90
C ILE D 103 14.10 -50.40 0.66
N LEU D 104 13.62 -51.62 0.83
CA LEU D 104 12.92 -52.31 -0.25
C LEU D 104 11.44 -52.05 -0.07
N PRO D 105 10.87 -51.12 -0.83
CA PRO D 105 9.50 -50.69 -0.56
C PRO D 105 8.50 -51.79 -0.85
N GLU D 106 7.48 -51.87 0.01
CA GLU D 106 6.33 -52.69 -0.32
C GLU D 106 5.65 -52.19 -1.59
N LYS D 107 5.62 -50.88 -1.78
CA LYS D 107 4.93 -50.25 -2.90
C LYS D 107 5.33 -48.78 -2.95
N TYR D 108 4.91 -48.13 -4.02
CA TYR D 108 5.18 -46.72 -4.25
C TYR D 108 3.85 -45.97 -4.21
N LEU D 109 3.84 -44.85 -3.50
CA LEU D 109 2.62 -44.11 -3.25
C LEU D 109 2.75 -42.70 -3.78
N ASP D 110 1.76 -42.28 -4.57
CA ASP D 110 1.65 -40.88 -4.96
C ASP D 110 1.54 -40.02 -3.71
N ILE D 111 2.47 -39.08 -3.56
CA ILE D 111 2.59 -38.31 -2.32
C ILE D 111 1.41 -37.36 -2.19
N ASN D 112 0.57 -37.28 -3.23
CA ASN D 112 -0.65 -36.50 -3.14
C ASN D 112 -1.70 -37.19 -2.28
N GLY D 113 -1.66 -38.52 -2.22
CA GLY D 113 -2.59 -39.25 -1.41
C GLY D 113 -4.00 -39.18 -1.96
N GLU D 114 -4.95 -39.47 -1.06
CA GLU D 114 -6.36 -39.53 -1.37
C GLU D 114 -7.10 -38.54 -0.48
N VAL D 115 -8.32 -38.19 -0.87
CA VAL D 115 -9.15 -37.28 -0.08
C VAL D 115 -10.21 -38.11 0.65
N ILE D 116 -10.16 -38.09 1.98
CA ILE D 116 -11.02 -38.94 2.79
C ILE D 116 -12.47 -38.53 2.63
N ASN D 117 -13.32 -39.52 2.37
CA ASN D 117 -14.76 -39.29 2.40
C ASN D 117 -15.17 -38.85 3.80
N PRO D 118 -15.88 -37.74 3.96
CA PRO D 118 -16.27 -37.29 5.31
C PRO D 118 -17.09 -38.33 6.04
N ILE D 119 -17.88 -39.10 5.30
CA ILE D 119 -18.64 -40.20 5.90
C ILE D 119 -17.70 -41.14 6.63
N ALA D 120 -16.53 -41.40 6.05
CA ALA D 120 -15.61 -42.40 6.57
C ALA D 120 -14.74 -41.90 7.71
N ARG D 121 -14.85 -40.62 8.08
CA ARG D 121 -14.04 -40.09 9.16
C ARG D 121 -14.70 -40.36 10.51
N ASP D 122 -13.86 -40.72 11.48
CA ASP D 122 -14.31 -41.12 12.80
C ASP D 122 -14.06 -40.00 13.81
N TYR D 123 -14.73 -40.08 14.95
CA TYR D 123 -14.51 -39.12 16.02
C TYR D 123 -13.07 -39.18 16.50
N PRO D 124 -12.36 -38.05 16.54
CA PRO D 124 -11.14 -38.00 17.36
C PRO D 124 -11.51 -38.23 18.81
N ASP D 125 -10.90 -39.24 19.41
CA ASP D 125 -11.52 -39.80 20.61
C ASP D 125 -10.61 -39.92 21.81
N GLU D 126 -9.31 -40.13 21.61
CA GLU D 126 -8.45 -40.52 22.72
C GLU D 126 -7.40 -39.45 23.01
N PHE D 127 -6.65 -39.68 24.08
CA PHE D 127 -5.78 -38.70 24.69
C PHE D 127 -4.33 -38.93 24.31
N ILE D 128 -3.63 -37.87 23.93
CA ILE D 128 -2.18 -37.89 23.70
C ILE D 128 -1.52 -37.09 24.81
N GLN D 129 -0.55 -37.72 25.48
CA GLN D 129 0.19 -37.06 26.56
C GLN D 129 1.46 -36.47 25.98
N THR D 130 1.49 -35.15 25.86
CA THR D 130 2.69 -34.44 25.42
C THR D 130 3.64 -34.10 26.55
N GLY D 131 3.20 -34.28 27.80
CA GLY D 131 4.06 -33.93 28.91
C GLY D 131 4.13 -32.45 29.21
N ILE D 132 3.39 -31.63 28.47
CA ILE D 132 3.32 -30.20 28.70
C ILE D 132 1.97 -29.91 29.33
N SER D 133 1.98 -29.43 30.58
CA SER D 133 0.73 -29.13 31.27
C SER D 133 -0.10 -28.11 30.49
N ALA D 134 0.54 -27.10 29.93
CA ALA D 134 -0.20 -26.07 29.20
C ALA D 134 -0.98 -26.67 28.04
N ILE D 135 -0.48 -27.77 27.47
CA ILE D 135 -1.17 -28.48 26.40
C ILE D 135 -2.07 -29.54 27.00
N ASP D 136 -1.48 -30.49 27.72
CA ASP D 136 -2.22 -31.68 28.15
C ASP D 136 -3.45 -31.32 28.97
N HIS D 137 -3.36 -30.28 29.79
CA HIS D 137 -4.43 -29.93 30.70
C HIS D 137 -5.45 -28.98 30.06
N LEU D 138 -4.98 -27.90 29.43
CA LEU D 138 -5.85 -26.82 29.00
C LEU D 138 -6.05 -26.73 27.49
N ASN D 139 -5.16 -27.31 26.68
CA ASN D 139 -5.31 -27.31 25.24
C ASN D 139 -4.96 -28.69 24.71
N THR D 140 -5.76 -29.68 25.13
CA THR D 140 -5.35 -31.08 25.03
C THR D 140 -5.28 -31.54 23.58
N LEU D 141 -4.21 -32.27 23.25
CA LEU D 141 -4.08 -32.90 21.96
C LEU D 141 -4.78 -34.25 21.97
N VAL D 142 -5.66 -34.47 20.99
CA VAL D 142 -6.39 -35.71 20.88
C VAL D 142 -5.95 -36.43 19.61
N ARG D 143 -6.12 -37.75 19.61
CA ARG D 143 -5.70 -38.54 18.45
C ARG D 143 -6.60 -38.25 17.26
N GLY D 144 -5.97 -37.91 16.14
CA GLY D 144 -6.69 -37.49 14.94
C GLY D 144 -6.84 -36.00 14.79
N GLN D 145 -6.21 -35.21 15.66
CA GLN D 145 -6.39 -33.77 15.69
C GLN D 145 -5.37 -33.07 14.80
N LYS D 146 -5.75 -31.88 14.34
CA LYS D 146 -4.88 -30.95 13.63
C LYS D 146 -4.66 -29.79 14.59
N LEU D 147 -3.64 -29.89 15.44
CA LEU D 147 -3.39 -28.87 16.46
C LEU D 147 -2.03 -28.23 16.23
N PRO D 148 -1.97 -27.05 15.63
CA PRO D 148 -0.70 -26.38 15.38
C PRO D 148 -0.34 -25.37 16.46
N VAL D 149 0.97 -25.18 16.63
CA VAL D 149 1.50 -24.12 17.49
C VAL D 149 2.07 -23.03 16.60
N PHE D 150 1.73 -21.78 16.93
CA PHE D 150 2.22 -20.62 16.18
C PHE D 150 3.32 -19.95 16.99
N GLY D 151 4.00 -19.00 16.35
CA GLY D 151 5.04 -18.27 17.01
C GLY D 151 5.69 -17.22 16.15
N PRO D 152 6.28 -16.21 16.78
CA PRO D 152 7.11 -15.26 16.06
C PRO D 152 8.54 -15.77 15.96
N PRO D 153 9.39 -15.16 15.14
CA PRO D 153 10.76 -15.67 14.98
C PRO D 153 11.49 -15.73 16.30
N GLY D 154 12.19 -16.85 16.52
CA GLY D 154 12.93 -17.07 17.75
C GLY D 154 12.04 -17.05 18.98
N ALA D 155 11.13 -18.01 19.08
CA ALA D 155 10.19 -18.06 20.20
C ALA D 155 10.10 -19.45 20.82
N GLY D 156 11.11 -20.29 20.61
CA GLY D 156 11.12 -21.62 21.18
C GLY D 156 10.27 -22.65 20.46
N LYS D 157 9.81 -22.34 19.26
CA LYS D 157 9.01 -23.30 18.49
C LYS D 157 9.75 -24.62 18.32
N SER D 158 11.04 -24.54 17.98
CA SER D 158 11.81 -25.76 17.74
C SER D 158 12.03 -26.55 19.02
N ALA D 159 12.23 -25.85 20.14
CA ALA D 159 12.40 -26.55 21.42
C ALA D 159 11.12 -27.27 21.82
N LEU D 160 9.97 -26.60 21.69
CA LEU D 160 8.70 -27.24 21.96
C LEU D 160 8.46 -28.43 21.03
N ALA D 161 8.85 -28.29 19.76
CA ALA D 161 8.66 -29.37 18.82
C ALA D 161 9.49 -30.58 19.21
N ALA D 162 10.77 -30.38 19.49
CA ALA D 162 11.63 -31.48 19.92
C ALA D 162 11.11 -32.11 21.20
N GLN D 163 10.61 -31.28 22.13
CA GLN D 163 10.07 -31.79 23.38
C GLN D 163 8.88 -32.70 23.15
N ILE D 164 7.89 -32.22 22.38
CA ILE D 164 6.74 -33.06 22.07
C ILE D 164 7.18 -34.33 21.38
N ALA D 165 8.16 -34.22 20.48
CA ALA D 165 8.62 -35.39 19.73
C ALA D 165 9.14 -36.47 20.67
N ARG D 166 9.95 -36.10 21.67
CA ARG D 166 10.51 -37.11 22.55
C ARG D 166 9.56 -37.49 23.69
N GLN D 167 8.70 -36.57 24.13
CA GLN D 167 7.82 -36.81 25.27
C GLN D 167 6.47 -37.39 24.88
N ALA D 168 6.09 -37.35 23.61
CA ALA D 168 4.75 -37.78 23.22
C ALA D 168 4.56 -39.26 23.50
N THR D 169 3.42 -39.61 24.06
CA THR D 169 3.09 -41.00 24.34
C THR D 169 1.58 -41.14 24.47
N VAL D 170 1.12 -42.36 24.31
CA VAL D 170 -0.26 -42.74 24.61
C VAL D 170 -0.23 -43.62 25.86
N LEU D 171 -1.18 -43.38 26.76
CA LEU D 171 -1.16 -44.03 28.05
C LEU D 171 -1.38 -45.54 27.95
N ASP D 172 -1.97 -46.02 26.86
CA ASP D 172 -2.33 -47.42 26.72
C ASP D 172 -1.79 -47.94 25.40
N SER D 173 -0.88 -48.91 25.46
CA SER D 173 -0.28 -49.56 24.30
C SER D 173 0.51 -48.54 23.46
N SER D 174 1.62 -48.08 24.05
CA SER D 174 2.47 -47.11 23.38
C SER D 174 3.24 -47.71 22.22
N ASP D 175 3.36 -49.04 22.15
CA ASP D 175 4.20 -49.65 21.12
C ASP D 175 3.64 -49.47 19.71
N ASP D 176 2.36 -49.11 19.57
CA ASP D 176 1.81 -48.76 18.26
C ASP D 176 1.90 -47.27 17.98
N PHE D 177 2.59 -46.51 18.83
CA PHE D 177 2.79 -45.08 18.61
C PHE D 177 4.05 -44.83 17.81
N ALA D 178 3.97 -43.84 16.93
CA ALA D 178 5.11 -43.44 16.10
C ALA D 178 5.09 -41.93 15.94
N VAL D 179 6.27 -41.36 15.70
CA VAL D 179 6.43 -39.95 15.38
C VAL D 179 7.02 -39.84 14.00
N VAL D 180 6.35 -39.11 13.11
CA VAL D 180 6.91 -38.75 11.82
C VAL D 180 7.24 -37.27 11.88
N PHE D 181 8.51 -36.92 11.70
CA PHE D 181 8.97 -35.55 11.84
C PHE D 181 9.44 -35.04 10.49
N ALA D 182 8.82 -33.96 10.03
CA ALA D 182 9.19 -33.30 8.78
C ALA D 182 9.88 -31.98 9.12
N ALA D 183 11.14 -31.86 8.73
CA ALA D 183 11.85 -30.59 8.78
C ALA D 183 11.74 -29.94 7.42
N ILE D 184 11.25 -28.70 7.40
CA ILE D 184 10.89 -28.04 6.15
C ILE D 184 11.74 -26.78 6.05
N GLY D 185 12.79 -26.84 5.25
CA GLY D 185 13.59 -25.68 4.94
C GLY D 185 14.25 -25.00 6.13
N ILE D 186 14.72 -25.78 7.09
CA ILE D 186 15.40 -25.23 8.25
C ILE D 186 16.90 -25.36 8.05
N THR D 187 17.65 -24.58 8.85
CA THR D 187 19.10 -24.56 8.73
C THR D 187 19.71 -25.87 9.22
N PHE D 188 20.97 -26.09 8.83
CA PHE D 188 21.63 -27.32 9.26
C PHE D 188 21.70 -27.41 10.78
N GLU D 189 21.91 -26.27 11.46
CA GLU D 189 22.01 -26.31 12.92
C GLU D 189 20.70 -26.78 13.54
N GLU D 190 19.57 -26.27 13.03
CA GLU D 190 18.26 -26.65 13.56
C GLU D 190 17.98 -28.12 13.31
N ALA D 191 18.15 -28.54 12.05
CA ALA D 191 17.90 -29.95 11.70
C ALA D 191 18.83 -30.87 12.46
N GLU D 192 20.09 -30.47 12.65
CA GLU D 192 21.03 -31.29 13.39
C GLU D 192 20.66 -31.37 14.87
N PHE D 193 20.17 -30.27 15.43
CA PHE D 193 19.67 -30.30 16.80
C PHE D 193 18.59 -31.35 16.94
N PHE D 194 17.62 -31.34 16.03
CA PHE D 194 16.56 -32.36 16.05
C PHE D 194 17.12 -33.76 15.89
N MET D 195 18.02 -33.96 14.93
CA MET D 195 18.49 -35.31 14.64
C MET D 195 19.31 -35.89 15.79
N GLU D 196 20.24 -35.08 16.33
CA GLU D 196 21.04 -35.52 17.46
C GLU D 196 20.15 -35.76 18.69
N ASP D 197 19.14 -34.92 18.89
CA ASP D 197 18.24 -35.16 20.00
C ASP D 197 17.50 -36.48 19.83
N PHE D 198 16.95 -36.74 18.65
CA PHE D 198 16.27 -38.01 18.43
C PHE D 198 17.17 -39.20 18.68
N ARG D 199 18.42 -39.15 18.21
CA ARG D 199 19.21 -40.36 18.38
C ARG D 199 19.68 -40.55 19.82
N GLN D 200 20.03 -39.46 20.51
CA GLN D 200 20.52 -39.63 21.87
C GLN D 200 19.39 -39.86 22.87
N THR D 201 18.19 -39.38 22.58
CA THR D 201 17.05 -39.70 23.45
C THR D 201 16.39 -41.02 23.07
N GLY D 202 16.88 -41.70 22.05
CA GLY D 202 16.30 -42.95 21.62
C GLY D 202 14.97 -42.83 20.91
N ALA D 203 14.44 -41.62 20.73
CA ALA D 203 13.18 -41.46 20.01
C ALA D 203 13.31 -41.83 18.55
N ILE D 204 14.53 -41.86 18.01
CA ILE D 204 14.73 -42.29 16.63
C ILE D 204 14.12 -43.65 16.39
N ASP D 205 14.07 -44.51 17.42
CA ASP D 205 13.58 -45.87 17.30
C ASP D 205 12.06 -45.94 17.14
N ARG D 206 11.36 -44.85 17.42
CA ARG D 206 9.92 -44.77 17.24
C ARG D 206 9.55 -43.72 16.19
N SER D 207 10.48 -43.40 15.31
CA SER D 207 10.34 -42.23 14.45
C SER D 207 10.75 -42.55 13.02
N VAL D 208 10.19 -41.78 12.10
CA VAL D 208 10.70 -41.62 10.74
C VAL D 208 10.94 -40.14 10.53
N MET D 209 12.09 -39.79 9.95
CA MET D 209 12.43 -38.39 9.80
C MET D 209 12.56 -38.02 8.33
N PHE D 210 12.03 -36.84 7.97
CA PHE D 210 12.22 -36.24 6.65
C PHE D 210 12.80 -34.84 6.85
N MET D 211 14.05 -34.64 6.43
CA MET D 211 14.77 -33.40 6.68
C MET D 211 14.96 -32.65 5.37
N ASN D 212 14.37 -31.46 5.26
CA ASN D 212 14.57 -30.55 4.14
C ASN D 212 15.22 -29.29 4.66
N LEU D 213 16.29 -28.85 4.01
CA LEU D 213 17.15 -27.80 4.55
C LEU D 213 16.96 -26.48 3.80
N ALA D 214 17.30 -25.39 4.50
CA ALA D 214 17.04 -24.05 3.97
C ALA D 214 17.67 -23.83 2.60
N ASN D 215 18.77 -24.51 2.32
CA ASN D 215 19.45 -24.40 1.03
C ASN D 215 19.02 -25.48 0.04
N ASP D 216 18.16 -26.40 0.46
CA ASP D 216 17.60 -27.35 -0.49
C ASP D 216 16.66 -26.62 -1.45
N PRO D 217 16.46 -27.15 -2.66
CA PRO D 217 15.60 -26.47 -3.63
C PRO D 217 14.20 -26.24 -3.10
N ALA D 218 13.61 -25.12 -3.50
CA ALA D 218 12.24 -24.81 -3.08
C ALA D 218 11.26 -25.88 -3.53
N ILE D 219 11.47 -26.41 -4.75
CA ILE D 219 10.61 -27.47 -5.26
C ILE D 219 10.68 -28.71 -4.38
N GLU D 220 11.83 -28.96 -3.74
CA GLU D 220 11.94 -30.08 -2.82
C GLU D 220 11.24 -29.77 -1.50
N ARG D 221 11.35 -28.51 -1.06
CA ARG D 221 10.67 -28.07 0.15
C ARG D 221 9.17 -28.28 0.06
N ILE D 222 8.59 -28.02 -1.13
CA ILE D 222 7.14 -28.23 -1.27
C ILE D 222 6.79 -29.70 -1.07
N ALA D 223 7.57 -30.61 -1.65
CA ALA D 223 7.20 -32.01 -1.59
C ALA D 223 7.44 -32.63 -0.22
N THR D 224 8.30 -32.01 0.62
CA THR D 224 8.60 -32.62 1.91
C THR D 224 7.37 -32.99 2.77
N PRO D 225 6.44 -32.05 3.03
CA PRO D 225 5.29 -32.43 3.89
C PRO D 225 4.42 -33.51 3.30
N ARG D 226 4.19 -33.49 1.99
CA ARG D 226 3.40 -34.56 1.37
C ARG D 226 4.12 -35.89 1.48
N MET D 227 5.45 -35.89 1.33
CA MET D 227 6.25 -37.09 1.55
C MET D 227 6.01 -37.65 2.95
N ALA D 228 6.18 -36.80 3.97
CA ALA D 228 6.02 -37.24 5.36
C ALA D 228 4.60 -37.75 5.62
N LEU D 229 3.60 -37.05 5.08
CA LEU D 229 2.22 -37.47 5.32
C LEU D 229 1.88 -38.76 4.60
N THR D 230 2.49 -39.01 3.43
CA THR D 230 2.36 -40.31 2.81
C THR D 230 2.90 -41.40 3.72
N ALA D 231 4.11 -41.19 4.25
CA ALA D 231 4.67 -42.14 5.19
C ALA D 231 3.73 -42.38 6.37
N ALA D 232 3.16 -41.30 6.90
CA ALA D 232 2.32 -41.41 8.10
C ALA D 232 1.02 -42.13 7.81
N GLU D 233 0.35 -41.78 6.71
CA GLU D 233 -0.89 -42.45 6.33
C GLU D 233 -0.64 -43.93 6.09
N TYR D 234 0.50 -44.27 5.50
CA TYR D 234 0.83 -45.68 5.32
C TYR D 234 0.99 -46.38 6.67
N LEU D 235 1.74 -45.78 7.58
CA LEU D 235 1.98 -46.44 8.86
C LEU D 235 0.70 -46.56 9.67
N ALA D 236 -0.20 -45.58 9.56
CA ALA D 236 -1.39 -45.57 10.41
C ALA D 236 -2.52 -46.40 9.80
N TYR D 237 -2.90 -46.11 8.56
CA TYR D 237 -4.10 -46.73 8.01
C TYR D 237 -3.84 -48.13 7.47
N GLU D 238 -2.60 -48.43 7.11
CA GLU D 238 -2.28 -49.76 6.61
C GLU D 238 -1.62 -50.65 7.65
N LYS D 239 -0.90 -50.07 8.62
CA LYS D 239 -0.26 -50.84 9.67
C LYS D 239 -0.83 -50.55 11.04
N GLY D 240 -1.92 -49.79 11.13
CA GLY D 240 -2.65 -49.63 12.37
C GLY D 240 -1.98 -48.78 13.43
N MET D 241 -1.02 -47.95 13.05
CA MET D 241 -0.27 -47.20 14.04
C MET D 241 -0.94 -45.88 14.39
N HIS D 242 -0.67 -45.42 15.61
CA HIS D 242 -1.06 -44.08 16.01
C HIS D 242 0.12 -43.16 15.76
N VAL D 243 0.03 -42.36 14.71
CA VAL D 243 1.15 -41.58 14.19
C VAL D 243 0.95 -40.12 14.56
N LEU D 244 2.00 -39.51 15.13
CA LEU D 244 2.01 -38.08 15.43
C LEU D 244 2.99 -37.41 14.45
N VAL D 245 2.48 -36.50 13.64
CA VAL D 245 3.27 -35.82 12.62
C VAL D 245 3.58 -34.42 13.10
N ILE D 246 4.86 -34.07 13.09
CA ILE D 246 5.33 -32.74 13.47
C ILE D 246 6.15 -32.17 12.33
N MET D 247 5.78 -30.98 11.88
CA MET D 247 6.38 -30.33 10.73
C MET D 247 6.91 -28.97 11.16
N GLU D 248 8.21 -28.73 10.94
CA GLU D 248 8.93 -27.72 11.73
C GLU D 248 8.58 -26.29 11.33
N ASP D 249 8.58 -25.96 10.06
CA ASP D 249 8.25 -24.55 9.79
C ASP D 249 7.51 -24.49 8.45
N MET D 250 6.19 -24.59 8.54
CA MET D 250 5.35 -24.51 7.35
C MET D 250 5.30 -23.12 6.77
N THR D 251 5.74 -22.10 7.51
CA THR D 251 5.94 -20.79 6.90
C THR D 251 7.04 -20.86 5.85
N ASN D 252 8.10 -21.62 6.13
CA ASN D 252 9.11 -21.90 5.11
C ASN D 252 8.48 -22.59 3.90
N TYR D 253 7.54 -23.51 4.16
CA TYR D 253 6.81 -24.16 3.08
C TYR D 253 6.04 -23.15 2.25
N ALA D 254 5.39 -22.18 2.91
CA ALA D 254 4.62 -21.18 2.17
C ALA D 254 5.53 -20.29 1.33
N GLU D 255 6.71 -19.95 1.87
CA GLU D 255 7.66 -19.16 1.08
C GLU D 255 8.15 -19.95 -0.13
N ALA D 256 8.44 -21.24 0.04
CA ALA D 256 8.85 -22.05 -1.09
C ALA D 256 7.73 -22.20 -2.11
N LEU D 257 6.49 -22.29 -1.63
CA LEU D 257 5.34 -22.35 -2.54
C LEU D 257 5.23 -21.07 -3.35
N ARG D 258 5.44 -19.91 -2.71
CA ARG D 258 5.43 -18.65 -3.44
C ARG D 258 6.57 -18.59 -4.44
N GLU D 259 7.76 -19.07 -4.07
CA GLU D 259 8.89 -19.00 -4.98
C GLU D 259 8.66 -19.85 -6.21
N ILE D 260 8.15 -21.06 -6.02
CA ILE D 260 7.79 -21.92 -7.15
C ILE D 260 6.72 -21.26 -8.02
N SER D 261 5.67 -20.72 -7.38
CA SER D 261 4.61 -20.05 -8.12
C SER D 261 5.17 -18.94 -9.00
N ALA D 262 6.07 -18.13 -8.44
CA ALA D 262 6.66 -17.03 -9.19
C ALA D 262 7.52 -17.53 -10.34
N ALA D 263 8.34 -18.57 -10.09
CA ALA D 263 9.10 -19.17 -11.17
C ALA D 263 8.20 -19.65 -12.30
N ARG D 264 6.98 -20.06 -11.96
CA ARG D 264 6.01 -20.55 -12.94
C ARG D 264 5.21 -19.43 -13.59
N ARG D 265 5.47 -18.17 -13.24
CA ARG D 265 4.74 -17.02 -13.77
C ARG D 265 3.25 -17.09 -13.46
N GLU D 266 2.89 -17.77 -12.38
CA GLU D 266 1.51 -17.77 -11.94
C GLU D 266 1.15 -16.42 -11.34
N VAL D 267 -0.09 -16.02 -11.56
CA VAL D 267 -0.54 -14.68 -11.12
C VAL D 267 -0.60 -14.63 -9.60
N PRO D 268 -0.08 -13.58 -8.98
CA PRO D 268 0.00 -13.55 -7.52
C PRO D 268 -1.38 -13.49 -6.88
N GLY D 269 -1.44 -13.93 -5.62
CA GLY D 269 -2.64 -13.84 -4.84
C GLY D 269 -2.49 -12.91 -3.66
N ARG D 270 -3.19 -13.22 -2.57
CA ARG D 270 -3.15 -12.38 -1.37
C ARG D 270 -1.73 -12.23 -0.86
N ARG D 271 -1.23 -10.99 -0.87
CA ARG D 271 0.10 -10.65 -0.34
C ARG D 271 1.19 -11.47 -1.02
N GLY D 272 1.07 -11.66 -2.34
CA GLY D 272 2.05 -12.36 -3.13
C GLY D 272 1.96 -13.87 -3.09
N TYR D 273 1.31 -14.44 -2.09
CA TYR D 273 1.24 -15.90 -1.98
C TYR D 273 0.26 -16.44 -3.02
N PRO D 274 0.47 -17.69 -3.47
CA PRO D 274 -0.21 -18.16 -4.71
C PRO D 274 -1.70 -17.92 -4.78
N GLY D 275 -2.44 -18.15 -3.70
CA GLY D 275 -3.88 -18.04 -3.79
C GLY D 275 -4.52 -19.40 -3.64
N TYR D 276 -3.92 -20.42 -4.24
CA TYR D 276 -4.24 -21.79 -3.86
C TYR D 276 -3.52 -22.22 -2.60
N LEU D 277 -2.94 -21.26 -1.86
CA LEU D 277 -2.27 -21.57 -0.60
C LEU D 277 -3.26 -22.11 0.42
N TYR D 278 -4.46 -21.52 0.47
CA TYR D 278 -5.52 -21.99 1.36
C TYR D 278 -5.80 -23.47 1.10
N THR D 279 -6.16 -23.80 -0.14
CA THR D 279 -6.46 -25.18 -0.51
C THR D 279 -5.25 -26.08 -0.35
N ASN D 280 -4.04 -25.55 -0.56
CA ASN D 280 -2.83 -26.37 -0.45
C ASN D 280 -2.62 -26.80 1.00
N LEU D 281 -2.59 -25.83 1.92
CA LEU D 281 -2.50 -26.14 3.33
C LEU D 281 -3.65 -27.06 3.76
N ALA D 282 -4.84 -26.85 3.20
CA ALA D 282 -5.98 -27.68 3.57
C ALA D 282 -5.77 -29.13 3.14
N THR D 283 -5.20 -29.34 1.96
CA THR D 283 -4.89 -30.69 1.51
C THR D 283 -3.85 -31.33 2.40
N LEU D 284 -2.93 -30.54 2.98
CA LEU D 284 -1.98 -31.12 3.91
C LEU D 284 -2.64 -31.50 5.24
N PHE D 285 -3.29 -30.55 5.89
CA PHE D 285 -3.74 -30.76 7.26
C PHE D 285 -4.81 -31.83 7.34
N GLU D 286 -5.75 -31.86 6.37
CA GLU D 286 -6.88 -32.77 6.43
C GLU D 286 -6.53 -34.23 6.19
N ARG D 287 -5.29 -34.57 5.86
CA ARG D 287 -4.91 -35.97 5.73
C ARG D 287 -4.88 -36.67 7.08
N ALA D 288 -5.19 -35.96 8.15
CA ALA D 288 -5.19 -36.50 9.50
C ALA D 288 -6.58 -36.99 9.89
N GLY D 289 -6.66 -37.65 11.05
CA GLY D 289 -7.91 -38.05 11.67
C GLY D 289 -7.98 -39.54 11.91
N ARG D 290 -9.14 -39.98 12.39
CA ARG D 290 -9.46 -41.38 12.56
C ARG D 290 -10.42 -41.80 11.46
N ILE D 291 -10.19 -42.99 10.90
CA ILE D 291 -11.05 -43.55 9.85
C ILE D 291 -11.86 -44.68 10.46
N ARG D 292 -13.16 -44.69 10.17
CA ARG D 292 -14.08 -45.65 10.78
C ARG D 292 -13.73 -47.07 10.36
N GLY D 293 -13.60 -47.96 11.34
CA GLY D 293 -13.22 -49.33 11.09
C GLY D 293 -11.73 -49.57 10.99
N LEU D 294 -10.90 -48.52 11.08
CA LEU D 294 -9.47 -48.65 10.97
C LEU D 294 -8.80 -48.31 12.29
N LYS D 295 -7.89 -49.18 12.73
CA LYS D 295 -7.23 -48.99 14.03
C LYS D 295 -6.36 -47.75 14.04
N GLY D 296 -5.63 -47.49 12.96
CA GLY D 296 -4.63 -46.45 12.98
C GLY D 296 -5.21 -45.05 12.93
N SER D 297 -4.36 -44.08 13.28
CA SER D 297 -4.73 -42.68 13.29
C SER D 297 -3.52 -41.84 12.96
N VAL D 298 -3.76 -40.68 12.36
CA VAL D 298 -2.72 -39.70 12.05
C VAL D 298 -3.04 -38.41 12.80
N THR D 299 -2.13 -37.97 13.65
CA THR D 299 -2.28 -36.72 14.38
C THR D 299 -1.21 -35.74 13.90
N GLN D 300 -1.59 -34.48 13.72
CA GLN D 300 -0.72 -33.48 13.12
C GLN D 300 -0.49 -32.32 14.09
N ILE D 301 0.77 -31.96 14.28
CA ILE D 301 1.14 -30.70 14.93
C ILE D 301 1.99 -29.90 13.96
N PRO D 302 1.39 -29.02 13.16
CA PRO D 302 2.20 -28.15 12.30
C PRO D 302 2.78 -26.98 13.09
N ILE D 303 4.05 -26.70 12.85
CA ILE D 303 4.73 -25.61 13.53
C ILE D 303 4.81 -24.45 12.53
N LEU D 304 4.26 -23.29 12.88
CA LEU D 304 4.33 -22.13 11.99
C LEU D 304 5.03 -20.96 12.66
N THR D 305 5.72 -20.17 11.84
CA THR D 305 6.24 -18.86 12.24
C THR D 305 5.23 -17.82 11.77
N MET D 306 4.58 -17.15 12.70
CA MET D 306 3.58 -16.15 12.27
C MET D 306 4.22 -14.80 12.45
N PRO D 307 4.23 -13.94 11.42
CA PRO D 307 4.85 -12.66 11.55
C PRO D 307 3.84 -12.06 12.51
N GLU D 308 4.29 -11.69 13.71
CA GLU D 308 3.31 -11.24 14.73
C GLU D 308 2.58 -9.99 14.27
N ASP D 309 3.27 -9.05 13.63
CA ASP D 309 2.66 -7.73 13.31
C ASP D 309 1.72 -7.80 12.10
N ASP D 310 1.74 -8.93 11.38
CA ASP D 310 0.75 -9.18 10.35
C ASP D 310 -0.20 -10.26 10.88
N LYS D 311 -1.10 -9.82 11.77
CA LYS D 311 -1.94 -10.77 12.49
C LYS D 311 -2.85 -11.54 11.55
N THR D 312 -3.54 -10.83 10.65
CA THR D 312 -4.41 -11.48 9.67
C THR D 312 -3.63 -11.88 8.42
N HIS D 313 -2.47 -12.51 8.62
CA HIS D 313 -1.67 -12.98 7.50
C HIS D 313 -2.29 -14.26 6.93
N PRO D 314 -2.15 -14.48 5.62
CA PRO D 314 -2.76 -15.69 5.02
C PRO D 314 -2.38 -16.98 5.72
N ILE D 315 -1.12 -17.20 6.05
CA ILE D 315 -0.71 -18.47 6.66
C ILE D 315 -1.46 -18.69 7.97
N PRO D 316 -1.36 -17.79 8.97
CA PRO D 316 -2.09 -18.03 10.24
C PRO D 316 -3.60 -18.11 10.06
N ASP D 317 -4.17 -17.19 9.27
CA ASP D 317 -5.62 -17.13 9.11
C ASP D 317 -6.17 -18.41 8.49
N LEU D 318 -5.59 -18.84 7.37
CA LEU D 318 -6.07 -20.04 6.71
C LEU D 318 -5.86 -21.26 7.59
N THR D 319 -4.69 -21.37 8.24
CA THR D 319 -4.46 -22.50 9.13
C THR D 319 -5.50 -22.53 10.25
N GLY D 320 -5.88 -21.37 10.76
CA GLY D 320 -6.98 -21.33 11.71
C GLY D 320 -8.25 -21.93 11.14
N TYR D 321 -8.55 -21.61 9.88
CA TYR D 321 -9.73 -22.21 9.25
C TYR D 321 -9.59 -23.72 8.99
N ILE D 322 -8.38 -24.25 8.89
CA ILE D 322 -8.17 -25.66 8.56
C ILE D 322 -8.02 -26.52 9.80
N THR D 323 -7.30 -26.04 10.81
CA THR D 323 -6.95 -26.88 11.95
C THR D 323 -7.96 -26.72 13.09
N GLU D 324 -8.04 -27.75 13.92
CA GLU D 324 -8.97 -27.73 15.05
C GLU D 324 -8.38 -27.05 16.27
N GLY D 325 -7.91 -25.81 16.09
CA GLY D 325 -7.38 -25.03 17.19
C GLY D 325 -5.99 -24.51 16.89
N GLN D 326 -5.32 -24.05 17.94
CA GLN D 326 -3.98 -23.50 17.85
C GLN D 326 -3.50 -23.22 19.27
N ILE D 327 -2.20 -23.40 19.50
CA ILE D 327 -1.58 -22.96 20.74
C ILE D 327 -0.50 -21.94 20.39
N ILE D 328 -0.37 -20.93 21.25
CA ILE D 328 0.26 -19.67 20.89
C ILE D 328 1.52 -19.48 21.72
N LEU D 329 2.64 -19.23 21.04
CA LEU D 329 3.89 -18.85 21.69
C LEU D 329 4.13 -17.36 21.50
N THR D 330 4.58 -16.70 22.57
CA THR D 330 4.79 -15.26 22.57
C THR D 330 6.23 -14.95 22.97
N ARG D 331 6.82 -13.97 22.28
CA ARG D 331 8.18 -13.55 22.62
C ARG D 331 8.24 -12.94 24.02
N GLU D 332 7.14 -12.32 24.46
CA GLU D 332 7.11 -11.74 25.80
C GLU D 332 7.25 -12.81 26.88
N LEU D 333 6.54 -13.92 26.71
CA LEU D 333 6.66 -14.99 27.70
C LEU D 333 8.01 -15.69 27.60
N TYR D 334 8.61 -15.72 26.40
CA TYR D 334 9.88 -16.41 26.23
C TYR D 334 11.04 -15.58 26.75
N LYS D 335 10.97 -14.25 26.62
CA LYS D 335 11.99 -13.40 27.21
C LYS D 335 11.95 -13.48 28.73
N SER D 336 10.78 -13.78 29.31
CA SER D 336 10.62 -13.95 30.75
C SER D 336 11.09 -15.30 31.24
N GLY D 337 11.69 -16.11 30.36
CA GLY D 337 12.21 -17.40 30.73
C GLY D 337 11.17 -18.50 30.87
N ILE D 338 9.92 -18.23 30.51
CA ILE D 338 8.86 -19.22 30.62
C ILE D 338 9.01 -20.21 29.48
N SER D 339 9.39 -21.45 29.81
CA SER D 339 9.67 -22.48 28.81
C SER D 339 8.90 -23.75 29.15
N PRO D 340 7.89 -24.13 28.35
CA PRO D 340 7.43 -23.48 27.12
C PRO D 340 6.65 -22.18 27.33
N PRO D 341 6.86 -21.21 26.43
CA PRO D 341 6.23 -19.86 26.52
C PRO D 341 4.83 -19.81 25.91
N ILE D 342 3.86 -20.42 26.59
CA ILE D 342 2.53 -20.62 26.04
C ILE D 342 1.57 -19.63 26.68
N ASP D 343 1.02 -18.73 25.87
CA ASP D 343 -0.08 -17.87 26.30
C ASP D 343 -1.35 -18.70 26.22
N VAL D 344 -1.82 -19.18 27.37
CA VAL D 344 -2.98 -20.08 27.37
C VAL D 344 -4.24 -19.34 26.94
N LEU D 345 -4.26 -18.00 27.08
CA LEU D 345 -5.48 -17.25 26.81
C LEU D 345 -5.94 -17.38 25.37
N PRO D 346 -5.16 -17.03 24.35
CA PRO D 346 -5.63 -17.19 22.97
C PRO D 346 -5.52 -18.61 22.45
N SER D 347 -4.87 -19.50 23.20
CA SER D 347 -4.69 -20.87 22.75
C SER D 347 -6.01 -21.64 22.83
N LEU D 348 -6.20 -22.58 21.91
CA LEU D 348 -7.47 -23.29 21.78
C LEU D 348 -7.24 -24.68 21.24
N SER D 349 -7.84 -25.67 21.91
CA SER D 349 -7.97 -27.02 21.40
C SER D 349 -9.44 -27.30 21.21
N ARG D 350 -9.88 -27.42 19.96
CA ARG D 350 -11.30 -27.57 19.70
C ARG D 350 -11.83 -28.93 20.14
N LEU D 351 -10.97 -29.94 20.16
CA LEU D 351 -11.40 -31.32 20.42
C LEU D 351 -10.98 -31.81 21.82
N LYS D 352 -10.56 -30.91 22.70
CA LYS D 352 -9.96 -31.34 23.97
C LYS D 352 -10.95 -32.11 24.83
N ASP D 353 -12.24 -31.79 24.77
CA ASP D 353 -13.22 -32.47 25.61
C ASP D 353 -13.22 -33.97 25.36
N LYS D 354 -13.04 -34.38 24.11
CA LYS D 354 -13.09 -35.79 23.76
C LYS D 354 -11.88 -36.55 24.26
N GLY D 355 -10.77 -35.87 24.49
CA GLY D 355 -9.56 -36.52 24.97
C GLY D 355 -9.36 -36.54 26.47
N THR D 356 -10.11 -35.75 27.23
CA THR D 356 -9.92 -35.68 28.67
C THR D 356 -11.12 -36.27 29.41
N GLY D 357 -10.85 -36.76 30.63
CA GLY D 357 -11.91 -37.26 31.48
C GLY D 357 -11.54 -38.52 32.24
N ALA D 358 -12.49 -39.07 32.99
CA ALA D 358 -12.28 -40.36 33.62
C ALA D 358 -12.12 -41.44 32.56
N GLY D 359 -11.13 -42.30 32.74
CA GLY D 359 -10.82 -43.31 31.75
C GLY D 359 -9.95 -42.84 30.61
N LYS D 360 -9.69 -41.54 30.53
CA LYS D 360 -8.73 -40.99 29.57
C LYS D 360 -7.64 -40.19 30.28
N THR D 361 -8.02 -39.31 31.19
CA THR D 361 -7.06 -38.66 32.09
C THR D 361 -7.50 -38.87 33.53
N ARG D 362 -8.36 -37.99 34.05
CA ARG D 362 -8.92 -38.16 35.39
C ARG D 362 -10.20 -37.35 35.49
N GLU D 363 -10.92 -37.54 36.60
CA GLU D 363 -12.23 -36.90 36.78
C GLU D 363 -12.12 -35.38 36.78
N ASP D 364 -11.05 -34.85 37.36
CA ASP D 364 -10.95 -33.43 37.66
C ASP D 364 -10.45 -32.59 36.49
N HIS D 365 -10.22 -33.21 35.33
CA HIS D 365 -9.51 -32.54 34.26
C HIS D 365 -10.25 -31.28 33.79
N ALA D 366 -11.51 -31.44 33.37
CA ALA D 366 -12.23 -30.31 32.79
C ALA D 366 -12.49 -29.23 33.83
N ALA D 367 -12.83 -29.62 35.06
CA ALA D 367 -13.14 -28.65 36.10
C ALA D 367 -11.90 -27.84 36.48
N THR D 368 -10.79 -28.53 36.78
CA THR D 368 -9.55 -27.82 37.06
C THR D 368 -9.15 -26.94 35.90
N MET D 369 -9.36 -27.42 34.67
CA MET D 369 -9.02 -26.62 33.50
C MET D 369 -9.80 -25.31 33.47
N ASN D 370 -11.13 -25.40 33.59
CA ASN D 370 -11.96 -24.20 33.52
C ASN D 370 -11.65 -23.26 34.68
N GLN D 371 -11.45 -23.82 35.87
CA GLN D 371 -11.13 -23.00 37.03
C GLN D 371 -9.79 -22.30 36.87
N LEU D 372 -8.77 -23.03 36.39
CA LEU D 372 -7.46 -22.42 36.22
C LEU D 372 -7.49 -21.35 35.14
N PHE D 373 -8.28 -21.56 34.08
CA PHE D 373 -8.39 -20.55 33.03
C PHE D 373 -9.03 -19.28 33.57
N ALA D 374 -10.15 -19.43 34.30
CA ALA D 374 -10.82 -18.25 34.85
C ALA D 374 -9.95 -17.55 35.90
N ALA D 375 -9.27 -18.33 36.74
CA ALA D 375 -8.43 -17.75 37.78
C ALA D 375 -7.22 -17.06 37.19
N TYR D 376 -6.65 -17.63 36.13
CA TYR D 376 -5.56 -16.96 35.41
C TYR D 376 -6.04 -15.66 34.79
N ALA D 377 -7.23 -15.66 34.19
CA ALA D 377 -7.78 -14.44 33.61
C ALA D 377 -7.96 -13.35 34.67
N GLN D 378 -8.61 -13.70 35.78
CA GLN D 378 -8.85 -12.71 36.82
C GLN D 378 -7.55 -12.26 37.49
N GLY D 379 -6.62 -13.20 37.73
CA GLY D 379 -5.37 -12.83 38.34
C GLY D 379 -4.47 -12.04 37.43
N LYS D 380 -4.59 -12.23 36.12
CA LYS D 380 -3.84 -11.44 35.16
C LYS D 380 -4.48 -10.08 34.96
N GLN D 381 -5.79 -9.94 35.23
CA GLN D 381 -6.37 -8.61 35.37
C GLN D 381 -5.96 -7.95 36.68
N ALA D 382 -5.66 -8.76 37.71
CA ALA D 382 -5.20 -8.22 38.98
C ALA D 382 -3.75 -7.75 38.89
N LYS D 383 -2.91 -8.47 38.13
CA LYS D 383 -1.54 -8.04 37.91
C LYS D 383 -1.52 -6.72 37.14
N GLU D 384 -2.41 -6.56 36.17
CA GLU D 384 -2.73 -5.26 35.61
C GLU D 384 -3.62 -4.49 36.60
N LEU D 385 -3.77 -3.19 36.39
CA LEU D 385 -4.36 -2.31 37.40
C LEU D 385 -3.80 -2.62 38.79
N ALA D 386 -2.48 -2.74 38.86
CA ALA D 386 -1.80 -2.90 40.13
C ALA D 386 -0.30 -2.62 39.95
N GLY D 390 -4.01 1.48 40.36
CA GLY D 390 -2.89 1.44 39.46
C GLY D 390 -1.58 1.11 40.15
N GLU D 391 -1.65 0.72 41.41
CA GLU D 391 -0.48 0.39 42.20
C GLU D 391 -0.65 -0.99 42.83
N SER D 392 0.49 -1.59 43.21
CA SER D 392 0.47 -2.95 43.72
C SER D 392 -0.41 -3.11 44.95
N ALA D 393 -0.60 -2.03 45.71
CA ALA D 393 -1.45 -2.06 46.89
C ALA D 393 -2.80 -1.40 46.67
N LEU D 394 -3.13 -1.00 45.43
CA LEU D 394 -4.47 -0.49 45.15
C LEU D 394 -5.55 -1.38 45.71
N SER D 395 -5.55 -2.64 45.29
CA SER D 395 -6.58 -3.58 45.70
C SER D 395 -5.89 -4.87 46.11
N ASP D 396 -5.99 -5.20 47.39
CA ASP D 396 -5.55 -6.51 47.87
C ASP D 396 -6.75 -7.44 48.05
N ILE D 397 -7.92 -7.03 47.57
CA ILE D 397 -9.08 -7.92 47.51
C ILE D 397 -8.89 -8.97 46.43
N ASP D 398 -8.31 -8.57 45.29
CA ASP D 398 -7.99 -9.48 44.19
C ASP D 398 -6.53 -9.92 44.22
N LYS D 399 -5.86 -9.80 45.36
CA LYS D 399 -4.42 -10.03 45.42
C LYS D 399 -4.06 -11.50 45.25
N ILE D 400 -4.82 -12.39 45.90
CA ILE D 400 -4.56 -13.82 45.79
C ILE D 400 -4.63 -14.25 44.33
N TYR D 401 -5.46 -13.58 43.53
CA TYR D 401 -5.52 -13.86 42.10
C TYR D 401 -4.23 -13.48 41.39
N ALA D 402 -3.67 -12.31 41.69
CA ALA D 402 -2.43 -11.90 41.05
C ALA D 402 -1.30 -12.86 41.39
N LYS D 403 -1.22 -13.25 42.67
CA LYS D 403 -0.25 -14.27 43.09
C LYS D 403 -0.45 -15.57 42.32
N PHE D 404 -1.72 -15.94 42.10
CA PHE D 404 -2.01 -17.12 41.29
C PHE D 404 -1.45 -16.99 39.88
N ALA D 405 -1.68 -15.84 39.24
CA ALA D 405 -1.22 -15.67 37.87
C ALA D 405 0.30 -15.79 37.78
N GLU D 406 0.98 -15.17 38.75
CA GLU D 406 2.43 -15.29 38.84
C GLU D 406 2.84 -16.77 38.84
N ARG D 407 2.26 -17.54 39.77
CA ARG D 407 2.65 -18.95 39.92
C ARG D 407 2.22 -19.80 38.73
N PHE D 408 1.09 -19.46 38.11
CA PHE D 408 0.64 -20.15 36.90
C PHE D 408 1.68 -20.00 35.79
N GLU D 409 2.21 -18.80 35.62
CA GLU D 409 3.18 -18.59 34.55
C GLU D 409 4.52 -19.22 34.88
N ASN D 410 5.00 -19.07 36.12
CA ASN D 410 6.35 -19.53 36.44
C ASN D 410 6.39 -20.98 36.92
N GLU D 411 5.37 -21.45 37.62
CA GLU D 411 5.38 -22.80 38.19
C GLU D 411 4.59 -23.81 37.36
N TYR D 412 3.54 -23.36 36.67
CA TYR D 412 2.66 -24.26 35.92
C TYR D 412 3.04 -24.30 34.44
N VAL D 413 2.95 -23.16 33.74
CA VAL D 413 3.27 -23.12 32.33
C VAL D 413 4.76 -23.36 32.10
N ASN D 414 5.61 -22.68 32.88
CA ASN D 414 7.06 -22.83 32.75
C ASN D 414 7.48 -24.08 33.51
N GLN D 415 7.62 -25.20 32.79
CA GLN D 415 8.07 -26.45 33.38
C GLN D 415 9.49 -26.82 33.00
N GLY D 416 10.01 -26.26 31.92
CA GLY D 416 11.30 -26.65 31.40
C GLY D 416 11.10 -27.47 30.13
N PHE D 417 11.97 -27.25 29.15
CA PHE D 417 11.87 -27.96 27.88
C PHE D 417 12.33 -29.41 27.97
N TYR D 418 12.84 -29.85 29.12
CA TYR D 418 13.28 -31.23 29.29
C TYR D 418 12.67 -31.86 30.54
N THR D 419 11.46 -31.47 30.90
CA THR D 419 10.74 -32.04 32.03
C THR D 419 9.41 -32.59 31.55
N ASN D 420 9.26 -33.92 31.64
CA ASN D 420 8.07 -34.63 31.17
C ASN D 420 7.14 -34.84 32.36
N ARG D 421 6.01 -34.14 32.37
CA ARG D 421 5.00 -34.28 33.42
C ARG D 421 3.93 -35.26 32.98
N THR D 422 3.68 -36.28 33.79
CA THR D 422 2.49 -37.09 33.59
C THR D 422 1.25 -36.24 33.83
N ILE D 423 0.13 -36.65 33.21
CA ILE D 423 -1.10 -35.85 33.32
C ILE D 423 -1.58 -35.82 34.76
N THR D 424 -1.30 -36.88 35.53
CA THR D 424 -1.70 -36.87 36.93
C THR D 424 -0.90 -35.84 37.72
N GLU D 425 0.41 -35.72 37.46
CA GLU D 425 1.21 -34.67 38.07
C GLU D 425 0.69 -33.30 37.68
N THR D 426 0.39 -33.12 36.39
CA THR D 426 -0.17 -31.87 35.90
C THR D 426 -1.44 -31.51 36.66
N LEU D 427 -2.33 -32.48 36.85
CA LEU D 427 -3.62 -32.23 37.49
C LEU D 427 -3.43 -31.96 38.98
N ASP D 428 -2.52 -32.69 39.62
CA ASP D 428 -2.22 -32.48 41.03
C ASP D 428 -1.67 -31.07 41.26
N LEU D 429 -0.73 -30.66 40.41
CA LEU D 429 -0.16 -29.33 40.50
C LEU D 429 -1.22 -28.27 40.20
N GLY D 430 -2.15 -28.57 39.30
CA GLY D 430 -3.26 -27.67 39.07
C GLY D 430 -4.08 -27.46 40.31
N TRP D 431 -4.35 -28.55 41.05
CA TRP D 431 -5.05 -28.40 42.32
C TRP D 431 -4.24 -27.58 43.31
N GLU D 432 -2.92 -27.76 43.35
CA GLU D 432 -2.13 -26.99 44.33
C GLU D 432 -2.14 -25.50 44.02
N LEU D 433 -1.90 -25.13 42.76
CA LEU D 433 -2.00 -23.70 42.40
C LEU D 433 -3.42 -23.19 42.52
N LEU D 434 -4.42 -24.04 42.38
CA LEU D 434 -5.81 -23.64 42.50
C LEU D 434 -6.28 -23.63 43.95
N ALA D 435 -5.46 -24.17 44.87
CA ALA D 435 -5.81 -24.24 46.28
C ALA D 435 -5.54 -22.94 47.01
N MET D 436 -4.53 -22.17 46.57
CA MET D 436 -4.25 -20.88 47.18
C MET D 436 -5.48 -19.97 47.15
N LEU D 437 -6.44 -20.26 46.28
CA LEU D 437 -7.66 -19.48 46.17
C LEU D 437 -8.75 -20.05 47.08
N PRO D 438 -9.55 -19.20 47.72
CA PRO D 438 -10.45 -19.67 48.78
C PRO D 438 -11.58 -20.58 48.30
N ARG D 439 -12.43 -20.11 47.40
CA ARG D 439 -13.55 -20.90 46.89
C ARG D 439 -13.71 -20.77 45.39
N THR D 440 -13.83 -21.94 44.74
CA THR D 440 -13.83 -22.13 43.31
C THR D 440 -15.13 -22.81 42.91
N GLU D 441 -15.51 -22.69 41.64
CA GLU D 441 -16.81 -23.20 41.21
C GLU D 441 -16.84 -24.71 41.02
N LEU D 442 -15.71 -25.40 41.17
CA LEU D 442 -15.71 -26.86 41.06
C LEU D 442 -16.56 -27.44 42.19
N LYS D 443 -17.23 -28.55 41.92
CA LYS D 443 -18.22 -29.05 42.88
C LYS D 443 -17.66 -29.93 44.00
N ARG D 444 -17.05 -31.06 43.68
CA ARG D 444 -16.55 -31.99 44.69
C ARG D 444 -15.05 -31.87 44.89
N ILE D 445 -14.64 -31.67 46.14
CA ILE D 445 -13.22 -31.66 46.48
C ILE D 445 -12.92 -33.03 47.07
N LYS D 446 -12.37 -33.92 46.23
CA LYS D 446 -12.12 -35.29 46.68
C LYS D 446 -10.75 -35.40 47.30
N ASP D 447 -9.74 -34.77 46.69
CA ASP D 447 -8.39 -34.78 47.23
C ASP D 447 -7.78 -33.39 47.38
N ASP D 448 -8.44 -32.34 46.87
CA ASP D 448 -7.99 -30.97 47.06
C ASP D 448 -7.70 -30.65 48.53
N LEU D 449 -6.51 -30.09 48.76
CA LEU D 449 -6.16 -29.47 50.04
C LEU D 449 -5.95 -27.96 49.86
N ILE E 2 -32.97 -5.11 -40.01
CA ILE E 2 -32.67 -5.61 -38.67
C ILE E 2 -31.32 -6.32 -38.68
N LYS E 3 -30.33 -5.70 -38.04
CA LYS E 3 -28.93 -6.13 -38.16
C LYS E 3 -28.60 -7.16 -37.09
N GLU E 4 -28.13 -8.32 -37.53
CA GLU E 4 -27.83 -9.43 -36.64
C GLU E 4 -26.84 -10.35 -37.34
N TYR E 5 -25.81 -10.78 -36.61
CA TYR E 5 -24.75 -11.61 -37.15
C TYR E 5 -24.67 -12.94 -36.40
N ARG E 6 -24.43 -14.01 -37.14
CA ARG E 6 -24.28 -15.36 -36.61
C ARG E 6 -22.81 -15.78 -36.52
N THR E 7 -21.93 -14.89 -36.05
CA THR E 7 -20.48 -15.10 -36.15
C THR E 7 -19.79 -14.81 -34.80
N ILE E 8 -20.13 -15.60 -33.78
CA ILE E 8 -19.43 -15.53 -32.50
C ILE E 8 -18.24 -16.48 -32.53
N LYS E 9 -17.03 -15.93 -32.44
CA LYS E 9 -15.82 -16.73 -32.45
C LYS E 9 -15.31 -17.07 -31.06
N GLU E 10 -15.50 -16.20 -30.08
CA GLU E 10 -14.84 -16.39 -28.80
C GLU E 10 -15.62 -15.71 -27.69
N VAL E 11 -15.70 -16.39 -26.54
CA VAL E 11 -16.33 -15.86 -25.33
C VAL E 11 -15.39 -16.12 -24.17
N VAL E 12 -15.06 -15.07 -23.43
CA VAL E 12 -14.18 -15.16 -22.26
C VAL E 12 -14.86 -14.40 -21.14
N GLY E 13 -15.38 -15.13 -20.14
CA GLY E 13 -16.12 -14.52 -19.07
C GLY E 13 -17.35 -13.80 -19.60
N PRO E 14 -17.49 -12.51 -19.27
CA PRO E 14 -18.63 -11.74 -19.76
C PRO E 14 -18.46 -11.20 -21.16
N LEU E 15 -17.30 -11.41 -21.78
CA LEU E 15 -17.00 -10.80 -23.08
C LEU E 15 -17.16 -11.81 -24.21
N MET E 16 -17.62 -11.30 -25.36
CA MET E 16 -17.82 -12.10 -26.56
C MET E 16 -17.11 -11.43 -27.72
N ALA E 17 -16.63 -12.25 -28.66
CA ALA E 17 -15.96 -11.77 -29.87
C ALA E 17 -16.82 -12.09 -31.07
N VAL E 18 -17.26 -11.05 -31.80
CA VAL E 18 -18.11 -11.20 -32.97
C VAL E 18 -17.31 -10.77 -34.18
N GLU E 19 -17.54 -11.43 -35.31
CA GLU E 19 -16.67 -11.27 -36.48
C GLU E 19 -17.49 -10.98 -37.73
N LYS E 20 -16.78 -10.72 -38.82
CA LYS E 20 -17.35 -10.40 -40.12
C LYS E 20 -18.49 -9.39 -39.97
N VAL E 21 -18.19 -8.36 -39.19
CA VAL E 21 -19.14 -7.36 -38.78
C VAL E 21 -18.92 -6.10 -39.62
N SER E 22 -19.97 -5.29 -39.75
CA SER E 22 -19.86 -4.00 -40.39
C SER E 22 -20.82 -3.02 -39.75
N GLY E 23 -20.44 -1.75 -39.74
CA GLY E 23 -21.32 -0.71 -39.26
C GLY E 23 -21.64 -0.73 -37.78
N VAL E 24 -20.83 -1.42 -36.98
CA VAL E 24 -21.02 -1.43 -35.53
C VAL E 24 -20.17 -0.34 -34.90
N LYS E 25 -20.70 0.22 -33.81
CA LYS E 25 -20.17 1.44 -33.23
C LYS E 25 -19.83 1.20 -31.76
N TYR E 26 -18.94 2.05 -31.25
CA TYR E 26 -18.51 1.93 -29.86
C TYR E 26 -19.66 2.20 -28.90
N GLU E 27 -19.83 1.32 -27.92
CA GLU E 27 -20.83 1.40 -26.86
C GLU E 27 -22.26 1.28 -27.38
N GLU E 28 -22.42 0.86 -28.63
CA GLU E 28 -23.72 0.48 -29.16
C GLU E 28 -24.28 -0.70 -28.36
N LEU E 29 -25.59 -0.73 -28.18
CA LEU E 29 -26.25 -1.86 -27.52
C LEU E 29 -26.39 -3.06 -28.45
N ILE E 30 -26.36 -4.25 -27.85
CA ILE E 30 -26.54 -5.49 -28.57
C ILE E 30 -27.47 -6.40 -27.78
N GLU E 31 -27.98 -7.40 -28.48
CA GLU E 31 -28.71 -8.51 -27.90
C GLU E 31 -28.03 -9.78 -28.35
N VAL E 32 -27.73 -10.68 -27.42
CA VAL E 32 -27.33 -12.03 -27.76
C VAL E 32 -28.59 -12.88 -27.77
N ARG E 33 -29.01 -13.30 -28.95
CA ARG E 33 -30.13 -14.22 -29.12
C ARG E 33 -29.51 -15.62 -29.08
N MET E 34 -29.76 -16.33 -27.99
CA MET E 34 -29.05 -17.56 -27.71
C MET E 34 -29.64 -18.72 -28.49
N GLN E 35 -28.92 -19.85 -28.50
CA GLN E 35 -29.36 -21.02 -29.26
C GLN E 35 -30.63 -21.63 -28.70
N ASN E 36 -31.03 -21.28 -27.49
CA ASN E 36 -32.30 -21.72 -26.92
C ASN E 36 -33.42 -20.71 -27.13
N GLY E 37 -33.12 -19.56 -27.71
CA GLY E 37 -34.08 -18.48 -27.84
C GLY E 37 -34.02 -17.45 -26.73
N GLU E 38 -33.24 -17.69 -25.69
CA GLU E 38 -33.07 -16.72 -24.62
C GLU E 38 -32.34 -15.48 -25.14
N ILE E 39 -32.78 -14.31 -24.69
CA ILE E 39 -32.21 -13.04 -25.12
C ILE E 39 -31.48 -12.40 -23.95
N ARG E 40 -30.27 -11.90 -24.20
CA ARG E 40 -29.48 -11.24 -23.18
C ARG E 40 -28.93 -9.92 -23.71
N ARG E 41 -28.98 -8.87 -22.90
CA ARG E 41 -28.53 -7.57 -23.34
C ARG E 41 -27.02 -7.40 -23.13
N GLY E 42 -26.41 -6.58 -23.97
CA GLY E 42 -24.99 -6.34 -23.89
C GLY E 42 -24.60 -5.04 -24.54
N GLN E 43 -23.32 -4.70 -24.43
CA GLN E 43 -22.80 -3.44 -24.95
C GLN E 43 -21.48 -3.71 -25.67
N VAL E 44 -21.12 -2.80 -26.57
CA VAL E 44 -19.91 -2.93 -27.37
C VAL E 44 -18.74 -2.28 -26.63
N LEU E 45 -17.76 -3.10 -26.24
CA LEU E 45 -16.53 -2.55 -25.67
C LEU E 45 -15.55 -2.12 -26.74
N GLU E 46 -15.51 -2.81 -27.87
CA GLU E 46 -14.42 -2.54 -28.78
C GLU E 46 -14.85 -2.94 -30.19
N VAL E 47 -14.45 -2.15 -31.18
CA VAL E 47 -14.70 -2.46 -32.58
C VAL E 47 -13.42 -2.25 -33.37
N GLN E 48 -12.97 -3.31 -34.04
CA GLN E 48 -11.69 -3.38 -34.72
C GLN E 48 -11.94 -3.93 -36.12
N GLU E 49 -11.89 -3.07 -37.13
CA GLU E 49 -12.09 -3.50 -38.52
C GLU E 49 -13.40 -4.25 -38.65
N ASP E 50 -13.33 -5.54 -38.99
CA ASP E 50 -14.53 -6.37 -39.15
C ASP E 50 -14.83 -7.19 -37.90
N LYS E 51 -14.58 -6.64 -36.72
CA LYS E 51 -14.70 -7.39 -35.47
C LYS E 51 -15.27 -6.49 -34.39
N ALA E 52 -15.95 -7.11 -33.41
CA ALA E 52 -16.51 -6.37 -32.29
C ALA E 52 -16.46 -7.21 -31.02
N MET E 53 -15.88 -6.65 -29.97
CA MET E 53 -15.86 -7.28 -28.65
C MET E 53 -16.96 -6.63 -27.80
N VAL E 54 -17.85 -7.47 -27.29
CA VAL E 54 -19.01 -7.03 -26.52
C VAL E 54 -18.92 -7.60 -25.11
N GLN E 55 -19.67 -6.97 -24.20
CA GLN E 55 -19.79 -7.44 -22.82
C GLN E 55 -21.24 -7.73 -22.53
N ILE E 56 -21.52 -8.92 -22.03
CA ILE E 56 -22.88 -9.38 -21.84
C ILE E 56 -23.32 -9.07 -20.41
N PHE E 57 -24.46 -8.40 -20.29
CA PHE E 57 -24.87 -7.84 -19.00
C PHE E 57 -25.21 -8.94 -18.00
N GLU E 58 -25.99 -9.93 -18.42
CA GLU E 58 -26.38 -11.04 -17.57
C GLU E 58 -25.34 -12.16 -17.52
N GLY E 59 -24.19 -11.97 -18.17
CA GLY E 59 -23.18 -13.01 -18.23
C GLY E 59 -23.43 -13.96 -19.39
N THR E 60 -22.40 -14.74 -19.70
CA THR E 60 -22.41 -15.61 -20.87
C THR E 60 -22.63 -17.08 -20.52
N SER E 61 -23.25 -17.36 -19.38
CA SER E 61 -23.54 -18.73 -19.02
C SER E 61 -24.49 -19.37 -20.02
N GLY E 62 -24.25 -20.65 -20.32
CA GLY E 62 -25.12 -21.41 -21.20
C GLY E 62 -25.02 -21.08 -22.67
N ILE E 63 -24.24 -20.07 -23.06
CA ILE E 63 -24.17 -19.67 -24.46
C ILE E 63 -23.40 -20.72 -25.25
N ASN E 64 -23.99 -21.18 -26.35
CA ASN E 64 -23.29 -21.94 -27.36
C ASN E 64 -22.95 -20.99 -28.49
N LEU E 65 -21.66 -20.89 -28.82
CA LEU E 65 -21.19 -19.83 -29.72
C LEU E 65 -21.74 -20.01 -31.12
N LYS E 66 -21.79 -21.25 -31.58
CA LYS E 66 -22.00 -21.57 -32.98
C LYS E 66 -23.46 -21.44 -33.38
N ASN E 67 -24.37 -21.61 -32.42
CA ASN E 67 -25.80 -21.62 -32.68
C ASN E 67 -26.50 -20.39 -32.10
N SER E 68 -25.75 -19.38 -31.67
CA SER E 68 -26.31 -18.12 -31.20
C SER E 68 -25.98 -17.01 -32.19
N SER E 69 -26.64 -15.87 -32.02
CA SER E 69 -26.38 -14.72 -32.87
C SER E 69 -26.39 -13.45 -32.03
N VAL E 70 -25.85 -12.38 -32.59
CA VAL E 70 -25.81 -11.07 -31.95
C VAL E 70 -26.54 -10.08 -32.83
N ARG E 71 -27.61 -9.51 -32.30
CA ARG E 71 -28.35 -8.43 -32.94
C ARG E 71 -27.76 -7.10 -32.49
N PHE E 72 -27.46 -6.22 -33.44
CA PHE E 72 -26.83 -4.94 -33.14
C PHE E 72 -27.90 -3.85 -33.27
N LEU E 73 -28.35 -3.34 -32.11
CA LEU E 73 -29.50 -2.47 -32.04
C LEU E 73 -29.27 -1.09 -32.65
N GLY E 74 -28.03 -0.72 -32.92
CA GLY E 74 -27.75 0.51 -33.64
C GLY E 74 -27.94 1.79 -32.86
N HIS E 75 -27.91 1.72 -31.53
CA HIS E 75 -28.03 2.91 -30.69
C HIS E 75 -27.34 2.64 -29.37
N PRO E 76 -26.96 3.70 -28.63
CA PRO E 76 -26.40 3.48 -27.29
C PRO E 76 -27.49 3.27 -26.25
N LEU E 77 -27.11 3.25 -24.98
CA LEU E 77 -28.08 3.08 -23.92
C LEU E 77 -28.97 4.33 -23.87
N GLN E 78 -30.28 4.13 -24.00
CA GLN E 78 -31.22 5.23 -24.17
C GLN E 78 -32.37 5.10 -23.19
N LEU E 79 -33.02 6.23 -22.93
CA LEU E 79 -34.24 6.26 -22.12
C LEU E 79 -35.40 6.72 -23.00
N GLY E 80 -36.47 5.94 -22.99
CA GLY E 80 -37.72 6.37 -23.62
C GLY E 80 -38.34 7.48 -22.80
N VAL E 81 -38.81 8.52 -23.48
CA VAL E 81 -39.09 9.81 -22.87
C VAL E 81 -40.46 10.33 -23.31
N SER E 82 -41.30 10.63 -22.32
CA SER E 82 -42.69 11.03 -22.44
C SER E 82 -43.11 11.76 -21.16
N GLU E 83 -44.23 12.50 -21.24
CA GLU E 83 -44.84 13.09 -20.05
C GLU E 83 -45.59 12.07 -19.21
N ASP E 84 -45.84 10.87 -19.75
CA ASP E 84 -46.56 9.83 -19.05
C ASP E 84 -45.73 9.15 -17.97
N MET E 85 -44.47 9.54 -17.78
CA MET E 85 -43.61 8.81 -16.85
C MET E 85 -44.02 9.03 -15.40
N ILE E 86 -44.58 10.20 -15.07
CA ILE E 86 -45.00 10.43 -13.69
C ILE E 86 -46.11 9.45 -13.34
N GLY E 87 -46.05 8.96 -12.11
CA GLY E 87 -46.94 7.89 -11.70
C GLY E 87 -46.51 6.51 -12.14
N ARG E 88 -45.29 6.36 -12.66
CA ARG E 88 -44.82 5.10 -13.19
C ARG E 88 -43.55 4.64 -12.48
N VAL E 89 -43.38 3.31 -12.51
CA VAL E 89 -42.28 2.61 -11.88
C VAL E 89 -41.57 1.80 -12.95
N PHE E 90 -40.26 1.98 -13.05
CA PHE E 90 -39.40 1.32 -14.01
C PHE E 90 -38.32 0.56 -13.26
N ASP E 91 -37.55 -0.24 -13.99
CA ASP E 91 -36.40 -0.89 -13.41
C ASP E 91 -35.12 -0.13 -13.78
N GLY E 92 -33.97 -0.73 -13.49
CA GLY E 92 -32.70 -0.06 -13.71
C GLY E 92 -32.44 0.36 -15.15
N LEU E 93 -33.15 -0.24 -16.11
CA LEU E 93 -32.97 0.06 -17.51
C LEU E 93 -34.14 0.85 -18.09
N GLY E 94 -34.95 1.48 -17.24
CA GLY E 94 -36.10 2.21 -17.73
C GLY E 94 -37.21 1.33 -18.27
N ARG E 95 -37.20 0.04 -17.96
CA ARG E 95 -38.26 -0.87 -18.36
C ARG E 95 -39.33 -0.94 -17.27
N PRO E 96 -40.61 -0.94 -17.66
CA PRO E 96 -41.68 -0.87 -16.66
C PRO E 96 -41.74 -2.10 -15.77
N LYS E 97 -42.07 -1.88 -14.49
CA LYS E 97 -42.24 -2.94 -13.51
C LYS E 97 -43.57 -2.86 -12.77
N ASP E 98 -44.49 -2.01 -13.22
CA ASP E 98 -45.73 -1.77 -12.50
C ASP E 98 -46.93 -2.45 -13.13
N ASN E 99 -46.75 -3.16 -14.25
CA ASN E 99 -47.83 -3.76 -15.02
C ASN E 99 -48.78 -2.71 -15.57
N GLY E 100 -48.26 -1.55 -15.94
CA GLY E 100 -49.07 -0.44 -16.35
C GLY E 100 -49.15 -0.24 -17.85
N PRO E 101 -49.93 0.74 -18.28
CA PRO E 101 -50.17 0.92 -19.73
C PRO E 101 -48.90 1.26 -20.47
N GLU E 102 -48.68 0.57 -21.59
CA GLU E 102 -47.50 0.79 -22.42
C GLU E 102 -47.41 2.26 -22.83
N ILE E 103 -46.24 2.84 -22.61
CA ILE E 103 -46.02 4.28 -22.77
C ILE E 103 -45.33 4.53 -24.10
N LEU E 104 -45.82 5.52 -24.84
CA LEU E 104 -45.28 5.84 -26.16
C LEU E 104 -44.28 6.97 -25.98
N PRO E 105 -42.98 6.71 -26.09
CA PRO E 105 -42.00 7.77 -25.85
C PRO E 105 -42.11 8.87 -26.88
N GLU E 106 -42.11 10.12 -26.40
CA GLU E 106 -41.89 11.24 -27.30
C GLU E 106 -40.54 11.10 -27.99
N LYS E 107 -39.52 10.69 -27.25
CA LYS E 107 -38.22 10.50 -27.89
C LYS E 107 -37.31 9.69 -26.99
N TYR E 108 -36.22 9.19 -27.56
CA TYR E 108 -35.22 8.44 -26.81
C TYR E 108 -33.98 9.31 -26.65
N LEU E 109 -33.49 9.41 -25.42
CA LEU E 109 -32.35 10.28 -25.13
C LEU E 109 -31.18 9.48 -24.57
N ASP E 110 -29.98 9.92 -24.94
CA ASP E 110 -28.75 9.31 -24.44
C ASP E 110 -28.67 9.44 -22.92
N ILE E 111 -28.44 8.31 -22.25
CA ILE E 111 -28.47 8.26 -20.80
C ILE E 111 -27.38 9.10 -20.17
N ASN E 112 -26.29 9.34 -20.89
CA ASN E 112 -25.27 10.26 -20.42
C ASN E 112 -25.73 11.70 -20.49
N GLY E 113 -26.71 12.00 -21.33
CA GLY E 113 -27.11 13.38 -21.55
C GLY E 113 -26.00 14.16 -22.23
N GLU E 114 -26.14 15.48 -22.20
CA GLU E 114 -25.15 16.37 -22.77
C GLU E 114 -24.73 17.38 -21.72
N VAL E 115 -23.60 18.04 -21.98
CA VAL E 115 -22.93 18.89 -21.01
C VAL E 115 -23.32 20.34 -21.22
N ILE E 116 -23.57 21.05 -20.13
CA ILE E 116 -24.07 22.42 -20.19
C ILE E 116 -22.98 23.34 -20.71
N ASN E 117 -23.36 24.27 -21.58
CA ASN E 117 -22.49 25.38 -21.91
C ASN E 117 -22.23 26.19 -20.63
N PRO E 118 -20.97 26.49 -20.31
CA PRO E 118 -20.71 27.28 -19.08
C PRO E 118 -21.42 28.63 -19.07
N ILE E 119 -21.69 29.20 -20.24
CA ILE E 119 -22.36 30.49 -20.30
C ILE E 119 -23.82 30.37 -19.83
N ALA E 120 -24.47 29.27 -20.18
CA ALA E 120 -25.92 29.13 -20.00
C ALA E 120 -26.33 28.64 -18.63
N ARG E 121 -25.40 28.42 -17.71
CA ARG E 121 -25.76 27.91 -16.39
C ARG E 121 -26.18 29.04 -15.46
N ASP E 122 -27.22 28.79 -14.65
CA ASP E 122 -27.81 29.76 -13.74
C ASP E 122 -27.57 29.36 -12.29
N TYR E 123 -27.70 30.34 -11.41
CA TYR E 123 -27.47 30.09 -9.99
C TYR E 123 -28.65 29.32 -9.39
N PRO E 124 -28.39 28.41 -8.45
CA PRO E 124 -29.48 27.86 -7.65
C PRO E 124 -30.12 28.98 -6.82
N ASP E 125 -31.45 29.00 -6.76
CA ASP E 125 -32.07 30.10 -6.04
C ASP E 125 -33.17 29.67 -5.06
N GLU E 126 -34.39 29.47 -5.54
CA GLU E 126 -35.53 29.39 -4.62
C GLU E 126 -35.58 28.05 -3.90
N PHE E 127 -36.67 27.81 -3.16
CA PHE E 127 -36.69 26.93 -2.01
C PHE E 127 -37.55 25.69 -2.24
N ILE E 128 -37.00 24.53 -1.90
CA ILE E 128 -37.73 23.27 -1.90
C ILE E 128 -38.05 22.89 -0.46
N GLN E 129 -39.32 22.61 -0.20
CA GLN E 129 -39.81 22.31 1.14
C GLN E 129 -39.82 20.80 1.36
N THR E 130 -38.71 20.28 1.90
CA THR E 130 -38.63 18.85 2.22
C THR E 130 -39.69 18.41 3.20
N GLY E 131 -40.33 19.35 3.90
CA GLY E 131 -41.23 18.99 4.97
C GLY E 131 -40.55 18.56 6.25
N ILE E 132 -39.22 18.61 6.30
CA ILE E 132 -38.46 18.25 7.49
C ILE E 132 -37.77 19.51 8.02
N SER E 133 -37.94 19.76 9.32
CA SER E 133 -37.45 21.00 9.93
C SER E 133 -35.94 21.09 9.83
N ALA E 134 -35.22 20.08 10.34
CA ALA E 134 -33.77 20.15 10.40
C ALA E 134 -33.13 20.33 9.03
N ILE E 135 -33.87 20.09 7.96
CA ILE E 135 -33.39 20.38 6.61
C ILE E 135 -33.96 21.71 6.13
N ASP E 136 -35.28 21.82 6.10
CA ASP E 136 -35.93 23.02 5.54
C ASP E 136 -35.49 24.28 6.28
N HIS E 137 -35.33 24.19 7.59
CA HIS E 137 -35.11 25.37 8.42
C HIS E 137 -33.62 25.73 8.52
N LEU E 138 -32.77 24.73 8.73
CA LEU E 138 -31.35 24.98 8.97
C LEU E 138 -30.51 24.74 7.72
N ASN E 139 -30.61 23.54 7.14
CA ASN E 139 -29.79 23.14 6.02
C ASN E 139 -30.63 23.19 4.75
N THR E 140 -31.03 24.41 4.39
CA THR E 140 -32.10 24.61 3.42
C THR E 140 -31.72 24.12 2.03
N LEU E 141 -32.62 23.38 1.41
CA LEU E 141 -32.42 22.87 0.06
C LEU E 141 -32.97 23.88 -0.95
N VAL E 142 -32.14 24.29 -1.89
CA VAL E 142 -32.55 25.19 -2.96
C VAL E 142 -32.64 24.41 -4.26
N ARG E 143 -33.48 24.90 -5.16
CA ARG E 143 -33.67 24.27 -6.45
C ARG E 143 -32.42 24.43 -7.31
N GLY E 144 -31.90 23.31 -7.81
CA GLY E 144 -30.64 23.29 -8.51
C GLY E 144 -29.45 22.93 -7.65
N GLN E 145 -29.68 22.55 -6.39
CA GLN E 145 -28.62 22.23 -5.46
C GLN E 145 -28.33 20.73 -5.48
N LYS E 146 -27.12 20.38 -5.09
CA LYS E 146 -26.71 19.00 -4.92
C LYS E 146 -26.43 18.78 -3.43
N LEU E 147 -27.41 18.23 -2.72
CA LEU E 147 -27.30 18.07 -1.28
C LEU E 147 -27.40 16.60 -0.91
N PRO E 148 -26.30 15.96 -0.48
CA PRO E 148 -26.34 14.55 -0.13
C PRO E 148 -26.55 14.31 1.36
N VAL E 149 -27.12 13.14 1.65
CA VAL E 149 -27.32 12.66 3.01
C VAL E 149 -26.48 11.42 3.21
N PHE E 150 -25.67 11.41 4.26
CA PHE E 150 -24.77 10.31 4.59
C PHE E 150 -25.26 9.60 5.85
N GLY E 151 -24.54 8.54 6.23
CA GLY E 151 -24.85 7.82 7.44
C GLY E 151 -24.21 6.45 7.54
N PRO E 152 -24.40 5.80 8.67
CA PRO E 152 -23.98 4.41 8.81
C PRO E 152 -25.10 3.46 8.41
N PRO E 153 -24.82 2.17 8.23
CA PRO E 153 -25.88 1.24 7.83
C PRO E 153 -26.98 1.16 8.89
N GLY E 154 -28.22 1.27 8.43
CA GLY E 154 -29.36 1.26 9.34
C GLY E 154 -29.43 2.50 10.20
N ALA E 155 -29.68 3.66 9.58
CA ALA E 155 -29.79 4.92 10.30
C ALA E 155 -30.98 5.73 9.80
N GLY E 156 -32.03 5.05 9.37
CA GLY E 156 -33.24 5.71 8.88
C GLY E 156 -33.11 6.34 7.52
N LYS E 157 -31.98 6.17 6.83
CA LYS E 157 -31.75 6.88 5.58
C LYS E 157 -32.72 6.42 4.49
N SER E 158 -33.04 5.12 4.46
CA SER E 158 -34.06 4.64 3.52
C SER E 158 -35.42 5.25 3.85
N ALA E 159 -35.79 5.21 5.13
CA ALA E 159 -37.03 5.83 5.57
C ALA E 159 -37.00 7.34 5.37
N LEU E 160 -35.86 7.97 5.66
CA LEU E 160 -35.74 9.41 5.46
C LEU E 160 -35.92 9.77 3.99
N ALA E 161 -35.33 8.98 3.08
CA ALA E 161 -35.50 9.25 1.67
C ALA E 161 -36.96 9.09 1.25
N ALA E 162 -37.64 8.06 1.78
CA ALA E 162 -39.07 7.91 1.51
C ALA E 162 -39.85 9.14 1.98
N GLN E 163 -39.52 9.63 3.17
CA GLN E 163 -40.22 10.80 3.70
C GLN E 163 -40.02 12.02 2.83
N ILE E 164 -38.77 12.30 2.45
CA ILE E 164 -38.51 13.43 1.57
C ILE E 164 -39.19 13.24 0.23
N ALA E 165 -39.28 12.00 -0.25
CA ALA E 165 -39.92 11.75 -1.52
C ALA E 165 -41.40 12.09 -1.47
N ARG E 166 -42.08 11.72 -0.37
CA ARG E 166 -43.52 11.96 -0.31
C ARG E 166 -43.87 13.38 0.13
N GLN E 167 -43.03 14.01 0.95
CA GLN E 167 -43.35 15.29 1.59
C GLN E 167 -42.75 16.51 0.92
N ALA E 168 -41.80 16.33 -0.01
CA ALA E 168 -41.17 17.48 -0.64
C ALA E 168 -42.08 18.12 -1.69
N THR E 169 -42.13 19.45 -1.65
CA THR E 169 -42.88 20.22 -2.64
C THR E 169 -42.36 21.65 -2.61
N VAL E 170 -42.78 22.43 -3.61
CA VAL E 170 -42.42 23.83 -3.72
C VAL E 170 -43.69 24.67 -3.55
N LEU E 171 -43.52 25.89 -3.03
CA LEU E 171 -44.63 26.66 -2.51
C LEU E 171 -45.30 27.56 -3.56
N ASP E 172 -44.54 28.49 -4.14
CA ASP E 172 -45.12 29.56 -4.95
C ASP E 172 -45.05 29.32 -6.45
N SER E 173 -44.40 28.24 -6.90
CA SER E 173 -44.34 27.99 -8.33
C SER E 173 -45.69 27.47 -8.82
N SER E 174 -46.20 28.06 -9.89
CA SER E 174 -47.41 27.52 -10.53
C SER E 174 -47.11 26.17 -11.16
N ASP E 175 -46.04 26.09 -11.94
CA ASP E 175 -45.66 24.84 -12.59
C ASP E 175 -45.08 23.89 -11.55
N ASP E 176 -45.63 22.69 -11.47
CA ASP E 176 -45.54 21.91 -10.25
C ASP E 176 -44.27 21.06 -10.14
N PHE E 177 -44.08 20.57 -8.93
CA PHE E 177 -42.91 19.82 -8.49
C PHE E 177 -43.04 18.35 -8.89
N ALA E 178 -41.94 17.76 -9.32
CA ALA E 178 -41.87 16.33 -9.59
C ALA E 178 -40.64 15.77 -8.91
N VAL E 179 -40.74 14.52 -8.45
CA VAL E 179 -39.65 13.85 -7.76
C VAL E 179 -39.32 12.56 -8.49
N VAL E 180 -38.04 12.35 -8.77
CA VAL E 180 -37.54 11.14 -9.38
C VAL E 180 -36.79 10.34 -8.33
N PHE E 181 -37.18 9.08 -8.15
CA PHE E 181 -36.61 8.24 -7.11
C PHE E 181 -35.89 7.06 -7.77
N ALA E 182 -34.61 6.90 -7.45
CA ALA E 182 -33.80 5.79 -7.96
C ALA E 182 -33.17 5.07 -6.78
N ALA E 183 -33.53 3.80 -6.61
CA ALA E 183 -32.92 2.93 -5.62
C ALA E 183 -31.83 2.10 -6.28
N ILE E 184 -30.66 2.05 -5.64
CA ILE E 184 -29.47 1.45 -6.24
C ILE E 184 -29.11 0.22 -5.42
N GLY E 185 -29.37 -0.97 -5.99
CA GLY E 185 -28.97 -2.21 -5.34
C GLY E 185 -29.68 -2.51 -4.05
N ILE E 186 -30.96 -2.18 -3.95
CA ILE E 186 -31.74 -2.33 -2.73
C ILE E 186 -32.39 -3.71 -2.71
N THR E 187 -32.43 -4.33 -1.53
CA THR E 187 -33.02 -5.67 -1.41
C THR E 187 -34.51 -5.61 -1.73
N PHE E 188 -35.05 -6.76 -2.16
CA PHE E 188 -36.43 -6.80 -2.61
C PHE E 188 -37.40 -6.42 -1.50
N GLU E 189 -37.10 -6.81 -0.26
CA GLU E 189 -37.97 -6.44 0.85
C GLU E 189 -38.07 -4.93 1.00
N GLU E 190 -36.93 -4.22 0.90
CA GLU E 190 -36.95 -2.77 1.05
C GLU E 190 -37.63 -2.10 -0.14
N ALA E 191 -37.40 -2.59 -1.36
CA ALA E 191 -38.07 -2.02 -2.52
C ALA E 191 -39.58 -2.23 -2.42
N GLU E 192 -40.02 -3.41 -2.00
CA GLU E 192 -41.44 -3.68 -1.81
C GLU E 192 -42.03 -2.78 -0.73
N PHE E 193 -41.27 -2.54 0.34
CA PHE E 193 -41.69 -1.61 1.38
C PHE E 193 -41.88 -0.20 0.81
N PHE E 194 -40.88 0.27 0.05
CA PHE E 194 -41.01 1.54 -0.65
C PHE E 194 -42.28 1.59 -1.49
N MET E 195 -42.59 0.51 -2.21
CA MET E 195 -43.77 0.53 -3.07
C MET E 195 -45.06 0.64 -2.28
N GLU E 196 -45.19 -0.14 -1.19
CA GLU E 196 -46.42 -0.06 -0.41
C GLU E 196 -46.58 1.34 0.20
N ASP E 197 -45.47 1.94 0.62
CA ASP E 197 -45.53 3.29 1.18
C ASP E 197 -45.86 4.33 0.11
N PHE E 198 -45.20 4.26 -1.04
CA PHE E 198 -45.50 5.17 -2.15
C PHE E 198 -46.95 5.05 -2.59
N ARG E 199 -47.48 3.83 -2.63
CA ARG E 199 -48.85 3.63 -3.10
C ARG E 199 -49.87 4.10 -2.09
N GLN E 200 -49.62 3.88 -0.80
CA GLN E 200 -50.61 4.32 0.19
C GLN E 200 -50.66 5.85 0.27
N THR E 201 -49.51 6.51 0.15
CA THR E 201 -49.43 7.95 0.33
C THR E 201 -49.90 8.72 -0.91
N GLY E 202 -50.13 8.04 -2.03
CA GLY E 202 -50.44 8.73 -3.26
C GLY E 202 -49.31 9.55 -3.81
N ALA E 203 -48.09 9.43 -3.27
CA ALA E 203 -46.95 10.21 -3.74
C ALA E 203 -46.46 9.77 -5.11
N ILE E 204 -46.81 8.56 -5.56
CA ILE E 204 -46.42 8.12 -6.89
C ILE E 204 -46.91 9.09 -7.95
N ASP E 205 -48.09 9.69 -7.75
CA ASP E 205 -48.64 10.63 -8.71
C ASP E 205 -47.77 11.85 -8.91
N ARG E 206 -46.77 12.05 -8.06
CA ARG E 206 -45.85 13.17 -8.16
C ARG E 206 -44.47 12.69 -8.57
N SER E 207 -44.34 11.41 -8.90
CA SER E 207 -43.07 10.71 -8.85
C SER E 207 -42.81 9.94 -10.14
N VAL E 208 -41.53 9.73 -10.42
CA VAL E 208 -41.05 8.72 -11.36
C VAL E 208 -40.06 7.87 -10.58
N MET E 209 -40.20 6.55 -10.65
CA MET E 209 -39.37 5.68 -9.82
C MET E 209 -38.60 4.69 -10.69
N PHE E 210 -37.31 4.54 -10.40
CA PHE E 210 -36.45 3.54 -11.03
C PHE E 210 -35.93 2.63 -9.92
N MET E 211 -36.31 1.36 -9.97
CA MET E 211 -35.97 0.42 -8.91
C MET E 211 -34.94 -0.58 -9.41
N ASN E 212 -33.80 -0.62 -8.75
CA ASN E 212 -32.76 -1.61 -9.05
C ASN E 212 -32.47 -2.37 -7.77
N LEU E 213 -32.42 -3.69 -7.90
CA LEU E 213 -32.36 -4.59 -6.76
C LEU E 213 -30.94 -5.13 -6.59
N ALA E 214 -30.62 -5.52 -5.35
CA ALA E 214 -29.27 -5.94 -5.02
C ALA E 214 -28.79 -7.08 -5.91
N ASN E 215 -29.69 -7.95 -6.34
CA ASN E 215 -29.34 -9.06 -7.20
C ASN E 215 -29.55 -8.75 -8.69
N ASP E 216 -29.88 -7.51 -9.03
CA ASP E 216 -29.94 -7.11 -10.42
C ASP E 216 -28.52 -7.10 -11.00
N PRO E 217 -28.41 -7.14 -12.34
CA PRO E 217 -27.08 -6.99 -12.95
C PRO E 217 -26.42 -5.68 -12.55
N ALA E 218 -25.10 -5.74 -12.33
CA ALA E 218 -24.36 -4.57 -11.87
C ALA E 218 -24.42 -3.43 -12.87
N ILE E 219 -24.39 -3.76 -14.17
CA ILE E 219 -24.46 -2.74 -15.20
C ILE E 219 -25.78 -1.97 -15.11
N GLU E 220 -26.84 -2.64 -14.67
CA GLU E 220 -28.10 -1.94 -14.41
C GLU E 220 -27.95 -0.98 -13.24
N ARG E 221 -27.12 -1.34 -12.24
CA ARG E 221 -26.84 -0.39 -11.16
C ARG E 221 -26.10 0.83 -11.68
N ILE E 222 -25.25 0.65 -12.67
CA ILE E 222 -24.60 1.81 -13.28
C ILE E 222 -25.62 2.68 -14.00
N ALA E 223 -26.55 2.04 -14.73
CA ALA E 223 -27.47 2.80 -15.56
C ALA E 223 -28.52 3.55 -14.75
N THR E 224 -28.92 3.01 -13.59
CA THR E 224 -30.07 3.57 -12.88
C THR E 224 -29.95 5.06 -12.55
N PRO E 225 -28.87 5.56 -11.94
CA PRO E 225 -28.84 7.00 -11.62
C PRO E 225 -28.87 7.88 -12.85
N ARG E 226 -28.15 7.47 -13.91
CA ARG E 226 -28.18 8.24 -15.15
C ARG E 226 -29.56 8.21 -15.79
N MET E 227 -30.24 7.06 -15.72
CA MET E 227 -31.64 6.97 -16.11
C MET E 227 -32.47 8.05 -15.42
N ALA E 228 -32.37 8.09 -14.09
CA ALA E 228 -33.12 9.07 -13.30
C ALA E 228 -32.81 10.49 -13.75
N LEU E 229 -31.52 10.81 -13.90
CA LEU E 229 -31.15 12.18 -14.24
C LEU E 229 -31.58 12.56 -15.66
N THR E 230 -31.60 11.60 -16.58
CA THR E 230 -32.13 11.89 -17.91
C THR E 230 -33.62 12.22 -17.83
N ALA E 231 -34.39 11.41 -17.11
CA ALA E 231 -35.81 11.72 -16.94
C ALA E 231 -35.99 13.08 -16.28
N ALA E 232 -35.16 13.38 -15.29
CA ALA E 232 -35.27 14.64 -14.57
C ALA E 232 -34.95 15.82 -15.49
N GLU E 233 -33.93 15.67 -16.33
CA GLU E 233 -33.55 16.74 -17.24
C GLU E 233 -34.62 16.95 -18.31
N TYR E 234 -35.27 15.88 -18.76
CA TYR E 234 -36.39 16.03 -19.68
C TYR E 234 -37.53 16.80 -19.04
N LEU E 235 -37.97 16.36 -17.86
CA LEU E 235 -39.08 17.03 -17.20
C LEU E 235 -38.73 18.47 -16.85
N ALA E 236 -37.50 18.73 -16.45
CA ALA E 236 -37.13 20.05 -15.97
C ALA E 236 -36.93 21.03 -17.12
N TYR E 237 -36.09 20.67 -18.09
CA TYR E 237 -35.70 21.62 -19.11
C TYR E 237 -36.56 21.58 -20.37
N GLU E 238 -37.39 20.55 -20.54
CA GLU E 238 -38.29 20.49 -21.68
C GLU E 238 -39.76 20.61 -21.30
N LYS E 239 -40.17 20.01 -20.19
CA LYS E 239 -41.54 20.16 -19.70
C LYS E 239 -41.62 21.09 -18.50
N GLY E 240 -40.56 21.84 -18.21
CA GLY E 240 -40.58 22.99 -17.33
C GLY E 240 -40.77 22.72 -15.85
N MET E 241 -40.60 21.49 -15.39
CA MET E 241 -40.87 21.18 -14.00
C MET E 241 -39.67 21.46 -13.10
N HIS E 242 -39.95 21.53 -11.80
CA HIS E 242 -38.91 21.54 -10.77
C HIS E 242 -38.80 20.11 -10.28
N VAL E 243 -37.66 19.47 -10.55
CA VAL E 243 -37.50 18.04 -10.35
C VAL E 243 -36.54 17.79 -9.20
N LEU E 244 -36.91 16.87 -8.32
CA LEU E 244 -36.07 16.47 -7.20
C LEU E 244 -35.68 15.01 -7.40
N VAL E 245 -34.38 14.74 -7.43
CA VAL E 245 -33.87 13.39 -7.68
C VAL E 245 -33.30 12.85 -6.39
N ILE E 246 -33.77 11.67 -5.98
CA ILE E 246 -33.33 11.00 -4.76
C ILE E 246 -32.68 9.69 -5.14
N MET E 247 -31.52 9.41 -4.55
CA MET E 247 -30.71 8.26 -4.95
C MET E 247 -30.26 7.51 -3.71
N GLU E 248 -30.73 6.28 -3.54
CA GLU E 248 -30.46 5.49 -2.34
C GLU E 248 -29.21 4.63 -2.50
N ASP E 249 -28.37 4.69 -1.49
CA ASP E 249 -27.10 3.94 -1.35
C ASP E 249 -26.24 4.00 -2.60
N MET E 250 -25.84 5.19 -2.98
CA MET E 250 -24.90 5.36 -4.08
C MET E 250 -23.57 4.70 -3.80
N THR E 251 -23.32 4.31 -2.55
CA THR E 251 -22.21 3.43 -2.24
C THR E 251 -22.38 2.09 -2.95
N ASN E 252 -23.62 1.59 -2.99
CA ASN E 252 -23.93 0.41 -3.80
C ASN E 252 -23.58 0.65 -5.26
N TYR E 253 -23.83 1.87 -5.75
CA TYR E 253 -23.46 2.24 -7.11
C TYR E 253 -21.95 2.15 -7.31
N ALA E 254 -21.18 2.68 -6.36
CA ALA E 254 -19.72 2.65 -6.50
C ALA E 254 -19.20 1.22 -6.52
N GLU E 255 -19.76 0.36 -5.67
CA GLU E 255 -19.32 -1.04 -5.66
C GLU E 255 -19.68 -1.73 -6.98
N ALA E 256 -20.87 -1.47 -7.51
CA ALA E 256 -21.23 -2.01 -8.82
C ALA E 256 -20.31 -1.50 -9.92
N LEU E 257 -19.88 -0.24 -9.83
CA LEU E 257 -18.99 0.30 -10.84
C LEU E 257 -17.62 -0.36 -10.77
N ARG E 258 -17.11 -0.58 -9.55
CA ARG E 258 -15.91 -1.37 -9.40
C ARG E 258 -16.08 -2.76 -9.98
N GLU E 259 -17.25 -3.36 -9.78
CA GLU E 259 -17.50 -4.70 -10.30
C GLU E 259 -17.41 -4.73 -11.82
N ILE E 260 -18.09 -3.80 -12.49
CA ILE E 260 -18.04 -3.73 -13.95
C ILE E 260 -16.62 -3.50 -14.44
N SER E 261 -15.87 -2.63 -13.76
CA SER E 261 -14.48 -2.38 -14.14
C SER E 261 -13.64 -3.65 -14.05
N ALA E 262 -13.83 -4.42 -12.97
CA ALA E 262 -13.09 -5.66 -12.78
C ALA E 262 -13.42 -6.67 -13.85
N ALA E 263 -14.68 -6.72 -14.30
CA ALA E 263 -15.03 -7.60 -15.40
C ALA E 263 -14.31 -7.21 -16.70
N ARG E 264 -13.94 -5.94 -16.84
CA ARG E 264 -13.29 -5.45 -18.04
C ARG E 264 -11.76 -5.45 -17.94
N ARG E 265 -11.21 -5.81 -16.78
CA ARG E 265 -9.76 -5.99 -16.59
C ARG E 265 -8.98 -4.72 -16.97
N GLU E 266 -9.30 -3.62 -16.30
CA GLU E 266 -8.75 -2.31 -16.64
C GLU E 266 -8.07 -2.19 -15.27
N VAL E 267 -6.77 -2.47 -15.20
CA VAL E 267 -6.00 -2.76 -13.98
C VAL E 267 -6.26 -1.44 -13.23
N PRO E 268 -7.06 -1.46 -12.16
CA PRO E 268 -7.36 -0.21 -11.46
C PRO E 268 -6.64 -0.03 -10.12
N GLY E 269 -6.49 1.20 -9.64
CA GLY E 269 -5.64 1.41 -8.48
C GLY E 269 -6.17 2.34 -7.39
N ARG E 270 -7.33 2.01 -6.82
CA ARG E 270 -7.83 2.67 -5.61
C ARG E 270 -8.50 1.57 -4.77
N ARG E 271 -7.68 0.67 -4.20
CA ARG E 271 -8.19 -0.46 -3.44
C ARG E 271 -9.11 -1.33 -4.30
N GLY E 272 -8.68 -1.57 -5.54
CA GLY E 272 -9.47 -2.32 -6.50
C GLY E 272 -10.57 -1.54 -7.16
N TYR E 273 -10.85 -0.33 -6.71
CA TYR E 273 -11.92 0.49 -7.27
C TYR E 273 -11.45 1.09 -8.60
N PRO E 274 -12.40 1.55 -9.45
CA PRO E 274 -12.03 1.90 -10.84
C PRO E 274 -10.90 2.91 -10.97
N GLY E 275 -10.80 3.89 -10.09
CA GLY E 275 -9.78 4.90 -10.27
C GLY E 275 -10.37 6.15 -10.85
N TYR E 276 -11.21 6.00 -11.88
CA TYR E 276 -12.02 7.10 -12.38
C TYR E 276 -13.31 7.24 -11.59
N LEU E 277 -13.43 6.46 -10.52
CA LEU E 277 -14.57 6.51 -9.61
C LEU E 277 -14.97 7.94 -9.29
N TYR E 278 -13.96 8.77 -9.00
CA TYR E 278 -14.19 10.18 -8.68
C TYR E 278 -14.75 10.93 -9.88
N THR E 279 -14.19 10.71 -11.06
CA THR E 279 -14.68 11.41 -12.24
C THR E 279 -16.07 10.94 -12.63
N ASN E 280 -16.36 9.65 -12.48
CA ASN E 280 -17.70 9.16 -12.79
C ASN E 280 -18.74 9.78 -11.88
N LEU E 281 -18.49 9.73 -10.56
CA LEU E 281 -19.42 10.40 -9.66
C LEU E 281 -19.47 11.90 -9.93
N ALA E 282 -18.35 12.52 -10.33
CA ALA E 282 -18.37 13.95 -10.56
C ALA E 282 -19.26 14.31 -11.74
N THR E 283 -19.12 13.59 -12.85
CA THR E 283 -20.00 13.80 -13.99
C THR E 283 -21.46 13.53 -13.62
N LEU E 284 -21.70 12.60 -12.69
CA LEU E 284 -23.06 12.31 -12.27
C LEU E 284 -23.61 13.43 -11.40
N PHE E 285 -22.81 13.89 -10.43
CA PHE E 285 -23.23 14.88 -9.45
C PHE E 285 -23.38 16.26 -10.07
N GLU E 286 -22.60 16.54 -11.11
CA GLU E 286 -22.59 17.83 -11.79
C GLU E 286 -23.85 18.05 -12.63
N ARG E 287 -24.72 17.04 -12.75
CA ARG E 287 -25.89 17.12 -13.61
C ARG E 287 -27.06 17.85 -12.97
N ALA E 288 -26.84 18.60 -11.90
CA ALA E 288 -27.88 19.39 -11.26
C ALA E 288 -27.69 20.86 -11.58
N GLY E 289 -28.73 21.66 -11.31
CA GLY E 289 -28.67 23.08 -11.48
C GLY E 289 -29.83 23.59 -12.31
N ARG E 290 -29.73 24.87 -12.69
CA ARG E 290 -30.75 25.53 -13.49
C ARG E 290 -30.11 26.16 -14.72
N ILE E 291 -30.89 26.26 -15.80
CA ILE E 291 -30.41 26.78 -17.07
C ILE E 291 -31.05 28.15 -17.31
N ARG E 292 -30.24 29.08 -17.81
CA ARG E 292 -30.71 30.44 -18.09
C ARG E 292 -31.89 30.41 -19.07
N GLY E 293 -32.93 31.16 -18.74
CA GLY E 293 -34.09 31.28 -19.60
C GLY E 293 -35.08 30.14 -19.51
N LEU E 294 -34.81 29.12 -18.71
CA LEU E 294 -35.68 27.96 -18.59
C LEU E 294 -36.14 27.84 -17.14
N LYS E 295 -37.46 27.69 -16.96
CA LYS E 295 -38.06 27.69 -15.63
C LYS E 295 -37.78 26.43 -14.83
N GLY E 296 -37.31 25.37 -15.47
CA GLY E 296 -37.11 24.11 -14.77
C GLY E 296 -35.88 24.11 -13.87
N SER E 297 -35.83 23.10 -13.01
CA SER E 297 -34.67 22.87 -12.17
C SER E 297 -34.56 21.37 -11.91
N VAL E 298 -33.33 20.92 -11.70
CA VAL E 298 -33.07 19.55 -11.27
C VAL E 298 -32.23 19.60 -10.00
N THR E 299 -32.68 18.86 -8.98
CA THR E 299 -32.07 18.84 -7.66
C THR E 299 -31.72 17.40 -7.31
N GLN E 300 -30.53 17.18 -6.75
CA GLN E 300 -30.11 15.84 -6.36
C GLN E 300 -30.00 15.73 -4.84
N ILE E 301 -30.58 14.67 -4.30
CA ILE E 301 -30.33 14.24 -2.93
C ILE E 301 -29.74 12.83 -2.98
N PRO E 302 -28.42 12.69 -3.05
CA PRO E 302 -27.82 11.35 -3.00
C PRO E 302 -27.69 10.86 -1.57
N ILE E 303 -27.99 9.58 -1.37
CA ILE E 303 -27.86 8.93 -0.06
C ILE E 303 -26.67 7.99 -0.13
N LEU E 304 -25.76 8.09 0.82
CA LEU E 304 -24.57 7.25 0.86
C LEU E 304 -24.34 6.74 2.27
N THR E 305 -23.42 5.78 2.39
CA THR E 305 -23.15 5.09 3.64
C THR E 305 -21.67 5.18 3.96
N MET E 306 -21.35 5.63 5.18
CA MET E 306 -19.98 5.70 5.67
C MET E 306 -19.74 4.66 6.74
N PRO E 307 -18.73 3.80 6.58
CA PRO E 307 -18.48 2.76 7.60
C PRO E 307 -17.93 3.33 8.90
N GLU E 308 -16.94 4.22 8.80
CA GLU E 308 -16.29 4.84 9.94
C GLU E 308 -15.53 6.05 9.42
N ASP E 309 -15.21 6.99 10.31
CA ASP E 309 -14.44 8.14 9.84
C ASP E 309 -12.96 7.82 9.76
N ASP E 310 -12.47 6.95 10.63
CA ASP E 310 -11.06 6.56 10.58
C ASP E 310 -10.77 5.67 9.38
N LYS E 311 -11.67 4.73 9.08
CA LYS E 311 -11.45 3.79 7.99
C LYS E 311 -11.25 4.53 6.68
N THR E 312 -10.11 4.28 6.02
CA THR E 312 -9.79 4.93 4.77
C THR E 312 -10.46 4.17 3.62
N HIS E 313 -11.28 4.88 2.85
CA HIS E 313 -11.96 4.28 1.71
C HIS E 313 -12.11 5.31 0.59
N PRO E 314 -12.02 4.87 -0.67
CA PRO E 314 -12.16 5.82 -1.78
C PRO E 314 -13.55 6.44 -1.89
N ILE E 315 -14.61 5.74 -1.47
CA ILE E 315 -15.95 6.28 -1.60
C ILE E 315 -16.18 7.55 -0.74
N PRO E 316 -15.81 7.53 0.55
CA PRO E 316 -15.90 8.81 1.29
C PRO E 316 -15.12 9.94 0.63
N ASP E 317 -13.96 9.65 0.05
CA ASP E 317 -13.20 10.70 -0.61
C ASP E 317 -13.89 11.18 -1.88
N LEU E 318 -14.63 10.28 -2.56
CA LEU E 318 -15.53 10.73 -3.61
C LEU E 318 -16.45 11.80 -3.08
N THR E 319 -17.06 11.52 -1.93
CA THR E 319 -17.95 12.51 -1.32
C THR E 319 -17.20 13.81 -1.02
N GLY E 320 -15.92 13.71 -0.64
CA GLY E 320 -15.15 14.92 -0.38
C GLY E 320 -15.03 15.81 -1.60
N TYR E 321 -14.97 15.21 -2.78
CA TYR E 321 -14.79 15.95 -4.04
C TYR E 321 -16.05 16.62 -4.54
N ILE E 322 -17.21 16.32 -3.98
CA ILE E 322 -18.48 16.71 -4.58
C ILE E 322 -19.25 17.71 -3.71
N THR E 323 -19.19 17.56 -2.38
CA THR E 323 -20.21 18.11 -1.51
C THR E 323 -20.40 19.61 -1.71
N GLU E 324 -21.66 20.01 -1.72
CA GLU E 324 -22.12 21.39 -1.80
C GLU E 324 -22.93 21.69 -0.54
N GLY E 325 -22.46 21.13 0.56
CA GLY E 325 -23.22 20.92 1.77
C GLY E 325 -23.33 19.44 2.06
N GLN E 326 -24.10 19.13 3.11
CA GLN E 326 -24.30 17.74 3.52
C GLN E 326 -25.33 17.64 4.63
N ILE E 327 -25.98 16.49 4.74
CA ILE E 327 -26.81 16.16 5.90
C ILE E 327 -26.33 14.82 6.43
N ILE E 328 -25.96 14.79 7.72
CA ILE E 328 -25.25 13.66 8.30
C ILE E 328 -26.16 12.96 9.29
N LEU E 329 -26.24 11.64 9.17
CA LEU E 329 -26.93 10.79 10.13
C LEU E 329 -25.89 9.98 10.90
N THR E 330 -26.17 9.72 12.17
CA THR E 330 -25.21 9.09 13.07
C THR E 330 -25.88 7.99 13.89
N ARG E 331 -25.14 6.90 14.09
CA ARG E 331 -25.70 5.66 14.64
C ARG E 331 -26.03 5.82 16.12
N GLU E 332 -25.05 6.27 16.91
CA GLU E 332 -25.26 6.56 18.32
C GLU E 332 -26.49 7.44 18.53
N LEU E 333 -26.71 8.38 17.61
CA LEU E 333 -27.91 9.21 17.67
C LEU E 333 -29.13 8.45 17.18
N TYR E 334 -28.98 7.53 16.22
CA TYR E 334 -30.13 6.75 15.75
C TYR E 334 -30.77 5.97 16.89
N LYS E 335 -29.94 5.31 17.71
CA LYS E 335 -30.46 4.55 18.84
C LYS E 335 -31.43 5.33 19.70
N SER E 336 -31.20 6.65 19.83
CA SER E 336 -31.92 7.49 20.78
C SER E 336 -33.41 7.61 20.47
N GLY E 337 -33.90 7.02 19.38
CA GLY E 337 -35.29 7.17 19.02
C GLY E 337 -35.61 8.44 18.27
N ILE E 338 -34.60 9.17 17.80
CA ILE E 338 -34.84 10.39 17.05
C ILE E 338 -35.24 10.01 15.63
N SER E 339 -36.33 10.61 15.14
CA SER E 339 -36.88 10.14 13.87
C SER E 339 -35.89 10.46 12.74
N PRO E 340 -35.61 11.70 12.36
CA PRO E 340 -34.43 11.93 11.51
C PRO E 340 -33.20 12.08 12.37
N PRO E 341 -32.27 11.12 12.33
CA PRO E 341 -31.09 11.22 13.21
C PRO E 341 -30.00 12.14 12.66
N ILE E 342 -30.30 13.44 12.60
CA ILE E 342 -29.43 14.42 11.98
C ILE E 342 -28.58 15.07 13.07
N ASP E 343 -27.30 14.72 13.13
CA ASP E 343 -26.35 15.46 13.94
C ASP E 343 -26.22 16.84 13.33
N VAL E 344 -26.85 17.83 13.95
CA VAL E 344 -27.02 19.14 13.32
C VAL E 344 -25.69 19.86 13.17
N LEU E 345 -24.74 19.63 14.09
CA LEU E 345 -23.47 20.35 14.03
C LEU E 345 -22.70 20.09 12.73
N PRO E 346 -22.40 18.84 12.35
CA PRO E 346 -21.61 18.65 11.13
C PRO E 346 -22.38 18.83 9.84
N SER E 347 -23.71 18.68 9.84
CA SER E 347 -24.47 18.86 8.61
C SER E 347 -24.47 20.33 8.21
N LEU E 348 -24.39 20.59 6.91
CA LEU E 348 -24.25 21.94 6.40
C LEU E 348 -24.89 22.03 5.03
N SER E 349 -25.43 23.21 4.71
CA SER E 349 -25.91 23.54 3.38
C SER E 349 -25.22 24.82 2.94
N ARG E 350 -24.45 24.74 1.85
CA ARG E 350 -23.72 25.92 1.40
C ARG E 350 -24.64 26.96 0.80
N LEU E 351 -25.75 26.54 0.20
CA LEU E 351 -26.61 27.45 -0.54
C LEU E 351 -27.92 27.75 0.17
N LYS E 352 -27.95 27.59 1.50
CA LYS E 352 -29.18 27.78 2.26
C LYS E 352 -29.76 29.18 2.04
N ASP E 353 -28.90 30.18 1.84
CA ASP E 353 -29.36 31.56 1.87
C ASP E 353 -30.13 31.95 0.62
N LYS E 354 -29.88 31.27 -0.50
CA LYS E 354 -30.71 31.53 -1.68
C LYS E 354 -32.15 31.09 -1.46
N GLY E 355 -32.36 30.05 -0.64
CA GLY E 355 -33.71 29.57 -0.40
C GLY E 355 -34.42 30.29 0.73
N THR E 356 -33.69 30.78 1.72
CA THR E 356 -34.29 31.54 2.80
C THR E 356 -34.57 32.97 2.35
N GLY E 357 -35.34 33.69 3.15
CA GLY E 357 -35.65 35.09 2.87
C GLY E 357 -37.09 35.51 3.09
N ALA E 358 -37.57 36.48 2.31
CA ALA E 358 -38.97 36.86 2.32
C ALA E 358 -39.50 36.74 0.89
N GLY E 359 -40.72 36.22 0.76
CA GLY E 359 -41.13 35.64 -0.49
C GLY E 359 -40.58 34.25 -0.70
N LYS E 360 -39.69 33.81 0.19
CA LYS E 360 -39.15 32.46 0.23
C LYS E 360 -39.02 32.13 1.70
N THR E 361 -39.65 31.04 2.17
CA THR E 361 -39.70 30.79 3.60
C THR E 361 -40.32 31.98 4.33
N ARG E 362 -39.61 32.59 5.29
CA ARG E 362 -40.12 33.78 5.94
C ARG E 362 -38.97 34.55 6.58
N GLU E 363 -39.30 35.74 7.11
CA GLU E 363 -38.27 36.65 7.61
C GLU E 363 -37.46 36.03 8.74
N ASP E 364 -38.12 35.24 9.60
CA ASP E 364 -37.52 34.70 10.80
C ASP E 364 -36.52 33.58 10.55
N HIS E 365 -36.42 33.11 9.30
CA HIS E 365 -35.73 31.86 9.00
C HIS E 365 -34.27 31.89 9.45
N ALA E 366 -33.48 32.80 8.89
CA ALA E 366 -32.05 32.82 9.16
C ALA E 366 -31.78 33.08 10.65
N ALA E 367 -32.49 34.05 11.22
CA ALA E 367 -32.34 34.40 12.62
C ALA E 367 -32.54 33.19 13.53
N THR E 368 -33.71 32.57 13.41
CA THR E 368 -34.03 31.38 14.18
C THR E 368 -32.97 30.32 14.02
N MET E 369 -32.53 30.08 12.78
CA MET E 369 -31.54 29.05 12.52
C MET E 369 -30.26 29.31 13.29
N ASN E 370 -29.73 30.53 13.19
CA ASN E 370 -28.45 30.83 13.83
C ASN E 370 -28.54 30.65 15.34
N GLN E 371 -29.61 31.20 15.95
CA GLN E 371 -29.71 31.08 17.40
C GLN E 371 -29.87 29.63 17.84
N LEU E 372 -30.72 28.86 17.15
CA LEU E 372 -30.89 27.46 17.50
C LEU E 372 -29.57 26.70 17.41
N PHE E 373 -28.81 26.92 16.34
CA PHE E 373 -27.55 26.20 16.17
C PHE E 373 -26.56 26.53 17.29
N ALA E 374 -26.37 27.82 17.57
CA ALA E 374 -25.38 28.19 18.59
C ALA E 374 -25.79 27.67 19.96
N ALA E 375 -27.06 27.89 20.35
CA ALA E 375 -27.52 27.45 21.65
C ALA E 375 -27.49 25.93 21.75
N TYR E 376 -27.78 25.22 20.65
CA TYR E 376 -27.76 23.77 20.67
C TYR E 376 -26.34 23.24 20.80
N ALA E 377 -25.36 23.88 20.15
CA ALA E 377 -23.97 23.47 20.33
C ALA E 377 -23.55 23.60 21.79
N GLN E 378 -23.71 24.80 22.36
CA GLN E 378 -23.27 24.99 23.74
C GLN E 378 -24.12 24.19 24.74
N GLY E 379 -25.39 23.95 24.43
CA GLY E 379 -26.23 23.17 25.33
C GLY E 379 -26.03 21.68 25.24
N LYS E 380 -25.69 21.16 24.07
CA LYS E 380 -25.21 19.78 23.99
C LYS E 380 -23.91 19.63 24.75
N GLN E 381 -23.01 20.61 24.63
CA GLN E 381 -21.80 20.56 25.44
C GLN E 381 -22.12 20.70 26.93
N ALA E 382 -23.24 21.33 27.27
CA ALA E 382 -23.74 21.29 28.64
C ALA E 382 -24.18 19.87 29.02
N LYS E 383 -24.85 19.16 28.12
CA LYS E 383 -25.16 17.76 28.37
C LYS E 383 -23.91 16.89 28.42
N GLU E 384 -22.81 17.31 27.80
CA GLU E 384 -21.58 16.52 27.83
C GLU E 384 -20.95 16.67 29.21
N LEU E 394 -21.08 25.05 36.46
CA LEU E 394 -22.49 24.74 36.62
C LEU E 394 -23.34 26.01 36.54
N SER E 395 -24.67 25.84 36.67
CA SER E 395 -25.63 26.94 36.66
C SER E 395 -25.66 27.66 35.31
N ASP E 396 -24.54 28.27 34.91
CA ASP E 396 -24.48 28.91 33.60
C ASP E 396 -24.59 27.91 32.47
N ILE E 397 -24.19 26.66 32.68
CA ILE E 397 -24.74 25.59 31.87
C ILE E 397 -26.19 25.58 32.31
N ASP E 398 -27.08 26.06 31.46
CA ASP E 398 -28.45 26.30 31.87
C ASP E 398 -29.17 24.96 31.89
N LYS E 399 -29.81 24.68 33.03
CA LYS E 399 -30.84 23.64 33.07
C LYS E 399 -31.76 23.86 31.88
N ILE E 400 -32.11 25.13 31.67
CA ILE E 400 -32.94 25.52 30.54
C ILE E 400 -32.27 25.15 29.21
N TYR E 401 -30.96 25.40 29.08
CA TYR E 401 -30.27 25.14 27.82
C TYR E 401 -30.26 23.65 27.46
N ALA E 402 -29.83 22.80 28.40
CA ALA E 402 -29.76 21.38 28.09
C ALA E 402 -31.15 20.78 27.92
N LYS E 403 -32.12 21.25 28.72
CA LYS E 403 -33.50 20.84 28.52
C LYS E 403 -34.00 21.30 27.14
N PHE E 404 -33.55 22.46 26.68
CA PHE E 404 -33.90 22.94 25.36
C PHE E 404 -33.28 22.07 24.28
N ALA E 405 -32.04 21.63 24.49
CA ALA E 405 -31.39 20.76 23.51
C ALA E 405 -32.14 19.43 23.40
N GLU E 406 -32.51 18.85 24.54
CA GLU E 406 -33.20 17.57 24.50
C GLU E 406 -34.65 17.71 24.00
N ARG E 407 -35.32 18.81 24.33
CA ARG E 407 -36.64 19.08 23.77
C ARG E 407 -36.56 19.36 22.28
N PHE E 408 -35.47 20.00 21.85
CA PHE E 408 -35.21 20.27 20.45
C PHE E 408 -35.02 18.98 19.68
N GLU E 409 -34.32 18.02 20.29
CA GLU E 409 -34.11 16.73 19.63
C GLU E 409 -35.35 15.85 19.67
N ASN E 410 -36.14 15.93 20.75
CA ASN E 410 -37.24 14.99 20.89
C ASN E 410 -38.58 15.52 20.39
N GLU E 411 -38.73 16.83 20.22
CA GLU E 411 -39.93 17.41 19.61
C GLU E 411 -39.65 18.04 18.25
N TYR E 412 -38.60 18.85 18.14
CA TYR E 412 -38.44 19.65 16.94
C TYR E 412 -37.81 18.84 15.79
N VAL E 413 -36.71 18.14 16.05
CA VAL E 413 -36.13 17.41 14.94
C VAL E 413 -36.92 16.12 14.69
N ASN E 414 -37.48 15.52 15.74
CA ASN E 414 -38.31 14.32 15.61
C ASN E 414 -39.74 14.76 15.34
N GLN E 415 -40.22 14.49 14.14
CA GLN E 415 -41.55 14.91 13.74
C GLN E 415 -42.41 13.78 13.21
N GLY E 416 -41.84 12.60 12.98
CA GLY E 416 -42.57 11.48 12.41
C GLY E 416 -42.26 11.34 10.93
N PHE E 417 -41.76 10.16 10.54
CA PHE E 417 -41.41 9.92 9.14
C PHE E 417 -42.59 10.11 8.21
N TYR E 418 -43.82 10.12 8.73
CA TYR E 418 -45.01 10.28 7.91
C TYR E 418 -45.74 11.58 8.23
N THR E 419 -45.05 12.53 8.84
CA THR E 419 -45.62 13.80 9.29
C THR E 419 -44.73 14.93 8.80
N ASN E 420 -45.28 15.82 8.00
CA ASN E 420 -44.50 16.90 7.39
C ASN E 420 -44.76 18.22 8.08
N ARG E 421 -43.69 18.97 8.30
CA ARG E 421 -43.76 20.31 8.85
C ARG E 421 -43.58 21.33 7.73
N THR E 422 -44.61 22.13 7.48
CA THR E 422 -44.45 23.31 6.66
C THR E 422 -43.41 24.22 7.30
N ILE E 423 -42.70 24.98 6.46
CA ILE E 423 -41.69 25.87 7.00
C ILE E 423 -42.33 26.92 7.90
N THR E 424 -43.59 27.27 7.63
CA THR E 424 -44.32 28.15 8.54
C THR E 424 -44.50 27.48 9.90
N GLU E 425 -44.96 26.22 9.91
CA GLU E 425 -45.16 25.50 11.16
C GLU E 425 -43.83 25.13 11.81
N THR E 426 -42.83 24.77 10.99
CA THR E 426 -41.47 24.61 11.48
C THR E 426 -41.01 25.84 12.24
N LEU E 427 -41.20 27.01 11.66
CA LEU E 427 -40.73 28.26 12.24
C LEU E 427 -41.55 28.65 13.46
N ASP E 428 -42.85 28.36 13.43
CA ASP E 428 -43.71 28.68 14.57
C ASP E 428 -43.35 27.83 15.76
N LEU E 429 -43.08 26.53 15.53
CA LEU E 429 -42.57 25.68 16.60
C LEU E 429 -41.20 26.14 17.07
N GLY E 430 -40.35 26.56 16.13
CA GLY E 430 -39.06 27.13 16.49
C GLY E 430 -39.21 28.24 17.48
N TRP E 431 -40.16 29.16 17.22
CA TRP E 431 -40.40 30.25 18.16
C TRP E 431 -40.94 29.75 19.49
N GLU E 432 -41.92 28.85 19.44
CA GLU E 432 -42.47 28.24 20.66
C GLU E 432 -41.37 27.83 21.62
N LEU E 433 -40.47 26.96 21.17
CA LEU E 433 -39.42 26.48 22.08
C LEU E 433 -38.25 27.46 22.21
N LEU E 434 -38.07 28.38 21.26
CA LEU E 434 -37.03 29.38 21.36
C LEU E 434 -37.30 30.35 22.49
N ALA E 435 -38.57 30.54 22.84
CA ALA E 435 -38.90 31.36 23.99
C ALA E 435 -38.36 30.81 25.31
N MET E 436 -38.17 29.49 25.38
CA MET E 436 -37.69 28.86 26.61
C MET E 436 -36.18 29.05 26.47
N LEU E 437 -35.70 30.25 26.76
CA LEU E 437 -34.30 30.62 26.67
C LEU E 437 -34.20 31.94 27.41
N PRO E 438 -33.00 32.33 27.86
CA PRO E 438 -32.86 33.66 28.46
C PRO E 438 -33.12 34.71 27.40
N ARG E 439 -34.13 35.56 27.63
CA ARG E 439 -34.61 36.47 26.60
C ARG E 439 -33.57 37.49 26.15
N THR E 440 -32.50 37.68 26.94
CA THR E 440 -31.45 38.62 26.59
C THR E 440 -30.11 37.93 26.41
N GLU E 441 -30.11 36.62 26.23
CA GLU E 441 -28.92 35.82 25.96
C GLU E 441 -28.81 35.49 24.47
N LEU E 442 -29.51 36.23 23.62
CA LEU E 442 -29.63 35.92 22.21
C LEU E 442 -29.00 37.03 21.37
N LYS E 443 -28.34 36.63 20.28
CA LYS E 443 -27.80 37.57 19.29
C LYS E 443 -28.91 37.88 18.30
N ARG E 444 -29.50 39.08 18.40
CA ARG E 444 -30.63 39.28 17.49
C ARG E 444 -30.72 40.77 17.12
N ILE E 445 -30.11 41.11 15.98
CA ILE E 445 -29.99 42.50 15.54
C ILE E 445 -31.35 43.07 15.18
N LYS E 446 -32.31 42.22 14.82
CA LYS E 446 -33.72 42.62 14.70
C LYS E 446 -34.38 42.18 15.99
N ASP E 447 -34.78 43.13 16.82
CA ASP E 447 -35.56 42.72 17.99
C ASP E 447 -36.82 42.00 17.53
N ASP E 448 -36.90 40.71 17.88
CA ASP E 448 -37.85 39.80 17.26
C ASP E 448 -39.30 40.20 17.54
N LEU E 449 -39.68 40.26 18.81
CA LEU E 449 -41.05 40.57 19.24
C LEU E 449 -42.08 39.72 18.48
N LEU E 450 -41.67 38.51 18.09
CA LEU E 450 -42.41 37.57 17.22
C LEU E 450 -43.76 38.06 16.69
N ILE F 2 28.50 7.32 -42.77
CA ILE F 2 27.40 8.11 -42.25
C ILE F 2 26.42 8.42 -43.38
N LYS F 3 25.15 8.04 -43.18
CA LYS F 3 24.11 8.18 -44.18
C LYS F 3 22.82 8.61 -43.49
N GLU F 4 21.91 9.20 -44.25
CA GLU F 4 20.61 9.59 -43.73
C GLU F 4 19.55 8.57 -44.11
N TYR F 5 18.71 8.22 -43.13
CA TYR F 5 17.72 7.16 -43.24
C TYR F 5 16.34 7.78 -43.22
N ARG F 6 15.57 7.61 -44.30
CA ARG F 6 14.14 7.89 -44.22
C ARG F 6 13.36 6.65 -43.77
N THR F 7 13.91 5.91 -42.82
CA THR F 7 13.41 4.61 -42.42
C THR F 7 12.72 4.67 -41.05
N ILE F 8 12.04 5.77 -40.79
CA ILE F 8 11.25 5.89 -39.55
C ILE F 8 9.99 5.06 -39.71
N LYS F 9 9.82 4.06 -38.83
CA LYS F 9 8.71 3.13 -38.93
C LYS F 9 7.59 3.42 -37.95
N GLU F 10 7.87 4.06 -36.82
CA GLU F 10 6.92 4.04 -35.72
C GLU F 10 7.33 5.06 -34.67
N VAL F 11 6.34 5.78 -34.14
CA VAL F 11 6.57 6.78 -33.10
C VAL F 11 5.48 6.61 -32.04
N VAL F 12 5.88 6.23 -30.83
CA VAL F 12 4.96 6.12 -29.70
C VAL F 12 5.47 7.02 -28.59
N GLY F 13 4.74 8.10 -28.32
CA GLY F 13 5.19 9.11 -27.39
C GLY F 13 6.52 9.70 -27.82
N PRO F 14 7.46 9.81 -26.89
CA PRO F 14 8.78 10.34 -27.22
C PRO F 14 9.71 9.31 -27.86
N LEU F 15 9.22 8.11 -28.11
CA LEU F 15 10.04 7.02 -28.63
C LEU F 15 9.77 6.82 -30.11
N MET F 16 10.85 6.64 -30.87
CA MET F 16 10.82 6.28 -32.27
C MET F 16 11.36 4.88 -32.49
N ALA F 17 10.86 4.23 -33.54
CA ALA F 17 11.43 3.00 -34.07
C ALA F 17 12.00 3.29 -35.44
N VAL F 18 13.31 3.06 -35.59
CA VAL F 18 14.00 3.22 -36.86
C VAL F 18 14.32 1.84 -37.40
N GLU F 19 14.23 1.68 -38.72
CA GLU F 19 14.30 0.38 -39.35
C GLU F 19 15.44 0.37 -40.37
N LYS F 20 15.77 -0.84 -40.83
CA LYS F 20 16.88 -1.09 -41.75
C LYS F 20 18.14 -0.34 -41.32
N VAL F 21 18.49 -0.57 -40.06
CA VAL F 21 19.68 0.00 -39.45
C VAL F 21 20.81 -0.99 -39.65
N SER F 22 22.05 -0.55 -39.44
CA SER F 22 23.17 -1.47 -39.46
C SER F 22 24.34 -0.78 -38.78
N GLY F 23 25.10 -1.53 -37.99
CA GLY F 23 26.22 -0.96 -37.29
C GLY F 23 25.79 0.07 -36.27
N VAL F 24 24.54 -0.03 -35.83
CA VAL F 24 24.03 0.83 -34.76
C VAL F 24 24.34 0.18 -33.44
N LYS F 25 24.85 0.97 -32.50
CA LYS F 25 25.30 0.47 -31.21
C LYS F 25 24.42 1.02 -30.11
N TYR F 26 24.34 0.29 -29.00
CA TYR F 26 23.54 0.72 -27.86
C TYR F 26 24.09 2.02 -27.29
N GLU F 27 23.18 2.96 -27.00
CA GLU F 27 23.44 4.31 -26.49
C GLU F 27 24.05 5.24 -27.54
N GLU F 28 24.13 4.82 -28.81
CA GLU F 28 24.57 5.69 -29.89
C GLU F 28 23.62 6.88 -30.06
N LEU F 29 24.15 7.98 -30.58
CA LEU F 29 23.35 9.18 -30.78
C LEU F 29 22.69 9.21 -32.15
N ILE F 30 21.67 10.07 -32.25
CA ILE F 30 20.75 10.14 -33.37
C ILE F 30 20.55 11.59 -33.72
N GLU F 31 20.42 11.88 -35.02
CA GLU F 31 19.94 13.17 -35.48
C GLU F 31 18.75 12.94 -36.41
N VAL F 32 17.61 13.51 -36.05
CA VAL F 32 16.40 13.48 -36.87
C VAL F 32 16.31 14.81 -37.59
N ARG F 33 16.36 14.75 -38.92
CA ARG F 33 16.04 15.87 -39.77
C ARG F 33 14.55 15.77 -40.12
N MET F 34 13.75 16.66 -39.52
CA MET F 34 12.32 16.59 -39.69
C MET F 34 11.92 17.09 -41.07
N GLN F 35 10.64 16.87 -41.41
CA GLN F 35 10.15 17.21 -42.74
C GLN F 35 10.26 18.71 -43.00
N ASN F 36 10.29 19.52 -41.95
CA ASN F 36 10.46 20.95 -42.09
C ASN F 36 11.91 21.40 -41.96
N GLY F 37 12.83 20.47 -41.71
CA GLY F 37 14.24 20.77 -41.61
C GLY F 37 14.77 20.86 -40.20
N GLU F 38 13.90 20.98 -39.21
CA GLU F 38 14.34 21.05 -37.82
C GLU F 38 15.11 19.79 -37.44
N ILE F 39 16.20 19.97 -36.69
CA ILE F 39 17.08 18.88 -36.29
C ILE F 39 16.85 18.61 -34.80
N ARG F 40 16.66 17.34 -34.47
CA ARG F 40 16.49 16.91 -33.09
C ARG F 40 17.43 15.76 -32.79
N ARG F 41 18.00 15.74 -31.59
CA ARG F 41 18.97 14.71 -31.24
C ARG F 41 18.31 13.66 -30.35
N GLY F 42 18.78 12.42 -30.47
CA GLY F 42 18.17 11.30 -29.78
C GLY F 42 19.19 10.27 -29.38
N GLN F 43 18.72 9.24 -28.68
CA GLN F 43 19.58 8.22 -28.12
C GLN F 43 18.94 6.86 -28.28
N VAL F 44 19.71 5.86 -28.71
CA VAL F 44 19.16 4.53 -28.89
C VAL F 44 19.05 3.84 -27.54
N LEU F 45 17.88 3.30 -27.23
CA LEU F 45 17.66 2.61 -25.97
C LEU F 45 17.89 1.11 -26.10
N GLU F 46 17.94 0.60 -27.32
CA GLU F 46 17.75 -0.80 -27.63
C GLU F 46 17.94 -0.97 -29.13
N VAL F 47 18.65 -2.00 -29.57
CA VAL F 47 18.94 -2.13 -30.99
C VAL F 47 18.95 -3.61 -31.36
N GLN F 48 18.21 -3.93 -32.41
CA GLN F 48 18.08 -5.28 -32.94
C GLN F 48 18.64 -5.33 -34.36
N GLU F 49 18.53 -6.50 -35.00
CA GLU F 49 18.95 -6.62 -36.39
C GLU F 49 18.16 -5.69 -37.29
N ASP F 50 16.84 -5.90 -37.37
N ASP F 50 16.84 -5.90 -37.37
CA ASP F 50 15.99 -5.15 -38.29
CA ASP F 50 16.00 -5.15 -38.29
C ASP F 50 15.73 -3.72 -37.83
C ASP F 50 15.77 -3.72 -37.84
N LYS F 51 15.89 -3.43 -36.55
CA LYS F 51 15.31 -2.21 -35.99
C LYS F 51 16.11 -1.72 -34.78
N ALA F 52 15.92 -0.45 -34.46
CA ALA F 52 16.48 0.20 -33.28
C ALA F 52 15.46 1.16 -32.70
N MET F 53 15.40 1.23 -31.37
CA MET F 53 14.49 2.11 -30.65
C MET F 53 15.26 3.30 -30.10
N VAL F 54 14.78 4.51 -30.38
CA VAL F 54 15.45 5.73 -29.95
C VAL F 54 14.45 6.60 -29.20
N GLN F 55 14.96 7.45 -28.32
CA GLN F 55 14.15 8.46 -27.66
C GLN F 55 14.67 9.84 -28.04
N ILE F 56 13.77 10.72 -28.44
CA ILE F 56 14.13 12.03 -28.97
C ILE F 56 14.12 13.04 -27.83
N PHE F 57 15.26 13.71 -27.64
CA PHE F 57 15.42 14.60 -26.49
C PHE F 57 14.36 15.69 -26.49
N GLU F 58 14.19 16.37 -27.62
CA GLU F 58 13.23 17.46 -27.77
C GLU F 58 11.81 16.97 -27.98
N GLY F 59 11.57 15.67 -27.89
CA GLY F 59 10.24 15.12 -28.10
C GLY F 59 9.96 14.84 -29.56
N THR F 60 8.86 14.14 -29.80
CA THR F 60 8.49 13.68 -31.13
C THR F 60 7.38 14.51 -31.76
N SER F 61 7.05 15.66 -31.17
CA SER F 61 5.92 16.45 -31.65
C SER F 61 6.17 17.00 -33.06
N GLY F 62 5.12 16.98 -33.88
CA GLY F 62 5.19 17.54 -35.21
C GLY F 62 5.92 16.69 -36.23
N ILE F 63 6.50 15.56 -35.83
CA ILE F 63 7.28 14.74 -36.74
C ILE F 63 6.35 14.02 -37.71
N ASN F 64 6.64 14.15 -39.01
CA ASN F 64 6.03 13.30 -40.01
C ASN F 64 6.99 12.14 -40.28
N LEU F 65 6.48 10.91 -40.10
CA LEU F 65 7.37 9.76 -40.14
C LEU F 65 7.96 9.55 -41.53
N LYS F 66 7.10 9.52 -42.56
CA LYS F 66 7.58 9.13 -43.88
C LYS F 66 8.55 10.14 -44.47
N ASN F 67 8.39 11.42 -44.13
CA ASN F 67 9.18 12.49 -44.73
C ASN F 67 10.20 13.08 -43.76
N SER F 68 10.62 12.29 -42.78
CA SER F 68 11.72 12.67 -41.91
C SER F 68 12.86 11.68 -42.08
N SER F 69 14.06 12.09 -41.70
CA SER F 69 15.24 11.24 -41.85
C SER F 69 15.99 11.15 -40.54
N VAL F 70 16.70 10.05 -40.34
CA VAL F 70 17.52 9.84 -39.14
C VAL F 70 18.93 9.46 -39.55
N ARG F 71 19.90 9.97 -38.80
CA ARG F 71 21.32 9.72 -39.02
C ARG F 71 21.92 9.24 -37.71
N PHE F 72 22.65 8.13 -37.79
CA PHE F 72 23.27 7.53 -36.60
C PHE F 72 24.69 8.06 -36.48
N LEU F 73 24.90 8.94 -35.48
CA LEU F 73 26.15 9.68 -35.36
C LEU F 73 27.34 8.80 -35.03
N GLY F 74 27.13 7.52 -34.70
CA GLY F 74 28.25 6.62 -34.50
C GLY F 74 29.06 6.91 -33.25
N HIS F 75 28.48 7.56 -32.26
CA HIS F 75 29.17 7.82 -31.00
C HIS F 75 28.12 8.09 -29.94
N PRO F 76 28.46 7.94 -28.66
CA PRO F 76 27.51 8.25 -27.59
C PRO F 76 27.57 9.72 -27.19
N LEU F 77 26.87 10.08 -26.11
CA LEU F 77 26.98 11.42 -25.56
C LEU F 77 28.44 11.70 -25.17
N GLN F 78 29.00 12.77 -25.72
CA GLN F 78 30.40 13.10 -25.55
C GLN F 78 30.52 14.49 -24.96
N LEU F 79 31.74 14.83 -24.53
CA LEU F 79 32.10 16.20 -24.19
C LEU F 79 33.37 16.56 -24.94
N GLY F 80 33.32 17.66 -25.68
CA GLY F 80 34.50 18.22 -26.30
C GLY F 80 35.28 19.04 -25.28
N VAL F 81 36.46 18.56 -24.91
CA VAL F 81 37.22 19.12 -23.81
C VAL F 81 38.52 19.71 -24.33
N SER F 82 38.94 20.77 -23.62
CA SER F 82 40.12 21.59 -23.82
C SER F 82 40.24 22.45 -22.57
N GLU F 83 41.42 23.03 -22.37
CA GLU F 83 41.57 23.96 -21.26
C GLU F 83 40.75 25.21 -21.45
N ASP F 84 40.33 25.49 -22.69
CA ASP F 84 39.65 26.72 -23.06
C ASP F 84 38.26 26.81 -22.43
N MET F 85 37.87 25.79 -21.67
CA MET F 85 36.54 25.74 -21.09
C MET F 85 36.38 26.69 -19.92
N ILE F 86 37.45 26.95 -19.16
CA ILE F 86 37.36 27.81 -18.00
C ILE F 86 36.96 29.21 -18.44
N GLY F 87 36.03 29.82 -17.71
CA GLY F 87 35.46 31.10 -18.08
C GLY F 87 34.24 31.02 -18.96
N ARG F 88 33.83 29.82 -19.35
CA ARG F 88 32.74 29.63 -20.29
C ARG F 88 31.57 28.94 -19.59
N VAL F 89 30.37 29.18 -20.14
CA VAL F 89 29.14 28.66 -19.58
C VAL F 89 28.40 27.91 -20.69
N PHE F 90 28.10 26.63 -20.43
CA PHE F 90 27.43 25.77 -21.39
C PHE F 90 26.07 25.35 -20.85
N ASP F 91 25.29 24.70 -21.71
CA ASP F 91 24.01 24.14 -21.32
C ASP F 91 24.21 22.71 -20.81
N GLY F 92 23.11 21.98 -20.61
CA GLY F 92 23.22 20.62 -20.12
C GLY F 92 23.97 19.69 -21.05
N LEU F 93 24.13 20.06 -22.33
CA LEU F 93 24.73 19.18 -23.32
C LEU F 93 26.09 19.67 -23.79
N GLY F 94 26.69 20.63 -23.11
CA GLY F 94 28.01 21.10 -23.50
C GLY F 94 28.03 22.05 -24.67
N ARG F 95 26.89 22.64 -25.03
CA ARG F 95 26.72 23.66 -26.05
C ARG F 95 26.74 25.05 -25.40
N PRO F 96 27.36 26.04 -26.04
CA PRO F 96 27.59 27.32 -25.37
C PRO F 96 26.31 28.11 -25.12
N LYS F 97 26.30 28.84 -24.01
CA LYS F 97 25.25 29.82 -23.72
C LYS F 97 25.78 31.21 -23.44
N ASP F 98 27.06 31.48 -23.71
CA ASP F 98 27.65 32.76 -23.36
C ASP F 98 27.81 33.71 -24.55
N ASN F 99 27.46 33.26 -25.75
CA ASN F 99 27.76 34.00 -26.98
C ASN F 99 29.26 34.29 -27.08
N GLY F 100 30.06 33.34 -26.62
CA GLY F 100 31.50 33.50 -26.56
C GLY F 100 32.22 32.77 -27.67
N PRO F 101 33.55 32.88 -27.68
CA PRO F 101 34.35 32.24 -28.73
C PRO F 101 34.29 30.72 -28.65
N GLU F 102 33.49 30.10 -29.52
CA GLU F 102 33.17 28.69 -29.36
C GLU F 102 34.41 27.81 -29.53
N ILE F 103 34.43 26.72 -28.77
CA ILE F 103 35.64 25.97 -28.49
C ILE F 103 35.96 24.99 -29.62
N LEU F 104 37.24 24.75 -29.82
CA LEU F 104 37.71 23.66 -30.66
C LEU F 104 38.40 22.64 -29.76
N PRO F 105 37.78 21.50 -29.50
CA PRO F 105 38.20 20.64 -28.39
C PRO F 105 39.49 19.88 -28.66
N GLU F 106 40.26 19.71 -27.59
CA GLU F 106 41.39 18.78 -27.64
C GLU F 106 40.90 17.37 -27.95
N LYS F 107 39.82 16.93 -27.29
CA LYS F 107 39.27 15.62 -27.62
C LYS F 107 37.86 15.49 -27.07
N TYR F 108 37.17 14.44 -27.50
CA TYR F 108 35.83 14.12 -27.03
C TYR F 108 35.88 12.93 -26.09
N LEU F 109 35.20 13.04 -24.96
CA LEU F 109 35.23 12.03 -23.91
C LEU F 109 33.81 11.55 -23.64
N ASP F 110 33.64 10.23 -23.58
CA ASP F 110 32.38 9.62 -23.15
C ASP F 110 31.97 10.17 -21.80
N ILE F 111 30.83 10.86 -21.75
CA ILE F 111 30.42 11.50 -20.51
C ILE F 111 30.07 10.50 -19.42
N ASN F 112 29.93 9.21 -19.78
CA ASN F 112 29.86 8.18 -18.75
C ASN F 112 31.19 8.05 -18.01
N GLY F 113 32.30 8.28 -18.71
CA GLY F 113 33.61 8.14 -18.10
C GLY F 113 33.91 6.68 -17.79
N GLU F 114 34.91 6.48 -16.94
CA GLU F 114 35.25 5.16 -16.46
C GLU F 114 35.42 5.19 -14.95
N VAL F 115 35.44 4.00 -14.37
CA VAL F 115 35.51 3.84 -12.92
C VAL F 115 36.98 3.67 -12.51
N ILE F 116 37.37 4.38 -11.46
CA ILE F 116 38.77 4.36 -11.02
C ILE F 116 39.10 2.98 -10.47
N ASN F 117 40.25 2.45 -10.87
CA ASN F 117 40.77 1.24 -10.24
C ASN F 117 40.94 1.49 -8.75
N PRO F 118 40.33 0.67 -7.88
CA PRO F 118 40.43 0.91 -6.44
C PRO F 118 41.86 0.95 -5.90
N ILE F 119 42.76 0.15 -6.47
CA ILE F 119 44.18 0.26 -6.12
C ILE F 119 44.69 1.67 -6.41
N ALA F 120 44.34 2.20 -7.58
CA ALA F 120 44.81 3.50 -8.02
C ALA F 120 44.07 4.67 -7.38
N ARG F 121 43.09 4.41 -6.52
CA ARG F 121 42.38 5.48 -5.84
C ARG F 121 43.19 5.96 -4.63
N ASP F 122 43.26 7.27 -4.46
CA ASP F 122 44.00 7.87 -3.36
C ASP F 122 43.03 8.41 -2.32
N TYR F 123 43.27 8.08 -1.05
CA TYR F 123 42.37 8.54 0.00
C TYR F 123 42.45 10.06 0.15
N PRO F 124 41.30 10.73 0.29
CA PRO F 124 41.30 12.19 0.45
C PRO F 124 41.98 12.61 1.74
N ASP F 125 42.86 13.62 1.65
CA ASP F 125 43.67 14.04 2.79
C ASP F 125 44.20 15.47 2.72
N GLU F 126 43.35 16.48 2.50
CA GLU F 126 43.86 17.84 2.29
C GLU F 126 42.75 18.86 2.51
N PHE F 127 43.13 20.15 2.50
CA PHE F 127 42.24 21.26 2.87
C PHE F 127 41.84 22.10 1.67
N ILE F 128 40.56 22.48 1.64
CA ILE F 128 40.03 23.43 0.66
C ILE F 128 39.40 24.59 1.42
N GLN F 129 39.83 25.81 1.11
CA GLN F 129 39.32 27.01 1.76
C GLN F 129 38.10 27.51 0.99
N THR F 130 36.90 27.19 1.49
CA THR F 130 35.69 27.71 0.86
C THR F 130 35.38 29.14 1.27
N GLY F 131 36.01 29.64 2.34
CA GLY F 131 35.83 31.00 2.77
C GLY F 131 34.66 31.25 3.71
N ILE F 132 33.83 30.24 3.97
CA ILE F 132 32.76 30.34 4.95
C ILE F 132 33.26 29.71 6.24
N SER F 133 33.12 30.44 7.34
CA SER F 133 33.87 30.12 8.56
C SER F 133 33.56 28.71 9.06
N ALA F 134 32.28 28.40 9.27
CA ALA F 134 31.95 27.12 9.89
C ALA F 134 32.14 25.93 8.95
N ILE F 135 32.11 26.16 7.63
CA ILE F 135 32.47 25.08 6.71
C ILE F 135 33.96 24.79 6.80
N ASP F 136 34.79 25.82 6.59
CA ASP F 136 36.24 25.63 6.65
C ASP F 136 36.71 25.17 8.03
N HIS F 137 35.97 25.51 9.08
CA HIS F 137 36.44 25.34 10.44
C HIS F 137 35.75 24.18 11.15
N LEU F 138 34.45 24.29 11.38
CA LEU F 138 33.76 23.27 12.17
C LEU F 138 33.46 22.02 11.37
N ASN F 139 33.18 22.17 10.07
CA ASN F 139 32.70 21.07 9.24
C ASN F 139 33.56 21.06 7.97
N THR F 140 34.85 20.80 8.14
CA THR F 140 35.85 21.14 7.14
C THR F 140 35.82 20.22 5.93
N LEU F 141 35.95 20.82 4.75
CA LEU F 141 35.87 20.14 3.47
C LEU F 141 37.27 19.73 2.99
N VAL F 142 37.36 18.54 2.43
CA VAL F 142 38.61 17.91 2.05
C VAL F 142 38.64 17.67 0.54
N ARG F 143 39.84 17.72 -0.04
CA ARG F 143 40.00 17.46 -1.46
C ARG F 143 39.63 16.02 -1.79
N GLY F 144 38.72 15.85 -2.73
CA GLY F 144 38.26 14.53 -3.11
C GLY F 144 37.09 14.00 -2.31
N GLN F 145 36.55 14.79 -1.39
CA GLN F 145 35.45 14.36 -0.54
C GLN F 145 34.12 14.69 -1.20
N LYS F 146 33.12 13.89 -0.87
CA LYS F 146 31.74 14.06 -1.34
C LYS F 146 30.89 14.48 -0.14
N LEU F 147 30.62 15.79 -0.04
CA LEU F 147 29.96 16.38 1.12
C LEU F 147 28.78 17.22 0.67
N PRO F 148 27.55 16.73 0.85
CA PRO F 148 26.40 17.47 0.33
C PRO F 148 25.73 18.39 1.34
N VAL F 149 24.99 19.37 0.82
CA VAL F 149 24.35 20.44 1.56
C VAL F 149 22.87 20.44 1.19
N PHE F 150 22.01 20.99 2.05
CA PHE F 150 20.55 20.92 1.86
C PHE F 150 19.94 22.33 2.01
N GLY F 151 18.61 22.41 1.77
CA GLY F 151 17.93 23.69 1.86
C GLY F 151 16.40 23.70 1.78
N PRO F 152 15.78 24.73 2.38
CA PRO F 152 14.31 24.89 2.28
C PRO F 152 13.95 25.77 1.09
N PRO F 153 12.90 25.40 0.31
CA PRO F 153 12.52 26.22 -0.86
C PRO F 153 12.38 27.71 -0.57
N GLY F 154 13.19 28.52 -1.23
CA GLY F 154 13.23 29.95 -0.99
C GLY F 154 13.79 30.32 0.37
N ALA F 155 15.02 29.88 0.66
CA ALA F 155 15.63 30.15 1.96
C ALA F 155 17.12 30.42 1.83
N GLY F 156 17.58 30.87 0.67
CA GLY F 156 18.99 31.12 0.51
C GLY F 156 19.82 29.87 0.34
N LYS F 157 19.45 28.72 -0.19
CA LYS F 157 20.37 27.53 -0.25
C LYS F 157 21.05 27.69 -1.58
N SER F 158 20.45 28.54 -2.38
CA SER F 158 21.13 28.70 -3.66
C SER F 158 22.17 29.81 -3.64
N ALA F 159 22.06 30.76 -2.71
CA ALA F 159 23.09 31.79 -2.57
C ALA F 159 24.39 31.24 -2.02
N LEU F 160 24.30 30.25 -1.11
CA LEU F 160 25.51 29.64 -0.55
C LEU F 160 26.37 29.03 -1.63
N ALA F 161 25.76 28.48 -2.69
CA ALA F 161 26.53 27.88 -3.78
C ALA F 161 27.38 28.93 -4.49
N ALA F 162 26.77 30.05 -4.87
CA ALA F 162 27.53 31.12 -5.51
C ALA F 162 28.64 31.61 -4.61
N GLN F 163 28.36 31.75 -3.31
CA GLN F 163 29.38 32.22 -2.38
C GLN F 163 30.55 31.24 -2.29
N ILE F 164 30.24 29.96 -2.04
CA ILE F 164 31.24 28.91 -1.99
C ILE F 164 32.08 28.89 -3.26
N ALA F 165 31.43 29.03 -4.42
CA ALA F 165 32.15 28.95 -5.68
C ALA F 165 33.09 30.13 -5.86
N ARG F 166 32.70 31.32 -5.41
CA ARG F 166 33.56 32.48 -5.57
C ARG F 166 34.77 32.39 -4.64
N GLN F 167 34.54 32.04 -3.37
CA GLN F 167 35.59 32.05 -2.37
C GLN F 167 36.38 30.75 -2.30
N ALA F 168 36.01 29.72 -3.05
CA ALA F 168 36.72 28.46 -2.98
C ALA F 168 38.10 28.59 -3.62
N THR F 169 39.13 28.23 -2.85
CA THR F 169 40.50 28.23 -3.32
C THR F 169 41.31 27.29 -2.44
N VAL F 170 42.54 27.03 -2.84
CA VAL F 170 43.47 26.25 -2.03
C VAL F 170 44.64 27.13 -1.65
N LEU F 171 45.17 26.90 -0.45
CA LEU F 171 46.21 27.78 0.09
C LEU F 171 47.53 27.61 -0.66
N ASP F 172 47.98 26.37 -0.84
CA ASP F 172 49.31 26.11 -1.39
C ASP F 172 49.51 26.83 -2.72
N SER F 173 48.51 26.77 -3.60
CA SER F 173 48.51 27.44 -4.90
C SER F 173 49.66 26.98 -5.80
N SER F 174 50.22 25.79 -5.53
CA SER F 174 51.22 25.24 -6.42
C SER F 174 50.62 24.89 -7.78
N ASP F 175 49.43 24.27 -7.77
CA ASP F 175 48.62 24.06 -8.95
C ASP F 175 47.29 24.79 -8.77
N ASP F 176 46.65 25.13 -9.89
CA ASP F 176 45.50 26.02 -9.84
C ASP F 176 44.22 25.29 -9.45
N PHE F 177 43.33 26.03 -8.79
CA PHE F 177 42.06 25.52 -8.31
C PHE F 177 40.95 25.99 -9.24
N ALA F 178 40.07 25.08 -9.62
CA ALA F 178 38.94 25.41 -10.49
C ALA F 178 37.66 24.84 -9.90
N VAL F 179 36.55 25.49 -10.19
CA VAL F 179 35.24 25.08 -9.72
C VAL F 179 34.34 24.82 -10.91
N VAL F 180 33.60 23.71 -10.87
CA VAL F 180 32.66 23.33 -11.91
C VAL F 180 31.26 23.41 -11.32
N PHE F 181 30.41 24.20 -11.97
CA PHE F 181 29.05 24.46 -11.49
C PHE F 181 28.05 23.85 -12.45
N ALA F 182 27.26 22.91 -11.96
CA ALA F 182 26.21 22.26 -12.75
C ALA F 182 24.87 22.69 -12.19
N ALA F 183 24.07 23.38 -13.01
CA ALA F 183 22.70 23.72 -12.66
C ALA F 183 21.77 22.68 -13.28
N ILE F 184 20.87 22.13 -12.47
CA ILE F 184 20.11 20.93 -12.83
C ILE F 184 18.64 21.24 -12.60
N GLY F 185 17.94 21.63 -13.66
CA GLY F 185 16.51 21.90 -13.57
C GLY F 185 16.13 23.08 -12.70
N ILE F 186 16.95 24.13 -12.68
CA ILE F 186 16.63 25.34 -11.94
C ILE F 186 16.00 26.35 -12.89
N THR F 187 15.23 27.27 -12.34
CA THR F 187 14.50 28.23 -13.14
C THR F 187 15.46 29.20 -13.83
N PHE F 188 14.94 29.88 -14.87
CA PHE F 188 15.75 30.84 -15.58
C PHE F 188 16.26 31.94 -14.65
N GLU F 189 15.47 32.31 -13.65
CA GLU F 189 15.90 33.34 -12.70
C GLU F 189 17.06 32.86 -11.86
N GLU F 190 17.02 31.61 -11.39
CA GLU F 190 18.13 31.07 -10.60
C GLU F 190 19.40 30.97 -11.45
N ALA F 191 19.27 30.41 -12.65
CA ALA F 191 20.43 30.30 -13.54
C ALA F 191 21.00 31.68 -13.87
N GLU F 192 20.13 32.66 -14.08
CA GLU F 192 20.60 34.02 -14.34
C GLU F 192 21.31 34.59 -13.12
N PHE F 193 20.77 34.35 -11.93
CA PHE F 193 21.42 34.82 -10.72
C PHE F 193 22.84 34.28 -10.63
N PHE F 194 23.01 32.98 -10.85
CA PHE F 194 24.35 32.39 -10.80
C PHE F 194 25.25 32.99 -11.88
N MET F 195 24.80 33.01 -13.14
CA MET F 195 25.65 33.51 -14.21
C MET F 195 26.13 34.92 -13.93
N GLU F 196 25.22 35.81 -13.54
CA GLU F 196 25.61 37.19 -13.32
C GLU F 196 26.47 37.35 -12.08
N ASP F 197 26.18 36.58 -11.02
CA ASP F 197 27.05 36.63 -9.85
C ASP F 197 28.47 36.28 -10.24
N PHE F 198 28.64 35.18 -10.99
CA PHE F 198 29.96 34.76 -11.46
C PHE F 198 30.62 35.84 -12.31
N ARG F 199 29.86 36.43 -13.24
CA ARG F 199 30.45 37.39 -14.18
C ARG F 199 30.83 38.69 -13.48
N GLN F 200 30.06 39.10 -12.48
CA GLN F 200 30.34 40.36 -11.78
C GLN F 200 31.43 40.19 -10.74
N THR F 201 31.52 39.02 -10.11
CA THR F 201 32.59 38.77 -9.15
C THR F 201 33.87 38.30 -9.83
N GLY F 202 33.83 38.00 -11.12
CA GLY F 202 34.97 37.46 -11.82
C GLY F 202 35.28 36.02 -11.50
N ALA F 203 34.39 35.29 -10.82
CA ALA F 203 34.64 33.89 -10.50
C ALA F 203 34.58 33.01 -11.74
N ILE F 204 33.87 33.44 -12.78
CA ILE F 204 33.85 32.71 -14.05
C ILE F 204 35.27 32.42 -14.51
N ASP F 205 36.21 33.33 -14.20
CA ASP F 205 37.60 33.20 -14.64
C ASP F 205 38.30 31.98 -14.07
N ARG F 206 37.75 31.34 -13.04
CA ARG F 206 38.27 30.07 -12.54
C ARG F 206 37.27 28.94 -12.69
N SER F 207 36.20 29.15 -13.45
CA SER F 207 35.02 28.32 -13.38
C SER F 207 34.66 27.75 -14.75
N VAL F 208 34.02 26.58 -14.72
CA VAL F 208 33.27 26.07 -15.85
C VAL F 208 31.84 25.82 -15.38
N MET F 209 30.87 26.27 -16.17
CA MET F 209 29.47 26.22 -15.77
C MET F 209 28.67 25.45 -16.81
N PHE F 210 27.84 24.52 -16.34
CA PHE F 210 26.88 23.80 -17.17
C PHE F 210 25.50 24.08 -16.60
N MET F 211 24.66 24.76 -17.36
CA MET F 211 23.36 25.21 -16.89
C MET F 211 22.25 24.44 -17.58
N ASN F 212 21.45 23.72 -16.80
CA ASN F 212 20.26 23.04 -17.29
C ASN F 212 19.04 23.65 -16.60
N LEU F 213 17.99 23.91 -17.37
CA LEU F 213 16.84 24.65 -16.86
C LEU F 213 15.67 23.73 -16.53
N ALA F 214 14.76 24.25 -15.70
CA ALA F 214 13.63 23.45 -15.22
C ALA F 214 12.69 23.04 -16.34
N ASN F 215 12.62 23.82 -17.42
CA ASN F 215 11.80 23.48 -18.56
C ASN F 215 12.61 22.85 -19.69
N ASP F 216 13.89 22.57 -19.47
CA ASP F 216 14.66 21.79 -20.41
C ASP F 216 14.20 20.34 -20.39
N PRO F 217 14.53 19.56 -21.42
CA PRO F 217 14.16 18.14 -21.42
C PRO F 217 14.80 17.40 -20.26
N ALA F 218 14.08 16.40 -19.74
CA ALA F 218 14.56 15.65 -18.58
C ALA F 218 15.75 14.76 -18.92
N ILE F 219 15.78 14.22 -20.14
CA ILE F 219 16.91 13.39 -20.55
C ILE F 219 18.19 14.21 -20.58
N GLU F 220 18.10 15.47 -21.01
CA GLU F 220 19.23 16.39 -20.91
C GLU F 220 19.61 16.65 -19.46
N ARG F 221 18.61 16.77 -18.59
CA ARG F 221 18.87 16.98 -17.17
C ARG F 221 19.68 15.82 -16.60
N ILE F 222 19.35 14.59 -16.99
CA ILE F 222 20.11 13.43 -16.58
C ILE F 222 21.54 13.50 -17.12
N ALA F 223 21.69 13.98 -18.35
CA ALA F 223 23.02 14.07 -18.94
C ALA F 223 23.91 15.10 -18.25
N THR F 224 23.33 16.17 -17.72
CA THR F 224 24.11 17.31 -17.20
C THR F 224 25.23 16.95 -16.23
N PRO F 225 24.97 16.22 -15.13
CA PRO F 225 26.05 15.98 -14.16
C PRO F 225 27.20 15.19 -14.75
N ARG F 226 26.93 14.31 -15.69
CA ARG F 226 28.01 13.55 -16.32
C ARG F 226 28.88 14.45 -17.18
N MET F 227 28.27 15.38 -17.90
CA MET F 227 29.03 16.40 -18.62
C MET F 227 29.95 17.14 -17.66
N ALA F 228 29.38 17.62 -16.54
CA ALA F 228 30.15 18.39 -15.57
C ALA F 228 31.30 17.57 -14.99
N LEU F 229 31.01 16.36 -14.51
CA LEU F 229 32.05 15.55 -13.89
C LEU F 229 33.08 15.07 -14.90
N THR F 230 32.70 14.90 -16.18
CA THR F 230 33.69 14.60 -17.20
C THR F 230 34.65 15.76 -17.37
N ALA F 231 34.11 16.99 -17.47
CA ALA F 231 34.98 18.15 -17.52
C ALA F 231 35.87 18.25 -16.29
N ALA F 232 35.33 17.91 -15.13
CA ALA F 232 36.08 18.02 -13.88
C ALA F 232 37.20 17.00 -13.83
N GLU F 233 36.91 15.75 -14.20
CA GLU F 233 37.92 14.70 -14.21
C GLU F 233 38.99 14.99 -15.26
N TYR F 234 38.61 15.63 -16.37
CA TYR F 234 39.60 16.03 -17.36
C TYR F 234 40.51 17.12 -16.81
N LEU F 235 39.92 18.15 -16.20
CA LEU F 235 40.73 19.24 -15.64
C LEU F 235 41.63 18.73 -14.51
N ALA F 236 41.15 17.75 -13.75
CA ALA F 236 41.89 17.31 -12.56
C ALA F 236 42.94 16.27 -12.89
N TYR F 237 42.56 15.25 -13.66
CA TYR F 237 43.42 14.09 -13.88
C TYR F 237 44.25 14.20 -15.16
N GLU F 238 43.95 15.15 -16.04
CA GLU F 238 44.76 15.38 -17.22
C GLU F 238 45.51 16.70 -17.20
N LYS F 239 44.95 17.75 -16.59
CA LYS F 239 45.62 19.03 -16.49
C LYS F 239 46.10 19.32 -15.07
N GLY F 240 45.80 18.44 -14.11
CA GLY F 240 46.35 18.55 -12.78
C GLY F 240 45.73 19.60 -11.89
N MET F 241 44.51 20.03 -12.16
CA MET F 241 43.86 21.02 -11.33
C MET F 241 43.11 20.37 -10.16
N HIS F 242 42.95 21.13 -9.09
CA HIS F 242 42.10 20.76 -7.98
C HIS F 242 40.70 21.30 -8.27
N VAL F 243 39.77 20.42 -8.59
CA VAL F 243 38.45 20.82 -9.09
C VAL F 243 37.41 20.64 -7.98
N LEU F 244 36.53 21.64 -7.85
CA LEU F 244 35.39 21.59 -6.95
C LEU F 244 34.12 21.56 -7.79
N VAL F 245 33.37 20.48 -7.68
CA VAL F 245 32.15 20.30 -8.47
C VAL F 245 30.96 20.60 -7.59
N ILE F 246 30.15 21.56 -8.01
CA ILE F 246 28.98 22.00 -7.24
C ILE F 246 27.74 21.76 -8.09
N MET F 247 26.77 21.04 -7.53
CA MET F 247 25.58 20.61 -8.22
C MET F 247 24.38 21.20 -7.49
N GLU F 248 23.54 21.95 -8.20
CA GLU F 248 22.63 22.84 -7.48
C GLU F 248 21.45 22.11 -6.84
N ASP F 249 20.79 21.20 -7.57
CA ASP F 249 19.55 20.72 -6.94
C ASP F 249 19.30 19.28 -7.40
N MET F 250 20.02 18.34 -6.78
CA MET F 250 20.01 16.94 -7.19
C MET F 250 18.66 16.27 -7.02
N THR F 251 17.80 16.79 -6.12
CA THR F 251 16.43 16.30 -6.07
C THR F 251 15.77 16.40 -7.44
N ASN F 252 16.03 17.51 -8.15
CA ASN F 252 15.55 17.67 -9.51
C ASN F 252 16.16 16.62 -10.43
N TYR F 253 17.41 16.23 -10.17
CA TYR F 253 18.01 15.13 -10.93
C TYR F 253 17.19 13.86 -10.80
N ALA F 254 16.83 13.50 -9.56
CA ALA F 254 16.07 12.29 -9.34
C ALA F 254 14.69 12.38 -9.97
N GLU F 255 14.08 13.56 -9.93
CA GLU F 255 12.77 13.73 -10.57
C GLU F 255 12.87 13.50 -12.07
N ALA F 256 13.90 14.04 -12.71
CA ALA F 256 14.08 13.83 -14.14
C ALA F 256 14.36 12.36 -14.45
N LEU F 257 15.12 11.69 -13.59
CA LEU F 257 15.38 10.27 -13.81
C LEU F 257 14.12 9.44 -13.70
N ARG F 258 13.30 9.72 -12.68
CA ARG F 258 12.00 9.05 -12.58
C ARG F 258 11.13 9.36 -13.79
N GLU F 259 11.23 10.58 -14.33
CA GLU F 259 10.41 10.92 -15.48
C GLU F 259 10.79 10.11 -16.71
N ILE F 260 12.10 9.94 -16.96
CA ILE F 260 12.49 9.11 -18.10
C ILE F 260 12.12 7.66 -17.85
N SER F 261 12.22 7.20 -16.59
CA SER F 261 11.88 5.82 -16.29
C SER F 261 10.41 5.54 -16.54
N ALA F 262 9.54 6.49 -16.17
CA ALA F 262 8.12 6.35 -16.48
C ALA F 262 7.88 6.42 -17.98
N ALA F 263 8.62 7.28 -18.68
CA ALA F 263 8.45 7.40 -20.13
C ALA F 263 8.75 6.10 -20.85
N ARG F 264 9.64 5.28 -20.29
CA ARG F 264 10.03 4.01 -20.88
C ARG F 264 9.29 2.83 -20.27
N ARG F 265 8.30 3.08 -19.42
CA ARG F 265 7.43 2.05 -18.85
C ARG F 265 8.22 1.00 -18.10
N GLU F 266 9.31 1.40 -17.46
CA GLU F 266 10.15 0.48 -16.71
C GLU F 266 9.54 0.22 -15.34
N VAL F 267 9.80 -0.97 -14.80
CA VAL F 267 9.20 -1.41 -13.54
C VAL F 267 9.53 -0.42 -12.44
N PRO F 268 8.53 0.11 -11.75
CA PRO F 268 8.78 1.17 -10.77
C PRO F 268 9.45 0.62 -9.52
N GLY F 269 10.27 1.48 -8.91
CA GLY F 269 10.79 1.25 -7.58
C GLY F 269 9.98 1.99 -6.55
N ARG F 270 10.65 2.34 -5.46
CA ARG F 270 9.98 2.99 -4.33
C ARG F 270 9.36 4.28 -4.82
N ARG F 271 8.06 4.36 -4.72
CA ARG F 271 7.33 5.60 -5.01
C ARG F 271 7.65 6.10 -6.41
N GLY F 272 7.67 5.18 -7.38
CA GLY F 272 7.88 5.52 -8.77
C GLY F 272 9.32 5.68 -9.19
N TYR F 273 10.23 5.90 -8.26
CA TYR F 273 11.62 6.14 -8.62
C TYR F 273 12.24 4.83 -9.12
N PRO F 274 13.03 4.86 -10.18
CA PRO F 274 13.46 3.62 -10.83
C PRO F 274 14.22 2.69 -9.90
N GLY F 275 14.25 1.41 -10.27
CA GLY F 275 14.92 0.42 -9.45
C GLY F 275 16.42 0.60 -9.41
N TYR F 276 16.98 1.23 -10.44
CA TYR F 276 18.41 1.50 -10.54
C TYR F 276 18.81 2.87 -10.02
N LEU F 277 17.97 3.51 -9.20
CA LEU F 277 18.25 4.87 -8.77
C LEU F 277 19.50 4.95 -7.89
N TYR F 278 19.67 3.98 -6.99
CA TYR F 278 20.84 3.97 -6.12
C TYR F 278 22.14 3.91 -6.93
N THR F 279 22.29 2.87 -7.75
CA THR F 279 23.51 2.70 -8.52
C THR F 279 23.72 3.85 -9.50
N ASN F 280 22.63 4.45 -9.98
CA ASN F 280 22.77 5.53 -10.94
C ASN F 280 23.31 6.79 -10.26
N LEU F 281 22.83 7.10 -9.05
CA LEU F 281 23.49 8.14 -8.26
C LEU F 281 24.90 7.74 -7.89
N ALA F 282 25.16 6.44 -7.74
CA ALA F 282 26.50 5.99 -7.38
C ALA F 282 27.51 6.34 -8.48
N THR F 283 27.13 6.12 -9.73
CA THR F 283 28.04 6.44 -10.84
C THR F 283 28.35 7.94 -10.92
N LEU F 284 27.52 8.79 -10.31
CA LEU F 284 27.83 10.21 -10.19
C LEU F 284 28.70 10.50 -8.98
N PHE F 285 28.25 10.09 -7.79
CA PHE F 285 28.94 10.45 -6.56
C PHE F 285 30.34 9.85 -6.50
N GLU F 286 30.51 8.62 -6.96
CA GLU F 286 31.77 7.93 -6.77
C GLU F 286 32.86 8.46 -7.69
N ARG F 287 32.54 9.45 -8.53
CA ARG F 287 33.47 10.13 -9.42
C ARG F 287 34.29 11.21 -8.72
N ALA F 288 34.21 11.28 -7.39
CA ALA F 288 35.03 12.22 -6.63
C ALA F 288 36.33 11.53 -6.23
N GLY F 289 37.27 12.33 -5.72
CA GLY F 289 38.48 11.75 -5.18
C GLY F 289 39.78 12.17 -5.82
N ARG F 290 40.84 11.43 -5.47
CA ARG F 290 42.19 11.64 -5.97
C ARG F 290 42.75 10.31 -6.45
N ILE F 291 43.76 10.40 -7.31
CA ILE F 291 44.37 9.22 -7.92
C ILE F 291 45.83 9.16 -7.49
N ARG F 292 46.32 7.93 -7.26
CA ARG F 292 47.72 7.73 -6.91
C ARG F 292 48.64 8.28 -8.00
N GLY F 293 49.67 9.00 -7.57
CA GLY F 293 50.68 9.52 -8.48
C GLY F 293 50.26 10.69 -9.32
N LEU F 294 49.01 11.14 -9.23
CA LEU F 294 48.50 12.24 -10.04
C LEU F 294 48.07 13.36 -9.11
N LYS F 295 48.65 14.54 -9.30
CA LYS F 295 48.13 15.72 -8.63
C LYS F 295 46.77 16.07 -9.23
N GLY F 296 45.95 16.72 -8.43
CA GLY F 296 44.61 17.04 -8.89
C GLY F 296 43.58 16.29 -8.09
N SER F 297 42.45 16.95 -7.83
CA SER F 297 41.37 16.35 -7.07
C SER F 297 40.05 16.72 -7.72
N VAL F 298 39.09 15.81 -7.61
CA VAL F 298 37.70 16.08 -7.92
C VAL F 298 36.93 16.06 -6.61
N THR F 299 36.40 17.22 -6.21
CA THR F 299 35.68 17.35 -4.95
C THR F 299 34.25 17.75 -5.27
N GLN F 300 33.30 17.10 -4.61
CA GLN F 300 31.88 17.24 -4.92
C GLN F 300 31.13 17.73 -3.69
N ILE F 301 30.35 18.79 -3.86
CA ILE F 301 29.38 19.21 -2.86
C ILE F 301 28.02 19.39 -3.54
N PRO F 302 27.18 18.36 -3.53
CA PRO F 302 25.84 18.51 -4.12
C PRO F 302 24.89 19.20 -3.15
N ILE F 303 23.94 19.93 -3.73
CA ILE F 303 22.96 20.68 -2.95
C ILE F 303 21.59 20.08 -3.22
N LEU F 304 20.90 19.69 -2.15
CA LEU F 304 19.61 19.03 -2.21
C LEU F 304 18.59 19.83 -1.43
N THR F 305 17.43 20.06 -2.04
CA THR F 305 16.32 20.66 -1.33
C THR F 305 15.66 19.60 -0.46
N MET F 306 15.35 19.98 0.78
CA MET F 306 14.94 18.99 1.77
C MET F 306 13.57 18.43 1.44
N PRO F 307 13.25 17.23 1.94
CA PRO F 307 11.87 16.76 1.92
C PRO F 307 10.96 17.38 2.96
N GLU F 308 11.44 18.42 3.65
CA GLU F 308 10.66 19.26 4.56
C GLU F 308 10.25 18.45 5.81
N ASP F 309 11.26 17.90 6.49
CA ASP F 309 11.11 17.19 7.75
C ASP F 309 9.90 16.26 7.78
N ASP F 310 9.69 15.51 6.71
CA ASP F 310 8.69 14.47 6.66
C ASP F 310 9.37 13.10 6.55
N LYS F 311 8.56 12.07 6.35
CA LYS F 311 9.01 10.70 6.27
C LYS F 311 10.16 10.48 5.30
N THR F 312 11.02 9.51 5.65
CA THR F 312 12.18 9.17 4.84
C THR F 312 11.86 9.05 3.36
N HIS F 313 12.72 9.66 2.53
CA HIS F 313 12.63 9.64 1.09
C HIS F 313 13.83 8.91 0.48
N PRO F 314 13.64 8.21 -0.64
CA PRO F 314 14.76 7.44 -1.21
C PRO F 314 16.03 8.24 -1.49
N ILE F 315 15.93 9.45 -2.05
CA ILE F 315 17.16 10.11 -2.48
C ILE F 315 18.05 10.56 -1.36
N PRO F 316 17.58 11.20 -0.28
CA PRO F 316 18.48 11.44 0.85
C PRO F 316 19.07 10.14 1.41
N ASP F 317 18.23 9.10 1.53
CA ASP F 317 18.68 7.80 2.04
C ASP F 317 19.81 7.22 1.18
N LEU F 318 19.61 7.22 -0.14
CA LEU F 318 20.57 6.61 -1.04
C LEU F 318 21.83 7.45 -1.16
N THR F 319 21.69 8.77 -1.25
CA THR F 319 22.84 9.67 -1.20
C THR F 319 23.67 9.36 0.05
N GLY F 320 23.03 9.37 1.22
CA GLY F 320 23.73 9.01 2.44
C GLY F 320 24.39 7.65 2.39
N TYR F 321 23.77 6.69 1.69
CA TYR F 321 24.41 5.38 1.51
C TYR F 321 25.62 5.44 0.58
N ILE F 322 25.68 6.43 -0.31
CA ILE F 322 26.82 6.58 -1.21
C ILE F 322 27.76 7.68 -0.74
N THR F 323 27.23 8.78 -0.20
CA THR F 323 28.09 9.83 0.33
C THR F 323 28.45 9.52 1.78
N GLU F 324 29.22 10.40 2.42
CA GLU F 324 29.61 10.24 3.80
C GLU F 324 28.99 11.30 4.70
N GLY F 325 29.21 12.57 4.40
CA GLY F 325 28.83 13.65 5.29
C GLY F 325 27.47 14.25 5.00
N GLN F 326 27.29 15.50 5.47
CA GLN F 326 26.04 16.27 5.42
C GLN F 326 26.27 17.67 6.00
N ILE F 327 25.59 18.65 5.41
CA ILE F 327 25.47 20.02 5.93
C ILE F 327 24.02 20.45 5.78
N ILE F 328 23.55 21.35 6.67
CA ILE F 328 22.14 21.78 6.70
C ILE F 328 22.03 23.30 6.72
N LEU F 329 21.18 23.85 5.85
CA LEU F 329 20.73 25.24 5.85
C LEU F 329 19.24 25.32 6.21
N THR F 330 18.87 26.35 6.96
CA THR F 330 17.58 26.37 7.62
C THR F 330 17.00 27.77 7.71
N ARG F 331 15.69 27.88 7.47
CA ARG F 331 14.99 29.17 7.56
C ARG F 331 15.04 29.74 8.96
N GLU F 332 15.14 28.88 9.99
CA GLU F 332 15.12 29.37 11.36
C GLU F 332 16.25 30.37 11.61
N LEU F 333 17.42 30.12 11.03
CA LEU F 333 18.49 31.12 11.07
C LEU F 333 18.35 32.13 9.94
N TYR F 334 17.77 31.74 8.80
CA TYR F 334 17.72 32.64 7.65
C TYR F 334 16.71 33.75 7.87
N LYS F 335 15.50 33.41 8.29
CA LYS F 335 14.53 34.46 8.62
C LYS F 335 14.84 35.16 9.93
N SER F 336 15.77 34.65 10.73
CA SER F 336 16.35 35.43 11.81
C SER F 336 17.36 36.45 11.31
N GLY F 337 17.63 36.47 10.01
CA GLY F 337 18.54 37.42 9.40
C GLY F 337 19.97 36.96 9.30
N ILE F 338 20.30 35.80 9.86
CA ILE F 338 21.68 35.31 9.88
C ILE F 338 21.98 34.58 8.57
N SER F 339 23.12 34.92 7.96
CA SER F 339 23.53 34.38 6.67
C SER F 339 25.03 34.13 6.67
N PRO F 340 25.49 32.94 6.25
CA PRO F 340 24.70 31.78 5.81
C PRO F 340 23.93 31.10 6.94
N PRO F 341 22.70 30.71 6.68
CA PRO F 341 21.84 30.09 7.72
C PRO F 341 22.18 28.61 7.94
N ILE F 342 23.38 28.37 8.46
CA ILE F 342 23.91 27.03 8.63
C ILE F 342 23.66 26.57 10.06
N ASP F 343 22.92 25.47 10.21
CA ASP F 343 22.70 24.88 11.53
C ASP F 343 23.92 24.04 11.87
N VAL F 344 24.68 24.49 12.87
CA VAL F 344 26.00 23.90 13.12
C VAL F 344 25.87 22.51 13.73
N LEU F 345 24.90 22.31 14.63
CA LEU F 345 24.77 21.02 15.28
C LEU F 345 24.44 19.89 14.30
N PRO F 346 23.42 19.99 13.43
CA PRO F 346 23.15 18.89 12.51
C PRO F 346 24.21 18.70 11.44
N SER F 347 25.02 19.72 11.17
CA SER F 347 26.04 19.64 10.13
C SER F 347 27.23 18.81 10.61
N LEU F 348 28.00 18.30 9.64
CA LEU F 348 29.16 17.46 9.97
C LEU F 348 30.03 17.27 8.74
N SER F 349 31.33 17.12 8.97
CA SER F 349 32.25 16.70 7.92
C SER F 349 32.89 15.40 8.40
N ARG F 350 32.50 14.29 7.79
CA ARG F 350 33.01 13.00 8.26
C ARG F 350 34.48 12.83 7.94
N LEU F 351 34.98 13.52 6.91
CA LEU F 351 36.38 13.43 6.52
C LEU F 351 37.19 14.64 6.97
N LYS F 352 36.68 15.39 7.96
CA LYS F 352 37.28 16.66 8.34
C LYS F 352 38.74 16.49 8.78
N ASP F 353 39.02 15.51 9.65
CA ASP F 353 40.30 15.41 10.34
C ASP F 353 41.49 15.28 9.41
N LYS F 354 41.29 14.93 8.15
CA LYS F 354 42.39 14.81 7.21
C LYS F 354 42.62 16.09 6.42
N GLY F 355 41.68 17.04 6.47
CA GLY F 355 41.86 18.30 5.79
C GLY F 355 42.54 19.35 6.64
N THR F 356 42.31 19.33 7.96
CA THR F 356 42.83 20.35 8.86
C THR F 356 43.77 19.76 9.90
N GLY F 357 44.86 20.49 10.14
CA GLY F 357 45.85 20.18 11.15
C GLY F 357 46.97 21.21 11.12
N ALA F 358 48.19 20.80 11.49
CA ALA F 358 49.35 21.67 11.36
C ALA F 358 50.02 21.40 10.02
N GLY F 359 50.19 22.44 9.21
CA GLY F 359 50.61 22.29 7.84
C GLY F 359 49.50 22.25 6.82
N LYS F 360 48.26 22.44 7.25
CA LYS F 360 47.09 22.43 6.38
C LYS F 360 46.30 23.71 6.63
N THR F 361 46.01 23.97 7.91
CA THR F 361 45.50 25.26 8.39
C THR F 361 46.41 25.82 9.47
N ARG F 362 46.17 25.52 10.75
CA ARG F 362 47.10 25.89 11.82
C ARG F 362 46.79 25.08 13.06
N GLU F 363 47.74 25.12 13.99
CA GLU F 363 47.68 24.36 15.24
C GLU F 363 46.31 24.40 15.89
N ASP F 364 45.80 25.60 16.14
CA ASP F 364 44.62 25.81 16.96
C ASP F 364 43.35 25.71 16.10
N HIS F 365 43.12 24.52 15.56
CA HIS F 365 41.94 24.30 14.76
C HIS F 365 41.04 23.21 15.33
N ALA F 366 41.60 22.04 15.65
CA ALA F 366 40.78 20.95 16.16
C ALA F 366 40.13 21.32 17.48
N ALA F 367 40.92 21.80 18.43
CA ALA F 367 40.38 22.19 19.72
C ALA F 367 39.33 23.28 19.57
N THR F 368 39.58 24.27 18.71
CA THR F 368 38.58 25.30 18.45
C THR F 368 37.28 24.67 17.94
N MET F 369 37.37 23.85 16.88
CA MET F 369 36.21 23.16 16.34
C MET F 369 35.38 22.50 17.44
N ASN F 370 36.01 21.58 18.17
CA ASN F 370 35.29 20.77 19.15
C ASN F 370 34.74 21.64 20.29
N GLN F 371 35.59 22.48 20.87
CA GLN F 371 35.23 23.25 22.06
C GLN F 371 34.12 24.25 21.74
N LEU F 372 34.26 25.01 20.66
CA LEU F 372 33.22 25.95 20.27
C LEU F 372 31.93 25.24 19.90
N PHE F 373 32.02 24.05 19.28
CA PHE F 373 30.80 23.32 18.92
C PHE F 373 30.00 22.96 20.17
N ALA F 374 30.65 22.29 21.13
CA ALA F 374 29.94 21.88 22.34
C ALA F 374 29.48 23.08 23.16
N ALA F 375 30.29 24.15 23.18
CA ALA F 375 29.92 25.36 23.90
C ALA F 375 28.68 25.99 23.28
N TYR F 376 28.59 26.05 21.95
CA TYR F 376 27.38 26.52 21.30
C TYR F 376 26.21 25.59 21.59
N ALA F 377 26.44 24.28 21.65
CA ALA F 377 25.35 23.35 21.94
C ALA F 377 24.72 23.66 23.29
N GLN F 378 25.52 23.67 24.35
CA GLN F 378 24.96 24.03 25.65
C GLN F 378 24.48 25.47 25.71
N GLY F 379 25.09 26.37 24.93
CA GLY F 379 24.62 27.75 24.91
C GLY F 379 23.26 27.90 24.29
N LYS F 380 23.00 27.18 23.20
CA LYS F 380 21.68 27.20 22.59
C LYS F 380 20.66 26.52 23.50
N GLN F 381 21.04 25.40 24.11
CA GLN F 381 20.10 24.70 24.98
C GLN F 381 19.73 25.53 26.19
N ALA F 382 20.69 26.28 26.74
CA ALA F 382 20.37 27.19 27.84
C ALA F 382 19.58 28.39 27.34
N LYS F 383 19.98 28.95 26.21
CA LYS F 383 19.33 30.14 25.67
C LYS F 383 17.86 29.88 25.37
N GLU F 384 17.57 28.84 24.60
CA GLU F 384 16.22 28.61 24.11
C GLU F 384 15.33 27.97 25.17
N SER F 395 23.52 33.00 35.60
CA SER F 395 24.79 32.52 36.12
C SER F 395 24.68 31.07 36.60
N ASP F 398 27.02 29.09 33.64
CA ASP F 398 26.29 29.51 32.45
C ASP F 398 26.01 31.01 32.49
N LYS F 399 26.95 31.75 33.06
CA LYS F 399 26.83 33.21 33.16
C LYS F 399 26.45 33.81 31.82
N ILE F 400 27.25 33.55 30.78
CA ILE F 400 26.97 34.03 29.43
C ILE F 400 27.19 32.88 28.45
N TYR F 401 27.17 31.65 28.95
CA TYR F 401 27.41 30.49 28.11
C TYR F 401 26.39 30.40 26.98
N ALA F 402 25.15 30.84 27.23
CA ALA F 402 24.16 30.93 26.17
C ALA F 402 24.46 32.09 25.24
N LYS F 403 24.99 33.18 25.78
CA LYS F 403 25.36 34.30 24.92
C LYS F 403 26.53 33.94 24.02
N PHE F 404 27.32 32.92 24.38
CA PHE F 404 28.30 32.41 23.45
C PHE F 404 27.63 31.88 22.19
N ALA F 405 26.51 31.17 22.36
CA ALA F 405 25.75 30.72 21.20
C ALA F 405 25.18 31.90 20.44
N GLU F 406 24.74 32.93 21.15
CA GLU F 406 24.20 34.11 20.46
C GLU F 406 25.26 34.78 19.57
N ARG F 407 26.48 34.97 20.10
CA ARG F 407 27.55 35.56 19.30
C ARG F 407 27.99 34.62 18.18
N PHE F 408 28.15 33.33 18.49
CA PHE F 408 28.45 32.33 17.48
C PHE F 408 27.44 32.42 16.34
N GLU F 409 26.19 32.74 16.70
CA GLU F 409 25.13 32.93 15.72
C GLU F 409 25.36 34.17 14.86
N ASN F 410 25.60 35.32 15.49
CA ASN F 410 25.62 36.57 14.72
C ASN F 410 26.98 36.97 14.15
N GLU F 411 28.09 36.64 14.79
CA GLU F 411 29.39 37.01 14.23
C GLU F 411 30.15 35.85 13.60
N TYR F 412 30.19 34.69 14.26
CA TYR F 412 31.00 33.59 13.75
C TYR F 412 30.34 32.93 12.56
N VAL F 413 29.07 32.54 12.70
CA VAL F 413 28.33 31.95 11.59
C VAL F 413 28.04 33.01 10.52
N ASN F 414 27.44 34.13 10.93
CA ASN F 414 27.02 35.17 10.01
C ASN F 414 28.23 35.99 9.60
N GLN F 415 28.84 35.61 8.48
CA GLN F 415 29.96 36.38 7.95
C GLN F 415 29.59 37.22 6.74
N GLY F 416 28.52 36.86 6.03
CA GLY F 416 28.12 37.59 4.84
C GLY F 416 28.38 36.81 3.57
N PHE F 417 27.39 36.81 2.67
CA PHE F 417 27.52 36.11 1.39
C PHE F 417 28.59 36.71 0.50
N TYR F 418 29.12 37.89 0.85
CA TYR F 418 30.09 38.58 0.02
C TYR F 418 31.35 38.90 0.80
N THR F 419 31.71 38.02 1.73
CA THR F 419 32.90 38.15 2.56
C THR F 419 33.70 36.86 2.48
N ASN F 420 34.98 36.96 2.13
CA ASN F 420 35.87 35.80 2.05
C ASN F 420 36.76 35.84 3.28
N ARG F 421 36.36 35.09 4.32
CA ARG F 421 37.16 35.04 5.53
C ARG F 421 38.45 34.29 5.29
N THR F 422 39.56 34.86 5.76
CA THR F 422 40.78 34.07 5.88
C THR F 422 40.55 32.96 6.89
N ILE F 423 41.20 31.82 6.67
CA ILE F 423 41.03 30.69 7.58
C ILE F 423 41.51 31.05 8.99
N THR F 424 42.65 31.75 9.08
CA THR F 424 43.20 32.12 10.36
C THR F 424 42.29 33.08 11.12
N GLU F 425 41.57 33.95 10.41
CA GLU F 425 40.67 34.85 11.13
C GLU F 425 39.39 34.16 11.58
N THR F 426 38.94 33.13 10.87
CA THR F 426 37.90 32.27 11.44
C THR F 426 38.35 31.69 12.77
N LEU F 427 39.58 31.15 12.79
CA LEU F 427 40.13 30.62 14.04
C LEU F 427 40.25 31.71 15.10
N ASP F 428 40.68 32.91 14.71
CA ASP F 428 40.88 34.01 15.66
C ASP F 428 39.55 34.48 16.25
N LEU F 429 38.52 34.62 15.40
CA LEU F 429 37.21 35.01 15.87
C LEU F 429 36.63 33.96 16.81
N GLY F 430 36.83 32.68 16.49
CA GLY F 430 36.40 31.64 17.42
C GLY F 430 37.08 31.75 18.76
N TRP F 431 38.40 31.98 18.77
CA TRP F 431 39.14 32.08 20.02
C TRP F 431 38.66 33.28 20.83
N GLU F 432 38.52 34.44 20.18
CA GLU F 432 38.05 35.63 20.87
C GLU F 432 36.64 35.46 21.39
N LEU F 433 35.85 34.58 20.77
CA LEU F 433 34.52 34.28 21.31
C LEU F 433 34.61 33.39 22.53
N LEU F 434 35.51 32.41 22.54
CA LEU F 434 35.58 31.57 23.74
C LEU F 434 36.18 32.32 24.93
N ALA F 435 36.67 33.55 24.74
CA ALA F 435 37.17 34.33 25.86
C ALA F 435 36.06 34.57 26.89
N MET F 436 34.81 34.67 26.42
CA MET F 436 33.68 34.81 27.34
C MET F 436 33.65 33.68 28.36
N LEU F 437 33.97 32.49 27.93
CA LEU F 437 33.95 31.31 28.79
C LEU F 437 35.18 31.30 29.69
N PRO F 438 35.04 30.90 30.96
CA PRO F 438 36.21 30.77 31.84
C PRO F 438 37.27 29.86 31.25
N ARG F 439 38.53 30.18 31.55
CA ARG F 439 39.64 29.39 31.03
C ARG F 439 39.70 27.98 31.60
N THR F 440 38.74 27.61 32.46
CA THR F 440 38.75 26.33 33.17
C THR F 440 38.07 25.23 32.35
N GLU F 441 38.59 24.98 31.15
CA GLU F 441 37.89 24.08 30.25
C GLU F 441 38.77 23.13 29.44
N LEU F 442 40.09 23.18 29.58
CA LEU F 442 40.93 22.31 28.76
C LEU F 442 42.28 22.12 29.43
N LYS F 443 42.97 21.05 29.04
CA LYS F 443 44.30 20.73 29.52
C LYS F 443 45.39 21.14 28.52
N ARG F 444 45.02 21.89 27.49
CA ARG F 444 45.93 22.35 26.46
C ARG F 444 46.64 23.62 26.91
N ILE F 445 47.59 24.08 26.10
CA ILE F 445 48.41 25.23 26.47
C ILE F 445 47.55 26.48 26.62
N LYS F 446 46.56 26.65 25.74
CA LYS F 446 45.66 27.79 25.81
C LYS F 446 44.23 27.32 26.03
PB ADP G . -17.28 -21.82 16.67
O1B ADP G . -16.53 -20.53 16.94
O2B ADP G . -16.59 -22.82 15.78
O3B ADP G . -18.74 -21.62 16.39
PA ADP G . -18.13 -23.80 18.47
O1A ADP G . -19.57 -23.39 18.46
O2A ADP G . -17.69 -24.96 17.62
O3A ADP G . -17.22 -22.52 18.12
O5' ADP G . -17.67 -24.07 19.99
C5' ADP G . -18.24 -23.28 21.04
C4' ADP G . -18.01 -23.98 22.36
O4' ADP G . -18.88 -23.42 23.35
C3' ADP G . -18.37 -25.46 22.27
O3' ADP G . -17.20 -26.25 22.00
C2' ADP G . -18.95 -25.77 23.63
O2' ADP G . -17.94 -26.38 24.44
C1' ADP G . -19.37 -24.43 24.22
N9 ADP G . -20.85 -24.37 24.33
C8 ADP G . -21.61 -25.04 25.22
N7 ADP G . -22.92 -24.76 25.07
C5 ADP G . -23.03 -23.89 24.07
C6 ADP G . -24.14 -23.18 23.39
N6 ADP G . -25.42 -23.37 23.79
N1 ADP G . -23.84 -22.35 22.37
C2 ADP G . -22.57 -22.16 21.99
N3 ADP G . -21.50 -22.76 22.55
C4 ADP G . -21.67 -23.63 23.58
MG MG H . -17.24 -23.72 13.35
P PO4 I . -15.33 -20.94 13.49
O1 PO4 I . -15.12 -20.20 14.80
O2 PO4 I . -16.76 -21.40 13.35
O3 PO4 I . -14.98 -20.01 12.38
O4 PO4 I . -14.40 -22.13 13.42
PB ADP J . -12.73 30.10 -2.60
O1B ADP J . -14.11 29.50 -2.51
O2B ADP J . -11.67 29.37 -1.80
O3B ADP J . -12.30 30.47 -4.01
PA ADP J . -13.66 32.78 -2.41
O1A ADP J . -12.68 33.71 -3.08
O2A ADP J . -14.85 32.27 -3.17
O3A ADP J . -12.86 31.51 -1.81
O5' ADP J . -14.17 33.48 -1.07
C5' ADP J . -15.56 33.46 -0.76
C4' ADP J . -15.95 34.62 0.14
O4' ADP J . -14.85 35.08 0.95
C3' ADP J . -16.38 35.82 -0.67
O3' ADP J . -17.79 35.78 -0.95
C2' ADP J . -16.04 37.00 0.22
O2' ADP J . -17.20 37.37 0.97
C1' ADP J . -14.96 36.49 1.16
N9 ADP J . -13.69 37.17 0.79
C8 ADP J . -12.61 36.58 0.25
N7 ADP J . -11.62 37.47 0.02
C5 ADP J . -12.07 38.68 0.42
C6 ADP J . -11.53 40.06 0.46
N6 ADP J . -10.28 40.34 0.02
N1 ADP J . -12.34 41.03 0.96
C2 ADP J . -13.59 40.76 1.40
N3 ADP J . -14.13 39.54 1.40
C4 ADP J . -13.44 38.46 0.92
MG MG K . -12.50 29.15 -6.07
PB ADP L . 28.35 2.51 7.72
O1B ADP L . 26.95 3.00 7.98
O2B ADP L . 28.81 2.51 6.28
O3B ADP L . 28.68 1.22 8.46
PA ADP L . 30.74 3.26 9.00
O1A ADP L . 30.65 2.19 10.06
O2A ADP L . 31.68 3.08 7.84
O3A ADP L . 29.28 3.60 8.44
O5' ADP L . 31.10 4.63 9.74
C5' ADP L . 30.47 4.91 10.99
C4' ADP L . 31.16 6.08 11.65
O4' ADP L . 30.77 6.12 13.02
C3' ADP L . 32.67 5.90 11.61
O3' ADP L . 33.27 6.67 10.57
C2' ADP L . 33.12 6.36 12.98
O2' ADP L . 33.44 7.75 12.93
C1' ADP L . 31.92 6.15 13.88
N9 ADP L . 32.07 4.82 14.49
C8 ADP L . 31.54 3.67 14.02
N7 ADP L . 31.86 2.61 14.79
C5 ADP L . 32.64 3.08 15.79
C6 ADP L . 33.32 2.49 16.96
N6 ADP L . 33.25 1.17 17.23
N1 ADP L . 34.01 3.33 17.77
C2 ADP L . 34.09 4.65 17.51
N3 ADP L . 33.50 5.25 16.47
C4 ADP L . 32.77 4.53 15.59
MG MG M . 29.52 0.88 5.06
PB ADP N . 12.08 -20.89 17.12
O1B ADP N . 10.70 -20.29 17.16
O2B ADP N . 12.86 -20.77 18.41
O3B ADP N . 12.16 -22.26 16.49
PA ADP N . 12.75 -19.95 14.51
O1A ADP N . 11.71 -18.93 14.09
O2A ADP N . 12.68 -21.36 13.99
O3A ADP N . 12.90 -19.94 16.12
O5' ADP N . 14.22 -19.37 14.18
C5' ADP N . 14.54 -18.74 12.95
C4' ADP N . 15.53 -17.62 13.22
O4' ADP N . 14.90 -16.46 13.76
C3' ADP N . 16.60 -17.99 14.24
O3' ADP N . 17.79 -18.46 13.60
C2' ADP N . 16.88 -16.71 15.00
O2' ADP N . 18.20 -16.26 14.72
C1' ADP N . 15.90 -15.68 14.45
N9 ADP N . 15.31 -14.73 15.44
C8 ADP N . 14.57 -13.67 15.08
N7 ADP N . 14.16 -12.94 16.14
C5 ADP N . 14.69 -13.53 17.24
C6 ADP N . 14.64 -13.25 18.70
N6 ADP N . 13.96 -12.19 19.20
N1 ADP N . 15.31 -14.09 19.53
C2 ADP N . 16.00 -15.15 19.04
N3 ADP N . 16.07 -15.45 17.74
C4 ADP N . 15.46 -14.70 16.78
MG MG O . 13.04 -23.35 14.24
PB ADP P . -32.49 2.18 7.13
O1B ADP P . -33.78 2.87 6.77
O2B ADP P . -31.43 3.11 7.69
O3B ADP P . -32.66 0.90 7.91
PA ADP P . -30.38 1.22 5.49
O1A ADP P . -29.43 2.31 5.93
O2A ADP P . -30.26 0.65 4.09
O3A ADP P . -31.90 1.73 5.69
O5' ADP P . -30.21 -0.01 6.51
C5' ADP P . -30.88 -1.25 6.28
C4' ADP P . -29.88 -2.38 6.54
O4' ADP P . -29.02 -2.02 7.61
C3' ADP P . -30.57 -3.69 6.92
O3' ADP P . -30.65 -4.59 5.82
C2' ADP P . -29.70 -4.25 8.04
O2' ADP P . -28.77 -5.19 7.48
C1' ADP P . -28.93 -3.06 8.58
N9 ADP P . -29.59 -2.57 9.83
C8 ADP P . -30.91 -2.39 9.99
N7 ADP P . -31.20 -1.94 11.23
C5 ADP P . -30.04 -1.81 11.89
C6 ADP P . -29.64 -1.38 13.24
N6 ADP P . -30.57 -0.97 14.14
N1 ADP P . -28.32 -1.39 13.54
C2 ADP P . -27.40 -1.79 12.64
N3 ADP P . -27.69 -2.19 11.40
C4 ADP P . -28.97 -2.24 10.96
MG MG Q . -32.53 0.42 3.74
#